data_3UG4
#
_entry.id   3UG4
#
_cell.length_a   100.483
_cell.length_b   160.639
_cell.length_c   154.841
_cell.angle_alpha   90.00
_cell.angle_beta   92.44
_cell.angle_gamma   90.00
#
_symmetry.space_group_name_H-M   'P 1 21 1'
#
loop_
_entity.id
_entity.type
_entity.pdbx_description
1 polymer Alpha-L-arabinofuranosidase
2 non-polymer 2-AMINO-2-HYDROXYMETHYL-PROPANE-1,3-DIOL
3 non-polymer alpha-L-arabinofuranose
4 water water
#
_entity_poly.entity_id   1
_entity_poly.type   'polypeptide(L)'
_entity_poly.pdbx_seq_one_letter_code
;MGSSHHHHHHSSGLVPRGSHMSYGIVVDPKEVVKPISRHIYGHFTEHLGRCIYGGIYEEGSPLSDERGFRKDVLEAVKRI
KVPNLRWPGGNFVSNYHWEDGIGPKDQRPVRFDLAWQQEETNRFGTDEFIEYCREIGAEPYISINMGTGTLDEALHWLEY
CNGKGNTYYAQLRRKYGHPEPYNVKFWGIGNEMYGEWQVGHMTADEYARAAKEYTKWMKVFDPTIKAIAVGCDDPIWNLR
VLQEAGDVIDFISYHFYTGSDDYYETVSTVYLLKERLIGVKKLIDMVDTARKRGVKIALDEWNVWYRVSDNKLEEPYDLK
DGIFACGVLVLLQKMSDIVPLANLAQLVNALGAIHTEKDGLILTPVYKAFELIVNHSGEKLVKTHVESETYNIEGVMFIN
KMPFSVENAPFLDAAASISEDGKKLFIAVVNYRKEDALKVPIRVEGLGQKKATVYTLTGPDVNARNTMENPNVVDITSET
ITVDTEFEHTFKPFSCSVIEVELE
;
_entity_poly.pdbx_strand_id   A,B,C,D,E,F
#
# COMPACT_ATOMS: atom_id res chain seq x y z
N SER A 22 -33.46 -47.77 2.10
CA SER A 22 -33.90 -46.41 1.67
C SER A 22 -33.78 -45.34 2.79
N TYR A 23 -34.38 -45.66 3.93
CA TYR A 23 -34.17 -44.98 5.19
C TYR A 23 -33.81 -46.04 6.24
N GLY A 24 -32.81 -45.75 7.06
CA GLY A 24 -32.44 -46.69 8.10
C GLY A 24 -31.44 -46.07 9.05
N ILE A 25 -31.35 -46.61 10.26
CA ILE A 25 -30.37 -46.13 11.22
C ILE A 25 -29.71 -47.29 11.91
N VAL A 26 -28.37 -47.35 11.84
CA VAL A 26 -27.62 -48.37 12.56
C VAL A 26 -26.75 -47.65 13.56
N VAL A 27 -26.86 -48.03 14.83
CA VAL A 27 -26.09 -47.44 15.90
C VAL A 27 -25.27 -48.52 16.56
N ASP A 28 -24.01 -48.22 16.88
CA ASP A 28 -23.21 -49.10 17.71
C ASP A 28 -22.75 -48.43 19.00
N PRO A 29 -23.45 -48.69 20.11
CA PRO A 29 -23.18 -47.96 21.31
C PRO A 29 -21.83 -48.24 21.93
N LYS A 30 -21.11 -49.26 21.44
CA LYS A 30 -19.81 -49.61 22.00
C LYS A 30 -18.65 -49.01 21.24
N GLU A 31 -18.94 -48.47 20.05
CA GLU A 31 -17.97 -47.69 19.34
C GLU A 31 -18.22 -46.18 19.59
N VAL A 32 -17.43 -45.64 20.53
CA VAL A 32 -17.44 -44.20 20.87
C VAL A 32 -16.57 -43.45 19.84
N VAL A 33 -17.20 -42.56 19.07
CA VAL A 33 -16.47 -41.83 18.05
C VAL A 33 -15.63 -40.70 18.67
N LYS A 34 -16.23 -39.93 19.58
CA LYS A 34 -15.60 -38.73 20.17
C LYS A 34 -16.51 -38.14 21.23
N PRO A 35 -15.95 -37.35 22.15
CA PRO A 35 -16.79 -36.61 23.05
C PRO A 35 -17.64 -35.53 22.35
N ILE A 36 -18.72 -35.13 23.00
CA ILE A 36 -19.60 -34.05 22.55
C ILE A 36 -19.36 -32.92 23.54
N SER A 37 -18.87 -31.78 23.01
CA SER A 37 -18.60 -30.64 23.87
C SER A 37 -19.93 -30.19 24.51
N ARG A 38 -19.95 -29.94 25.81
CA ARG A 38 -21.15 -29.49 26.45
C ARG A 38 -21.49 -28.00 26.07
N HIS A 39 -20.52 -27.29 25.52
CA HIS A 39 -20.78 -25.89 25.23
C HIS A 39 -21.50 -25.63 23.92
N ILE A 40 -21.85 -26.68 23.18
CA ILE A 40 -22.67 -26.50 21.98
C ILE A 40 -24.07 -26.03 22.26
N TYR A 41 -24.52 -26.13 23.52
CA TYR A 41 -25.91 -25.73 23.83
C TYR A 41 -26.01 -24.32 24.47
N GLY A 42 -25.02 -23.47 24.23
CA GLY A 42 -24.98 -22.18 24.95
C GLY A 42 -25.97 -21.20 24.38
N HIS A 43 -26.11 -20.05 25.05
CA HIS A 43 -27.14 -19.07 24.74
C HIS A 43 -26.56 -17.65 24.79
N PHE A 44 -27.35 -16.65 24.46
CA PHE A 44 -26.78 -15.28 24.26
C PHE A 44 -27.87 -14.32 24.62
N THR A 45 -27.58 -13.37 25.51
CA THR A 45 -28.52 -12.28 25.76
C THR A 45 -27.88 -10.92 25.46
N GLU A 46 -28.35 -10.22 24.45
CA GLU A 46 -27.83 -8.87 24.17
C GLU A 46 -28.73 -7.84 24.84
N HIS A 47 -28.16 -6.67 25.16
CA HIS A 47 -28.97 -5.51 25.49
C HIS A 47 -29.62 -5.00 24.23
N LEU A 48 -30.68 -5.71 23.80
CA LEU A 48 -31.39 -5.44 22.56
C LEU A 48 -32.91 -5.51 22.82
N GLY A 49 -33.63 -4.44 22.44
CA GLY A 49 -35.07 -4.36 22.68
C GLY A 49 -35.47 -4.78 24.10
N ARG A 50 -36.30 -5.81 24.21
CA ARG A 50 -36.75 -6.29 25.53
C ARG A 50 -36.07 -7.59 25.97
N CYS A 51 -34.87 -7.87 25.44
CA CYS A 51 -34.16 -9.10 25.78
C CYS A 51 -33.79 -9.11 27.26
N ILE A 52 -33.15 -8.00 27.70
CA ILE A 52 -32.81 -7.80 29.09
C ILE A 52 -34.02 -7.17 29.85
N TYR A 53 -34.29 -5.88 29.60
CA TYR A 53 -35.36 -5.13 30.28
C TYR A 53 -36.76 -5.59 29.80
N GLY A 54 -37.50 -6.23 30.67
CA GLY A 54 -38.80 -6.79 30.27
C GLY A 54 -38.67 -8.28 29.90
N GLY A 55 -37.44 -8.79 29.83
CA GLY A 55 -37.20 -10.16 29.40
C GLY A 55 -36.68 -10.96 30.58
N ILE A 56 -35.35 -11.04 30.74
CA ILE A 56 -34.81 -11.78 31.88
C ILE A 56 -34.94 -10.95 33.14
N TYR A 57 -35.03 -9.63 32.95
CA TYR A 57 -34.90 -8.71 34.08
C TYR A 57 -36.01 -7.66 34.05
N GLU A 58 -36.79 -7.59 35.12
CA GLU A 58 -37.89 -6.62 35.15
C GLU A 58 -38.12 -6.22 36.60
N GLU A 59 -37.54 -5.09 36.96
CA GLU A 59 -37.58 -4.56 38.32
C GLU A 59 -39.01 -4.22 38.70
N GLY A 60 -39.44 -4.72 39.84
CA GLY A 60 -40.76 -4.36 40.37
C GLY A 60 -41.92 -5.17 39.80
N SER A 61 -41.69 -6.03 38.81
CA SER A 61 -42.76 -6.90 38.29
C SER A 61 -43.27 -7.84 39.40
N PRO A 62 -44.60 -8.08 39.46
CA PRO A 62 -45.16 -9.16 40.31
C PRO A 62 -44.55 -10.53 39.94
N LEU A 63 -44.00 -10.62 38.73
CA LEU A 63 -43.38 -11.87 38.26
C LEU A 63 -41.89 -11.98 38.58
N SER A 64 -41.30 -10.96 39.21
CA SER A 64 -39.85 -10.92 39.47
C SER A 64 -39.46 -11.17 40.92
N ASP A 65 -38.25 -11.68 41.16
CA ASP A 65 -37.81 -11.93 42.52
C ASP A 65 -37.13 -10.66 43.05
N GLU A 66 -36.45 -10.78 44.18
CA GLU A 66 -35.90 -9.60 44.83
C GLU A 66 -34.75 -8.96 44.11
N ARG A 67 -34.09 -9.75 43.25
CA ARG A 67 -33.05 -9.23 42.37
C ARG A 67 -33.59 -8.57 41.08
N GLY A 68 -34.89 -8.67 40.81
CA GLY A 68 -35.48 -8.17 39.57
C GLY A 68 -35.48 -9.22 38.45
N PHE A 69 -35.09 -10.45 38.78
CA PHE A 69 -35.11 -11.54 37.75
C PHE A 69 -36.53 -12.07 37.57
N ARG A 70 -37.06 -12.03 36.35
CA ARG A 70 -38.37 -12.67 36.07
C ARG A 70 -38.33 -14.13 36.47
N LYS A 71 -39.24 -14.56 37.35
CA LYS A 71 -39.11 -15.92 37.92
C LYS A 71 -39.61 -16.98 36.95
N ASP A 72 -40.61 -16.62 36.15
CA ASP A 72 -41.16 -17.52 35.14
C ASP A 72 -40.07 -17.77 34.07
N VAL A 73 -39.42 -16.70 33.60
CA VAL A 73 -38.27 -16.84 32.70
C VAL A 73 -37.16 -17.72 33.32
N LEU A 74 -36.84 -17.46 34.57
CA LEU A 74 -35.79 -18.17 35.27
C LEU A 74 -36.10 -19.65 35.26
N GLU A 75 -37.34 -19.99 35.56
CA GLU A 75 -37.73 -21.42 35.52
C GLU A 75 -37.56 -22.01 34.13
N ALA A 76 -37.96 -21.26 33.10
CA ALA A 76 -37.79 -21.73 31.72
C ALA A 76 -36.31 -21.87 31.34
N VAL A 77 -35.46 -20.98 31.84
CA VAL A 77 -34.03 -21.00 31.47
C VAL A 77 -33.35 -22.16 32.21
N LYS A 78 -33.75 -22.42 33.44
CA LYS A 78 -33.11 -23.54 34.18
C LYS A 78 -33.44 -24.86 33.54
N ARG A 79 -34.63 -24.98 32.98
CA ARG A 79 -35.07 -26.21 32.33
C ARG A 79 -34.17 -26.63 31.17
N ILE A 80 -33.57 -25.64 30.46
CA ILE A 80 -32.64 -25.93 29.34
C ILE A 80 -31.13 -25.99 29.69
N LYS A 81 -30.79 -25.95 30.98
CA LYS A 81 -29.45 -26.28 31.47
C LYS A 81 -28.34 -25.55 30.70
N VAL A 82 -28.43 -24.22 30.70
CA VAL A 82 -27.57 -23.40 29.84
C VAL A 82 -26.11 -23.67 30.21
N PRO A 83 -25.27 -24.13 29.26
CA PRO A 83 -23.89 -24.30 29.76
C PRO A 83 -23.06 -23.03 29.82
N ASN A 84 -23.32 -22.06 28.92
CA ASN A 84 -22.62 -20.78 29.01
C ASN A 84 -23.51 -19.71 28.38
N LEU A 85 -23.32 -18.45 28.78
CA LEU A 85 -24.27 -17.43 28.36
C LEU A 85 -23.44 -16.23 27.93
N ARG A 86 -23.63 -15.81 26.70
CA ARG A 86 -22.86 -14.73 26.10
C ARG A 86 -23.60 -13.40 26.37
N TRP A 87 -22.84 -12.33 26.62
CA TRP A 87 -23.40 -11.01 26.98
C TRP A 87 -22.22 -10.05 26.89
N PRO A 88 -22.46 -8.75 26.59
CA PRO A 88 -23.78 -8.13 26.38
C PRO A 88 -24.16 -7.85 24.90
N GLY A 89 -23.37 -8.36 23.94
CA GLY A 89 -23.69 -8.21 22.54
C GLY A 89 -22.66 -8.93 21.71
N GLY A 90 -22.80 -8.95 20.38
CA GLY A 90 -23.83 -8.26 19.65
C GLY A 90 -23.41 -6.81 19.38
N ASN A 91 -24.10 -6.17 18.43
CA ASN A 91 -23.80 -4.78 18.05
C ASN A 91 -23.70 -3.85 19.25
N PHE A 92 -24.56 -4.03 20.23
CA PHE A 92 -24.47 -3.31 21.54
C PHE A 92 -23.09 -3.14 22.15
N VAL A 93 -22.30 -4.21 22.21
CA VAL A 93 -21.09 -4.11 22.99
C VAL A 93 -20.07 -3.19 22.35
N SER A 94 -20.15 -2.99 21.04
CA SER A 94 -19.17 -2.18 20.37
C SER A 94 -19.40 -0.68 20.67
N ASN A 95 -20.40 -0.34 21.48
CA ASN A 95 -20.42 1.03 22.07
C ASN A 95 -20.79 1.03 23.53
N TYR A 96 -20.39 -0.06 24.20
CA TYR A 96 -20.69 -0.23 25.63
C TYR A 96 -19.46 -0.04 26.51
N HIS A 97 -19.60 0.77 27.56
CA HIS A 97 -18.49 0.97 28.48
C HIS A 97 -18.88 0.29 29.77
N TRP A 98 -18.32 -0.91 29.98
CA TRP A 98 -18.73 -1.74 31.15
C TRP A 98 -18.73 -1.00 32.51
N GLU A 99 -17.81 -0.05 32.74
CA GLU A 99 -17.89 0.71 34.00
C GLU A 99 -19.21 1.46 34.21
N ASP A 100 -19.92 1.81 33.14
CA ASP A 100 -21.25 2.40 33.29
C ASP A 100 -22.27 1.51 34.03
N GLY A 101 -22.01 0.20 34.11
CA GLY A 101 -22.97 -0.75 34.65
C GLY A 101 -22.57 -1.43 35.92
N ILE A 102 -21.66 -0.80 36.67
CA ILE A 102 -21.28 -1.31 37.99
C ILE A 102 -21.50 -0.28 39.12
N GLY A 103 -21.53 -0.77 40.35
CA GLY A 103 -21.81 0.06 41.51
C GLY A 103 -23.28 0.30 41.80
N PRO A 104 -23.60 1.09 42.87
CA PRO A 104 -24.98 1.43 43.26
C PRO A 104 -25.81 1.77 42.04
N LYS A 105 -26.95 1.12 41.86
CA LYS A 105 -27.70 1.22 40.59
C LYS A 105 -28.13 2.62 40.29
N ASP A 106 -28.47 3.36 41.35
CA ASP A 106 -28.98 4.71 41.18
C ASP A 106 -27.95 5.65 40.52
N GLN A 107 -26.66 5.43 40.77
CA GLN A 107 -25.58 6.26 40.22
C GLN A 107 -25.03 5.82 38.84
N ARG A 108 -25.59 4.74 38.26
CA ARG A 108 -25.18 4.31 36.90
C ARG A 108 -25.78 5.29 35.93
N PRO A 109 -25.00 5.73 34.94
CA PRO A 109 -25.48 6.79 34.02
C PRO A 109 -26.34 6.20 32.91
N VAL A 110 -27.38 6.93 32.51
CA VAL A 110 -28.17 6.58 31.34
C VAL A 110 -27.38 6.90 30.07
N ARG A 111 -27.29 5.95 29.15
CA ARG A 111 -26.49 6.11 27.92
C ARG A 111 -27.43 5.95 26.74
N PHE A 112 -27.06 6.51 25.60
CA PHE A 112 -27.79 6.26 24.39
C PHE A 112 -27.06 5.14 23.64
N ASP A 113 -27.74 4.02 23.45
CA ASP A 113 -27.09 2.91 22.79
C ASP A 113 -27.23 3.09 21.28
N LEU A 114 -26.11 3.28 20.58
CA LEU A 114 -26.11 3.53 19.15
C LEU A 114 -26.65 2.35 18.33
N ALA A 115 -26.44 1.14 18.84
CA ALA A 115 -26.71 -0.07 18.05
C ALA A 115 -28.19 -0.18 17.78
N TRP A 116 -28.98 -0.14 18.84
CA TRP A 116 -30.40 -0.32 18.76
C TRP A 116 -31.19 0.95 19.13
N GLN A 117 -30.51 2.10 19.27
CA GLN A 117 -31.18 3.42 19.43
C GLN A 117 -32.13 3.49 20.61
N GLN A 118 -31.64 3.14 21.77
CA GLN A 118 -32.49 3.07 22.95
C GLN A 118 -31.69 3.65 24.08
N GLU A 119 -32.37 4.25 25.04
CA GLU A 119 -31.73 4.67 26.27
C GLU A 119 -31.44 3.41 27.08
N GLU A 120 -30.22 3.29 27.59
CA GLU A 120 -29.81 2.14 28.40
C GLU A 120 -29.54 2.73 29.82
N THR A 121 -30.27 2.26 30.81
CA THR A 121 -30.14 2.75 32.15
C THR A 121 -28.98 2.07 32.86
N ASN A 122 -28.46 0.99 32.28
CA ASN A 122 -27.37 0.29 32.93
C ASN A 122 -27.70 -0.36 34.30
N ARG A 123 -28.99 -0.51 34.61
CA ARG A 123 -29.38 -1.15 35.89
C ARG A 123 -29.09 -2.68 35.84
N PHE A 124 -28.98 -3.24 34.63
CA PHE A 124 -28.42 -4.57 34.44
C PHE A 124 -26.99 -4.41 33.90
N GLY A 125 -25.99 -4.80 34.70
CA GLY A 125 -24.58 -4.66 34.34
C GLY A 125 -23.86 -5.93 34.82
N THR A 126 -22.55 -5.85 34.91
CA THR A 126 -21.70 -7.02 35.08
C THR A 126 -22.10 -7.89 36.27
N ASP A 127 -22.32 -7.27 37.43
CA ASP A 127 -22.60 -7.99 38.65
C ASP A 127 -23.94 -8.70 38.57
N GLU A 128 -24.94 -8.05 37.96
CA GLU A 128 -26.24 -8.68 37.76
C GLU A 128 -26.16 -9.86 36.75
N PHE A 129 -25.41 -9.67 35.69
CA PHE A 129 -25.19 -10.71 34.72
C PHE A 129 -24.54 -11.96 35.37
N ILE A 130 -23.46 -11.77 36.12
CA ILE A 130 -22.77 -12.88 36.77
C ILE A 130 -23.73 -13.56 37.74
N GLU A 131 -24.49 -12.78 38.51
CA GLU A 131 -25.49 -13.34 39.39
C GLU A 131 -26.51 -14.16 38.61
N TYR A 132 -26.99 -13.60 37.51
CA TYR A 132 -27.87 -14.37 36.63
C TYR A 132 -27.23 -15.73 36.22
N CYS A 133 -25.96 -15.71 35.81
CA CYS A 133 -25.28 -16.91 35.34
C CYS A 133 -25.19 -17.94 36.49
N ARG A 134 -24.82 -17.47 37.67
CA ARG A 134 -24.69 -18.31 38.85
C ARG A 134 -26.02 -18.97 39.19
N GLU A 135 -27.10 -18.21 39.05
CA GLU A 135 -28.42 -18.67 39.38
C GLU A 135 -28.81 -19.83 38.44
N ILE A 136 -28.47 -19.73 37.15
CA ILE A 136 -28.92 -20.72 36.18
C ILE A 136 -27.85 -21.78 35.95
N GLY A 137 -26.70 -21.62 36.60
CA GLY A 137 -25.57 -22.55 36.50
C GLY A 137 -24.76 -22.50 35.20
N ALA A 138 -24.81 -21.35 34.52
CA ALA A 138 -24.10 -21.12 33.24
C ALA A 138 -22.73 -20.48 33.47
N GLU A 139 -21.77 -20.85 32.62
CA GLU A 139 -20.45 -20.15 32.54
C GLU A 139 -20.64 -18.76 31.82
N PRO A 140 -20.19 -17.68 32.44
CA PRO A 140 -20.36 -16.41 31.68
C PRO A 140 -19.39 -16.32 30.50
N TYR A 141 -19.84 -15.68 29.44
CA TYR A 141 -19.02 -15.45 28.28
C TYR A 141 -19.20 -13.94 27.93
N ILE A 142 -18.17 -13.14 28.16
CA ILE A 142 -18.30 -11.71 28.02
C ILE A 142 -17.61 -11.33 26.74
N SER A 143 -18.33 -10.57 25.92
CA SER A 143 -17.74 -9.87 24.77
C SER A 143 -17.20 -8.51 25.14
N ILE A 144 -16.06 -8.11 24.56
CA ILE A 144 -15.48 -6.82 24.91
C ILE A 144 -15.82 -5.76 23.82
N ASN A 145 -15.66 -4.48 24.15
CA ASN A 145 -15.96 -3.37 23.22
C ASN A 145 -14.68 -3.01 22.53
N MET A 146 -14.57 -3.33 21.25
CA MET A 146 -13.42 -2.93 20.46
C MET A 146 -13.76 -1.75 19.53
N GLY A 147 -15.00 -1.27 19.58
CA GLY A 147 -15.49 -0.17 18.71
C GLY A 147 -15.09 1.15 19.34
N THR A 148 -15.68 1.51 20.47
CA THR A 148 -15.25 2.65 21.22
C THR A 148 -14.40 2.34 22.45
N GLY A 149 -14.06 1.07 22.72
CA GLY A 149 -13.35 0.72 23.93
C GLY A 149 -11.85 0.75 23.68
N THR A 150 -11.04 0.47 24.69
CA THR A 150 -9.59 0.49 24.50
C THR A 150 -9.06 -0.76 25.17
N LEU A 151 -7.79 -1.03 24.96
CA LEU A 151 -7.09 -2.13 25.60
C LEU A 151 -7.20 -2.04 27.10
N ASP A 152 -6.93 -0.84 27.65
CA ASP A 152 -7.01 -0.65 29.09
C ASP A 152 -8.36 -1.01 29.63
N GLU A 153 -9.39 -0.58 28.92
CA GLU A 153 -10.75 -0.75 29.41
C GLU A 153 -11.09 -2.27 29.49
N ALA A 154 -10.64 -3.04 28.51
CA ALA A 154 -10.90 -4.47 28.46
C ALA A 154 -10.10 -5.17 29.56
N LEU A 155 -8.87 -4.69 29.80
CA LEU A 155 -8.03 -5.25 30.84
C LEU A 155 -8.66 -4.99 32.19
N HIS A 156 -9.22 -3.77 32.34
CA HIS A 156 -9.85 -3.43 33.58
C HIS A 156 -11.10 -4.33 33.79
N TRP A 157 -11.86 -4.60 32.72
CA TRP A 157 -13.08 -5.43 32.90
C TRP A 157 -12.62 -6.82 33.41
N LEU A 158 -11.56 -7.33 32.78
CA LEU A 158 -11.04 -8.66 33.08
C LEU A 158 -10.49 -8.69 34.51
N GLU A 159 -9.84 -7.59 34.93
CA GLU A 159 -9.29 -7.51 36.26
C GLU A 159 -10.42 -7.46 37.32
N TYR A 160 -11.44 -6.67 37.03
CA TYR A 160 -12.65 -6.63 37.88
C TYR A 160 -13.27 -8.03 38.06
N CYS A 161 -13.42 -8.77 36.96
CA CYS A 161 -14.07 -10.06 37.00
C CYS A 161 -13.19 -11.12 37.60
N ASN A 162 -11.91 -11.17 37.21
CA ASN A 162 -11.04 -12.31 37.49
C ASN A 162 -9.86 -12.04 38.46
N GLY A 163 -9.63 -10.78 38.81
CA GLY A 163 -8.46 -10.42 39.62
C GLY A 163 -8.59 -10.96 41.02
N LYS A 164 -7.52 -11.57 41.52
CA LYS A 164 -7.49 -12.03 42.90
C LYS A 164 -6.51 -11.24 43.79
N GLY A 165 -5.90 -10.22 43.20
CA GLY A 165 -4.94 -9.43 43.93
C GLY A 165 -5.46 -8.19 44.61
N ASN A 166 -4.59 -7.20 44.73
CA ASN A 166 -4.89 -5.94 45.40
C ASN A 166 -5.09 -4.84 44.39
N THR A 167 -5.17 -5.19 43.12
CA THR A 167 -5.36 -4.15 42.07
C THR A 167 -6.65 -3.39 42.28
N TYR A 168 -6.69 -2.15 41.86
CA TYR A 168 -7.88 -1.33 41.96
C TYR A 168 -9.20 -2.04 41.54
N TYR A 169 -9.24 -2.63 40.35
CA TYR A 169 -10.49 -3.23 39.90
C TYR A 169 -10.92 -4.50 40.62
N ALA A 170 -9.96 -5.33 41.04
CA ALA A 170 -10.28 -6.46 41.91
C ALA A 170 -10.86 -5.95 43.23
N GLN A 171 -10.27 -4.89 43.79
CA GLN A 171 -10.79 -4.32 45.02
C GLN A 171 -12.19 -3.76 44.80
N LEU A 172 -12.44 -3.19 43.62
CA LEU A 172 -13.76 -2.63 43.33
C LEU A 172 -14.86 -3.71 43.31
N ARG A 173 -14.53 -4.87 42.74
CA ARG A 173 -15.45 -5.99 42.73
C ARG A 173 -15.79 -6.37 44.17
N ARG A 174 -14.79 -6.36 45.04
CA ARG A 174 -15.00 -6.75 46.45
C ARG A 174 -15.88 -5.73 47.12
N LYS A 175 -15.52 -4.46 46.91
CA LYS A 175 -16.28 -3.38 47.47
C LYS A 175 -17.78 -3.43 47.07
N TYR A 176 -18.08 -3.80 45.84
CA TYR A 176 -19.45 -3.83 45.44
C TYR A 176 -20.14 -5.13 45.84
N GLY A 177 -19.45 -6.01 46.56
CA GLY A 177 -20.14 -7.06 47.31
C GLY A 177 -19.72 -8.45 46.97
N HIS A 178 -18.66 -8.60 46.16
CA HIS A 178 -18.25 -9.94 45.68
C HIS A 178 -16.78 -10.19 45.87
N PRO A 179 -16.42 -10.72 47.04
CA PRO A 179 -15.00 -10.91 47.31
C PRO A 179 -14.33 -11.93 46.41
N GLU A 180 -15.03 -13.00 46.05
CA GLU A 180 -14.44 -14.05 45.25
C GLU A 180 -14.40 -13.63 43.79
N PRO A 181 -13.32 -13.93 43.07
CA PRO A 181 -13.32 -13.55 41.65
C PRO A 181 -14.37 -14.35 40.88
N TYR A 182 -14.85 -13.82 39.76
CA TYR A 182 -15.92 -14.46 39.01
C TYR A 182 -15.39 -15.59 38.12
N ASN A 183 -14.09 -15.57 37.83
CA ASN A 183 -13.46 -16.54 36.93
C ASN A 183 -14.21 -16.67 35.60
N VAL A 184 -14.42 -15.54 34.92
CA VAL A 184 -14.99 -15.62 33.57
C VAL A 184 -13.97 -16.24 32.62
N LYS A 185 -14.32 -17.38 32.02
CA LYS A 185 -13.41 -18.12 31.13
C LYS A 185 -13.45 -17.70 29.64
N PHE A 186 -14.63 -17.35 29.16
CA PHE A 186 -14.76 -17.08 27.76
C PHE A 186 -14.80 -15.58 27.57
N TRP A 187 -13.94 -15.09 26.69
CA TRP A 187 -13.86 -13.65 26.35
C TRP A 187 -13.91 -13.44 24.82
N GLY A 188 -14.91 -12.68 24.38
CA GLY A 188 -15.13 -12.33 22.98
C GLY A 188 -14.35 -11.10 22.62
N ILE A 189 -13.39 -11.27 21.73
CA ILE A 189 -12.49 -10.24 21.32
C ILE A 189 -13.15 -9.39 20.23
N GLY A 190 -14.12 -8.59 20.63
CA GLY A 190 -14.84 -7.78 19.65
C GLY A 190 -16.09 -8.50 19.14
N ASN A 191 -16.98 -7.75 18.48
CA ASN A 191 -18.14 -8.33 17.86
C ASN A 191 -18.27 -7.80 16.45
N GLU A 192 -18.42 -8.70 15.48
CA GLU A 192 -18.65 -8.37 14.07
C GLU A 192 -17.90 -7.12 13.61
N MET A 193 -16.60 -7.06 13.87
CA MET A 193 -15.89 -5.81 13.69
C MET A 193 -15.66 -5.52 12.20
N TYR A 194 -15.96 -6.49 11.35
CA TYR A 194 -15.90 -6.26 9.92
C TYR A 194 -17.09 -5.48 9.35
N GLY A 195 -18.23 -5.46 10.03
CA GLY A 195 -19.46 -4.94 9.48
C GLY A 195 -19.53 -3.41 9.61
N GLU A 196 -19.97 -2.76 8.56
CA GLU A 196 -20.09 -1.30 8.53
C GLU A 196 -21.08 -0.79 9.53
N TRP A 197 -21.99 -1.66 9.94
CA TRP A 197 -22.98 -1.33 10.96
C TRP A 197 -22.38 -1.31 12.37
N GLN A 198 -21.14 -1.78 12.55
CA GLN A 198 -20.57 -1.90 13.89
C GLN A 198 -19.94 -0.56 14.17
N VAL A 199 -20.13 -0.04 15.37
CA VAL A 199 -19.49 1.19 15.76
C VAL A 199 -17.98 0.89 15.73
N GLY A 200 -17.21 1.80 15.13
CA GLY A 200 -15.76 1.62 15.06
C GLY A 200 -15.28 0.41 14.23
N HIS A 201 -16.04 0.01 13.22
CA HIS A 201 -15.69 -1.15 12.38
C HIS A 201 -14.27 -1.00 11.80
N MET A 202 -13.60 -2.13 11.55
CA MET A 202 -12.21 -2.13 11.16
C MET A 202 -12.03 -2.84 9.85
N THR A 203 -10.91 -2.57 9.18
CA THR A 203 -10.47 -3.40 8.06
C THR A 203 -9.94 -4.73 8.67
N ALA A 204 -9.73 -5.70 7.81
CA ALA A 204 -9.20 -7.00 8.20
C ALA A 204 -7.82 -6.83 8.85
N ASP A 205 -6.94 -6.01 8.28
CA ASP A 205 -5.58 -5.90 8.84
C ASP A 205 -5.68 -5.17 10.18
N GLU A 206 -6.56 -4.17 10.27
CA GLU A 206 -6.75 -3.46 11.55
C GLU A 206 -7.22 -4.42 12.63
N TYR A 207 -8.28 -5.17 12.36
CA TYR A 207 -8.89 -6.05 13.35
C TYR A 207 -7.91 -7.16 13.71
N ALA A 208 -7.24 -7.72 12.70
CA ALA A 208 -6.31 -8.85 12.94
C ALA A 208 -5.20 -8.36 13.90
N ARG A 209 -4.66 -7.14 13.70
CA ARG A 209 -3.61 -6.61 14.60
C ARG A 209 -4.19 -6.34 16.01
N ALA A 210 -5.33 -5.67 16.08
CA ALA A 210 -6.01 -5.41 17.34
C ALA A 210 -6.39 -6.71 18.09
N ALA A 211 -6.85 -7.74 17.38
CA ALA A 211 -7.23 -9.00 18.08
C ALA A 211 -6.01 -9.57 18.76
N LYS A 212 -4.91 -9.53 18.05
CA LYS A 212 -3.62 -10.00 18.59
C LYS A 212 -3.21 -9.21 19.83
N GLU A 213 -3.27 -7.90 19.72
CA GLU A 213 -2.87 -7.01 20.80
C GLU A 213 -3.74 -7.21 22.06
N TYR A 214 -5.07 -7.07 21.93
CA TYR A 214 -5.95 -7.25 23.07
C TYR A 214 -5.78 -8.70 23.65
N THR A 215 -5.77 -9.73 22.79
CA THR A 215 -5.76 -11.10 23.35
C THR A 215 -4.49 -11.34 24.11
N LYS A 216 -3.37 -10.89 23.57
CA LYS A 216 -2.11 -11.23 24.22
C LYS A 216 -1.95 -10.56 25.55
N TRP A 217 -2.32 -9.28 25.67
CA TRP A 217 -2.17 -8.64 26.98
C TRP A 217 -3.19 -9.17 27.99
N MET A 218 -4.42 -9.46 27.54
CA MET A 218 -5.39 -10.02 28.46
C MET A 218 -4.88 -11.36 29.02
N LYS A 219 -4.19 -12.15 28.20
CA LYS A 219 -3.69 -13.49 28.67
C LYS A 219 -2.44 -13.33 29.56
N VAL A 220 -1.79 -12.17 29.49
CA VAL A 220 -0.69 -11.85 30.40
C VAL A 220 -1.31 -11.68 31.77
N PHE A 221 -2.44 -10.98 31.85
CA PHE A 221 -3.14 -10.87 33.14
C PHE A 221 -3.75 -12.20 33.60
N ASP A 222 -4.42 -12.93 32.71
CA ASP A 222 -5.03 -14.20 33.06
C ASP A 222 -4.85 -15.20 31.93
N PRO A 223 -3.79 -16.02 32.03
CA PRO A 223 -3.49 -17.04 31.04
C PRO A 223 -4.54 -18.16 30.92
N THR A 224 -5.60 -18.15 31.75
CA THR A 224 -6.54 -19.29 31.73
C THR A 224 -7.77 -19.00 30.90
N ILE A 225 -7.90 -17.76 30.42
CA ILE A 225 -9.07 -17.46 29.61
C ILE A 225 -8.96 -18.06 28.21
N LYS A 226 -10.12 -18.23 27.59
CA LYS A 226 -10.22 -18.55 26.18
C LYS A 226 -10.65 -17.27 25.42
N ALA A 227 -9.91 -16.91 24.36
CA ALA A 227 -10.23 -15.75 23.52
C ALA A 227 -10.89 -16.19 22.23
N ILE A 228 -12.05 -15.60 21.95
CA ILE A 228 -12.73 -15.85 20.69
C ILE A 228 -12.56 -14.60 19.83
N ALA A 229 -11.93 -14.77 18.66
CA ALA A 229 -11.78 -13.66 17.75
C ALA A 229 -12.88 -13.68 16.70
N VAL A 230 -13.14 -12.53 16.07
CA VAL A 230 -14.20 -12.38 15.09
C VAL A 230 -13.83 -13.01 13.73
N GLY A 231 -14.66 -13.93 13.23
CA GLY A 231 -14.61 -14.41 11.86
C GLY A 231 -15.87 -14.04 11.12
N CYS A 232 -15.92 -14.25 9.80
CA CYS A 232 -17.15 -14.02 9.03
C CYS A 232 -17.11 -14.86 7.75
N ASP A 233 -17.80 -14.41 6.72
CA ASP A 233 -17.82 -15.15 5.47
C ASP A 233 -16.78 -14.70 4.46
N ASP A 234 -16.01 -13.69 4.82
CA ASP A 234 -14.96 -13.19 3.98
C ASP A 234 -13.68 -13.96 4.30
N PRO A 235 -13.17 -14.75 3.33
CA PRO A 235 -12.08 -15.69 3.68
C PRO A 235 -10.77 -14.91 3.89
N ILE A 236 -10.64 -13.75 3.23
CA ILE A 236 -9.44 -12.93 3.40
C ILE A 236 -9.46 -12.40 4.85
N TRP A 237 -10.60 -11.90 5.32
CA TRP A 237 -10.70 -11.47 6.70
C TRP A 237 -10.30 -12.62 7.65
N ASN A 238 -10.89 -13.79 7.45
CA ASN A 238 -10.61 -14.91 8.36
C ASN A 238 -9.12 -15.24 8.39
N LEU A 239 -8.48 -15.21 7.22
CA LEU A 239 -7.08 -15.57 7.11
C LEU A 239 -6.19 -14.50 7.71
N ARG A 240 -6.48 -13.18 7.49
CA ARG A 240 -5.69 -12.18 8.22
C ARG A 240 -5.76 -12.42 9.72
N VAL A 241 -6.96 -12.61 10.26
CA VAL A 241 -7.11 -12.89 11.67
C VAL A 241 -6.33 -14.16 12.10
N LEU A 242 -6.44 -15.24 11.32
CA LEU A 242 -5.70 -16.47 11.75
C LEU A 242 -4.19 -16.25 11.65
N GLN A 243 -3.74 -15.48 10.65
CA GLN A 243 -2.30 -15.34 10.39
C GLN A 243 -1.64 -14.43 11.43
N GLU A 244 -2.33 -13.36 11.76
CA GLU A 244 -1.82 -12.41 12.68
C GLU A 244 -2.01 -12.83 14.11
N ALA A 245 -3.15 -13.44 14.41
CA ALA A 245 -3.43 -13.69 15.81
C ALA A 245 -3.56 -15.18 16.13
N GLY A 246 -3.28 -16.05 15.16
CA GLY A 246 -3.51 -17.48 15.34
C GLY A 246 -2.60 -18.08 16.37
N ASP A 247 -1.56 -17.35 16.78
CA ASP A 247 -0.68 -17.79 17.86
C ASP A 247 -1.24 -17.49 19.25
N VAL A 248 -2.33 -16.71 19.39
CA VAL A 248 -2.81 -16.43 20.72
C VAL A 248 -4.28 -16.68 20.93
N ILE A 249 -5.11 -16.63 19.88
CA ILE A 249 -6.57 -16.80 20.03
C ILE A 249 -6.91 -18.33 20.19
N ASP A 250 -8.07 -18.63 20.75
CA ASP A 250 -8.47 -20.01 20.90
C ASP A 250 -9.59 -20.47 19.95
N PHE A 251 -10.45 -19.55 19.54
CA PHE A 251 -11.50 -19.81 18.63
C PHE A 251 -11.59 -18.63 17.67
N ILE A 252 -12.09 -18.92 16.48
CA ILE A 252 -12.58 -17.88 15.58
C ILE A 252 -14.09 -18.07 15.49
N SER A 253 -14.81 -16.98 15.57
CA SER A 253 -16.26 -17.09 15.64
C SER A 253 -16.94 -17.05 14.29
N TYR A 254 -18.15 -17.60 14.25
CA TYR A 254 -18.92 -17.62 13.04
C TYR A 254 -20.35 -17.34 13.40
N HIS A 255 -21.05 -16.46 12.65
CA HIS A 255 -22.46 -16.16 12.92
C HIS A 255 -23.27 -16.68 11.76
N PHE A 256 -24.43 -17.24 12.03
CA PHE A 256 -25.24 -17.83 10.96
C PHE A 256 -26.72 -17.60 11.17
N TYR A 257 -27.29 -16.75 10.33
CA TYR A 257 -28.71 -16.44 10.38
C TYR A 257 -29.41 -16.90 9.10
N THR A 258 -30.63 -17.39 9.19
CA THR A 258 -31.20 -18.04 8.03
C THR A 258 -32.71 -17.93 8.03
N GLY A 259 -33.33 -18.54 7.01
CA GLY A 259 -34.76 -18.74 6.97
C GLY A 259 -35.44 -18.04 5.79
N SER A 260 -36.56 -18.64 5.40
CA SER A 260 -37.48 -17.98 4.48
C SER A 260 -38.88 -18.46 4.78
N ASP A 261 -39.85 -17.91 4.07
CA ASP A 261 -41.19 -18.47 4.19
C ASP A 261 -41.32 -19.92 3.78
N ASP A 262 -40.38 -20.47 3.04
CA ASP A 262 -40.60 -21.80 2.55
C ASP A 262 -40.04 -22.85 3.52
N TYR A 263 -40.77 -23.92 3.77
CA TYR A 263 -40.34 -24.94 4.74
C TYR A 263 -38.97 -25.53 4.42
N TYR A 264 -38.82 -26.11 3.24
CA TYR A 264 -37.53 -26.71 2.85
C TYR A 264 -36.41 -25.69 2.72
N GLU A 265 -36.70 -24.51 2.19
CA GLU A 265 -35.67 -23.48 2.16
C GLU A 265 -35.10 -23.15 3.56
N THR A 266 -35.93 -23.24 4.59
CA THR A 266 -35.48 -23.01 5.94
C THR A 266 -34.66 -24.20 6.44
N VAL A 267 -35.27 -25.40 6.49
CA VAL A 267 -34.63 -26.52 7.20
C VAL A 267 -33.39 -27.01 6.48
N SER A 268 -33.36 -26.88 5.16
CA SER A 268 -32.21 -27.38 4.39
C SER A 268 -30.93 -26.60 4.74
N THR A 269 -31.07 -25.37 5.25
CA THR A 269 -29.86 -24.56 5.55
C THR A 269 -29.10 -25.07 6.76
N VAL A 270 -29.63 -26.11 7.42
CA VAL A 270 -28.79 -26.87 8.36
C VAL A 270 -27.53 -27.35 7.64
N TYR A 271 -27.72 -27.75 6.39
CA TYR A 271 -26.65 -28.34 5.59
C TYR A 271 -25.84 -27.27 4.84
N LEU A 272 -26.36 -26.05 4.71
CA LEU A 272 -25.56 -24.92 4.25
C LEU A 272 -24.57 -24.56 5.34
N LEU A 273 -25.07 -24.44 6.57
CA LEU A 273 -24.24 -24.24 7.72
C LEU A 273 -23.14 -25.27 7.81
N LYS A 274 -23.50 -26.56 7.64
CA LYS A 274 -22.49 -27.59 7.72
C LYS A 274 -21.28 -27.28 6.77
N GLU A 275 -21.56 -26.91 5.55
CA GLU A 275 -20.46 -26.64 4.58
C GLU A 275 -19.69 -25.30 4.96
N ARG A 276 -20.42 -24.30 5.43
CA ARG A 276 -19.80 -23.04 5.92
C ARG A 276 -18.79 -23.34 6.99
N LEU A 277 -19.19 -24.15 7.97
CA LEU A 277 -18.31 -24.56 9.06
C LEU A 277 -17.08 -25.34 8.60
N ILE A 278 -17.28 -26.26 7.66
CA ILE A 278 -16.18 -27.06 7.13
C ILE A 278 -15.19 -26.09 6.43
N GLY A 279 -15.75 -25.18 5.66
CA GLY A 279 -14.97 -24.04 5.10
C GLY A 279 -14.02 -23.34 6.07
N VAL A 280 -14.56 -22.84 7.18
CA VAL A 280 -13.79 -22.06 8.13
C VAL A 280 -12.76 -23.02 8.79
N LYS A 281 -13.20 -24.25 9.09
CA LYS A 281 -12.26 -25.23 9.59
C LYS A 281 -11.06 -25.45 8.64
N LYS A 282 -11.30 -25.54 7.34
CA LYS A 282 -10.20 -25.68 6.41
C LYS A 282 -9.35 -24.43 6.37
N LEU A 283 -9.92 -23.22 6.51
CA LEU A 283 -9.04 -21.99 6.67
C LEU A 283 -8.12 -22.13 7.85
N ILE A 284 -8.65 -22.54 8.99
CA ILE A 284 -7.79 -22.82 10.13
C ILE A 284 -6.68 -23.80 9.73
N ASP A 285 -7.02 -24.88 9.07
CA ASP A 285 -6.01 -25.88 8.64
C ASP A 285 -4.89 -25.27 7.78
N MET A 286 -5.18 -24.17 7.10
CA MET A 286 -4.25 -23.64 6.13
C MET A 286 -3.32 -22.61 6.74
N VAL A 287 -3.39 -22.45 8.06
CA VAL A 287 -2.52 -21.51 8.76
C VAL A 287 -1.83 -22.31 9.86
N ASP A 288 -0.58 -22.68 9.64
CA ASP A 288 0.12 -23.64 10.50
C ASP A 288 0.09 -23.31 11.99
N THR A 289 0.30 -22.05 12.38
CA THR A 289 0.28 -21.75 13.80
C THR A 289 -1.11 -21.97 14.42
N ALA A 290 -2.14 -21.52 13.73
CA ALA A 290 -3.53 -21.77 14.14
C ALA A 290 -3.83 -23.29 14.21
N ARG A 291 -3.46 -24.03 13.16
CA ARG A 291 -3.75 -25.47 13.07
C ARG A 291 -3.04 -26.21 14.24
N LYS A 292 -1.74 -25.97 14.43
CA LYS A 292 -0.94 -26.52 15.52
C LYS A 292 -1.42 -26.15 16.94
N ARG A 293 -2.06 -24.98 17.07
CA ARG A 293 -2.59 -24.57 18.37
C ARG A 293 -3.99 -25.13 18.61
N GLY A 294 -4.55 -25.83 17.62
CA GLY A 294 -5.92 -26.33 17.73
C GLY A 294 -7.02 -25.28 17.85
N VAL A 295 -6.86 -24.15 17.12
CA VAL A 295 -7.89 -23.13 17.07
C VAL A 295 -9.15 -23.75 16.54
N LYS A 296 -10.26 -23.53 17.22
CA LYS A 296 -11.56 -24.06 16.81
C LYS A 296 -12.52 -22.95 16.45
N ILE A 297 -13.74 -23.36 16.13
CA ILE A 297 -14.82 -22.44 15.75
C ILE A 297 -15.80 -22.28 16.93
N ALA A 298 -16.19 -21.03 17.18
CA ALA A 298 -17.29 -20.72 18.07
C ALA A 298 -18.45 -20.24 17.23
N LEU A 299 -19.49 -21.05 17.15
CA LEU A 299 -20.66 -20.61 16.36
C LEU A 299 -21.47 -19.72 17.33
N ASP A 300 -20.95 -18.53 17.68
CA ASP A 300 -21.50 -17.83 18.84
C ASP A 300 -22.69 -16.89 18.57
N GLU A 301 -23.23 -16.93 17.35
CA GLU A 301 -24.59 -16.47 17.10
C GLU A 301 -25.20 -17.33 16.01
N TRP A 302 -26.39 -17.86 16.27
CA TRP A 302 -27.09 -18.56 15.20
C TRP A 302 -28.59 -18.60 15.50
N ASN A 303 -29.42 -18.52 14.46
CA ASN A 303 -30.88 -18.73 14.60
C ASN A 303 -31.52 -18.57 13.25
N VAL A 304 -32.84 -18.73 13.18
CA VAL A 304 -33.59 -18.31 12.07
C VAL A 304 -33.77 -16.79 12.29
N TRP A 305 -33.66 -16.02 11.24
CA TRP A 305 -33.92 -14.58 11.35
C TRP A 305 -34.20 -14.10 9.93
N TYR A 306 -35.44 -13.79 9.63
CA TYR A 306 -35.76 -13.30 8.26
C TYR A 306 -37.03 -12.49 8.12
N ARG A 307 -37.89 -12.51 9.14
CA ARG A 307 -39.18 -11.81 9.09
C ARG A 307 -39.09 -10.36 9.60
N VAL A 308 -38.30 -10.12 10.65
CA VAL A 308 -38.37 -8.84 11.37
C VAL A 308 -37.08 -8.06 11.21
N SER A 309 -37.21 -6.76 11.02
CA SER A 309 -36.10 -5.91 10.78
C SER A 309 -36.26 -4.56 11.46
N ASP A 310 -36.21 -4.49 12.77
CA ASP A 310 -36.50 -3.24 13.46
C ASP A 310 -35.49 -3.23 14.61
N ASN A 311 -35.79 -2.55 15.70
CA ASN A 311 -34.85 -2.46 16.82
C ASN A 311 -35.20 -3.36 18.00
N LYS A 312 -36.08 -4.32 17.75
CA LYS A 312 -36.66 -5.15 18.79
C LYS A 312 -36.55 -6.66 18.45
N LEU A 313 -36.62 -6.95 17.15
CA LEU A 313 -36.36 -8.25 16.53
C LEU A 313 -37.19 -9.37 17.13
N GLU A 314 -38.47 -9.13 17.39
CA GLU A 314 -39.29 -10.18 17.98
C GLU A 314 -39.82 -11.16 16.92
N GLU A 315 -38.89 -11.94 16.39
CA GLU A 315 -39.13 -12.88 15.32
C GLU A 315 -40.13 -13.94 15.80
N PRO A 316 -41.31 -14.07 15.13
CA PRO A 316 -42.30 -15.00 15.65
C PRO A 316 -42.03 -16.44 15.21
N TYR A 317 -41.09 -17.10 15.88
CA TYR A 317 -40.70 -18.48 15.48
C TYR A 317 -41.87 -19.45 15.39
N ASP A 318 -41.83 -20.29 14.38
CA ASP A 318 -42.81 -21.36 14.23
C ASP A 318 -42.16 -22.74 14.27
N LEU A 319 -42.93 -23.81 14.02
CA LEU A 319 -42.36 -25.17 14.13
C LEU A 319 -41.23 -25.39 13.12
N LYS A 320 -41.41 -24.94 11.89
CA LYS A 320 -40.38 -25.02 10.83
C LYS A 320 -39.01 -24.53 11.38
N ASP A 321 -39.03 -23.42 12.12
CA ASP A 321 -37.85 -22.82 12.68
C ASP A 321 -37.30 -23.69 13.80
N GLY A 322 -38.17 -24.26 14.61
CA GLY A 322 -37.69 -25.18 15.68
C GLY A 322 -37.09 -26.44 15.10
N ILE A 323 -37.58 -26.89 13.95
CA ILE A 323 -36.95 -28.02 13.28
C ILE A 323 -35.53 -27.67 12.75
N PHE A 324 -35.37 -26.45 12.19
CA PHE A 324 -34.02 -25.99 11.80
C PHE A 324 -33.13 -26.08 13.03
N ALA A 325 -33.59 -25.56 14.16
CA ALA A 325 -32.77 -25.57 15.37
C ALA A 325 -32.45 -27.00 15.81
N CYS A 326 -33.43 -27.90 15.80
CA CYS A 326 -33.09 -29.33 16.17
C CYS A 326 -32.00 -29.85 15.23
N GLY A 327 -32.13 -29.53 13.94
CA GLY A 327 -31.16 -29.96 12.96
C GLY A 327 -29.78 -29.42 13.28
N VAL A 328 -29.66 -28.16 13.75
CA VAL A 328 -28.36 -27.59 14.10
C VAL A 328 -27.77 -28.31 15.30
N LEU A 329 -28.59 -28.63 16.28
CA LEU A 329 -28.06 -29.27 17.50
C LEU A 329 -27.57 -30.69 17.23
N VAL A 330 -28.28 -31.42 16.38
CA VAL A 330 -27.85 -32.75 15.96
C VAL A 330 -26.54 -32.63 15.17
N LEU A 331 -26.48 -31.67 14.24
CA LEU A 331 -25.26 -31.36 13.50
C LEU A 331 -24.09 -31.04 14.44
N LEU A 332 -24.32 -30.21 15.45
CA LEU A 332 -23.28 -29.84 16.40
C LEU A 332 -22.87 -31.06 17.24
N GLN A 333 -23.80 -31.98 17.48
CA GLN A 333 -23.38 -33.17 18.26
C GLN A 333 -22.35 -33.94 17.48
N LYS A 334 -22.49 -33.93 16.15
CA LYS A 334 -21.59 -34.67 15.30
C LYS A 334 -20.34 -33.88 14.91
N MET A 335 -20.31 -32.57 15.16
CA MET A 335 -19.16 -31.76 14.74
C MET A 335 -18.52 -30.98 15.87
N SER A 336 -18.84 -31.32 17.12
CA SER A 336 -18.42 -30.46 18.21
C SER A 336 -16.93 -30.44 18.43
N ASP A 337 -16.22 -31.41 17.88
CA ASP A 337 -14.77 -31.39 17.97
C ASP A 337 -14.16 -30.23 17.14
N ILE A 338 -14.87 -29.79 16.12
CA ILE A 338 -14.48 -28.63 15.31
C ILE A 338 -15.18 -27.35 15.82
N VAL A 339 -16.42 -27.52 16.31
CA VAL A 339 -17.24 -26.39 16.81
C VAL A 339 -17.66 -26.66 18.23
N PRO A 340 -16.78 -26.42 19.20
CA PRO A 340 -17.12 -26.89 20.56
C PRO A 340 -18.00 -25.89 21.32
N LEU A 341 -18.16 -24.67 20.75
CA LEU A 341 -18.89 -23.61 21.41
C LEU A 341 -19.88 -23.03 20.40
N ALA A 342 -21.16 -22.98 20.77
CA ALA A 342 -22.23 -22.38 19.98
C ALA A 342 -23.22 -21.65 20.89
N ASN A 343 -23.85 -20.59 20.40
CA ASN A 343 -24.77 -19.87 21.18
C ASN A 343 -25.89 -19.45 20.29
N LEU A 344 -27.09 -19.90 20.65
CA LEU A 344 -28.29 -19.47 19.95
C LEU A 344 -28.48 -17.94 20.18
N ALA A 345 -28.80 -17.18 19.16
CA ALA A 345 -29.12 -15.74 19.31
C ALA A 345 -30.62 -15.57 19.13
N GLN A 346 -31.42 -15.31 20.15
CA GLN A 346 -30.96 -15.01 21.50
C GLN A 346 -31.99 -15.63 22.44
N LEU A 347 -31.76 -15.49 23.75
CA LEU A 347 -32.51 -16.25 24.73
C LEU A 347 -33.98 -15.75 24.93
N VAL A 348 -34.19 -14.43 24.93
CA VAL A 348 -35.45 -13.84 25.34
C VAL A 348 -35.81 -12.63 24.47
N ASN A 349 -36.99 -12.67 23.87
CA ASN A 349 -37.54 -11.57 23.03
C ASN A 349 -36.80 -11.22 21.76
N ALA A 350 -35.57 -10.69 21.88
CA ALA A 350 -34.78 -10.42 20.69
C ALA A 350 -34.43 -11.74 20.01
N LEU A 351 -34.87 -11.91 18.77
CA LEU A 351 -34.72 -13.21 18.07
C LEU A 351 -35.00 -14.34 19.10
N GLY A 352 -36.07 -14.19 19.90
CA GLY A 352 -36.14 -14.83 21.22
C GLY A 352 -36.62 -16.29 21.19
N ALA A 353 -35.85 -17.21 21.79
CA ALA A 353 -36.34 -18.56 22.03
C ALA A 353 -37.60 -18.49 22.96
N ILE A 354 -37.53 -17.63 23.98
CA ILE A 354 -38.61 -17.39 24.91
C ILE A 354 -39.13 -15.99 24.60
N HIS A 355 -40.46 -15.83 24.52
CA HIS A 355 -41.05 -14.47 24.32
C HIS A 355 -41.81 -14.09 25.61
N THR A 356 -41.54 -12.91 26.19
CA THR A 356 -42.26 -12.48 27.37
C THR A 356 -43.26 -11.36 27.06
N GLU A 357 -44.27 -11.28 27.93
CA GLU A 357 -45.14 -10.08 28.05
C GLU A 357 -45.13 -9.73 29.53
N LYS A 358 -45.79 -8.64 29.93
CA LYS A 358 -45.80 -8.28 31.35
C LYS A 358 -46.47 -9.32 32.26
N ASP A 359 -47.40 -10.08 31.71
CA ASP A 359 -48.18 -11.01 32.51
C ASP A 359 -47.86 -12.50 32.23
N GLY A 360 -46.80 -12.81 31.49
CA GLY A 360 -46.44 -14.20 31.25
C GLY A 360 -45.37 -14.32 30.16
N LEU A 361 -45.30 -15.50 29.55
CA LEU A 361 -44.28 -15.83 28.57
C LEU A 361 -44.81 -16.91 27.67
N ILE A 362 -44.09 -17.09 26.56
CA ILE A 362 -44.38 -18.07 25.56
C ILE A 362 -43.05 -18.81 25.30
N LEU A 363 -43.10 -20.13 25.28
CA LEU A 363 -41.98 -20.94 24.85
C LEU A 363 -42.15 -21.23 23.35
N THR A 364 -41.25 -20.68 22.51
CA THR A 364 -41.35 -20.86 21.05
C THR A 364 -40.85 -22.25 20.68
N PRO A 365 -41.10 -22.70 19.45
CA PRO A 365 -40.57 -24.04 19.13
C PRO A 365 -39.01 -24.08 19.08
N VAL A 366 -38.37 -22.91 19.01
CA VAL A 366 -36.91 -22.86 19.04
C VAL A 366 -36.45 -23.21 20.46
N TYR A 367 -37.17 -22.65 21.45
CA TYR A 367 -36.93 -23.01 22.83
C TYR A 367 -37.13 -24.54 22.99
N LYS A 368 -38.20 -25.06 22.42
CA LYS A 368 -38.55 -26.50 22.55
C LYS A 368 -37.47 -27.39 22.01
N ALA A 369 -36.80 -26.96 20.95
CA ALA A 369 -35.66 -27.75 20.41
C ALA A 369 -34.63 -28.01 21.48
N PHE A 370 -34.27 -26.94 22.21
CA PHE A 370 -33.33 -27.06 23.31
C PHE A 370 -33.92 -27.90 24.46
N GLU A 371 -35.19 -27.67 24.78
CA GLU A 371 -35.84 -28.44 25.83
C GLU A 371 -35.71 -29.95 25.57
N LEU A 372 -35.93 -30.34 24.33
CA LEU A 372 -35.80 -31.73 23.89
C LEU A 372 -34.36 -32.22 23.97
N ILE A 373 -33.47 -31.58 23.23
CA ILE A 373 -32.14 -32.15 23.01
C ILE A 373 -31.28 -32.12 24.28
N VAL A 374 -31.30 -30.96 24.95
CA VAL A 374 -30.40 -30.86 26.12
C VAL A 374 -30.86 -31.73 27.26
N ASN A 375 -32.15 -32.03 27.31
CA ASN A 375 -32.62 -32.96 28.39
C ASN A 375 -32.49 -34.43 28.01
N HIS A 376 -32.18 -34.71 26.74
CA HIS A 376 -32.11 -36.10 26.28
C HIS A 376 -30.93 -36.30 25.35
N SER A 377 -29.73 -36.23 25.90
CA SER A 377 -28.50 -36.33 25.10
C SER A 377 -27.35 -36.80 25.95
N GLY A 378 -26.37 -37.41 25.32
CA GLY A 378 -25.21 -37.89 26.08
C GLY A 378 -23.99 -37.03 25.85
N GLU A 379 -22.89 -37.44 26.49
CA GLU A 379 -21.63 -36.71 26.56
C GLU A 379 -20.66 -37.24 25.51
N LYS A 380 -20.96 -38.40 24.91
CA LYS A 380 -20.08 -39.04 23.91
C LYS A 380 -20.91 -39.43 22.72
N LEU A 381 -20.39 -39.21 21.53
CA LEU A 381 -21.08 -39.53 20.30
C LEU A 381 -20.72 -40.98 19.96
N VAL A 382 -21.65 -41.81 19.52
CA VAL A 382 -21.30 -43.22 19.19
C VAL A 382 -21.57 -43.44 17.73
N LYS A 383 -21.06 -44.54 17.16
CA LYS A 383 -21.14 -44.77 15.72
C LYS A 383 -22.60 -44.77 15.28
N THR A 384 -22.94 -43.95 14.29
CA THR A 384 -24.32 -43.83 13.80
C THR A 384 -24.22 -43.78 12.32
N HIS A 385 -24.79 -44.76 11.62
CA HIS A 385 -24.86 -44.73 10.16
C HIS A 385 -26.29 -44.49 9.73
N VAL A 386 -26.54 -43.50 8.87
CA VAL A 386 -27.89 -43.21 8.45
C VAL A 386 -28.04 -43.40 6.97
N GLU A 387 -29.07 -44.13 6.56
CA GLU A 387 -29.49 -44.18 5.16
C GLU A 387 -30.62 -43.20 4.99
N SER A 388 -30.54 -42.36 3.96
CA SER A 388 -31.61 -41.38 3.74
C SER A 388 -31.63 -40.98 2.33
N GLU A 389 -32.83 -40.81 1.81
CA GLU A 389 -32.96 -40.12 0.56
C GLU A 389 -32.53 -38.66 0.78
N THR A 390 -32.22 -37.98 -0.32
CA THR A 390 -31.69 -36.63 -0.25
C THR A 390 -32.40 -35.75 -1.28
N TYR A 391 -32.24 -34.44 -1.16
CA TYR A 391 -32.82 -33.52 -2.11
C TYR A 391 -31.88 -32.32 -2.30
N ASN A 392 -32.04 -31.65 -3.42
CA ASN A 392 -31.27 -30.42 -3.71
C ASN A 392 -32.22 -29.27 -3.65
N ILE A 393 -31.73 -28.10 -3.25
CA ILE A 393 -32.60 -26.94 -3.22
C ILE A 393 -31.89 -25.62 -3.57
N GLU A 394 -32.64 -24.70 -4.15
CA GLU A 394 -32.18 -23.35 -4.40
C GLU A 394 -33.18 -22.43 -3.76
N GLY A 395 -32.74 -21.65 -2.78
CA GLY A 395 -33.66 -20.87 -1.97
C GLY A 395 -33.19 -19.45 -1.67
N VAL A 396 -33.89 -18.78 -0.75
CA VAL A 396 -33.40 -17.54 -0.19
C VAL A 396 -33.33 -17.65 1.32
N MET A 397 -32.49 -16.82 1.93
CA MET A 397 -32.29 -16.85 3.36
C MET A 397 -32.13 -15.42 3.95
N PHE A 398 -32.50 -15.27 5.23
CA PHE A 398 -32.21 -14.08 6.01
C PHE A 398 -33.05 -12.87 5.54
N ILE A 399 -33.00 -11.78 6.29
CA ILE A 399 -33.84 -10.62 6.02
C ILE A 399 -33.63 -10.05 4.62
N ASN A 400 -32.48 -10.25 4.00
CA ASN A 400 -32.26 -9.70 2.65
C ASN A 400 -32.55 -10.69 1.50
N LYS A 401 -33.04 -11.89 1.86
CA LYS A 401 -33.41 -12.91 0.88
C LYS A 401 -32.27 -13.18 -0.10
N MET A 402 -31.07 -13.39 0.42
CA MET A 402 -29.96 -13.86 -0.39
C MET A 402 -30.19 -15.28 -0.93
N PRO A 403 -29.98 -15.52 -2.25
CA PRO A 403 -30.06 -16.88 -2.82
C PRO A 403 -28.98 -17.76 -2.21
N PHE A 404 -29.27 -19.04 -2.03
CA PHE A 404 -28.27 -19.99 -1.56
C PHE A 404 -28.63 -21.26 -2.28
N SER A 405 -27.73 -22.23 -2.35
CA SER A 405 -28.17 -23.55 -2.76
C SER A 405 -27.53 -24.59 -1.89
N VAL A 406 -28.21 -25.72 -1.77
CA VAL A 406 -27.73 -26.85 -1.00
C VAL A 406 -27.89 -28.08 -1.85
N GLU A 407 -26.90 -28.95 -1.81
CA GLU A 407 -26.92 -30.18 -2.59
C GLU A 407 -26.99 -31.37 -1.66
N ASN A 408 -27.87 -32.32 -1.96
CA ASN A 408 -27.95 -33.57 -1.18
C ASN A 408 -28.18 -33.38 0.33
N ALA A 409 -29.08 -32.48 0.69
CA ALA A 409 -29.60 -32.41 2.05
C ALA A 409 -30.39 -33.73 2.34
N PRO A 410 -30.21 -34.35 3.51
CA PRO A 410 -31.00 -35.56 3.79
C PRO A 410 -32.40 -35.22 4.26
N PHE A 411 -33.37 -36.05 3.91
CA PHE A 411 -34.69 -35.99 4.52
C PHE A 411 -34.68 -36.50 5.96
N LEU A 412 -33.69 -37.31 6.31
CA LEU A 412 -33.61 -37.91 7.63
C LEU A 412 -32.19 -37.84 8.15
N ASP A 413 -32.01 -37.45 9.41
CA ASP A 413 -30.68 -37.37 9.96
C ASP A 413 -30.80 -37.81 11.41
N ALA A 414 -29.70 -38.21 12.00
CA ALA A 414 -29.72 -38.72 13.38
C ALA A 414 -28.34 -38.59 14.00
N ALA A 415 -28.27 -38.54 15.32
CA ALA A 415 -27.02 -38.68 16.02
C ALA A 415 -27.32 -39.46 17.29
N ALA A 416 -26.51 -40.49 17.57
CA ALA A 416 -26.69 -41.28 18.79
C ALA A 416 -25.62 -40.95 19.76
N SER A 417 -25.99 -40.80 21.01
CA SER A 417 -24.97 -40.52 22.00
C SER A 417 -25.22 -41.35 23.26
N ILE A 418 -24.21 -41.39 24.14
CA ILE A 418 -24.36 -42.10 25.42
C ILE A 418 -23.90 -41.27 26.56
N SER A 419 -24.50 -41.50 27.72
CA SER A 419 -24.15 -40.80 28.93
C SER A 419 -22.72 -41.15 29.38
N GLU A 420 -22.22 -40.33 30.30
CA GLU A 420 -20.89 -40.46 30.90
C GLU A 420 -20.65 -41.86 31.50
N ASP A 421 -21.61 -42.35 32.29
CA ASP A 421 -21.47 -43.69 32.89
C ASP A 421 -21.63 -44.88 31.93
N GLY A 422 -22.06 -44.61 30.70
CA GLY A 422 -22.23 -45.65 29.68
C GLY A 422 -23.58 -46.36 29.74
N LYS A 423 -24.48 -45.88 30.60
CA LYS A 423 -25.76 -46.55 30.89
C LYS A 423 -27.07 -46.02 30.23
N LYS A 424 -27.03 -44.88 29.53
CA LYS A 424 -28.16 -44.43 28.74
C LYS A 424 -27.74 -44.16 27.30
N LEU A 425 -28.59 -44.53 26.35
CA LEU A 425 -28.39 -44.25 24.95
C LEU A 425 -29.46 -43.25 24.52
N PHE A 426 -29.05 -42.28 23.73
CA PHE A 426 -29.98 -41.29 23.16
C PHE A 426 -29.83 -41.36 21.65
N ILE A 427 -30.92 -41.65 20.95
CA ILE A 427 -30.89 -41.63 19.52
C ILE A 427 -31.77 -40.46 19.05
N ALA A 428 -31.12 -39.35 18.71
CA ALA A 428 -31.87 -38.15 18.23
C ALA A 428 -32.10 -38.31 16.76
N VAL A 429 -33.34 -38.10 16.33
CA VAL A 429 -33.68 -38.30 14.93
C VAL A 429 -34.49 -37.12 14.40
N VAL A 430 -34.08 -36.54 13.28
CA VAL A 430 -34.87 -35.49 12.71
C VAL A 430 -35.47 -36.03 11.43
N ASN A 431 -36.79 -36.02 11.35
CA ASN A 431 -37.47 -36.24 10.08
C ASN A 431 -37.78 -34.87 9.48
N TYR A 432 -37.09 -34.51 8.41
CA TYR A 432 -37.35 -33.23 7.73
C TYR A 432 -38.51 -33.29 6.72
N ARG A 433 -38.98 -34.49 6.34
CA ARG A 433 -40.03 -34.59 5.32
C ARG A 433 -41.18 -33.67 5.70
N LYS A 434 -41.65 -32.86 4.76
CA LYS A 434 -42.69 -31.88 5.04
C LYS A 434 -44.10 -32.52 5.17
N GLU A 435 -44.30 -33.68 4.57
CA GLU A 435 -45.64 -34.21 4.46
C GLU A 435 -45.83 -35.64 4.95
N ASP A 436 -44.83 -36.49 4.84
CA ASP A 436 -45.03 -37.89 5.23
C ASP A 436 -44.21 -38.34 6.38
N ALA A 437 -44.86 -39.08 7.27
CA ALA A 437 -44.19 -39.88 8.28
C ALA A 437 -43.28 -40.92 7.66
N LEU A 438 -42.23 -41.29 8.37
CA LEU A 438 -41.34 -42.31 7.91
C LEU A 438 -41.26 -43.40 8.95
N LYS A 439 -41.51 -44.63 8.51
CA LYS A 439 -41.35 -45.76 9.38
C LYS A 439 -39.93 -46.22 9.18
N VAL A 440 -39.08 -46.01 10.16
CA VAL A 440 -37.67 -46.22 9.94
C VAL A 440 -37.20 -47.46 10.69
N PRO A 441 -36.48 -48.36 10.01
CA PRO A 441 -35.91 -49.49 10.72
C PRO A 441 -34.64 -49.04 11.39
N ILE A 442 -34.49 -49.39 12.65
CA ILE A 442 -33.33 -48.99 13.40
C ILE A 442 -32.69 -50.24 13.99
N ARG A 443 -31.36 -50.30 13.92
CA ARG A 443 -30.60 -51.38 14.51
C ARG A 443 -29.68 -50.79 15.57
N VAL A 444 -29.71 -51.34 16.77
CA VAL A 444 -28.73 -50.98 17.79
C VAL A 444 -27.91 -52.22 18.12
N GLU A 445 -26.61 -52.20 17.84
CA GLU A 445 -25.76 -53.38 18.07
C GLU A 445 -25.82 -53.87 19.52
N GLY A 446 -26.15 -55.15 19.71
CA GLY A 446 -26.07 -55.81 21.03
C GLY A 446 -27.09 -55.36 22.07
N LEU A 447 -28.19 -54.78 21.62
CA LEU A 447 -29.22 -54.28 22.53
C LEU A 447 -30.20 -55.39 22.90
N GLY A 448 -30.53 -55.52 24.17
CA GLY A 448 -31.60 -56.49 24.54
C GLY A 448 -32.96 -56.01 24.04
N GLN A 449 -33.98 -56.89 24.06
CA GLN A 449 -35.36 -56.42 23.92
C GLN A 449 -35.79 -55.80 25.25
N LYS A 450 -36.35 -54.61 25.20
CA LYS A 450 -36.78 -53.92 26.42
C LYS A 450 -37.63 -52.74 26.02
N LYS A 451 -38.12 -52.04 27.04
CA LYS A 451 -38.86 -50.83 26.83
C LYS A 451 -37.91 -49.61 26.76
N ALA A 452 -38.36 -48.58 26.05
CA ALA A 452 -37.60 -47.32 25.97
C ALA A 452 -38.64 -46.21 25.81
N THR A 453 -38.23 -44.96 26.02
CA THR A 453 -39.12 -43.81 25.83
C THR A 453 -38.69 -42.96 24.63
N VAL A 454 -39.66 -42.51 23.84
CA VAL A 454 -39.37 -41.62 22.75
C VAL A 454 -39.93 -40.29 23.17
N TYR A 455 -39.09 -39.25 23.14
CA TYR A 455 -39.52 -37.86 23.37
C TYR A 455 -39.56 -37.19 22.03
N THR A 456 -40.68 -36.58 21.70
CA THR A 456 -40.90 -36.10 20.35
C THR A 456 -41.35 -34.64 20.37
N LEU A 457 -40.60 -33.79 19.67
CA LEU A 457 -41.03 -32.40 19.50
C LEU A 457 -41.88 -32.34 18.28
N THR A 458 -43.14 -32.01 18.44
CA THR A 458 -44.04 -31.99 17.30
C THR A 458 -45.14 -30.97 17.43
N GLY A 459 -45.84 -30.73 16.34
CA GLY A 459 -46.99 -29.83 16.31
C GLY A 459 -47.80 -30.11 15.07
N PRO A 460 -48.93 -29.43 14.91
CA PRO A 460 -49.89 -29.77 13.87
C PRO A 460 -49.52 -29.41 12.43
N ASP A 461 -48.79 -28.31 12.22
CA ASP A 461 -48.38 -27.93 10.87
C ASP A 461 -47.02 -27.19 10.93
N VAL A 462 -46.36 -27.04 9.79
CA VAL A 462 -45.04 -26.41 9.77
C VAL A 462 -45.03 -24.98 10.30
N ASN A 463 -46.19 -24.31 10.29
CA ASN A 463 -46.25 -22.94 10.80
C ASN A 463 -46.85 -22.78 12.16
N ALA A 464 -46.99 -23.89 12.88
CA ALA A 464 -47.61 -23.87 14.21
C ALA A 464 -46.72 -23.08 15.19
N ARG A 465 -47.36 -22.36 16.12
CA ARG A 465 -46.72 -21.51 17.10
C ARG A 465 -47.42 -21.68 18.44
N ASN A 466 -46.68 -21.53 19.53
CA ASN A 466 -47.27 -21.39 20.85
C ASN A 466 -47.71 -19.95 21.09
N THR A 467 -48.77 -19.76 21.88
CA THR A 467 -49.25 -18.41 22.22
C THR A 467 -49.53 -18.36 23.70
N MET A 468 -49.80 -17.16 24.19
CA MET A 468 -50.25 -16.98 25.57
C MET A 468 -51.53 -17.76 25.82
N GLU A 469 -52.51 -17.58 24.95
CA GLU A 469 -53.79 -18.31 25.02
C GLU A 469 -53.59 -19.84 24.90
N ASN A 470 -52.70 -20.25 24.00
CA ASN A 470 -52.45 -21.68 23.73
C ASN A 470 -50.96 -21.98 23.72
N PRO A 471 -50.41 -22.26 24.91
CA PRO A 471 -48.98 -22.36 25.15
C PRO A 471 -48.40 -23.69 24.77
N ASN A 472 -49.26 -24.67 24.42
CA ASN A 472 -48.83 -26.04 24.19
C ASN A 472 -49.14 -26.66 22.83
N VAL A 473 -49.49 -25.84 21.85
CA VAL A 473 -49.65 -26.29 20.47
C VAL A 473 -48.41 -27.06 19.95
N VAL A 474 -47.21 -26.55 20.24
CA VAL A 474 -46.00 -27.21 19.86
C VAL A 474 -45.37 -27.60 21.16
N ASP A 475 -45.14 -28.91 21.35
CA ASP A 475 -44.60 -29.37 22.60
C ASP A 475 -43.98 -30.73 22.44
N ILE A 476 -43.42 -31.23 23.52
CA ILE A 476 -42.72 -32.49 23.53
C ILE A 476 -43.65 -33.54 24.13
N THR A 477 -43.84 -34.63 23.40
CA THR A 477 -44.62 -35.77 23.93
C THR A 477 -43.68 -36.88 24.38
N SER A 478 -44.15 -37.75 25.28
CA SER A 478 -43.39 -38.97 25.62
C SER A 478 -44.28 -40.18 25.50
N GLU A 479 -43.72 -41.29 25.01
CA GLU A 479 -44.45 -42.54 24.87
C GLU A 479 -43.48 -43.70 25.11
N THR A 480 -43.96 -44.81 25.67
CA THR A 480 -43.13 -46.03 25.78
C THR A 480 -43.24 -46.78 24.49
N ILE A 481 -42.10 -47.30 24.03
CA ILE A 481 -42.08 -48.26 22.96
C ILE A 481 -41.25 -49.44 23.46
N THR A 482 -41.27 -50.51 22.69
CA THR A 482 -40.40 -51.63 22.99
C THR A 482 -39.30 -51.65 21.92
N VAL A 483 -38.07 -51.81 22.33
CA VAL A 483 -36.99 -51.88 21.37
C VAL A 483 -36.29 -53.24 21.49
N ASP A 484 -35.41 -53.48 20.53
CA ASP A 484 -34.57 -54.67 20.45
C ASP A 484 -33.42 -54.28 19.55
N THR A 485 -32.60 -55.26 19.22
CA THR A 485 -31.42 -55.11 18.41
C THR A 485 -31.84 -54.59 17.06
N GLU A 486 -32.98 -55.06 16.59
CA GLU A 486 -33.65 -54.41 15.47
C GLU A 486 -35.10 -54.08 15.86
N PHE A 487 -35.54 -52.87 15.51
CA PHE A 487 -36.92 -52.42 15.74
C PHE A 487 -37.26 -51.35 14.71
N GLU A 488 -38.51 -50.93 14.67
CA GLU A 488 -38.95 -49.83 13.78
C GLU A 488 -39.64 -48.75 14.57
N HIS A 489 -39.73 -47.55 14.03
CA HIS A 489 -40.50 -46.49 14.68
C HIS A 489 -40.99 -45.53 13.64
N THR A 490 -42.21 -45.05 13.81
CA THR A 490 -42.78 -44.16 12.82
C THR A 490 -42.51 -42.74 13.33
N PHE A 491 -41.73 -42.00 12.57
CA PHE A 491 -41.34 -40.62 12.91
C PHE A 491 -42.25 -39.66 12.17
N LYS A 492 -42.94 -38.82 12.92
CA LYS A 492 -43.77 -37.77 12.32
C LYS A 492 -42.99 -36.86 11.33
N PRO A 493 -43.66 -36.36 10.29
CA PRO A 493 -43.00 -35.41 9.42
C PRO A 493 -42.68 -34.14 10.22
N PHE A 494 -41.72 -33.35 9.75
CA PHE A 494 -41.27 -32.14 10.48
C PHE A 494 -41.17 -32.30 12.02
N SER A 495 -40.44 -33.31 12.48
CA SER A 495 -40.39 -33.58 13.90
C SER A 495 -38.96 -33.95 14.27
N CYS A 496 -38.66 -33.87 15.54
CA CYS A 496 -37.42 -34.38 16.03
C CYS A 496 -37.76 -35.26 17.23
N SER A 497 -37.08 -36.39 17.38
CA SER A 497 -37.39 -37.31 18.49
C SER A 497 -36.12 -37.74 19.16
N VAL A 498 -36.15 -38.04 20.45
CA VAL A 498 -35.03 -38.71 21.05
C VAL A 498 -35.54 -40.04 21.62
N ILE A 499 -34.97 -41.13 21.14
CA ILE A 499 -35.30 -42.45 21.70
C ILE A 499 -34.30 -42.65 22.78
N GLU A 500 -34.78 -42.68 24.01
CA GLU A 500 -33.92 -42.83 25.18
C GLU A 500 -33.96 -44.29 25.70
N VAL A 501 -32.83 -44.97 25.71
CA VAL A 501 -32.80 -46.40 26.06
C VAL A 501 -31.86 -46.67 27.23
N GLU A 502 -32.33 -47.40 28.24
CA GLU A 502 -31.38 -48.02 29.20
C GLU A 502 -30.49 -49.05 28.51
N LEU A 503 -29.19 -48.96 28.76
CA LEU A 503 -28.28 -50.06 28.46
C LEU A 503 -27.82 -50.51 29.86
N SER B 22 -21.72 49.28 -22.98
CA SER B 22 -20.59 48.41 -22.50
C SER B 22 -20.68 48.00 -20.98
N TYR B 23 -21.34 48.85 -20.17
CA TYR B 23 -21.80 48.52 -18.82
C TYR B 23 -23.32 48.56 -18.73
N GLY B 24 -23.94 47.57 -18.10
CA GLY B 24 -25.39 47.71 -17.89
C GLY B 24 -26.06 46.59 -17.08
N ILE B 25 -27.21 46.92 -16.47
CA ILE B 25 -27.90 46.02 -15.59
C ILE B 25 -29.37 45.93 -15.98
N VAL B 26 -29.82 44.72 -16.27
CA VAL B 26 -31.21 44.45 -16.56
C VAL B 26 -31.80 43.50 -15.49
N VAL B 27 -32.80 44.01 -14.78
CA VAL B 27 -33.45 43.28 -13.74
C VAL B 27 -34.87 43.02 -14.15
N ASP B 28 -35.33 41.79 -13.94
CA ASP B 28 -36.76 41.50 -13.96
C ASP B 28 -37.30 41.00 -12.61
N PRO B 29 -37.90 41.90 -11.83
CA PRO B 29 -38.42 41.58 -10.51
C PRO B 29 -39.47 40.48 -10.52
N LYS B 30 -40.02 40.18 -11.68
CA LYS B 30 -41.11 39.17 -11.76
C LYS B 30 -40.60 37.73 -12.02
N GLU B 31 -39.33 37.62 -12.39
CA GLU B 31 -38.71 36.33 -12.58
C GLU B 31 -37.82 36.00 -11.38
N VAL B 32 -38.37 35.21 -10.46
CA VAL B 32 -37.58 34.67 -9.33
C VAL B 32 -36.69 33.56 -9.88
N VAL B 33 -35.36 33.75 -9.81
CA VAL B 33 -34.43 32.70 -10.20
C VAL B 33 -34.37 31.65 -9.07
N LYS B 34 -34.04 32.08 -7.85
CA LYS B 34 -33.95 31.09 -6.75
C LYS B 34 -33.91 31.78 -5.37
N PRO B 35 -34.16 31.01 -4.29
CA PRO B 35 -34.01 31.54 -2.93
C PRO B 35 -32.59 32.02 -2.69
N ILE B 36 -32.40 32.93 -1.76
CA ILE B 36 -31.05 33.24 -1.30
C ILE B 36 -31.04 32.66 0.11
N SER B 37 -30.18 31.66 0.33
CA SER B 37 -30.10 31.06 1.69
C SER B 37 -29.71 32.16 2.68
N ARG B 38 -30.52 32.33 3.72
CA ARG B 38 -30.16 33.30 4.75
C ARG B 38 -28.80 33.06 5.44
N HIS B 39 -28.25 31.84 5.33
CA HIS B 39 -27.01 31.48 5.98
C HIS B 39 -25.69 31.90 5.31
N ILE B 40 -25.76 32.61 4.18
CA ILE B 40 -24.58 33.16 3.58
C ILE B 40 -24.00 34.30 4.38
N TYR B 41 -24.76 34.83 5.35
CA TYR B 41 -24.26 35.99 6.15
C TYR B 41 -23.74 35.58 7.52
N GLY B 42 -23.30 34.32 7.66
CA GLY B 42 -22.85 33.81 8.95
C GLY B 42 -21.52 34.34 9.39
N HIS B 43 -21.21 34.11 10.67
CA HIS B 43 -19.97 34.59 11.29
C HIS B 43 -19.31 33.51 12.12
N PHE B 44 -18.14 33.86 12.66
CA PHE B 44 -17.25 32.88 13.27
C PHE B 44 -16.48 33.59 14.37
N THR B 45 -16.52 33.03 15.59
CA THR B 45 -15.73 33.52 16.70
C THR B 45 -14.91 32.33 17.26
N GLU B 46 -13.60 32.32 17.00
CA GLU B 46 -12.66 31.38 17.58
C GLU B 46 -12.07 31.91 18.91
N HIS B 47 -11.74 30.98 19.81
CA HIS B 47 -10.91 31.28 20.96
C HIS B 47 -9.46 31.49 20.49
N LEU B 48 -9.24 32.71 19.98
CA LEU B 48 -7.98 33.14 19.40
C LEU B 48 -7.78 34.61 19.82
N GLY B 49 -6.62 34.87 20.41
CA GLY B 49 -6.27 36.24 20.82
C GLY B 49 -7.41 36.87 21.61
N ARG B 50 -7.96 37.99 21.11
CA ARG B 50 -8.96 38.71 21.86
C ARG B 50 -10.32 38.59 21.26
N CYS B 51 -10.53 37.60 20.40
CA CYS B 51 -11.84 37.45 19.78
C CYS B 51 -12.92 37.17 20.84
N ILE B 52 -12.66 36.23 21.75
CA ILE B 52 -13.58 35.97 22.85
C ILE B 52 -13.24 36.93 24.02
N TYR B 53 -12.08 36.73 24.66
CA TYR B 53 -11.75 37.37 25.93
C TYR B 53 -11.21 38.77 25.66
N GLY B 54 -12.02 39.78 25.97
CA GLY B 54 -11.69 41.17 25.61
C GLY B 54 -12.37 41.55 24.29
N GLY B 55 -13.11 40.61 23.69
CA GLY B 55 -13.83 40.83 22.44
C GLY B 55 -15.33 40.76 22.64
N ILE B 56 -15.94 39.58 22.50
CA ILE B 56 -17.37 39.51 22.69
C ILE B 56 -17.66 39.44 24.19
N TYR B 57 -16.64 39.09 24.97
CA TYR B 57 -16.80 38.66 26.37
C TYR B 57 -15.74 39.28 27.25
N GLU B 58 -16.15 40.03 28.27
CA GLU B 58 -15.16 40.68 29.12
C GLU B 58 -15.77 40.87 30.49
N GLU B 59 -15.44 39.94 31.38
CA GLU B 59 -15.97 39.92 32.72
C GLU B 59 -15.52 41.16 33.49
N GLY B 60 -16.48 41.81 34.13
CA GLY B 60 -16.17 42.93 35.01
C GLY B 60 -15.87 44.24 34.27
N SER B 61 -16.04 44.27 32.96
CA SER B 61 -15.83 45.52 32.21
C SER B 61 -16.96 46.52 32.48
N PRO B 62 -16.62 47.83 32.56
CA PRO B 62 -17.74 48.80 32.68
C PRO B 62 -18.66 48.75 31.41
N LEU B 63 -18.12 48.28 30.30
CA LEU B 63 -18.86 48.12 29.05
C LEU B 63 -19.67 46.79 28.88
N SER B 64 -19.62 45.90 29.91
CA SER B 64 -20.26 44.57 29.85
C SER B 64 -21.50 44.45 30.71
N ASP B 65 -22.48 43.65 30.25
CA ASP B 65 -23.64 43.30 31.07
C ASP B 65 -23.27 42.28 32.15
N GLU B 66 -24.26 41.72 32.84
CA GLU B 66 -24.00 40.83 33.98
C GLU B 66 -23.55 39.44 33.56
N ARG B 67 -23.77 39.09 32.30
CA ARG B 67 -23.29 37.84 31.71
C ARG B 67 -21.85 37.99 31.30
N GLY B 68 -21.31 39.21 31.34
CA GLY B 68 -19.95 39.45 30.83
C GLY B 68 -19.89 39.77 29.35
N PHE B 69 -21.04 39.99 28.72
CA PHE B 69 -21.03 40.31 27.28
C PHE B 69 -20.78 41.81 27.07
N ARG B 70 -19.79 42.18 26.27
CA ARG B 70 -19.58 43.60 25.92
C ARG B 70 -20.83 44.11 25.25
N LYS B 71 -21.49 45.09 25.87
CA LYS B 71 -22.79 45.61 25.39
C LYS B 71 -22.63 46.43 24.12
N ASP B 72 -21.48 47.06 23.92
CA ASP B 72 -21.26 47.84 22.72
C ASP B 72 -21.06 46.88 21.55
N VAL B 73 -20.30 45.81 21.81
CA VAL B 73 -20.16 44.74 20.80
C VAL B 73 -21.53 44.11 20.49
N LEU B 74 -22.31 43.79 21.52
CA LEU B 74 -23.64 43.22 21.29
C LEU B 74 -24.47 44.07 20.32
N GLU B 75 -24.43 45.40 20.51
CA GLU B 75 -25.22 46.29 19.65
C GLU B 75 -24.76 46.21 18.20
N ALA B 76 -23.45 46.23 17.99
CA ALA B 76 -22.90 46.16 16.68
C ALA B 76 -23.22 44.79 16.06
N VAL B 77 -23.08 43.71 16.83
CA VAL B 77 -23.44 42.38 16.28
C VAL B 77 -24.93 42.26 15.93
N LYS B 78 -25.83 42.77 16.78
CA LYS B 78 -27.23 42.65 16.43
C LYS B 78 -27.55 43.46 15.19
N ARG B 79 -26.79 44.52 14.91
CA ARG B 79 -27.10 45.38 13.76
C ARG B 79 -26.94 44.59 12.46
N ILE B 80 -26.07 43.55 12.48
CA ILE B 80 -25.82 42.74 11.27
C ILE B 80 -26.56 41.40 11.26
N LYS B 81 -27.56 41.25 12.13
CA LYS B 81 -28.52 40.12 12.00
C LYS B 81 -27.86 38.77 11.67
N VAL B 82 -26.89 38.39 12.48
CA VAL B 82 -26.17 37.13 12.28
C VAL B 82 -27.13 35.93 12.16
N PRO B 83 -27.15 35.24 11.00
CA PRO B 83 -28.05 34.09 10.94
C PRO B 83 -27.48 32.83 11.64
N ASN B 84 -26.16 32.66 11.63
CA ASN B 84 -25.54 31.56 12.36
C ASN B 84 -24.16 31.96 12.76
N LEU B 85 -23.67 31.40 13.87
CA LEU B 85 -22.37 31.76 14.42
C LEU B 85 -21.58 30.49 14.72
N ARG B 86 -20.39 30.40 14.10
CA ARG B 86 -19.52 29.24 14.23
C ARG B 86 -18.58 29.44 15.42
N TRP B 87 -18.29 28.38 16.16
CA TRP B 87 -17.51 28.44 17.40
C TRP B 87 -17.13 26.95 17.73
N PRO B 88 -16.02 26.69 18.42
CA PRO B 88 -14.98 27.55 18.97
C PRO B 88 -13.74 27.72 18.10
N GLY B 89 -13.75 27.14 16.87
CA GLY B 89 -12.59 27.18 16.01
C GLY B 89 -12.98 26.47 14.71
N GLY B 90 -12.06 26.40 13.72
CA GLY B 90 -10.73 26.99 13.81
C GLY B 90 -9.71 26.07 14.46
N ASN B 91 -8.43 26.38 14.31
CA ASN B 91 -7.37 25.60 14.87
C ASN B 91 -7.54 25.26 16.36
N PHE B 92 -8.09 26.19 17.12
CA PHE B 92 -8.35 25.97 18.52
C PHE B 92 -9.17 24.71 18.80
N VAL B 93 -10.21 24.47 18.03
CA VAL B 93 -11.09 23.34 18.42
C VAL B 93 -10.37 21.96 18.38
N SER B 94 -9.30 21.83 17.60
CA SER B 94 -8.62 20.55 17.42
C SER B 94 -7.77 20.09 18.66
N ASN B 95 -7.64 20.96 19.67
CA ASN B 95 -7.14 20.56 20.99
C ASN B 95 -8.04 21.05 22.14
N TYR B 96 -9.34 21.12 21.88
CA TYR B 96 -10.33 21.60 22.83
C TYR B 96 -11.23 20.51 23.33
N HIS B 97 -11.28 20.35 24.64
CA HIS B 97 -12.21 19.41 25.27
C HIS B 97 -13.41 20.14 25.89
N TRP B 98 -14.57 19.98 25.26
CA TRP B 98 -15.71 20.80 25.58
C TRP B 98 -16.16 20.73 27.08
N GLU B 99 -15.96 19.57 27.72
CA GLU B 99 -16.31 19.41 29.12
C GLU B 99 -15.49 20.29 30.07
N ASP B 100 -14.32 20.72 29.61
CA ASP B 100 -13.55 21.73 30.34
C ASP B 100 -14.29 23.07 30.44
N GLY B 101 -15.32 23.27 29.63
CA GLY B 101 -15.99 24.59 29.52
C GLY B 101 -17.43 24.60 30.03
N ILE B 102 -17.82 23.60 30.83
CA ILE B 102 -19.16 23.58 31.38
C ILE B 102 -19.15 23.48 32.89
N GLY B 103 -20.28 23.73 33.54
CA GLY B 103 -20.35 23.72 35.01
C GLY B 103 -19.89 25.04 35.60
N PRO B 104 -19.92 25.19 36.97
CA PRO B 104 -19.52 26.41 37.69
C PRO B 104 -18.18 26.89 37.21
N LYS B 105 -18.11 28.17 36.79
CA LYS B 105 -16.95 28.70 36.14
C LYS B 105 -15.72 28.61 36.99
N ASP B 106 -15.90 28.82 38.31
CA ASP B 106 -14.75 28.86 39.21
C ASP B 106 -14.06 27.51 39.32
N GLN B 107 -14.72 26.45 38.87
CA GLN B 107 -14.11 25.14 38.91
C GLN B 107 -13.61 24.59 37.58
N ARG B 108 -13.71 25.40 36.54
CA ARG B 108 -13.27 25.00 35.22
C ARG B 108 -11.73 25.10 35.16
N PRO B 109 -11.07 24.07 34.56
CA PRO B 109 -9.60 24.06 34.54
C PRO B 109 -9.06 25.05 33.53
N VAL B 110 -7.92 25.66 33.85
CA VAL B 110 -7.11 26.39 32.91
C VAL B 110 -6.30 25.41 32.06
N ARG B 111 -6.38 25.56 30.73
CA ARG B 111 -5.70 24.69 29.78
C ARG B 111 -4.74 25.52 28.97
N PHE B 112 -3.69 24.88 28.47
CA PHE B 112 -2.82 25.53 27.51
C PHE B 112 -3.33 25.19 26.10
N ASP B 113 -3.75 26.22 25.36
CA ASP B 113 -4.16 26.01 24.00
C ASP B 113 -2.91 25.92 23.12
N LEU B 114 -2.72 24.79 22.49
CA LEU B 114 -1.59 24.60 21.57
C LEU B 114 -1.69 25.42 20.28
N ALA B 115 -2.89 25.69 19.80
CA ALA B 115 -3.06 26.33 18.49
C ALA B 115 -2.56 27.79 18.56
N TRP B 116 -2.95 28.52 19.60
CA TRP B 116 -2.54 29.95 19.70
C TRP B 116 -1.64 30.28 20.88
N GLN B 117 -1.20 29.23 21.57
CA GLN B 117 -0.24 29.31 22.67
C GLN B 117 -0.71 30.22 23.78
N GLN B 118 -1.92 29.99 24.25
CA GLN B 118 -2.47 30.83 25.32
C GLN B 118 -3.03 29.95 26.41
N GLU B 119 -3.01 30.48 27.64
CA GLU B 119 -3.80 29.90 28.71
C GLU B 119 -5.27 30.18 28.43
N GLU B 120 -6.09 29.14 28.54
CA GLU B 120 -7.49 29.27 28.25
C GLU B 120 -8.18 28.95 29.55
N THR B 121 -8.93 29.91 30.09
CA THR B 121 -9.56 29.74 31.43
C THR B 121 -10.88 29.01 31.32
N ASN B 122 -11.42 28.90 30.10
CA ASN B 122 -12.66 28.18 29.86
C ASN B 122 -13.85 28.83 30.51
N ARG B 123 -13.68 30.10 30.92
CA ARG B 123 -14.80 30.83 31.55
C ARG B 123 -15.85 31.18 30.49
N PHE B 124 -15.46 31.16 29.21
CA PHE B 124 -16.45 31.15 28.16
C PHE B 124 -16.52 29.72 27.51
N GLY B 125 -17.66 29.05 27.65
CA GLY B 125 -17.82 27.62 27.33
C GLY B 125 -19.14 27.48 26.63
N THR B 126 -19.64 26.24 26.56
CA THR B 126 -20.77 25.97 25.71
C THR B 126 -22.04 26.76 26.11
N ASP B 127 -22.32 26.78 27.42
CA ASP B 127 -23.54 27.42 27.89
C ASP B 127 -23.48 28.93 27.62
N GLU B 128 -22.32 29.55 27.73
CA GLU B 128 -22.21 31.00 27.46
C GLU B 128 -22.32 31.29 25.97
N PHE B 129 -21.72 30.42 25.16
CA PHE B 129 -21.87 30.52 23.72
C PHE B 129 -23.34 30.44 23.28
N ILE B 130 -24.05 29.41 23.73
CA ILE B 130 -25.46 29.32 23.36
C ILE B 130 -26.22 30.57 23.80
N GLU B 131 -25.91 31.07 24.99
CA GLU B 131 -26.59 32.23 25.52
C GLU B 131 -26.26 33.45 24.66
N TYR B 132 -25.01 33.57 24.22
CA TYR B 132 -24.64 34.60 23.28
C TYR B 132 -25.42 34.48 21.96
N CYS B 133 -25.54 33.25 21.45
CA CYS B 133 -26.32 33.01 20.24
C CYS B 133 -27.76 33.45 20.40
N ARG B 134 -28.35 33.10 21.53
CA ARG B 134 -29.76 33.43 21.75
C ARG B 134 -29.88 34.96 21.88
N GLU B 135 -28.89 35.61 22.46
CA GLU B 135 -28.95 37.06 22.63
C GLU B 135 -28.99 37.76 21.26
N ILE B 136 -28.07 37.39 20.36
CA ILE B 136 -27.99 37.98 19.02
C ILE B 136 -28.97 37.38 17.99
N GLY B 137 -29.66 36.29 18.32
CA GLY B 137 -30.63 35.68 17.40
C GLY B 137 -30.05 34.73 16.35
N ALA B 138 -28.79 34.31 16.51
CA ALA B 138 -28.06 33.41 15.59
C ALA B 138 -28.27 31.91 15.94
N GLU B 139 -28.32 31.08 14.90
CA GLU B 139 -28.21 29.60 15.08
C GLU B 139 -26.78 29.25 15.50
N PRO B 140 -26.60 28.54 16.61
CA PRO B 140 -25.24 28.05 16.90
C PRO B 140 -24.75 27.09 15.82
N TYR B 141 -23.48 27.21 15.48
CA TYR B 141 -22.83 26.26 14.60
C TYR B 141 -21.57 25.76 15.33
N ILE B 142 -21.59 24.49 15.77
CA ILE B 142 -20.46 24.04 16.60
C ILE B 142 -19.54 23.12 15.80
N SER B 143 -18.26 23.45 15.82
CA SER B 143 -17.21 22.61 15.28
C SER B 143 -16.73 21.61 16.35
N ILE B 144 -16.57 20.34 16.01
CA ILE B 144 -16.05 19.38 17.00
C ILE B 144 -14.52 19.17 16.91
N ASN B 145 -13.96 18.52 17.93
CA ASN B 145 -12.54 18.27 18.00
C ASN B 145 -12.26 16.87 17.44
N MET B 146 -11.64 16.81 16.28
CA MET B 146 -11.16 15.56 15.77
C MET B 146 -9.63 15.39 15.91
N GLY B 147 -8.96 16.38 16.51
CA GLY B 147 -7.52 16.31 16.74
C GLY B 147 -7.16 15.45 17.94
N THR B 148 -7.50 15.90 19.15
CA THR B 148 -7.34 15.13 20.34
C THR B 148 -8.66 14.57 20.86
N GLY B 149 -9.77 14.86 20.19
CA GLY B 149 -11.07 14.38 20.66
C GLY B 149 -11.40 12.98 20.16
N THR B 150 -12.53 12.46 20.62
CA THR B 150 -12.97 11.11 20.21
C THR B 150 -14.45 11.15 19.76
N LEU B 151 -14.93 10.02 19.24
CA LEU B 151 -16.30 9.90 18.80
C LEU B 151 -17.23 10.07 20.00
N ASP B 152 -16.94 9.35 21.08
CA ASP B 152 -17.79 9.44 22.25
C ASP B 152 -17.90 10.92 22.70
N GLU B 153 -16.76 11.60 22.77
CA GLU B 153 -16.72 12.98 23.24
C GLU B 153 -17.61 13.89 22.36
N ALA B 154 -17.61 13.67 21.03
CA ALA B 154 -18.45 14.43 20.09
C ALA B 154 -19.92 14.13 20.36
N LEU B 155 -20.22 12.88 20.61
CA LEU B 155 -21.58 12.42 20.82
C LEU B 155 -22.10 12.99 22.12
N HIS B 156 -21.20 13.12 23.09
CA HIS B 156 -21.58 13.64 24.39
C HIS B 156 -21.88 15.14 24.25
N TRP B 157 -21.09 15.83 23.44
CA TRP B 157 -21.35 17.27 23.15
C TRP B 157 -22.73 17.45 22.54
N LEU B 158 -23.01 16.61 21.55
CA LEU B 158 -24.29 16.63 20.86
C LEU B 158 -25.45 16.27 21.78
N GLU B 159 -25.27 15.24 22.62
CA GLU B 159 -26.26 14.86 23.57
C GLU B 159 -26.51 15.98 24.63
N TYR B 160 -25.45 16.56 25.18
CA TYR B 160 -25.55 17.73 26.05
C TYR B 160 -26.38 18.83 25.38
N CYS B 161 -26.12 19.08 24.12
CA CYS B 161 -26.77 20.26 23.44
C CYS B 161 -28.19 19.97 23.03
N ASN B 162 -28.43 18.75 22.58
CA ASN B 162 -29.61 18.47 21.79
C ASN B 162 -30.48 17.38 22.39
N GLY B 163 -29.99 16.64 23.40
CA GLY B 163 -30.80 15.51 23.90
C GLY B 163 -32.05 15.98 24.66
N LYS B 164 -33.16 15.32 24.40
CA LYS B 164 -34.37 15.65 25.13
C LYS B 164 -34.86 14.53 26.00
N GLY B 165 -34.02 13.50 26.20
CA GLY B 165 -34.39 12.35 26.98
C GLY B 165 -33.69 12.35 28.32
N ASN B 166 -33.38 11.15 28.83
CA ASN B 166 -32.73 11.05 30.13
C ASN B 166 -31.29 10.62 30.13
N THR B 167 -30.64 10.75 28.99
CA THR B 167 -29.20 10.42 28.93
C THR B 167 -28.41 11.33 29.84
N TYR B 168 -27.33 10.79 30.39
CA TYR B 168 -26.47 11.51 31.30
C TYR B 168 -26.16 12.97 30.87
N TYR B 169 -25.81 13.16 29.60
CA TYR B 169 -25.38 14.51 29.19
C TYR B 169 -26.53 15.46 28.97
N ALA B 170 -27.72 14.94 28.66
CA ALA B 170 -28.92 15.76 28.57
C ALA B 170 -29.29 16.23 29.98
N GLN B 171 -29.23 15.30 30.93
CA GLN B 171 -29.53 15.62 32.30
C GLN B 171 -28.52 16.63 32.83
N LEU B 172 -27.27 16.52 32.34
CA LEU B 172 -26.23 17.38 32.81
C LEU B 172 -26.52 18.81 32.37
N ARG B 173 -27.01 19.02 31.14
CA ARG B 173 -27.36 20.37 30.64
C ARG B 173 -28.47 20.93 31.58
N ARG B 174 -29.45 20.09 31.93
CA ARG B 174 -30.54 20.52 32.83
C ARG B 174 -29.99 20.90 34.21
N LYS B 175 -29.06 20.08 34.72
CA LYS B 175 -28.47 20.30 36.01
C LYS B 175 -27.75 21.65 36.05
N TYR B 176 -27.14 22.02 34.94
CA TYR B 176 -26.39 23.27 34.91
C TYR B 176 -27.31 24.45 34.57
N GLY B 177 -28.61 24.23 34.44
CA GLY B 177 -29.52 25.37 34.33
C GLY B 177 -30.42 25.44 33.11
N HIS B 178 -30.36 24.47 32.20
CA HIS B 178 -31.10 24.62 30.95
C HIS B 178 -31.87 23.37 30.62
N PRO B 179 -33.11 23.28 31.12
CA PRO B 179 -33.88 22.09 30.92
C PRO B 179 -34.19 21.86 29.43
N GLU B 180 -34.42 22.92 28.63
CA GLU B 180 -34.78 22.73 27.22
C GLU B 180 -33.52 22.46 26.41
N PRO B 181 -33.59 21.54 25.42
CA PRO B 181 -32.44 21.33 24.51
C PRO B 181 -32.09 22.62 23.75
N TYR B 182 -30.82 22.77 23.38
CA TYR B 182 -30.36 23.93 22.64
C TYR B 182 -30.71 23.79 21.14
N ASN B 183 -30.86 22.55 20.69
CA ASN B 183 -31.12 22.27 19.27
C ASN B 183 -30.12 22.95 18.31
N VAL B 184 -28.83 22.62 18.50
CA VAL B 184 -27.76 23.04 17.60
C VAL B 184 -27.91 22.27 16.27
N LYS B 185 -28.09 23.02 15.18
CA LYS B 185 -28.42 22.44 13.87
C LYS B 185 -27.22 22.12 12.99
N PHE B 186 -26.15 22.90 13.18
CA PHE B 186 -24.96 22.82 12.33
C PHE B 186 -23.80 22.28 13.18
N TRP B 187 -23.22 21.17 12.70
CA TRP B 187 -22.03 20.59 13.33
C TRP B 187 -20.85 20.46 12.35
N GLY B 188 -19.72 21.06 12.69
CA GLY B 188 -18.53 20.91 11.89
C GLY B 188 -17.73 19.67 12.30
N ILE B 189 -17.60 18.73 11.36
CA ILE B 189 -16.90 17.48 11.62
C ILE B 189 -15.39 17.77 11.43
N GLY B 190 -14.76 18.35 12.43
CA GLY B 190 -13.35 18.60 12.35
C GLY B 190 -13.08 19.99 11.76
N ASN B 191 -11.87 20.48 11.99
CA ASN B 191 -11.40 21.73 11.36
C ASN B 191 -10.04 21.55 10.67
N GLU B 192 -9.94 21.91 9.39
CA GLU B 192 -8.68 21.86 8.63
C GLU B 192 -7.82 20.61 8.94
N MET B 193 -8.44 19.42 8.92
CA MET B 193 -7.72 18.22 9.44
C MET B 193 -6.58 17.79 8.51
N TYR B 194 -6.56 18.32 7.28
CA TYR B 194 -5.47 18.07 6.36
C TYR B 194 -4.18 18.81 6.72
N GLY B 195 -4.28 19.94 7.45
CA GLY B 195 -3.14 20.84 7.64
C GLY B 195 -2.19 20.32 8.69
N GLU B 196 -0.88 20.38 8.38
CA GLU B 196 0.17 20.01 9.29
C GLU B 196 0.17 20.87 10.52
N TRP B 197 -0.36 22.10 10.43
CA TRP B 197 -0.55 22.92 11.62
C TRP B 197 -1.64 22.42 12.59
N GLN B 198 -2.51 21.52 12.16
CA GLN B 198 -3.62 21.10 13.01
C GLN B 198 -3.17 20.02 14.00
N VAL B 199 -3.53 20.17 15.27
CA VAL B 199 -3.27 19.11 16.23
C VAL B 199 -3.96 17.83 15.73
N GLY B 200 -3.22 16.72 15.73
CA GLY B 200 -3.83 15.47 15.25
C GLY B 200 -4.17 15.46 13.76
N HIS B 201 -3.43 16.19 12.92
CA HIS B 201 -3.81 16.23 11.48
C HIS B 201 -3.83 14.80 10.87
N MET B 202 -4.64 14.62 9.81
CA MET B 202 -4.91 13.28 9.25
C MET B 202 -4.58 13.23 7.77
N THR B 203 -4.30 12.03 7.25
CA THR B 203 -4.26 11.86 5.78
C THR B 203 -5.71 11.88 5.26
N ALA B 204 -5.87 11.91 3.94
CA ALA B 204 -7.18 11.99 3.30
C ALA B 204 -8.00 10.78 3.65
N ASP B 205 -7.39 9.59 3.54
CA ASP B 205 -8.07 8.33 3.83
C ASP B 205 -8.49 8.22 5.29
N GLU B 206 -7.65 8.69 6.21
CA GLU B 206 -8.02 8.68 7.64
C GLU B 206 -9.19 9.62 7.94
N TYR B 207 -9.09 10.86 7.44
CA TYR B 207 -10.13 11.87 7.66
C TYR B 207 -11.39 11.44 6.99
N ALA B 208 -11.31 10.98 5.74
CA ALA B 208 -12.53 10.51 5.06
C ALA B 208 -13.31 9.43 5.86
N ARG B 209 -12.58 8.39 6.30
CA ARG B 209 -13.19 7.36 7.11
C ARG B 209 -13.73 7.93 8.41
N ALA B 210 -12.92 8.76 9.10
CA ALA B 210 -13.38 9.33 10.39
C ALA B 210 -14.61 10.23 10.21
N ALA B 211 -14.66 11.00 9.13
CA ALA B 211 -15.81 11.90 8.91
C ALA B 211 -17.06 11.09 8.75
N LYS B 212 -16.94 9.99 8.00
CA LYS B 212 -18.09 9.11 7.82
C LYS B 212 -18.51 8.56 9.18
N GLU B 213 -17.54 8.12 9.97
CA GLU B 213 -17.84 7.49 11.27
C GLU B 213 -18.52 8.52 12.24
N TYR B 214 -17.86 9.62 12.51
CA TYR B 214 -18.49 10.66 13.35
C TYR B 214 -19.83 11.09 12.79
N THR B 215 -19.97 11.26 11.48
CA THR B 215 -21.22 11.82 10.99
C THR B 215 -22.36 10.84 11.10
N LYS B 216 -22.09 9.61 10.69
CA LYS B 216 -23.16 8.65 10.80
C LYS B 216 -23.64 8.40 12.23
N TRP B 217 -22.77 8.33 13.21
CA TRP B 217 -23.28 8.01 14.56
C TRP B 217 -23.91 9.24 15.20
N MET B 218 -23.34 10.41 14.94
CA MET B 218 -24.02 11.64 15.41
C MET B 218 -25.45 11.70 14.86
N LYS B 219 -25.63 11.35 13.60
CA LYS B 219 -26.98 11.38 13.01
C LYS B 219 -27.89 10.24 13.48
N VAL B 220 -27.32 9.15 13.99
CA VAL B 220 -28.17 8.12 14.61
C VAL B 220 -28.79 8.67 15.90
N PHE B 221 -27.99 9.38 16.68
CA PHE B 221 -28.52 10.02 17.86
C PHE B 221 -29.47 11.22 17.51
N ASP B 222 -29.07 12.09 16.60
CA ASP B 222 -30.01 13.17 16.18
C ASP B 222 -30.05 13.29 14.65
N PRO B 223 -31.09 12.73 14.01
CA PRO B 223 -31.01 12.74 12.55
C PRO B 223 -31.34 14.12 11.91
N THR B 224 -31.60 15.13 12.73
CA THR B 224 -32.01 16.41 12.16
C THR B 224 -30.82 17.33 11.97
N ILE B 225 -29.63 16.96 12.45
CA ILE B 225 -28.49 17.87 12.31
C ILE B 225 -27.93 17.91 10.87
N LYS B 226 -27.26 19.01 10.54
CA LYS B 226 -26.52 19.15 9.28
C LYS B 226 -25.03 19.07 9.63
N ALA B 227 -24.28 18.30 8.84
CA ALA B 227 -22.90 17.98 9.12
C ALA B 227 -22.01 18.56 8.04
N ILE B 228 -21.01 19.34 8.42
CA ILE B 228 -20.09 19.93 7.49
C ILE B 228 -18.73 19.22 7.61
N ALA B 229 -18.29 18.58 6.53
CA ALA B 229 -17.01 17.85 6.51
C ALA B 229 -15.92 18.74 5.93
N VAL B 230 -14.67 18.52 6.32
CA VAL B 230 -13.56 19.34 5.88
C VAL B 230 -13.21 19.18 4.40
N GLY B 231 -13.23 20.28 3.63
CA GLY B 231 -12.68 20.28 2.29
C GLY B 231 -11.43 21.14 2.23
N CYS B 232 -10.70 21.11 1.14
CA CYS B 232 -9.60 22.07 0.96
C CYS B 232 -9.32 22.24 -0.54
N ASP B 233 -8.08 22.58 -0.91
CA ASP B 233 -7.74 22.72 -2.32
C ASP B 233 -7.10 21.50 -2.93
N ASP B 234 -6.84 20.46 -2.13
CA ASP B 234 -6.29 19.24 -2.70
C ASP B 234 -7.52 18.49 -3.21
N PRO B 235 -7.63 18.31 -4.55
CA PRO B 235 -8.81 17.62 -5.09
C PRO B 235 -8.88 16.11 -4.69
N ILE B 236 -7.77 15.46 -4.43
CA ILE B 236 -7.83 14.01 -3.99
C ILE B 236 -8.41 13.97 -2.56
N TRP B 237 -7.99 14.88 -1.68
CA TRP B 237 -8.61 14.99 -0.38
C TRP B 237 -10.12 15.15 -0.51
N ASN B 238 -10.57 16.17 -1.25
CA ASN B 238 -12.01 16.40 -1.39
C ASN B 238 -12.74 15.16 -1.88
N LEU B 239 -12.18 14.50 -2.87
CA LEU B 239 -12.85 13.37 -3.45
C LEU B 239 -12.89 12.16 -2.49
N ARG B 240 -11.84 11.92 -1.72
CA ARG B 240 -11.91 10.82 -0.73
C ARG B 240 -13.02 11.10 0.32
N VAL B 241 -13.11 12.34 0.82
CA VAL B 241 -14.15 12.70 1.78
C VAL B 241 -15.52 12.45 1.14
N LEU B 242 -15.69 12.93 -0.08
CA LEU B 242 -17.01 12.80 -0.77
C LEU B 242 -17.34 11.34 -1.04
N GLN B 243 -16.34 10.54 -1.43
CA GLN B 243 -16.57 9.11 -1.74
C GLN B 243 -16.92 8.29 -0.51
N GLU B 244 -16.24 8.60 0.59
CA GLU B 244 -16.40 7.86 1.83
C GLU B 244 -17.66 8.32 2.60
N ALA B 245 -17.95 9.61 2.60
CA ALA B 245 -18.93 10.13 3.55
C ALA B 245 -20.05 10.91 2.86
N GLY B 246 -20.03 10.90 1.52
CA GLY B 246 -20.97 11.68 0.69
C GLY B 246 -22.41 11.21 0.81
N ASP B 247 -22.62 10.03 1.43
CA ASP B 247 -23.97 9.53 1.72
C ASP B 247 -24.53 10.08 3.04
N VAL B 248 -23.68 10.66 3.90
CA VAL B 248 -24.18 11.17 5.19
C VAL B 248 -23.94 12.66 5.42
N ILE B 249 -22.90 13.23 4.84
CA ILE B 249 -22.60 14.65 5.13
C ILE B 249 -23.59 15.57 4.36
N ASP B 250 -23.65 16.84 4.74
CA ASP B 250 -24.56 17.78 4.09
C ASP B 250 -23.78 18.87 3.35
N PHE B 251 -22.57 19.17 3.82
CA PHE B 251 -21.70 20.13 3.15
C PHE B 251 -20.27 19.65 3.21
N ILE B 252 -19.46 20.10 2.26
CA ILE B 252 -18.02 20.02 2.35
C ILE B 252 -17.56 21.47 2.48
N SER B 253 -16.65 21.71 3.41
CA SER B 253 -16.28 23.09 3.72
C SER B 253 -15.12 23.60 2.88
N TYR B 254 -15.10 24.90 2.65
CA TYR B 254 -14.03 25.50 1.92
C TYR B 254 -13.66 26.77 2.67
N HIS B 255 -12.36 27.02 2.82
CA HIS B 255 -11.84 28.21 3.50
C HIS B 255 -11.06 29.03 2.48
N PHE B 256 -11.22 30.35 2.52
CA PHE B 256 -10.61 31.21 1.48
C PHE B 256 -10.12 32.51 2.10
N TYR B 257 -8.80 32.67 2.18
CA TYR B 257 -8.21 33.88 2.67
C TYR B 257 -7.33 34.47 1.57
N THR B 258 -7.30 35.80 1.50
CA THR B 258 -6.77 36.48 0.35
C THR B 258 -6.27 37.90 0.70
N GLY B 259 -5.84 38.62 -0.33
CA GLY B 259 -5.33 39.97 -0.16
C GLY B 259 -3.85 40.23 -0.43
N SER B 260 -3.57 41.45 -0.89
CA SER B 260 -2.20 41.99 -0.93
C SER B 260 -2.32 43.49 -0.85
N ASP B 261 -1.20 44.21 -0.88
CA ASP B 261 -1.33 45.68 -0.75
C ASP B 261 -1.93 46.31 -1.96
N ASP B 262 -1.86 45.62 -3.09
CA ASP B 262 -2.50 46.14 -4.30
C ASP B 262 -4.03 46.05 -4.30
N TYR B 263 -4.65 47.20 -4.60
CA TYR B 263 -6.09 47.26 -4.69
C TYR B 263 -6.69 46.18 -5.60
N TYR B 264 -6.31 46.14 -6.88
CA TYR B 264 -7.01 45.24 -7.81
C TYR B 264 -6.70 43.76 -7.51
N GLU B 265 -5.52 43.53 -6.95
CA GLU B 265 -5.05 42.20 -6.63
C GLU B 265 -5.89 41.64 -5.49
N THR B 266 -6.36 42.53 -4.62
CA THR B 266 -7.30 42.19 -3.57
C THR B 266 -8.69 41.92 -4.11
N VAL B 267 -9.36 42.97 -4.64
CA VAL B 267 -10.75 42.82 -5.00
C VAL B 267 -10.94 41.83 -6.12
N SER B 268 -9.94 41.63 -6.97
CA SER B 268 -10.16 40.67 -8.06
C SER B 268 -10.31 39.23 -7.56
N THR B 269 -9.83 38.94 -6.35
CA THR B 269 -9.87 37.54 -5.88
C THR B 269 -11.30 37.08 -5.53
N VAL B 270 -12.27 37.99 -5.65
CA VAL B 270 -13.68 37.57 -5.56
C VAL B 270 -13.91 36.52 -6.65
N TYR B 271 -13.26 36.70 -7.80
CA TYR B 271 -13.54 35.88 -9.00
C TYR B 271 -12.63 34.69 -9.04
N LEU B 272 -11.53 34.78 -8.33
CA LEU B 272 -10.71 33.60 -8.04
C LEU B 272 -11.56 32.70 -7.11
N LEU B 273 -12.08 33.24 -5.99
CA LEU B 273 -13.04 32.47 -5.14
C LEU B 273 -14.12 31.76 -5.97
N LYS B 274 -14.75 32.51 -6.87
CA LYS B 274 -15.82 31.96 -7.65
C LYS B 274 -15.40 30.69 -8.35
N GLU B 275 -14.23 30.74 -8.98
CA GLU B 275 -13.77 29.60 -9.74
C GLU B 275 -13.40 28.43 -8.83
N ARG B 276 -12.81 28.72 -7.67
CA ARG B 276 -12.52 27.70 -6.64
C ARG B 276 -13.80 26.98 -6.26
N LEU B 277 -14.85 27.73 -5.98
CA LEU B 277 -16.14 27.16 -5.59
C LEU B 277 -16.77 26.32 -6.67
N ILE B 278 -16.66 26.80 -7.92
CA ILE B 278 -17.18 26.01 -9.04
C ILE B 278 -16.42 24.67 -9.09
N GLY B 279 -15.12 24.71 -8.86
CA GLY B 279 -14.34 23.46 -8.94
C GLY B 279 -14.81 22.47 -7.88
N VAL B 280 -15.05 22.94 -6.66
CA VAL B 280 -15.48 22.03 -5.59
C VAL B 280 -16.87 21.49 -5.93
N LYS B 281 -17.74 22.39 -6.40
CA LYS B 281 -19.04 21.95 -6.91
C LYS B 281 -18.91 20.81 -7.94
N LYS B 282 -18.01 20.97 -8.90
CA LYS B 282 -17.81 19.90 -9.87
C LYS B 282 -17.28 18.58 -9.21
N LEU B 283 -16.45 18.65 -8.18
CA LEU B 283 -16.05 17.42 -7.48
C LEU B 283 -17.27 16.73 -6.93
N ILE B 284 -18.19 17.52 -6.35
CA ILE B 284 -19.42 16.94 -5.84
C ILE B 284 -20.15 16.20 -6.94
N ASP B 285 -20.31 16.88 -8.09
CA ASP B 285 -21.00 16.27 -9.21
C ASP B 285 -20.35 14.96 -9.63
N MET B 286 -19.05 14.80 -9.39
CA MET B 286 -18.40 13.58 -9.87
C MET B 286 -18.47 12.42 -8.90
N VAL B 287 -19.21 12.56 -7.79
CA VAL B 287 -19.32 11.47 -6.83
C VAL B 287 -20.79 11.16 -6.72
N ASP B 288 -21.21 10.03 -7.26
CA ASP B 288 -22.63 9.72 -7.44
C ASP B 288 -23.47 9.95 -6.18
N THR B 289 -23.07 9.40 -5.03
CA THR B 289 -23.90 9.53 -3.83
C THR B 289 -23.99 10.99 -3.36
N ALA B 290 -22.88 11.69 -3.36
CA ALA B 290 -22.90 13.07 -2.92
C ALA B 290 -23.73 13.93 -3.89
N ARG B 291 -23.60 13.68 -5.18
CA ARG B 291 -24.36 14.48 -6.16
C ARG B 291 -25.85 14.22 -5.94
N LYS B 292 -26.23 12.94 -5.84
CA LYS B 292 -27.66 12.58 -5.74
C LYS B 292 -28.31 13.10 -4.46
N ARG B 293 -27.51 13.15 -3.41
CA ARG B 293 -27.97 13.57 -2.09
C ARG B 293 -27.99 15.14 -1.98
N GLY B 294 -27.36 15.84 -2.92
CA GLY B 294 -27.37 17.31 -2.87
C GLY B 294 -26.41 17.89 -1.84
N VAL B 295 -25.23 17.27 -1.66
CA VAL B 295 -24.20 17.82 -0.79
C VAL B 295 -23.80 19.19 -1.33
N LYS B 296 -23.65 20.18 -0.46
CA LYS B 296 -23.32 21.53 -0.95
C LYS B 296 -22.02 21.98 -0.34
N ILE B 297 -21.71 23.26 -0.53
CA ILE B 297 -20.47 23.86 0.01
C ILE B 297 -20.77 24.82 1.16
N ALA B 298 -20.01 24.69 2.25
CA ALA B 298 -19.99 25.69 3.31
C ALA B 298 -18.69 26.44 3.21
N LEU B 299 -18.74 27.74 2.88
CA LEU B 299 -17.56 28.59 2.88
C LEU B 299 -17.40 29.08 4.31
N ASP B 300 -17.00 28.16 5.20
CA ASP B 300 -17.09 28.49 6.62
C ASP B 300 -15.97 29.29 7.28
N GLU B 301 -14.96 29.63 6.50
CA GLU B 301 -14.04 30.67 6.88
C GLU B 301 -13.66 31.44 5.62
N TRP B 302 -13.77 32.76 5.68
CA TRP B 302 -13.30 33.58 4.53
C TRP B 302 -13.04 35.00 5.00
N ASN B 303 -11.97 35.58 4.48
CA ASN B 303 -11.73 37.03 4.70
C ASN B 303 -10.47 37.42 3.96
N VAL B 304 -10.15 38.71 3.96
CA VAL B 304 -8.79 39.14 3.70
C VAL B 304 -7.86 38.79 4.89
N TRP B 305 -6.65 38.36 4.60
CA TRP B 305 -5.72 38.04 5.66
C TRP B 305 -4.35 37.96 4.98
N TYR B 306 -3.52 39.01 5.12
CA TYR B 306 -2.18 38.98 4.49
C TYR B 306 -1.13 39.74 5.25
N ARG B 307 -1.55 40.67 6.10
CA ARG B 307 -0.60 41.54 6.78
C ARG B 307 -0.09 40.99 8.10
N VAL B 308 -0.95 40.38 8.90
CA VAL B 308 -0.53 39.98 10.25
C VAL B 308 -0.29 38.46 10.33
N SER B 309 0.76 38.06 11.01
CA SER B 309 1.04 36.64 11.15
C SER B 309 1.52 36.32 12.55
N ASP B 310 0.68 36.50 13.55
CA ASP B 310 1.08 36.27 14.94
C ASP B 310 -0.02 35.43 15.61
N ASN B 311 -0.19 35.52 16.92
CA ASN B 311 -1.26 34.75 17.61
C ASN B 311 -2.43 35.63 18.01
N LYS B 312 -2.53 36.83 17.43
CA LYS B 312 -3.67 37.73 17.73
C LYS B 312 -4.46 38.09 16.46
N LEU B 313 -3.75 38.22 15.33
CA LEU B 313 -4.37 38.35 14.00
C LEU B 313 -5.23 39.61 13.82
N GLU B 314 -4.79 40.68 14.45
CA GLU B 314 -5.55 41.93 14.43
C GLU B 314 -5.31 42.69 13.13
N GLU B 315 -5.85 42.14 12.04
CA GLU B 315 -5.64 42.62 10.67
C GLU B 315 -6.33 43.98 10.47
N PRO B 316 -5.55 45.04 10.12
CA PRO B 316 -6.18 46.40 9.99
C PRO B 316 -6.88 46.56 8.68
N TYR B 317 -8.09 46.03 8.54
CA TYR B 317 -8.82 46.10 7.29
C TYR B 317 -9.04 47.57 6.83
N ASP B 318 -8.94 47.79 5.53
CA ASP B 318 -9.22 49.11 4.96
C ASP B 318 -10.35 48.95 3.97
N LEU B 319 -10.66 50.01 3.21
CA LEU B 319 -11.84 50.01 2.37
C LEU B 319 -11.75 48.97 1.28
N LYS B 320 -10.57 48.86 0.66
CA LYS B 320 -10.25 47.83 -0.32
C LYS B 320 -10.71 46.42 0.14
N ASP B 321 -10.52 46.12 1.41
CA ASP B 321 -10.85 44.79 1.99
C ASP B 321 -12.34 44.77 2.18
N GLY B 322 -12.90 45.93 2.50
CA GLY B 322 -14.38 46.10 2.54
C GLY B 322 -15.06 45.76 1.22
N ILE B 323 -14.45 46.22 0.13
CA ILE B 323 -15.06 46.09 -1.20
C ILE B 323 -14.89 44.61 -1.64
N PHE B 324 -13.74 44.02 -1.32
CA PHE B 324 -13.65 42.57 -1.43
C PHE B 324 -14.85 41.90 -0.74
N ALA B 325 -15.18 42.29 0.50
CA ALA B 325 -16.24 41.58 1.26
C ALA B 325 -17.61 41.81 0.64
N CYS B 326 -17.93 43.07 0.24
CA CYS B 326 -19.19 43.30 -0.49
C CYS B 326 -19.23 42.41 -1.70
N GLY B 327 -18.08 42.31 -2.36
CA GLY B 327 -17.99 41.56 -3.62
C GLY B 327 -18.33 40.06 -3.40
N VAL B 328 -17.84 39.49 -2.30
CA VAL B 328 -18.14 38.10 -1.95
C VAL B 328 -19.60 37.97 -1.59
N LEU B 329 -20.14 38.93 -0.82
CA LEU B 329 -21.56 38.83 -0.50
C LEU B 329 -22.46 38.86 -1.75
N VAL B 330 -22.13 39.71 -2.71
CA VAL B 330 -22.88 39.74 -3.99
C VAL B 330 -22.77 38.41 -4.75
N LEU B 331 -21.55 37.86 -4.78
CA LEU B 331 -21.33 36.52 -5.36
C LEU B 331 -22.18 35.46 -4.67
N LEU B 332 -22.18 35.48 -3.35
CA LEU B 332 -22.91 34.46 -2.58
C LEU B 332 -24.43 34.55 -2.76
N GLN B 333 -24.94 35.77 -2.93
CA GLN B 333 -26.36 35.91 -3.29
C GLN B 333 -26.62 35.24 -4.61
N LYS B 334 -25.66 35.29 -5.51
CA LYS B 334 -25.91 34.67 -6.80
C LYS B 334 -25.64 33.17 -6.81
N MET B 335 -24.86 32.68 -5.84
CA MET B 335 -24.49 31.23 -5.87
C MET B 335 -24.91 30.48 -4.63
N SER B 336 -25.88 31.02 -3.88
CA SER B 336 -26.19 30.43 -2.60
C SER B 336 -26.85 29.02 -2.68
N ASP B 337 -27.32 28.60 -3.85
CA ASP B 337 -27.84 27.25 -3.98
C ASP B 337 -26.70 26.21 -3.95
N ILE B 338 -25.52 26.64 -4.33
CA ILE B 338 -24.32 25.83 -4.32
C ILE B 338 -23.57 25.98 -2.98
N VAL B 339 -23.53 27.22 -2.50
CA VAL B 339 -22.89 27.58 -1.22
C VAL B 339 -23.94 28.23 -0.29
N PRO B 340 -24.70 27.42 0.46
CA PRO B 340 -25.78 27.99 1.25
C PRO B 340 -25.35 28.51 2.58
N LEU B 341 -24.08 28.27 2.93
CA LEU B 341 -23.63 28.62 4.26
C LEU B 341 -22.27 29.25 4.11
N ALA B 342 -22.04 30.38 4.76
CA ALA B 342 -20.72 30.94 4.74
C ALA B 342 -20.56 31.73 6.04
N ASN B 343 -19.32 31.88 6.49
CA ASN B 343 -19.00 32.46 7.77
C ASN B 343 -17.74 33.25 7.54
N LEU B 344 -17.85 34.55 7.75
CA LEU B 344 -16.69 35.42 7.73
C LEU B 344 -15.79 35.11 8.92
N ALA B 345 -14.49 35.01 8.69
CA ALA B 345 -13.54 34.78 9.76
C ALA B 345 -12.73 36.08 9.93
N GLN B 346 -12.90 36.79 11.06
CA GLN B 346 -13.80 36.46 12.16
C GLN B 346 -14.52 37.72 12.67
N LEU B 347 -15.36 37.57 13.71
CA LEU B 347 -16.35 38.55 14.04
C LEU B 347 -15.72 39.73 14.79
N VAL B 348 -14.81 39.42 15.72
CA VAL B 348 -14.23 40.39 16.64
C VAL B 348 -12.72 40.16 16.81
N ASN B 349 -11.93 41.21 16.58
CA ASN B 349 -10.50 41.26 16.86
C ASN B 349 -9.61 40.34 16.06
N ALA B 350 -9.83 39.01 16.16
CA ALA B 350 -9.05 38.10 15.31
C ALA B 350 -9.58 38.25 13.90
N LEU B 351 -8.73 38.56 12.93
CA LEU B 351 -9.17 38.87 11.57
C LEU B 351 -10.50 39.59 11.61
N GLY B 352 -10.62 40.56 12.51
CA GLY B 352 -11.94 40.92 13.01
C GLY B 352 -12.69 42.00 12.23
N ALA B 353 -13.96 41.74 11.98
CA ALA B 353 -14.83 42.72 11.36
C ALA B 353 -14.94 43.93 12.29
N ILE B 354 -15.11 43.62 13.59
CA ILE B 354 -15.15 44.59 14.69
C ILE B 354 -13.82 44.52 15.44
N HIS B 355 -13.25 45.68 15.76
CA HIS B 355 -12.06 45.71 16.60
C HIS B 355 -12.40 46.38 17.93
N THR B 356 -12.04 45.73 19.06
CA THR B 356 -12.32 46.32 20.36
C THR B 356 -11.08 46.81 21.07
N GLU B 357 -11.30 47.76 21.98
CA GLU B 357 -10.28 48.14 22.96
C GLU B 357 -11.01 48.13 24.29
N LYS B 358 -10.29 48.33 25.38
CA LYS B 358 -10.93 48.33 26.69
C LYS B 358 -12.07 49.35 26.79
N ASP B 359 -11.96 50.45 26.05
CA ASP B 359 -12.88 51.57 26.25
C ASP B 359 -13.72 51.85 25.03
N GLY B 360 -13.84 50.89 24.12
CA GLY B 360 -14.60 51.13 22.90
C GLY B 360 -14.32 50.15 21.80
N LEU B 361 -14.82 50.47 20.61
CA LEU B 361 -14.72 49.59 19.46
C LEU B 361 -14.63 50.42 18.19
N ILE B 362 -14.28 49.78 17.08
CA ILE B 362 -14.15 50.35 15.74
C ILE B 362 -14.87 49.37 14.82
N LEU B 363 -15.69 49.91 13.92
CA LEU B 363 -16.36 49.10 12.91
C LEU B 363 -15.51 49.22 11.67
N THR B 364 -14.90 48.11 11.20
CA THR B 364 -13.97 48.19 10.08
C THR B 364 -14.78 48.17 8.78
N PRO B 365 -14.13 48.41 7.68
CA PRO B 365 -14.93 48.45 6.45
C PRO B 365 -15.51 47.06 6.09
N VAL B 366 -14.91 45.97 6.62
CA VAL B 366 -15.42 44.63 6.37
C VAL B 366 -16.73 44.50 7.12
N TYR B 367 -16.79 45.05 8.33
CA TYR B 367 -18.06 45.08 9.02
C TYR B 367 -19.09 45.87 8.25
N LYS B 368 -18.67 47.03 7.69
CA LYS B 368 -19.64 47.86 6.93
C LYS B 368 -20.21 47.08 5.72
N ALA B 369 -19.37 46.30 5.05
CA ALA B 369 -19.89 45.40 4.00
C ALA B 369 -21.16 44.67 4.46
N PHE B 370 -21.09 44.01 5.62
CA PHE B 370 -22.27 43.30 6.12
C PHE B 370 -23.31 44.30 6.62
N GLU B 371 -22.90 45.36 7.31
CA GLU B 371 -23.94 46.30 7.75
C GLU B 371 -24.80 46.72 6.53
N LEU B 372 -24.15 46.95 5.39
CA LEU B 372 -24.92 47.31 4.17
C LEU B 372 -25.77 46.17 3.58
N ILE B 373 -25.15 45.02 3.29
CA ILE B 373 -25.88 44.00 2.49
C ILE B 373 -26.99 43.32 3.30
N VAL B 374 -26.68 43.13 4.57
CA VAL B 374 -27.58 42.37 5.46
C VAL B 374 -28.83 43.18 5.70
N ASN B 375 -28.65 44.50 5.80
CA ASN B 375 -29.82 45.36 6.01
C ASN B 375 -30.57 45.72 4.73
N HIS B 376 -29.97 45.51 3.57
CA HIS B 376 -30.62 45.86 2.30
C HIS B 376 -30.60 44.73 1.27
N SER B 377 -31.30 43.65 1.59
CA SER B 377 -31.29 42.49 0.71
C SER B 377 -32.57 41.74 0.88
N GLY B 378 -32.93 40.97 -0.14
CA GLY B 378 -34.13 40.17 -0.09
C GLY B 378 -33.82 38.69 0.03
N GLU B 379 -34.88 37.91 0.16
CA GLU B 379 -34.79 36.50 0.43
C GLU B 379 -34.84 35.70 -0.85
N LYS B 380 -35.11 36.39 -1.97
CA LYS B 380 -35.23 35.76 -3.30
C LYS B 380 -34.42 36.49 -4.32
N LEU B 381 -33.71 35.72 -5.15
CA LEU B 381 -32.84 36.31 -6.15
C LEU B 381 -33.65 36.41 -7.43
N VAL B 382 -33.62 37.58 -8.06
CA VAL B 382 -34.42 37.73 -9.30
C VAL B 382 -33.50 37.86 -10.48
N LYS B 383 -34.04 37.60 -11.68
CA LYS B 383 -33.26 37.68 -12.93
C LYS B 383 -32.46 38.95 -12.99
N THR B 384 -31.15 38.80 -13.08
CA THR B 384 -30.24 39.93 -13.14
C THR B 384 -29.20 39.64 -14.22
N HIS B 385 -29.16 40.48 -15.24
CA HIS B 385 -28.13 40.36 -16.26
C HIS B 385 -27.28 41.63 -16.20
N VAL B 386 -25.96 41.44 -16.12
CA VAL B 386 -25.02 42.54 -16.04
C VAL B 386 -24.08 42.45 -17.21
N GLU B 387 -23.91 43.59 -17.88
CA GLU B 387 -22.86 43.79 -18.88
C GLU B 387 -21.76 44.65 -18.27
N SER B 388 -20.50 44.31 -18.59
CA SER B 388 -19.38 44.95 -17.95
C SER B 388 -18.12 44.71 -18.73
N GLU B 389 -17.23 45.71 -18.72
CA GLU B 389 -15.83 45.52 -19.13
C GLU B 389 -15.13 44.66 -18.09
N THR B 390 -14.22 43.80 -18.57
CA THR B 390 -13.45 42.91 -17.73
C THR B 390 -11.94 43.13 -17.85
N TYR B 391 -11.20 42.57 -16.90
CA TYR B 391 -9.73 42.63 -16.91
C TYR B 391 -9.10 41.30 -16.49
N ASN B 392 -7.82 41.18 -16.78
CA ASN B 392 -7.01 40.10 -16.34
C ASN B 392 -5.97 40.64 -15.37
N ILE B 393 -5.56 39.78 -14.45
CA ILE B 393 -4.63 40.18 -13.45
C ILE B 393 -3.85 38.94 -13.02
N GLU B 394 -2.54 39.14 -12.80
CA GLU B 394 -1.68 38.21 -12.06
C GLU B 394 -1.25 38.96 -10.81
N GLY B 395 -1.46 38.37 -9.63
CA GLY B 395 -1.15 39.07 -8.39
C GLY B 395 -0.53 38.14 -7.37
N VAL B 396 -0.49 38.61 -6.11
CA VAL B 396 -0.19 37.70 -5.01
C VAL B 396 -1.30 37.79 -3.96
N MET B 397 -1.45 36.72 -3.18
CA MET B 397 -2.52 36.70 -2.17
C MET B 397 -2.03 36.03 -0.85
N PHE B 398 -2.67 36.43 0.26
CA PHE B 398 -2.50 35.76 1.57
C PHE B 398 -1.13 36.08 2.16
N ILE B 399 -0.92 35.67 3.41
CA ILE B 399 0.31 35.94 4.14
C ILE B 399 1.56 35.37 3.47
N ASN B 400 1.47 34.27 2.71
CA ASN B 400 2.69 33.82 2.00
C ASN B 400 2.92 34.45 0.63
N LYS B 401 2.07 35.40 0.24
CA LYS B 401 2.19 36.07 -1.06
C LYS B 401 2.18 35.10 -2.24
N MET B 402 1.34 34.08 -2.15
CA MET B 402 1.22 33.12 -3.22
C MET B 402 0.74 33.79 -4.52
N PRO B 403 1.43 33.52 -5.66
CA PRO B 403 0.90 34.07 -6.92
C PRO B 403 -0.37 33.39 -7.37
N PHE B 404 -1.22 34.21 -7.98
CA PHE B 404 -2.50 33.75 -8.48
C PHE B 404 -2.75 34.48 -9.77
N SER B 405 -3.66 33.96 -10.59
CA SER B 405 -4.19 34.77 -11.69
C SER B 405 -5.66 34.58 -11.91
N VAL B 406 -6.27 35.66 -12.38
CA VAL B 406 -7.69 35.71 -12.63
C VAL B 406 -7.86 36.26 -14.05
N GLU B 407 -8.80 35.65 -14.79
CA GLU B 407 -9.17 36.05 -16.15
C GLU B 407 -10.59 36.57 -16.20
N ASN B 408 -10.73 37.73 -16.87
CA ASN B 408 -12.01 38.36 -17.17
C ASN B 408 -12.83 38.64 -15.94
N ALA B 409 -12.18 39.17 -14.92
CA ALA B 409 -12.91 39.72 -13.77
C ALA B 409 -13.72 40.95 -14.19
N PRO B 410 -14.98 41.08 -13.74
CA PRO B 410 -15.65 42.33 -14.12
C PRO B 410 -15.22 43.54 -13.26
N PHE B 411 -15.21 44.72 -13.89
CA PHE B 411 -15.17 46.01 -13.16
C PHE B 411 -16.50 46.34 -12.47
N LEU B 412 -17.60 45.76 -12.96
CA LEU B 412 -18.89 45.99 -12.34
C LEU B 412 -19.60 44.69 -12.16
N ASP B 413 -20.31 44.54 -11.03
CA ASP B 413 -21.13 43.33 -10.83
C ASP B 413 -22.32 43.72 -9.98
N ALA B 414 -23.41 42.96 -10.06
CA ALA B 414 -24.60 43.25 -9.31
C ALA B 414 -25.45 42.01 -9.06
N ALA B 415 -26.35 42.14 -8.08
CA ALA B 415 -27.33 41.10 -7.83
C ALA B 415 -28.58 41.79 -7.37
N ALA B 416 -29.72 41.32 -7.85
CA ALA B 416 -30.99 41.91 -7.44
C ALA B 416 -31.82 40.87 -6.71
N SER B 417 -32.42 41.27 -5.60
CA SER B 417 -33.19 40.34 -4.80
C SER B 417 -34.49 41.05 -4.42
N ILE B 418 -35.53 40.26 -4.14
CA ILE B 418 -36.75 40.82 -3.62
C ILE B 418 -37.09 40.26 -2.24
N SER B 419 -37.80 41.05 -1.45
CA SER B 419 -38.20 40.63 -0.13
C SER B 419 -39.22 39.47 -0.21
N GLU B 420 -39.34 38.72 0.88
CA GLU B 420 -40.14 37.49 0.87
C GLU B 420 -41.59 37.78 0.46
N ASP B 421 -42.09 38.92 0.94
CA ASP B 421 -43.48 39.33 0.72
C ASP B 421 -43.69 40.10 -0.59
N GLY B 422 -42.67 40.11 -1.45
CA GLY B 422 -42.78 40.79 -2.74
C GLY B 422 -42.80 42.31 -2.75
N LYS B 423 -42.78 42.95 -1.58
CA LYS B 423 -42.88 44.41 -1.48
C LYS B 423 -41.65 45.18 -1.91
N LYS B 424 -40.44 44.61 -1.78
CA LYS B 424 -39.23 45.42 -2.05
C LYS B 424 -38.20 44.79 -2.94
N LEU B 425 -37.51 45.64 -3.67
CA LEU B 425 -36.50 45.21 -4.60
C LEU B 425 -35.20 45.83 -4.12
N PHE B 426 -34.13 45.00 -4.12
CA PHE B 426 -32.81 45.40 -3.72
C PHE B 426 -31.88 45.14 -4.87
N ILE B 427 -31.21 46.18 -5.33
CA ILE B 427 -30.22 46.01 -6.37
C ILE B 427 -28.86 46.37 -5.80
N ALA B 428 -28.02 45.34 -5.56
CA ALA B 428 -26.72 45.57 -4.94
C ALA B 428 -25.78 45.72 -6.08
N VAL B 429 -24.89 46.71 -6.02
CA VAL B 429 -24.04 46.93 -7.17
C VAL B 429 -22.64 47.17 -6.72
N VAL B 430 -21.71 46.44 -7.28
CA VAL B 430 -20.34 46.74 -6.90
C VAL B 430 -19.60 47.44 -8.02
N ASN B 431 -19.06 48.64 -7.76
CA ASN B 431 -18.16 49.20 -8.73
C ASN B 431 -16.74 49.04 -8.27
N TYR B 432 -16.02 48.09 -8.87
CA TYR B 432 -14.64 47.82 -8.52
C TYR B 432 -13.60 48.78 -9.11
N ARG B 433 -13.98 49.52 -10.16
CA ARG B 433 -13.09 50.54 -10.77
C ARG B 433 -12.49 51.42 -9.69
N LYS B 434 -11.18 51.52 -9.69
CA LYS B 434 -10.42 52.22 -8.66
C LYS B 434 -10.46 53.73 -8.91
N GLU B 435 -10.61 54.11 -10.17
CA GLU B 435 -10.35 55.51 -10.53
C GLU B 435 -11.62 56.24 -10.99
N ASP B 436 -12.49 55.53 -11.68
CA ASP B 436 -13.61 56.24 -12.29
C ASP B 436 -14.96 55.86 -11.75
N ALA B 437 -15.81 56.88 -11.55
CA ALA B 437 -17.27 56.64 -11.37
C ALA B 437 -17.81 55.94 -12.60
N LEU B 438 -18.98 55.32 -12.50
CA LEU B 438 -19.56 54.74 -13.68
C LEU B 438 -21.02 55.07 -13.74
N LYS B 439 -21.38 55.95 -14.67
CA LYS B 439 -22.79 56.20 -14.97
C LYS B 439 -23.18 54.94 -15.68
N VAL B 440 -24.25 54.31 -15.19
CA VAL B 440 -24.63 52.99 -15.67
C VAL B 440 -26.12 52.96 -15.93
N PRO B 441 -26.52 52.49 -17.12
CA PRO B 441 -27.96 52.34 -17.42
C PRO B 441 -28.49 51.09 -16.74
N ILE B 442 -29.69 51.21 -16.17
CA ILE B 442 -30.32 50.12 -15.44
C ILE B 442 -31.75 49.96 -15.96
N ARG B 443 -32.15 48.75 -16.30
CA ARG B 443 -33.54 48.48 -16.66
C ARG B 443 -34.25 47.58 -15.64
N VAL B 444 -35.41 48.02 -15.16
CA VAL B 444 -36.24 47.19 -14.29
C VAL B 444 -37.65 46.94 -14.87
N GLU B 445 -37.87 45.73 -15.36
CA GLU B 445 -39.10 45.33 -16.03
C GLU B 445 -40.36 45.68 -15.25
N GLY B 446 -41.26 46.44 -15.90
CA GLY B 446 -42.55 46.80 -15.30
C GLY B 446 -42.46 47.81 -14.15
N LEU B 447 -41.31 48.45 -13.96
CA LEU B 447 -41.21 49.31 -12.78
C LEU B 447 -41.83 50.69 -13.06
N GLY B 448 -42.75 51.14 -12.21
CA GLY B 448 -43.26 52.51 -12.44
C GLY B 448 -42.05 53.46 -12.50
N GLN B 449 -42.30 54.76 -12.75
CA GLN B 449 -41.36 55.79 -12.30
C GLN B 449 -41.64 55.95 -10.78
N LYS B 450 -40.57 55.96 -9.97
CA LYS B 450 -40.68 55.92 -8.49
C LYS B 450 -39.48 56.61 -7.88
N LYS B 451 -39.59 56.88 -6.57
CA LYS B 451 -38.45 57.24 -5.74
C LYS B 451 -37.84 55.98 -5.06
N ALA B 452 -36.52 55.92 -5.02
CA ALA B 452 -35.83 54.82 -4.33
C ALA B 452 -34.89 55.49 -3.35
N THR B 453 -34.34 54.71 -2.39
CA THR B 453 -33.19 55.18 -1.62
C THR B 453 -32.01 54.33 -2.03
N VAL B 454 -30.86 54.98 -2.25
CA VAL B 454 -29.66 54.26 -2.62
C VAL B 454 -28.79 54.37 -1.41
N TYR B 455 -28.40 53.21 -0.85
CA TYR B 455 -27.39 53.18 0.25
C TYR B 455 -26.03 52.80 -0.34
N THR B 456 -24.98 53.51 0.03
CA THR B 456 -23.72 53.39 -0.63
C THR B 456 -22.64 53.30 0.40
N LEU B 457 -21.68 52.40 0.15
CA LEU B 457 -20.56 52.28 1.04
C LEU B 457 -19.31 52.62 0.25
N THR B 458 -18.56 53.61 0.72
CA THR B 458 -17.25 53.92 0.19
C THR B 458 -16.59 54.96 1.12
N GLY B 459 -15.51 55.59 0.66
CA GLY B 459 -14.81 56.55 1.51
C GLY B 459 -13.80 57.30 0.67
N PRO B 460 -12.96 58.13 1.31
CA PRO B 460 -12.07 59.03 0.52
C PRO B 460 -11.15 58.27 -0.45
N ASP B 461 -10.53 57.18 0.03
CA ASP B 461 -9.61 56.43 -0.81
C ASP B 461 -9.65 54.92 -0.46
N VAL B 462 -8.98 54.11 -1.28
CA VAL B 462 -9.08 52.66 -1.20
C VAL B 462 -8.44 52.12 0.06
N ASN B 463 -7.67 52.97 0.75
CA ASN B 463 -6.96 52.56 1.95
C ASN B 463 -7.50 53.24 3.18
N ALA B 464 -8.74 53.73 3.09
CA ALA B 464 -9.38 54.43 4.20
C ALA B 464 -9.77 53.38 5.25
N ARG B 465 -9.66 53.77 6.51
CA ARG B 465 -10.04 52.97 7.70
C ARG B 465 -10.82 53.82 8.71
N ASN B 466 -11.63 53.19 9.56
CA ASN B 466 -12.19 53.83 10.75
C ASN B 466 -11.27 53.65 11.93
N THR B 467 -11.28 54.63 12.84
CA THR B 467 -10.48 54.58 14.09
C THR B 467 -11.38 55.01 15.23
N MET B 468 -10.84 54.93 16.43
CA MET B 468 -11.55 55.41 17.63
C MET B 468 -11.78 56.92 17.50
N GLU B 469 -10.73 57.60 17.05
CA GLU B 469 -10.76 59.06 16.81
C GLU B 469 -11.82 59.39 15.75
N ASN B 470 -11.71 58.68 14.63
CA ASN B 470 -12.49 58.92 13.42
C ASN B 470 -13.32 57.69 13.01
N PRO B 471 -14.46 57.45 13.70
CA PRO B 471 -15.19 56.18 13.55
C PRO B 471 -16.03 56.07 12.28
N ASN B 472 -16.18 57.17 11.53
CA ASN B 472 -17.11 57.19 10.40
C ASN B 472 -16.51 57.59 9.06
N VAL B 473 -15.18 57.60 8.98
CA VAL B 473 -14.49 57.81 7.70
C VAL B 473 -15.07 56.88 6.65
N VAL B 474 -15.21 55.58 6.98
CA VAL B 474 -15.81 54.66 6.03
C VAL B 474 -17.19 54.26 6.54
N ASP B 475 -18.23 54.76 5.88
CA ASP B 475 -19.57 54.52 6.38
C ASP B 475 -20.54 54.47 5.25
N ILE B 476 -21.77 54.06 5.56
CA ILE B 476 -22.82 53.95 4.57
C ILE B 476 -23.57 55.29 4.53
N THR B 477 -23.66 55.88 3.33
CA THR B 477 -24.51 57.09 3.13
C THR B 477 -25.82 56.74 2.38
N SER B 478 -26.82 57.59 2.48
CA SER B 478 -28.01 57.42 1.65
C SER B 478 -28.51 58.71 0.99
N GLU B 479 -28.97 58.56 -0.25
CA GLU B 479 -29.72 59.61 -0.90
C GLU B 479 -30.93 59.04 -1.64
N THR B 480 -32.03 59.78 -1.56
CA THR B 480 -33.21 59.54 -2.40
C THR B 480 -32.93 59.86 -3.86
N ILE B 481 -33.50 59.05 -4.75
CA ILE B 481 -33.33 59.24 -6.20
C ILE B 481 -34.62 58.84 -6.93
N THR B 482 -34.64 59.06 -8.25
CA THR B 482 -35.79 58.68 -9.07
C THR B 482 -35.40 57.51 -9.94
N VAL B 483 -36.26 56.50 -9.96
CA VAL B 483 -36.02 55.33 -10.77
C VAL B 483 -37.23 55.20 -11.68
N ASP B 484 -37.13 54.30 -12.65
CA ASP B 484 -38.18 54.13 -13.65
C ASP B 484 -37.86 52.79 -14.24
N THR B 485 -38.70 52.33 -15.17
CA THR B 485 -38.38 51.16 -15.98
C THR B 485 -36.96 51.25 -16.54
N GLU B 486 -36.55 52.45 -16.93
CA GLU B 486 -35.17 52.67 -17.34
C GLU B 486 -34.66 53.91 -16.67
N PHE B 487 -33.45 53.87 -16.13
CA PHE B 487 -32.84 55.06 -15.53
C PHE B 487 -31.37 54.82 -15.56
N GLU B 488 -30.61 55.84 -15.22
CA GLU B 488 -29.17 55.72 -15.08
C GLU B 488 -28.80 56.16 -13.66
N HIS B 489 -27.75 55.56 -13.13
CA HIS B 489 -27.25 55.98 -11.85
C HIS B 489 -25.76 55.96 -11.98
N THR B 490 -25.13 56.85 -11.25
CA THR B 490 -23.69 56.95 -11.30
C THR B 490 -23.13 56.36 -9.99
N PHE B 491 -22.21 55.39 -10.13
CA PHE B 491 -21.68 54.67 -8.97
C PHE B 491 -20.26 55.10 -8.75
N LYS B 492 -19.94 55.54 -7.53
CA LYS B 492 -18.56 55.90 -7.19
C LYS B 492 -17.54 54.78 -7.40
N PRO B 493 -16.29 55.19 -7.68
CA PRO B 493 -15.27 54.18 -7.82
C PRO B 493 -15.10 53.48 -6.46
N PHE B 494 -14.67 52.22 -6.51
CA PHE B 494 -14.48 51.38 -5.28
C PHE B 494 -15.60 51.57 -4.27
N SER B 495 -16.80 51.21 -4.70
CA SER B 495 -17.97 51.41 -3.85
C SER B 495 -18.92 50.22 -4.03
N CYS B 496 -19.80 50.03 -3.07
CA CYS B 496 -20.88 49.11 -3.29
C CYS B 496 -22.15 49.85 -2.89
N SER B 497 -23.23 49.63 -3.63
CA SER B 497 -24.44 50.37 -3.30
C SER B 497 -25.57 49.43 -3.38
N VAL B 498 -26.60 49.66 -2.57
CA VAL B 498 -27.87 49.00 -2.80
C VAL B 498 -28.97 50.01 -3.12
N ILE B 499 -29.64 49.80 -4.24
CA ILE B 499 -30.82 50.59 -4.61
C ILE B 499 -32.01 49.86 -4.07
N GLU B 500 -32.68 50.49 -3.11
CA GLU B 500 -33.83 49.93 -2.45
C GLU B 500 -35.15 50.57 -2.94
N VAL B 501 -35.97 49.78 -3.61
CA VAL B 501 -37.17 50.30 -4.28
C VAL B 501 -38.42 49.64 -3.71
N GLU B 502 -39.46 50.44 -3.47
CA GLU B 502 -40.78 49.91 -3.13
C GLU B 502 -41.45 49.31 -4.36
N LEU B 503 -42.00 48.10 -4.23
CA LEU B 503 -42.56 47.26 -5.32
C LEU B 503 -41.46 46.74 -6.28
N MET C 21 56.89 -0.61 16.98
CA MET C 21 56.47 -0.47 18.42
C MET C 21 55.89 -1.77 19.03
N SER C 22 54.55 -1.89 19.07
CA SER C 22 53.76 -3.04 19.60
C SER C 22 52.62 -2.68 20.62
N TYR C 23 52.99 -2.39 21.88
CA TYR C 23 52.06 -1.77 22.83
C TYR C 23 52.67 -0.45 23.29
N GLY C 24 51.85 0.60 23.32
CA GLY C 24 52.32 1.90 23.75
C GLY C 24 51.21 2.92 23.78
N ILE C 25 51.41 3.96 24.58
CA ILE C 25 50.45 5.03 24.71
C ILE C 25 51.19 6.37 24.71
N VAL C 26 50.71 7.28 23.86
CA VAL C 26 51.28 8.60 23.77
C VAL C 26 50.14 9.55 23.95
N VAL C 27 50.31 10.46 24.91
CA VAL C 27 49.32 11.45 25.31
C VAL C 27 49.89 12.85 25.16
N ASP C 28 49.12 13.75 24.55
CA ASP C 28 49.49 15.14 24.58
C ASP C 28 48.43 15.98 25.30
N PRO C 29 48.63 16.22 26.60
CA PRO C 29 47.63 16.96 27.34
C PRO C 29 47.44 18.41 26.85
N LYS C 30 48.31 18.96 26.02
CA LYS C 30 48.11 20.33 25.57
C LYS C 30 47.22 20.39 24.34
N GLU C 31 46.94 19.23 23.76
CA GLU C 31 46.12 19.12 22.58
C GLU C 31 44.70 18.59 22.97
N VAL C 32 43.79 19.53 23.24
CA VAL C 32 42.39 19.18 23.53
C VAL C 32 41.68 18.80 22.23
N VAL C 33 41.21 17.56 22.16
CA VAL C 33 40.47 17.05 21.00
C VAL C 33 39.00 17.55 21.01
N LYS C 34 38.30 17.40 22.15
CA LYS C 34 36.85 17.76 22.28
C LYS C 34 36.44 17.63 23.72
N PRO C 35 35.35 18.33 24.12
CA PRO C 35 34.82 18.05 25.43
C PRO C 35 34.34 16.59 25.54
N ILE C 36 34.23 16.12 26.78
CA ILE C 36 33.56 14.88 27.08
C ILE C 36 32.23 15.25 27.72
N SER C 37 31.15 14.84 27.08
CA SER C 37 29.81 15.12 27.64
C SER C 37 29.67 14.50 29.00
N ARG C 38 29.20 15.26 29.98
CA ARG C 38 29.12 14.68 31.32
C ARG C 38 27.99 13.62 31.38
N HIS C 39 27.12 13.59 30.37
CA HIS C 39 25.95 12.74 30.42
C HIS C 39 26.24 11.36 29.91
N ILE C 40 27.49 11.03 29.59
CA ILE C 40 27.77 9.66 29.17
C ILE C 40 27.74 8.69 30.36
N TYR C 41 27.70 9.22 31.57
CA TYR C 41 27.73 8.38 32.75
C TYR C 41 26.34 8.23 33.37
N GLY C 42 25.28 8.33 32.55
CA GLY C 42 23.91 8.27 33.10
C GLY C 42 23.49 6.90 33.55
N HIS C 43 22.36 6.89 34.27
CA HIS C 43 21.80 5.67 34.86
C HIS C 43 20.32 5.55 34.60
N PHE C 44 19.74 4.43 35.00
CA PHE C 44 18.36 4.11 34.57
C PHE C 44 17.72 3.26 35.63
N THR C 45 16.54 3.68 36.12
CA THR C 45 15.79 2.89 37.12
C THR C 45 14.38 2.66 36.57
N GLU C 46 14.10 1.43 36.13
CA GLU C 46 12.77 1.10 35.65
C GLU C 46 11.96 0.54 36.79
N HIS C 47 10.62 0.63 36.71
CA HIS C 47 9.80 -0.11 37.63
C HIS C 47 9.80 -1.58 37.18
N LEU C 48 10.85 -2.29 37.59
CA LEU C 48 11.01 -3.70 37.22
C LEU C 48 11.53 -4.51 38.40
N GLY C 49 10.83 -5.58 38.78
CA GLY C 49 11.30 -6.44 39.88
C GLY C 49 11.56 -5.64 41.15
N ARG C 50 12.80 -5.68 41.63
CA ARG C 50 13.23 -4.96 42.87
C ARG C 50 14.01 -3.67 42.62
N CYS C 51 13.95 -3.13 41.41
CA CYS C 51 14.75 -1.95 41.09
C CYS C 51 14.32 -0.79 41.96
N ILE C 52 13.02 -0.53 41.95
CA ILE C 52 12.43 0.56 42.71
C ILE C 52 12.06 0.02 44.12
N TYR C 53 11.07 -0.89 44.20
CA TYR C 53 10.55 -1.37 45.50
C TYR C 53 11.46 -2.44 46.05
N GLY C 54 12.15 -2.11 47.14
CA GLY C 54 13.22 -2.98 47.66
C GLY C 54 14.62 -2.57 47.16
N GLY C 55 14.69 -1.67 46.17
CA GLY C 55 15.97 -1.26 45.62
C GLY C 55 16.26 0.14 46.12
N ILE C 56 15.91 1.16 45.33
CA ILE C 56 16.15 2.49 45.78
C ILE C 56 15.14 2.91 46.86
N TYR C 57 14.01 2.22 46.92
CA TYR C 57 12.87 2.69 47.70
C TYR C 57 12.33 1.51 48.53
N GLU C 58 12.27 1.69 49.85
CA GLU C 58 11.73 0.64 50.70
C GLU C 58 11.18 1.27 51.98
N GLU C 59 9.87 1.54 51.95
CA GLU C 59 9.22 2.20 53.07
C GLU C 59 9.30 1.27 54.28
N GLY C 60 9.56 1.88 55.43
CA GLY C 60 9.63 1.13 56.70
C GLY C 60 10.86 0.27 56.94
N SER C 61 11.81 0.29 56.01
CA SER C 61 13.07 -0.42 56.22
C SER C 61 13.86 0.24 57.34
N PRO C 62 14.47 -0.58 58.21
CA PRO C 62 15.43 0.03 59.13
C PRO C 62 16.56 0.81 58.38
N LEU C 63 16.80 0.45 57.11
CA LEU C 63 17.81 1.11 56.30
C LEU C 63 17.32 2.34 55.52
N SER C 64 16.05 2.70 55.66
CA SER C 64 15.48 3.78 54.87
C SER C 64 15.22 5.01 55.70
N ASP C 65 15.22 6.16 55.05
CA ASP C 65 14.94 7.40 55.72
C ASP C 65 13.43 7.59 55.72
N GLU C 66 12.97 8.79 56.11
CA GLU C 66 11.55 9.02 56.25
C GLU C 66 10.81 9.14 54.93
N ARG C 67 11.56 9.36 53.84
CA ARG C 67 10.99 9.41 52.51
C ARG C 67 10.87 8.00 51.91
N GLY C 68 11.35 6.98 52.63
CA GLY C 68 11.45 5.64 52.12
C GLY C 68 12.67 5.33 51.26
N PHE C 69 13.63 6.24 51.16
CA PHE C 69 14.83 6.01 50.33
C PHE C 69 15.83 5.17 51.11
N ARG C 70 16.29 4.07 50.53
CA ARG C 70 17.29 3.24 51.14
C ARG C 70 18.58 4.08 51.25
N LYS C 71 19.05 4.25 52.48
CA LYS C 71 20.21 5.12 52.81
C LYS C 71 21.52 4.53 52.39
N ASP C 72 21.67 3.20 52.51
CA ASP C 72 22.90 2.55 52.05
C ASP C 72 23.03 2.68 50.50
N VAL C 73 21.90 2.55 49.80
CA VAL C 73 21.83 2.68 48.35
C VAL C 73 22.11 4.14 47.94
N LEU C 74 21.54 5.10 48.66
CA LEU C 74 21.79 6.51 48.34
C LEU C 74 23.29 6.83 48.40
N GLU C 75 23.98 6.23 49.37
CA GLU C 75 25.40 6.54 49.54
C GLU C 75 26.19 5.93 48.36
N ALA C 76 25.82 4.72 47.94
CA ALA C 76 26.41 4.08 46.76
C ALA C 76 26.12 4.91 45.49
N VAL C 77 24.90 5.40 45.37
CA VAL C 77 24.54 6.18 44.19
C VAL C 77 25.28 7.54 44.17
N LYS C 78 25.36 8.20 45.32
CA LYS C 78 26.11 9.47 45.38
C LYS C 78 27.58 9.34 45.07
N ARG C 79 28.17 8.19 45.40
CA ARG C 79 29.54 7.93 45.15
C ARG C 79 29.84 7.87 43.65
N ILE C 80 28.84 7.57 42.83
CA ILE C 80 29.10 7.55 41.37
C ILE C 80 28.54 8.77 40.65
N LYS C 81 28.20 9.83 41.38
CA LYS C 81 27.96 11.17 40.74
C LYS C 81 27.09 11.14 39.49
N VAL C 82 25.85 10.62 39.64
CA VAL C 82 25.00 10.36 38.52
C VAL C 82 24.63 11.73 37.82
N PRO C 83 24.94 11.87 36.51
CA PRO C 83 24.61 13.13 35.83
C PRO C 83 23.11 13.23 35.47
N ASN C 84 22.50 12.09 35.11
CA ASN C 84 21.08 12.05 34.77
C ASN C 84 20.55 10.64 35.01
N LEU C 85 19.25 10.54 35.32
CA LEU C 85 18.64 9.31 35.74
C LEU C 85 17.36 9.14 34.92
N ARG C 86 17.32 8.08 34.13
CA ARG C 86 16.15 7.79 33.25
C ARG C 86 15.15 7.00 34.06
N TRP C 87 13.87 7.35 33.88
CA TRP C 87 12.79 6.68 34.60
C TRP C 87 11.49 6.95 33.83
N PRO C 88 10.46 6.09 33.93
CA PRO C 88 10.28 4.84 34.70
C PRO C 88 10.44 3.60 33.87
N GLY C 89 10.84 3.77 32.60
CA GLY C 89 11.15 2.62 31.76
C GLY C 89 11.63 3.10 30.43
N GLY C 90 11.92 2.20 29.49
CA GLY C 90 11.83 0.74 29.69
C GLY C 90 10.43 0.26 29.33
N ASN C 91 10.24 -1.06 29.19
CA ASN C 91 8.95 -1.70 28.85
C ASN C 91 7.81 -1.27 29.76
N PHE C 92 8.13 -1.05 31.03
CA PHE C 92 7.12 -0.54 31.96
C PHE C 92 6.40 0.70 31.47
N VAL C 93 7.12 1.64 30.87
CA VAL C 93 6.47 2.97 30.66
C VAL C 93 5.37 2.87 29.61
N SER C 94 5.48 1.91 28.69
CA SER C 94 4.50 1.80 27.60
C SER C 94 3.12 1.31 28.06
N ASN C 95 2.97 1.01 29.37
CA ASN C 95 1.63 0.85 29.94
C ASN C 95 1.47 1.52 31.30
N TYR C 96 2.14 2.66 31.47
CA TYR C 96 2.15 3.45 32.70
C TYR C 96 1.40 4.75 32.50
N HIS C 97 0.41 4.98 33.35
CA HIS C 97 -0.29 6.25 33.34
C HIS C 97 0.21 7.06 34.51
N TRP C 98 0.98 8.09 34.21
CA TRP C 98 1.68 8.85 35.22
C TRP C 98 0.79 9.45 36.30
N GLU C 99 -0.44 9.76 35.95
CA GLU C 99 -1.38 10.29 36.95
C GLU C 99 -1.72 9.30 38.04
N ASP C 100 -1.50 8.01 37.80
CA ASP C 100 -1.71 7.01 38.86
C ASP C 100 -0.64 7.16 39.94
N GLY C 101 0.46 7.85 39.61
CA GLY C 101 1.51 8.04 40.59
C GLY C 101 1.71 9.40 41.22
N ILE C 102 0.72 10.29 41.13
CA ILE C 102 0.85 11.59 41.82
C ILE C 102 -0.29 11.75 42.82
N GLY C 103 -0.19 12.74 43.71
CA GLY C 103 -1.20 12.95 44.73
C GLY C 103 -0.87 12.16 45.98
N PRO C 104 -1.67 12.30 47.06
CA PRO C 104 -1.33 11.55 48.30
C PRO C 104 -1.11 10.07 48.02
N LYS C 105 0.04 9.55 48.44
CA LYS C 105 0.40 8.14 48.32
C LYS C 105 -0.70 7.12 48.64
N ASP C 106 -1.45 7.38 49.73
CA ASP C 106 -2.44 6.41 50.18
C ASP C 106 -3.71 6.38 49.35
N GLN C 107 -3.89 7.34 48.45
CA GLN C 107 -4.99 7.34 47.51
C GLN C 107 -4.64 6.88 46.06
N ARG C 108 -3.37 6.54 45.80
CA ARG C 108 -2.93 6.09 44.47
C ARG C 108 -3.43 4.64 44.21
N PRO C 109 -3.90 4.35 42.97
CA PRO C 109 -4.45 3.03 42.70
C PRO C 109 -3.37 1.97 42.52
N VAL C 110 -3.66 0.75 42.92
CA VAL C 110 -2.75 -0.35 42.60
C VAL C 110 -3.05 -0.85 41.19
N ARG C 111 -2.00 -1.02 40.37
CA ARG C 111 -2.18 -1.41 38.99
C ARG C 111 -1.46 -2.69 38.69
N PHE C 112 -1.93 -3.41 37.68
CA PHE C 112 -1.15 -4.55 37.20
C PHE C 112 -0.25 -4.09 36.07
N ASP C 113 1.05 -4.23 36.22
CA ASP C 113 1.98 -3.83 35.16
C ASP C 113 2.08 -4.98 34.16
N LEU C 114 1.75 -4.71 32.89
CA LEU C 114 1.77 -5.75 31.86
C LEU C 114 3.21 -6.17 31.49
N ALA C 115 4.18 -5.24 31.56
CA ALA C 115 5.58 -5.50 31.12
C ALA C 115 6.25 -6.58 31.98
N TRP C 116 6.12 -6.46 33.30
CA TRP C 116 6.85 -7.35 34.17
C TRP C 116 5.94 -8.15 35.10
N GLN C 117 4.63 -8.04 34.88
CA GLN C 117 3.60 -8.85 35.55
C GLN C 117 3.65 -8.76 37.06
N GLN C 118 3.55 -7.55 37.58
CA GLN C 118 3.65 -7.34 39.00
C GLN C 118 2.55 -6.31 39.37
N GLU C 119 2.14 -6.31 40.62
CA GLU C 119 1.27 -5.25 41.13
C GLU C 119 2.15 -4.06 41.35
N GLU C 120 1.69 -2.90 40.89
CA GLU C 120 2.46 -1.69 41.03
C GLU C 120 1.61 -0.82 41.96
N THR C 121 2.12 -0.51 43.15
CA THR C 121 1.35 0.30 44.10
C THR C 121 1.36 1.81 43.77
N ASN C 122 2.31 2.22 42.95
CA ASN C 122 2.47 3.62 42.57
C ASN C 122 2.90 4.56 43.69
N ARG C 123 3.36 3.96 44.79
CA ARG C 123 3.81 4.80 45.93
C ARG C 123 5.13 5.51 45.64
N PHE C 124 5.84 5.01 44.62
CA PHE C 124 6.93 5.77 44.03
C PHE C 124 6.46 6.31 42.66
N GLY C 125 6.35 7.64 42.56
CA GLY C 125 5.79 8.23 41.35
C GLY C 125 6.58 9.50 41.03
N THR C 126 6.00 10.35 40.21
CA THR C 126 6.78 11.49 39.69
C THR C 126 7.45 12.30 40.77
N ASP C 127 6.69 12.66 41.82
CA ASP C 127 7.27 13.57 42.81
C ASP C 127 8.40 12.88 43.56
N GLU C 128 8.24 11.60 43.88
CA GLU C 128 9.29 10.84 44.53
C GLU C 128 10.54 10.67 43.64
N PHE C 129 10.32 10.42 42.35
CA PHE C 129 11.44 10.32 41.41
C PHE C 129 12.19 11.67 41.40
N ILE C 130 11.48 12.79 41.20
CA ILE C 130 12.19 14.08 41.18
C ILE C 130 13.00 14.33 42.47
N GLU C 131 12.39 14.02 43.61
CA GLU C 131 13.03 14.16 44.89
C GLU C 131 14.30 13.27 44.96
N TYR C 132 14.22 12.07 44.38
CA TYR C 132 15.37 11.19 44.41
C TYR C 132 16.49 11.80 43.53
N CYS C 133 16.14 12.28 42.34
CA CYS C 133 17.11 12.98 41.49
C CYS C 133 17.75 14.16 42.25
N ARG C 134 16.92 14.96 42.93
CA ARG C 134 17.47 16.14 43.65
C ARG C 134 18.45 15.70 44.75
N GLU C 135 18.08 14.68 45.52
CA GLU C 135 18.93 14.13 46.54
C GLU C 135 20.29 13.72 45.96
N ILE C 136 20.33 13.08 44.78
CA ILE C 136 21.61 12.53 44.30
C ILE C 136 22.32 13.49 43.36
N GLY C 137 21.67 14.60 42.99
CA GLY C 137 22.29 15.57 42.11
C GLY C 137 22.15 15.27 40.62
N ALA C 138 21.26 14.35 40.26
CA ALA C 138 21.04 13.97 38.85
C ALA C 138 19.99 14.81 38.15
N GLU C 139 20.16 15.05 36.85
CA GLU C 139 19.07 15.57 36.02
C GLU C 139 18.04 14.47 35.75
N PRO C 140 16.73 14.77 35.99
CA PRO C 140 15.72 13.79 35.58
C PRO C 140 15.62 13.63 34.07
N TYR C 141 15.44 12.38 33.64
CA TYR C 141 15.18 12.04 32.25
C TYR C 141 13.93 11.14 32.24
N ILE C 142 12.81 11.69 31.80
CA ILE C 142 11.54 10.99 31.87
C ILE C 142 11.14 10.49 30.47
N SER C 143 10.86 9.19 30.39
CA SER C 143 10.22 8.59 29.21
C SER C 143 8.74 8.67 29.31
N ILE C 144 8.08 8.95 28.19
CA ILE C 144 6.64 8.97 28.20
C ILE C 144 6.05 7.65 27.64
N ASN C 145 4.73 7.48 27.82
CA ASN C 145 4.01 6.29 27.46
C ASN C 145 3.35 6.55 26.10
N MET C 146 3.90 5.94 25.05
CA MET C 146 3.30 5.98 23.70
C MET C 146 2.53 4.69 23.35
N GLY C 147 2.56 3.70 24.23
CA GLY C 147 1.84 2.46 24.04
C GLY C 147 0.35 2.61 24.35
N THR C 148 -0.04 2.82 25.62
CA THR C 148 -1.43 3.05 25.96
C THR C 148 -1.69 4.55 26.23
N GLY C 149 -0.65 5.37 26.15
CA GLY C 149 -0.77 6.77 26.48
C GLY C 149 -1.26 7.59 25.30
N THR C 150 -1.50 8.88 25.55
CA THR C 150 -1.98 9.79 24.50
C THR C 150 -1.14 11.07 24.51
N LEU C 151 -1.29 11.87 23.44
CA LEU C 151 -0.63 13.16 23.33
C LEU C 151 -1.00 13.97 24.57
N ASP C 152 -2.30 14.06 24.85
CA ASP C 152 -2.77 14.89 25.97
C ASP C 152 -2.08 14.49 27.27
N GLU C 153 -1.98 13.18 27.50
CA GLU C 153 -1.43 12.70 28.73
C GLU C 153 0.05 13.10 28.85
N ALA C 154 0.80 12.98 27.75
CA ALA C 154 2.16 13.43 27.73
C ALA C 154 2.27 14.94 27.98
N LEU C 155 1.42 15.73 27.31
CA LEU C 155 1.46 17.18 27.54
C LEU C 155 1.16 17.50 29.03
N HIS C 156 0.23 16.76 29.62
CA HIS C 156 -0.10 17.00 31.02
C HIS C 156 1.07 16.65 31.92
N TRP C 157 1.77 15.54 31.62
CA TRP C 157 2.98 15.19 32.37
C TRP C 157 3.99 16.33 32.29
N LEU C 158 4.22 16.84 31.08
CA LEU C 158 5.14 17.91 30.88
C LEU C 158 4.68 19.24 31.59
N GLU C 159 3.39 19.53 31.56
CA GLU C 159 2.88 20.76 32.18
C GLU C 159 2.99 20.63 33.74
N TYR C 160 2.66 19.45 34.23
CA TYR C 160 2.86 19.11 35.64
C TYR C 160 4.30 19.35 36.07
N CYS C 161 5.25 18.86 35.27
CA CYS C 161 6.65 18.91 35.62
C CYS C 161 7.23 20.31 35.46
N ASN C 162 6.87 21.01 34.38
CA ASN C 162 7.65 22.13 33.92
C ASN C 162 6.87 23.41 33.81
N GLY C 163 5.54 23.32 33.89
CA GLY C 163 4.70 24.52 33.81
C GLY C 163 5.01 25.59 34.90
N LYS C 164 5.09 26.83 34.42
CA LYS C 164 5.41 28.00 35.21
C LYS C 164 4.17 28.85 35.35
N GLY C 165 3.08 28.47 34.69
CA GLY C 165 1.90 29.30 34.59
C GLY C 165 0.78 28.89 35.51
N ASN C 166 -0.42 29.21 35.06
CA ASN C 166 -1.60 28.97 35.82
C ASN C 166 -2.39 27.76 35.32
N THR C 167 -1.84 26.98 34.40
CA THR C 167 -2.61 25.80 33.93
C THR C 167 -2.88 24.84 35.06
N TYR C 168 -3.93 24.06 34.89
CA TYR C 168 -4.37 23.07 35.89
C TYR C 168 -3.23 22.24 36.46
N TYR C 169 -2.44 21.60 35.59
CA TYR C 169 -1.40 20.66 36.09
C TYR C 169 -0.21 21.38 36.72
N ALA C 170 0.06 22.61 36.30
CA ALA C 170 1.10 23.35 36.99
C ALA C 170 0.61 23.74 38.38
N GLN C 171 -0.67 24.10 38.52
CA GLN C 171 -1.23 24.43 39.84
C GLN C 171 -1.22 23.15 40.70
N LEU C 172 -1.42 22.00 40.04
CA LEU C 172 -1.54 20.74 40.75
C LEU C 172 -0.20 20.36 41.34
N ARG C 173 0.88 20.54 40.59
CA ARG C 173 2.20 20.29 41.20
C ARG C 173 2.44 21.15 42.48
N ARG C 174 2.02 22.42 42.41
CA ARG C 174 2.12 23.35 43.55
C ARG C 174 1.28 22.88 44.71
N LYS C 175 0.01 22.51 44.49
CA LYS C 175 -0.86 22.04 45.58
C LYS C 175 -0.34 20.79 46.26
N TYR C 176 0.37 19.96 45.53
CA TYR C 176 0.83 18.69 46.07
C TYR C 176 2.11 18.90 46.87
N GLY C 177 2.60 20.13 46.82
CA GLY C 177 3.72 20.52 47.64
C GLY C 177 5.00 20.98 46.97
N HIS C 178 4.98 21.24 45.65
CA HIS C 178 6.20 21.71 44.99
C HIS C 178 6.00 22.91 44.08
N PRO C 179 6.08 24.14 44.65
CA PRO C 179 5.76 25.35 43.88
C PRO C 179 6.68 25.59 42.67
N GLU C 180 7.96 25.28 42.80
CA GLU C 180 8.90 25.52 41.70
C GLU C 180 8.80 24.37 40.66
N PRO C 181 8.80 24.74 39.37
CA PRO C 181 8.83 23.78 38.26
C PRO C 181 10.02 22.85 38.40
N TYR C 182 9.85 21.58 38.09
CA TYR C 182 10.96 20.65 38.12
C TYR C 182 11.98 20.91 37.01
N ASN C 183 11.58 21.56 35.93
CA ASN C 183 12.44 21.78 34.79
C ASN C 183 13.10 20.48 34.29
N VAL C 184 12.28 19.47 33.96
CA VAL C 184 12.79 18.24 33.37
C VAL C 184 13.26 18.56 31.93
N LYS C 185 14.54 18.33 31.65
CA LYS C 185 15.14 18.66 30.36
C LYS C 185 15.11 17.52 29.35
N PHE C 186 15.20 16.27 29.82
CA PHE C 186 15.22 15.15 28.89
C PHE C 186 13.90 14.40 28.93
N TRP C 187 13.30 14.25 27.74
CA TRP C 187 12.04 13.53 27.54
C TRP C 187 12.20 12.43 26.47
N GLY C 188 11.95 11.17 26.86
CA GLY C 188 12.07 10.08 25.93
C GLY C 188 10.72 9.91 25.26
N ILE C 189 10.67 10.08 23.94
CA ILE C 189 9.44 9.99 23.21
C ILE C 189 9.17 8.47 22.91
N GLY C 190 8.64 7.73 23.88
CA GLY C 190 8.35 6.31 23.72
C GLY C 190 9.54 5.44 24.10
N ASN C 191 9.30 4.13 24.24
CA ASN C 191 10.32 3.19 24.57
C ASN C 191 10.17 1.97 23.66
N GLU C 192 11.21 1.63 22.90
CA GLU C 192 11.27 0.37 22.14
C GLU C 192 9.96 0.10 21.37
N MET C 193 9.44 1.13 20.69
CA MET C 193 8.12 1.06 20.13
C MET C 193 8.08 0.12 18.90
N TYR C 194 9.26 -0.22 18.35
CA TYR C 194 9.34 -1.15 17.26
C TYR C 194 9.13 -2.59 17.76
N GLY C 195 9.35 -2.85 19.04
CA GLY C 195 9.44 -4.26 19.51
C GLY C 195 8.08 -4.85 19.78
N GLU C 196 7.84 -6.05 19.28
CA GLU C 196 6.54 -6.62 19.54
C GLU C 196 6.23 -7.02 20.97
N TRP C 197 7.24 -6.97 21.85
CA TRP C 197 7.01 -7.12 23.27
C TRP C 197 6.49 -5.81 23.91
N GLN C 198 6.57 -4.68 23.19
CA GLN C 198 6.11 -3.40 23.74
C GLN C 198 4.59 -3.27 23.69
N VAL C 199 3.93 -2.85 24.75
CA VAL C 199 2.49 -2.65 24.68
C VAL C 199 2.23 -1.54 23.64
N GLY C 200 1.27 -1.74 22.73
CA GLY C 200 0.90 -0.74 21.71
C GLY C 200 2.02 -0.53 20.71
N HIS C 201 2.84 -1.56 20.46
CA HIS C 201 3.97 -1.33 19.53
C HIS C 201 3.51 -0.89 18.13
N MET C 202 4.41 -0.28 17.38
CA MET C 202 4.03 0.45 16.15
C MET C 202 4.91 0.05 14.99
N THR C 203 4.42 0.27 13.79
CA THR C 203 5.26 0.21 12.58
C THR C 203 6.21 1.43 12.54
N ALA C 204 7.21 1.35 11.66
CA ALA C 204 8.14 2.45 11.48
C ALA C 204 7.41 3.72 11.05
N ASP C 205 6.48 3.59 10.12
CA ASP C 205 5.76 4.75 9.67
C ASP C 205 4.84 5.31 10.77
N GLU C 206 4.24 4.44 11.58
CA GLU C 206 3.37 4.91 12.68
C GLU C 206 4.16 5.62 13.74
N TYR C 207 5.28 5.01 14.16
CA TYR C 207 6.09 5.59 15.22
C TYR C 207 6.71 6.92 14.75
N ALA C 208 7.21 6.98 13.51
CA ALA C 208 7.84 8.21 13.01
C ALA C 208 6.90 9.39 12.98
N ARG C 209 5.68 9.14 12.52
CA ARG C 209 4.65 10.19 12.54
C ARG C 209 4.27 10.59 13.97
N ALA C 210 4.08 9.60 14.84
CA ALA C 210 3.79 9.85 16.26
C ALA C 210 4.93 10.60 16.99
N ALA C 211 6.19 10.25 16.70
CA ALA C 211 7.33 10.90 17.32
C ALA C 211 7.31 12.37 16.92
N LYS C 212 6.99 12.66 15.66
CA LYS C 212 6.94 14.02 15.18
C LYS C 212 5.83 14.80 15.89
N GLU C 213 4.64 14.21 15.92
CA GLU C 213 3.45 14.77 16.55
C GLU C 213 3.68 15.11 18.04
N TYR C 214 4.12 14.11 18.83
CA TYR C 214 4.33 14.36 20.25
C TYR C 214 5.40 15.39 20.48
N THR C 215 6.52 15.29 19.75
CA THR C 215 7.67 16.15 20.03
C THR C 215 7.32 17.59 19.67
N LYS C 216 6.67 17.76 18.52
CA LYS C 216 6.39 19.15 18.09
C LYS C 216 5.44 19.85 19.06
N TRP C 217 4.36 19.17 19.46
CA TRP C 217 3.44 19.75 20.42
C TRP C 217 4.06 19.96 21.82
N MET C 218 4.87 19.02 22.30
CA MET C 218 5.53 19.21 23.58
C MET C 218 6.41 20.43 23.54
N LYS C 219 7.12 20.60 22.43
CA LYS C 219 8.03 21.73 22.31
C LYS C 219 7.24 23.03 22.05
N VAL C 220 6.00 22.96 21.58
CA VAL C 220 5.17 24.20 21.55
C VAL C 220 4.93 24.64 23.00
N PHE C 221 4.75 23.68 23.90
CA PHE C 221 4.53 24.03 25.31
C PHE C 221 5.80 24.47 26.01
N ASP C 222 6.88 23.73 25.79
CA ASP C 222 8.14 24.04 26.37
C ASP C 222 9.27 23.80 25.37
N PRO C 223 9.67 24.88 24.66
CA PRO C 223 10.68 24.78 23.61
C PRO C 223 12.08 24.41 24.12
N THR C 224 12.30 24.35 25.43
CA THR C 224 13.65 24.19 25.91
C THR C 224 13.98 22.70 26.15
N ILE C 225 13.01 21.79 26.06
CA ILE C 225 13.31 20.35 26.33
C ILE C 225 14.14 19.68 25.21
N LYS C 226 14.81 18.59 25.52
CA LYS C 226 15.43 17.78 24.50
C LYS C 226 14.66 16.46 24.41
N ALA C 227 14.39 16.00 23.18
CA ALA C 227 13.52 14.87 22.93
C ALA C 227 14.35 13.79 22.33
N ILE C 228 14.29 12.62 22.93
CA ILE C 228 14.98 11.45 22.46
C ILE C 228 13.96 10.55 21.77
N ALA C 229 14.11 10.33 20.46
CA ALA C 229 13.22 9.42 19.73
C ALA C 229 13.77 7.99 19.73
N VAL C 230 12.92 7.02 19.47
CA VAL C 230 13.32 5.58 19.55
C VAL C 230 14.08 5.21 18.29
N GLY C 231 15.35 4.76 18.42
CA GLY C 231 16.06 4.10 17.35
C GLY C 231 16.22 2.60 17.66
N CYS C 232 16.76 1.86 16.69
CA CYS C 232 17.09 0.45 16.91
C CYS C 232 18.06 -0.02 15.82
N ASP C 233 18.17 -1.32 15.69
CA ASP C 233 18.98 -1.93 14.64
C ASP C 233 18.40 -2.00 13.23
N ASP C 234 17.13 -1.69 13.08
CA ASP C 234 16.52 -1.66 11.78
C ASP C 234 16.76 -0.31 11.13
N PRO C 235 17.58 -0.28 10.07
CA PRO C 235 17.97 1.02 9.50
C PRO C 235 16.81 1.72 8.79
N ILE C 236 15.85 0.97 8.25
CA ILE C 236 14.62 1.59 7.73
C ILE C 236 13.83 2.29 8.84
N TRP C 237 13.64 1.59 9.98
CA TRP C 237 13.06 2.26 11.17
C TRP C 237 13.72 3.60 11.47
N ASN C 238 15.05 3.57 11.63
CA ASN C 238 15.79 4.78 12.04
C ASN C 238 15.61 5.91 11.04
N LEU C 239 15.71 5.55 9.74
CA LEU C 239 15.55 6.51 8.65
C LEU C 239 14.19 7.15 8.61
N ARG C 240 13.14 6.37 8.80
CA ARG C 240 11.81 6.97 8.87
C ARG C 240 11.68 7.96 10.02
N VAL C 241 12.16 7.58 11.18
CA VAL C 241 12.13 8.47 12.35
C VAL C 241 12.87 9.75 12.00
N LEU C 242 14.09 9.60 11.45
CA LEU C 242 14.90 10.76 11.19
C LEU C 242 14.26 11.61 10.10
N GLN C 243 13.64 10.96 9.13
CA GLN C 243 13.05 11.71 7.99
C GLN C 243 11.81 12.51 8.39
N GLU C 244 10.96 11.89 9.19
CA GLU C 244 9.72 12.47 9.68
C GLU C 244 9.95 13.49 10.80
N ALA C 245 10.91 13.22 11.68
CA ALA C 245 10.92 13.91 12.97
C ALA C 245 12.25 14.61 13.17
N GLY C 246 13.13 14.48 12.17
CA GLY C 246 14.48 15.01 12.32
C GLY C 246 14.58 16.52 12.37
N ASP C 247 13.49 17.25 12.09
CA ASP C 247 13.43 18.70 12.31
C ASP C 247 13.11 19.12 13.78
N VAL C 248 12.68 18.17 14.62
CA VAL C 248 12.26 18.53 15.98
C VAL C 248 12.94 17.71 17.09
N ILE C 249 13.40 16.48 16.80
CA ILE C 249 14.04 15.66 17.85
C ILE C 249 15.50 16.05 18.03
N ASP C 250 16.06 15.68 19.18
CA ASP C 250 17.42 16.05 19.50
C ASP C 250 18.33 14.83 19.57
N PHE C 251 17.77 13.66 19.83
CA PHE C 251 18.57 12.42 19.84
C PHE C 251 17.75 11.29 19.23
N ILE C 252 18.43 10.27 18.71
CA ILE C 252 17.80 9.04 18.39
C ILE C 252 18.44 8.02 19.33
N SER C 253 17.66 7.23 20.04
CA SER C 253 18.24 6.38 21.03
C SER C 253 18.70 5.06 20.45
N TYR C 254 19.65 4.45 21.13
CA TYR C 254 20.11 3.14 20.75
C TYR C 254 20.25 2.33 22.04
N HIS C 255 19.86 1.07 22.02
CA HIS C 255 20.01 0.17 23.15
C HIS C 255 20.93 -0.97 22.80
N PHE C 256 21.84 -1.34 23.73
CA PHE C 256 22.85 -2.35 23.43
C PHE C 256 23.05 -3.27 24.60
N TYR C 257 22.72 -4.53 24.41
CA TYR C 257 22.87 -5.51 25.47
C TYR C 257 23.72 -6.64 24.91
N THR C 258 24.56 -7.28 25.72
CA THR C 258 25.59 -8.17 25.16
C THR C 258 25.97 -9.27 26.17
N GLY C 259 26.95 -10.09 25.82
CA GLY C 259 27.60 -10.95 26.80
C GLY C 259 27.45 -12.43 26.48
N SER C 260 28.41 -13.20 26.96
CA SER C 260 28.26 -14.66 26.96
C SER C 260 29.19 -15.25 27.99
N ASP C 261 29.21 -16.58 28.09
CA ASP C 261 30.03 -17.18 29.15
C ASP C 261 31.53 -17.10 28.82
N ASP C 262 31.85 -16.81 27.56
CA ASP C 262 33.21 -16.61 27.17
C ASP C 262 33.73 -15.16 27.40
N TYR C 263 34.92 -15.09 27.99
CA TYR C 263 35.55 -13.84 28.34
C TYR C 263 35.69 -12.88 27.13
N TYR C 264 36.45 -13.31 26.10
CA TYR C 264 36.65 -12.50 24.93
C TYR C 264 35.38 -12.17 24.16
N GLU C 265 34.46 -13.13 24.10
CA GLU C 265 33.17 -12.86 23.44
C GLU C 265 32.43 -11.74 24.12
N THR C 266 32.58 -11.62 25.43
CA THR C 266 31.96 -10.56 26.14
C THR C 266 32.70 -9.22 25.90
N VAL C 267 33.99 -9.16 26.22
CA VAL C 267 34.66 -7.86 26.23
C VAL C 267 34.88 -7.31 24.84
N SER C 268 34.97 -8.18 23.82
CA SER C 268 35.20 -7.73 22.47
C SER C 268 34.05 -6.92 21.95
N THR C 269 32.88 -7.05 22.57
CA THR C 269 31.71 -6.41 22.03
C THR C 269 31.69 -4.91 22.32
N VAL C 270 32.67 -4.42 23.09
CA VAL C 270 32.87 -2.96 23.13
C VAL C 270 33.06 -2.46 21.70
N TYR C 271 33.75 -3.26 20.88
CA TYR C 271 34.08 -2.85 19.50
C TYR C 271 33.00 -3.17 18.49
N LEU C 272 32.10 -4.07 18.86
CA LEU C 272 30.83 -4.22 18.13
C LEU C 272 29.97 -2.96 18.33
N LEU C 273 29.70 -2.60 19.58
CA LEU C 273 29.04 -1.35 19.91
C LEU C 273 29.57 -0.12 19.16
N LYS C 274 30.89 0.00 19.11
CA LYS C 274 31.51 1.08 18.39
C LYS C 274 31.02 1.17 16.94
N GLU C 275 31.06 0.04 16.23
CA GLU C 275 30.58 0.04 14.84
C GLU C 275 29.08 0.28 14.70
N ARG C 276 28.30 -0.25 15.63
CA ARG C 276 26.86 0.08 15.68
C ARG C 276 26.61 1.60 15.79
N LEU C 277 27.38 2.25 16.66
CA LEU C 277 27.15 3.65 16.88
C LEU C 277 27.54 4.46 15.65
N ILE C 278 28.70 4.11 15.06
CA ILE C 278 29.14 4.76 13.81
C ILE C 278 28.08 4.62 12.71
N GLY C 279 27.49 3.44 12.62
CA GLY C 279 26.36 3.21 11.72
C GLY C 279 25.20 4.19 11.95
N VAL C 280 24.75 4.34 13.20
CA VAL C 280 23.60 5.19 13.43
C VAL C 280 23.99 6.66 13.09
N LYS C 281 25.21 7.04 13.45
CA LYS C 281 25.72 8.38 13.16
C LYS C 281 25.64 8.66 11.65
N LYS C 282 26.07 7.68 10.86
CA LYS C 282 26.01 7.81 9.42
C LYS C 282 24.55 7.93 8.92
N LEU C 283 23.64 7.15 9.52
CA LEU C 283 22.21 7.37 9.16
C LEU C 283 21.78 8.83 9.34
N ILE C 284 22.15 9.43 10.46
CA ILE C 284 21.77 10.82 10.70
C ILE C 284 22.36 11.69 9.58
N ASP C 285 23.62 11.42 9.25
CA ASP C 285 24.27 12.17 8.17
C ASP C 285 23.50 12.11 6.85
N MET C 286 22.82 11.01 6.60
CA MET C 286 22.06 10.83 5.36
C MET C 286 20.71 11.50 5.33
N VAL C 287 20.26 12.09 6.43
CA VAL C 287 18.99 12.81 6.40
C VAL C 287 19.32 14.29 6.60
N ASP C 288 19.12 15.13 5.59
CA ASP C 288 19.56 16.53 5.65
C ASP C 288 19.12 17.29 6.86
N THR C 289 17.84 17.29 7.18
CA THR C 289 17.40 18.12 8.34
C THR C 289 18.02 17.66 9.65
N ALA C 290 18.05 16.35 9.87
CA ALA C 290 18.70 15.79 11.07
C ALA C 290 20.20 16.13 11.13
N ARG C 291 20.91 15.97 10.02
CA ARG C 291 22.32 16.32 10.01
C ARG C 291 22.48 17.80 10.30
N LYS C 292 21.73 18.65 9.61
CA LYS C 292 21.90 20.11 9.83
C LYS C 292 21.52 20.54 11.25
N ARG C 293 20.50 19.96 11.87
CA ARG C 293 20.21 20.33 13.28
C ARG C 293 21.21 19.74 14.31
N GLY C 294 22.06 18.85 13.88
CA GLY C 294 22.97 18.23 14.82
C GLY C 294 22.27 17.22 15.75
N VAL C 295 21.37 16.41 15.19
CA VAL C 295 20.76 15.32 15.98
C VAL C 295 21.84 14.35 16.39
N LYS C 296 21.82 13.84 17.62
CA LYS C 296 22.89 12.99 18.10
C LYS C 296 22.32 11.67 18.54
N ILE C 297 23.18 10.84 19.13
CA ILE C 297 22.76 9.54 19.66
C ILE C 297 22.66 9.49 21.18
N ALA C 298 21.62 8.81 21.70
CA ALA C 298 21.51 8.55 23.12
C ALA C 298 21.59 7.02 23.30
N LEU C 299 22.65 6.54 23.94
CA LEU C 299 22.78 5.11 24.19
C LEU C 299 22.09 4.89 25.52
N ASP C 300 20.76 4.99 25.52
CA ASP C 300 20.04 5.18 26.77
C ASP C 300 19.62 3.88 27.46
N GLU C 301 20.11 2.74 26.95
CA GLU C 301 20.16 1.45 27.72
C GLU C 301 21.32 0.67 27.26
N TRP C 302 22.23 0.34 28.17
CA TRP C 302 23.26 -0.61 27.80
C TRP C 302 23.73 -1.39 29.01
N ASN C 303 24.19 -2.64 28.80
CA ASN C 303 24.78 -3.46 29.82
C ASN C 303 25.08 -4.84 29.29
N VAL C 304 25.78 -5.65 30.09
CA VAL C 304 25.72 -7.11 29.89
C VAL C 304 24.32 -7.59 30.30
N TRP C 305 23.73 -8.43 29.46
CA TRP C 305 22.49 -9.14 29.77
C TRP C 305 22.48 -10.46 28.95
N TYR C 306 22.71 -11.60 29.59
CA TYR C 306 22.61 -12.89 28.84
C TYR C 306 22.26 -14.10 29.71
N ARG C 307 22.38 -13.96 31.02
CA ARG C 307 22.14 -15.09 31.93
C ARG C 307 20.68 -15.30 32.35
N VAL C 308 19.96 -14.23 32.71
CA VAL C 308 18.63 -14.40 33.27
C VAL C 308 17.56 -13.83 32.34
N SER C 309 16.42 -14.50 32.28
CA SER C 309 15.24 -13.91 31.63
C SER C 309 13.96 -14.28 32.30
N ASP C 310 13.77 -13.73 33.48
CA ASP C 310 12.54 -13.84 34.19
C ASP C 310 12.03 -12.38 34.27
N ASN C 311 11.28 -12.03 35.30
CA ASN C 311 10.78 -10.66 35.35
C ASN C 311 11.41 -9.88 36.53
N LYS C 312 12.63 -10.27 36.93
CA LYS C 312 13.38 -9.63 38.02
C LYS C 312 14.75 -9.19 37.46
N LEU C 313 15.31 -10.03 36.58
CA LEU C 313 16.55 -9.78 35.84
C LEU C 313 17.80 -9.53 36.74
N GLU C 314 17.92 -10.29 37.82
CA GLU C 314 19.04 -10.13 38.76
C GLU C 314 20.31 -10.79 38.24
N GLU C 315 20.84 -10.19 37.16
CA GLU C 315 21.98 -10.67 36.44
C GLU C 315 23.23 -10.60 37.35
N PRO C 316 23.84 -11.76 37.64
CA PRO C 316 24.97 -11.85 38.58
C PRO C 316 26.27 -11.41 37.91
N TYR C 317 26.40 -10.10 37.59
CA TYR C 317 27.62 -9.56 36.97
C TYR C 317 28.91 -10.04 37.63
N ASP C 318 29.92 -10.36 36.81
CA ASP C 318 31.25 -10.66 37.34
C ASP C 318 32.31 -9.72 36.76
N LEU C 319 33.60 -10.02 36.98
CA LEU C 319 34.66 -9.08 36.62
C LEU C 319 34.70 -8.83 35.13
N LYS C 320 34.61 -9.91 34.37
CA LYS C 320 34.48 -9.89 32.91
C LYS C 320 33.51 -8.78 32.45
N ASP C 321 32.34 -8.72 33.10
CA ASP C 321 31.25 -7.83 32.74
C ASP C 321 31.62 -6.43 33.13
N GLY C 322 32.30 -6.29 34.27
CA GLY C 322 32.90 -5.01 34.70
C GLY C 322 33.96 -4.47 33.75
N ILE C 323 34.76 -5.35 33.16
CA ILE C 323 35.78 -4.92 32.17
C ILE C 323 35.06 -4.41 30.92
N PHE C 324 33.97 -5.09 30.57
CA PHE C 324 33.19 -4.63 29.45
C PHE C 324 32.68 -3.21 29.73
N ALA C 325 32.03 -3.02 30.88
CA ALA C 325 31.54 -1.69 31.28
C ALA C 325 32.69 -0.65 31.25
N CYS C 326 33.87 -1.01 31.77
CA CYS C 326 35.02 -0.06 31.66
C CYS C 326 35.30 0.30 30.22
N GLY C 327 35.34 -0.71 29.36
CA GLY C 327 35.67 -0.43 27.95
C GLY C 327 34.63 0.44 27.26
N VAL C 328 33.36 0.27 27.63
CA VAL C 328 32.31 1.12 27.07
C VAL C 328 32.53 2.57 27.52
N LEU C 329 32.87 2.76 28.78
CA LEU C 329 33.07 4.12 29.33
C LEU C 329 34.24 4.84 28.64
N VAL C 330 35.32 4.10 28.44
CA VAL C 330 36.48 4.60 27.65
C VAL C 330 36.08 4.98 26.21
N LEU C 331 35.29 4.10 25.59
CA LEU C 331 34.79 4.33 24.25
C LEU C 331 33.94 5.60 24.19
N LEU C 332 33.04 5.72 25.17
CA LEU C 332 32.18 6.86 25.22
C LEU C 332 32.96 8.17 25.45
N GLN C 333 33.98 8.16 26.28
CA GLN C 333 34.84 9.35 26.45
C GLN C 333 35.40 9.76 25.10
N LYS C 334 35.73 8.79 24.26
CA LYS C 334 36.25 9.11 22.95
C LYS C 334 35.20 9.45 21.90
N MET C 335 33.92 9.12 22.14
CA MET C 335 32.93 9.32 21.08
C MET C 335 31.77 10.20 21.52
N SER C 336 31.91 10.85 22.65
CA SER C 336 30.81 11.55 23.25
C SER C 336 30.32 12.75 22.42
N ASP C 337 31.04 13.15 21.38
CA ASP C 337 30.50 14.24 20.55
C ASP C 337 29.36 13.67 19.68
N ILE C 338 29.39 12.38 19.45
CA ILE C 338 28.38 11.69 18.62
C ILE C 338 27.32 11.02 19.53
N VAL C 339 27.74 10.63 20.75
CA VAL C 339 26.86 9.95 21.73
C VAL C 339 27.01 10.65 23.08
N PRO C 340 26.35 11.82 23.23
CA PRO C 340 26.53 12.61 24.45
C PRO C 340 25.77 12.12 25.66
N LEU C 341 24.83 11.21 25.46
CA LEU C 341 23.94 10.76 26.53
C LEU C 341 24.01 9.24 26.57
N ALA C 342 24.30 8.64 27.71
CA ALA C 342 24.28 7.16 27.78
C ALA C 342 23.75 6.80 29.14
N ASN C 343 22.99 5.71 29.24
CA ASN C 343 22.40 5.26 30.50
C ASN C 343 22.64 3.79 30.68
N LEU C 344 23.42 3.42 31.67
CA LEU C 344 23.54 2.03 32.01
C LEU C 344 22.14 1.51 32.43
N ALA C 345 21.77 0.31 31.93
CA ALA C 345 20.55 -0.33 32.36
C ALA C 345 20.91 -1.55 33.22
N GLN C 346 20.63 -1.56 34.52
CA GLN C 346 19.99 -0.51 35.31
C GLN C 346 20.75 -0.37 36.63
N LEU C 347 20.30 0.53 37.49
CA LEU C 347 21.11 0.96 38.59
C LEU C 347 21.06 -0.02 39.78
N VAL C 348 19.86 -0.55 40.05
CA VAL C 348 19.66 -1.39 41.19
C VAL C 348 18.85 -2.63 40.82
N ASN C 349 19.36 -3.79 41.19
CA ASN C 349 18.70 -5.09 41.11
C ASN C 349 18.40 -5.62 39.72
N ALA C 350 17.49 -4.95 39.00
CA ALA C 350 17.21 -5.30 37.64
C ALA C 350 18.46 -4.95 36.78
N LEU C 351 19.02 -5.96 36.10
CA LEU C 351 20.31 -5.83 35.39
C LEU C 351 21.23 -4.91 36.23
N GLY C 352 21.28 -5.20 37.52
CA GLY C 352 21.60 -4.19 38.50
C GLY C 352 23.08 -3.98 38.75
N ALA C 353 23.51 -2.71 38.63
CA ALA C 353 24.87 -2.31 39.05
C ALA C 353 25.02 -2.60 40.56
N ILE C 354 24.01 -2.19 41.30
CA ILE C 354 23.92 -2.43 42.74
C ILE C 354 22.90 -3.56 42.98
N HIS C 355 23.22 -4.52 43.85
CA HIS C 355 22.28 -5.55 44.24
C HIS C 355 21.91 -5.40 45.72
N THR C 356 20.63 -5.28 46.04
CA THR C 356 20.24 -5.10 47.44
C THR C 356 19.60 -6.37 48.00
N GLU C 357 19.65 -6.45 49.33
CA GLU C 357 18.87 -7.38 50.10
C GLU C 357 18.25 -6.59 51.21
N LYS C 358 17.35 -7.22 51.97
CA LYS C 358 16.71 -6.56 53.09
C LYS C 358 17.72 -5.92 54.08
N ASP C 359 18.84 -6.62 54.28
CA ASP C 359 19.81 -6.32 55.31
C ASP C 359 21.10 -5.64 54.81
N GLY C 360 21.20 -5.36 53.51
CA GLY C 360 22.37 -4.62 52.99
C GLY C 360 22.45 -4.60 51.47
N LEU C 361 23.65 -4.41 50.94
CA LEU C 361 23.83 -4.34 49.50
C LEU C 361 25.22 -4.89 49.04
N ILE C 362 25.30 -5.23 47.75
CA ILE C 362 26.52 -5.66 47.11
C ILE C 362 26.82 -4.72 45.93
N LEU C 363 28.08 -4.34 45.74
CA LEU C 363 28.49 -3.59 44.59
C LEU C 363 29.11 -4.53 43.61
N THR C 364 28.46 -4.72 42.46
CA THR C 364 28.97 -5.62 41.46
C THR C 364 30.16 -4.95 40.72
N PRO C 365 30.91 -5.72 39.94
CA PRO C 365 32.00 -5.12 39.16
C PRO C 365 31.53 -4.12 38.12
N VAL C 366 30.27 -4.18 37.73
CA VAL C 366 29.71 -3.14 36.85
C VAL C 366 29.61 -1.79 37.57
N TYR C 367 29.12 -1.81 38.80
CA TYR C 367 29.15 -0.60 39.64
C TYR C 367 30.59 -0.08 39.77
N LYS C 368 31.49 -0.99 40.11
CA LYS C 368 32.91 -0.63 40.25
C LYS C 368 33.53 0.04 39.03
N ALA C 369 33.17 -0.43 37.84
CA ALA C 369 33.59 0.24 36.65
C ALA C 369 33.22 1.74 36.67
N PHE C 370 32.01 2.07 37.09
CA PHE C 370 31.59 3.46 37.25
C PHE C 370 32.33 4.16 38.39
N GLU C 371 32.47 3.45 39.52
CA GLU C 371 33.14 4.00 40.68
C GLU C 371 34.57 4.47 40.31
N LEU C 372 35.25 3.63 39.55
CA LEU C 372 36.57 3.94 39.03
C LEU C 372 36.56 5.15 38.06
N ILE C 373 35.84 5.03 36.94
CA ILE C 373 35.95 6.04 35.85
C ILE C 373 35.39 7.39 36.24
N VAL C 374 34.24 7.36 36.87
CA VAL C 374 33.52 8.57 37.13
C VAL C 374 34.28 9.45 38.16
N ASN C 375 34.99 8.83 39.10
CA ASN C 375 35.81 9.56 40.07
C ASN C 375 37.24 9.86 39.63
N HIS C 376 37.65 9.36 38.47
CA HIS C 376 39.00 9.62 37.99
C HIS C 376 38.92 9.86 36.52
N SER C 377 38.27 10.98 36.15
CA SER C 377 38.13 11.33 34.75
C SER C 377 37.99 12.84 34.56
N GLY C 378 38.32 13.34 33.38
CA GLY C 378 38.31 14.80 33.15
C GLY C 378 37.20 15.23 32.23
N GLU C 379 36.97 16.54 32.14
CA GLU C 379 35.92 17.10 31.33
C GLU C 379 36.32 17.20 29.86
N LYS C 380 37.60 17.02 29.55
CA LYS C 380 38.06 17.19 28.16
C LYS C 380 38.90 16.01 27.73
N LEU C 381 38.69 15.56 26.50
CA LEU C 381 39.50 14.52 25.89
C LEU C 381 40.72 15.14 25.28
N VAL C 382 41.90 14.57 25.59
CA VAL C 382 43.15 15.00 24.97
C VAL C 382 43.69 13.97 24.01
N LYS C 383 44.58 14.41 23.12
CA LYS C 383 45.13 13.53 22.11
C LYS C 383 45.76 12.28 22.76
N THR C 384 45.30 11.10 22.33
CA THR C 384 45.76 9.83 22.89
C THR C 384 46.00 8.95 21.68
N HIS C 385 47.26 8.53 21.50
CA HIS C 385 47.55 7.52 20.49
C HIS C 385 47.90 6.17 21.14
N VAL C 386 47.22 5.10 20.75
CA VAL C 386 47.49 3.79 21.34
C VAL C 386 47.97 2.79 20.30
N GLU C 387 49.09 2.14 20.62
CA GLU C 387 49.61 1.03 19.86
C GLU C 387 49.17 -0.21 20.57
N SER C 388 48.56 -1.12 19.82
CA SER C 388 48.10 -2.37 20.38
C SER C 388 48.05 -3.45 19.34
N GLU C 389 48.40 -4.66 19.74
CA GLU C 389 48.01 -5.85 19.00
C GLU C 389 46.48 -5.98 19.05
N THR C 390 45.93 -6.63 18.03
CA THR C 390 44.51 -6.77 17.86
C THR C 390 44.15 -8.25 17.62
N TYR C 391 42.85 -8.58 17.75
CA TYR C 391 42.31 -9.93 17.51
C TYR C 391 40.93 -9.86 16.83
N ASN C 392 40.59 -10.96 16.15
CA ASN C 392 39.30 -11.11 15.49
C ASN C 392 38.55 -12.14 16.27
N ILE C 393 37.23 -12.01 16.35
CA ILE C 393 36.47 -12.98 17.10
C ILE C 393 35.10 -13.20 16.48
N GLU C 394 34.63 -14.44 16.59
CA GLU C 394 33.22 -14.76 16.39
C GLU C 394 32.64 -15.40 17.63
N GLY C 395 31.51 -14.86 18.08
CA GLY C 395 30.93 -15.32 19.34
C GLY C 395 29.43 -15.24 19.31
N VAL C 396 28.86 -15.25 20.50
CA VAL C 396 27.42 -15.10 20.68
C VAL C 396 27.21 -14.05 21.76
N MET C 397 26.07 -13.37 21.74
CA MET C 397 25.83 -12.31 22.71
C MET C 397 24.34 -12.35 23.10
N PHE C 398 24.03 -11.83 24.29
CA PHE C 398 22.66 -11.57 24.74
C PHE C 398 21.92 -12.88 25.07
N ILE C 399 20.73 -12.77 25.64
CA ILE C 399 20.01 -13.95 26.13
C ILE C 399 19.74 -14.96 25.02
N ASN C 400 19.58 -14.53 23.77
CA ASN C 400 19.24 -15.47 22.70
C ASN C 400 20.45 -16.00 21.94
N LYS C 401 21.64 -15.72 22.45
CA LYS C 401 22.90 -16.17 21.84
C LYS C 401 23.02 -15.90 20.35
N MET C 402 22.74 -14.65 19.97
CA MET C 402 22.91 -14.22 18.60
C MET C 402 24.39 -14.16 18.22
N PRO C 403 24.78 -14.75 17.05
CA PRO C 403 26.18 -14.68 16.60
C PRO C 403 26.59 -13.26 16.19
N PHE C 404 27.85 -12.91 16.43
CA PHE C 404 28.40 -11.64 15.99
C PHE C 404 29.84 -11.89 15.60
N SER C 405 30.41 -10.99 14.82
CA SER C 405 31.85 -10.98 14.80
C SER C 405 32.46 -9.59 14.88
N VAL C 406 33.70 -9.55 15.37
CA VAL C 406 34.41 -8.27 15.51
C VAL C 406 35.72 -8.47 14.87
N GLU C 407 36.13 -7.50 14.08
CA GLU C 407 37.44 -7.54 13.47
C GLU C 407 38.37 -6.56 14.16
N ASN C 408 39.60 -6.96 14.45
CA ASN C 408 40.64 -6.04 14.93
C ASN C 408 40.29 -5.33 16.23
N ALA C 409 39.72 -6.07 17.19
CA ALA C 409 39.53 -5.49 18.52
C ALA C 409 40.92 -5.39 19.20
N PRO C 410 41.20 -4.27 19.92
CA PRO C 410 42.51 -4.08 20.55
C PRO C 410 42.61 -4.89 21.82
N PHE C 411 43.78 -5.42 22.14
CA PHE C 411 43.97 -6.01 23.46
C PHE C 411 44.20 -4.90 24.49
N LEU C 412 44.54 -3.70 24.02
CA LEU C 412 44.84 -2.60 24.88
C LEU C 412 44.17 -1.35 24.31
N ASP C 413 43.46 -0.62 25.16
CA ASP C 413 42.79 0.63 24.76
C ASP C 413 42.93 1.66 25.90
N ALA C 414 42.79 2.95 25.57
CA ALA C 414 43.04 3.99 26.58
C ALA C 414 42.34 5.26 26.11
N ALA C 415 42.08 6.16 27.04
CA ALA C 415 41.60 7.48 26.69
C ALA C 415 42.19 8.35 27.81
N ALA C 416 42.72 9.50 27.41
CA ALA C 416 43.31 10.43 28.34
C ALA C 416 42.43 11.67 28.33
N SER C 417 42.17 12.15 29.54
CA SER C 417 41.33 13.27 29.74
C SER C 417 41.92 14.22 30.83
N ILE C 418 41.55 15.49 30.79
CA ILE C 418 42.03 16.48 31.76
C ILE C 418 40.86 17.21 32.37
N SER C 419 41.07 17.66 33.60
CA SER C 419 40.07 18.44 34.31
C SER C 419 39.83 19.81 33.63
N GLU C 420 38.67 20.39 33.96
CA GLU C 420 38.22 21.68 33.45
C GLU C 420 39.35 22.71 33.61
N ASP C 421 39.97 22.74 34.78
CA ASP C 421 41.05 23.70 35.09
C ASP C 421 42.45 23.35 34.51
N GLY C 422 42.56 22.25 33.79
CA GLY C 422 43.83 21.86 33.19
C GLY C 422 44.90 21.33 34.16
N LYS C 423 44.58 21.16 35.44
CA LYS C 423 45.54 20.75 36.47
C LYS C 423 45.70 19.24 36.72
N LYS C 424 44.86 18.42 36.09
CA LYS C 424 44.91 16.96 36.33
C LYS C 424 44.68 16.22 35.06
N LEU C 425 45.44 15.16 34.90
CA LEU C 425 45.37 14.31 33.75
C LEU C 425 44.91 12.93 34.24
N PHE C 426 44.00 12.30 33.49
CA PHE C 426 43.53 10.95 33.83
C PHE C 426 43.77 10.07 32.61
N ILE C 427 44.61 9.07 32.77
CA ILE C 427 44.83 8.16 31.67
C ILE C 427 44.14 6.86 32.00
N ALA C 428 43.01 6.65 31.35
CA ALA C 428 42.24 5.44 31.60
C ALA C 428 42.71 4.35 30.65
N VAL C 429 43.10 3.20 31.19
CA VAL C 429 43.70 2.15 30.38
C VAL C 429 43.03 0.80 30.63
N VAL C 430 42.61 0.12 29.57
CA VAL C 430 41.99 -1.20 29.72
C VAL C 430 42.93 -2.25 29.15
N ASN C 431 43.34 -3.20 29.97
CA ASN C 431 44.08 -4.31 29.41
C ASN C 431 43.10 -5.47 29.26
N TYR C 432 42.63 -5.68 28.04
CA TYR C 432 41.69 -6.80 27.81
C TYR C 432 42.32 -8.19 27.86
N ARG C 433 43.64 -8.31 27.75
CA ARG C 433 44.23 -9.68 27.73
C ARG C 433 43.78 -10.51 28.90
N LYS C 434 43.43 -11.75 28.61
CA LYS C 434 42.90 -12.69 29.61
C LYS C 434 43.97 -13.22 30.56
N GLU C 435 45.20 -13.34 30.07
CA GLU C 435 46.21 -14.05 30.84
C GLU C 435 47.49 -13.27 31.13
N ASP C 436 47.89 -12.36 30.25
CA ASP C 436 49.21 -11.75 30.43
C ASP C 436 49.13 -10.32 30.84
N ALA C 437 49.91 -9.95 31.84
CA ALA C 437 50.11 -8.56 32.19
C ALA C 437 50.81 -7.89 30.99
N LEU C 438 50.62 -6.59 30.80
CA LEU C 438 51.32 -5.91 29.72
C LEU C 438 52.15 -4.78 30.32
N LYS C 439 53.46 -4.85 30.05
CA LYS C 439 54.41 -3.79 30.37
C LYS C 439 54.35 -2.74 29.25
N VAL C 440 53.68 -1.62 29.51
CA VAL C 440 53.42 -0.66 28.44
C VAL C 440 54.23 0.61 28.64
N PRO C 441 54.98 1.03 27.60
CA PRO C 441 55.65 2.34 27.66
C PRO C 441 54.70 3.48 27.38
N ILE C 442 54.78 4.52 28.17
CA ILE C 442 53.84 5.62 28.11
C ILE C 442 54.61 6.91 27.95
N ARG C 443 54.19 7.73 26.99
CA ARG C 443 54.72 9.06 26.86
C ARG C 443 53.62 10.07 27.07
N VAL C 444 53.92 11.04 27.93
CA VAL C 444 53.05 12.17 28.13
C VAL C 444 53.82 13.46 27.87
N GLU C 445 53.44 14.19 26.83
CA GLU C 445 54.12 15.41 26.46
C GLU C 445 54.10 16.44 27.56
N GLY C 446 55.24 17.06 27.81
CA GLY C 446 55.34 18.16 28.79
C GLY C 446 55.32 17.75 30.25
N LEU C 447 55.19 16.46 30.51
CA LEU C 447 55.05 16.00 31.88
C LEU C 447 56.42 15.84 32.53
N GLY C 448 56.59 16.34 33.74
CA GLY C 448 57.86 16.14 34.45
C GLY C 448 57.82 14.98 35.40
N GLN C 449 58.87 14.84 36.21
CA GLN C 449 58.94 13.78 37.21
C GLN C 449 58.13 14.12 38.44
N LYS C 450 57.32 13.18 38.89
CA LYS C 450 56.52 13.32 40.11
C LYS C 450 55.87 11.98 40.46
N LYS C 451 55.28 11.92 41.63
CA LYS C 451 54.40 10.84 42.04
C LYS C 451 53.05 10.95 41.35
N ALA C 452 52.49 9.82 40.99
CA ALA C 452 51.13 9.76 40.45
C ALA C 452 50.45 8.60 41.18
N THR C 453 49.11 8.56 41.15
CA THR C 453 48.42 7.42 41.71
C THR C 453 47.71 6.68 40.59
N VAL C 454 47.82 5.36 40.65
CA VAL C 454 47.16 4.47 39.72
C VAL C 454 46.05 3.76 40.48
N TYR C 455 44.83 3.94 39.98
CA TYR C 455 43.66 3.28 40.52
C TYR C 455 43.27 2.13 39.62
N THR C 456 43.21 0.92 40.18
CA THR C 456 43.08 -0.30 39.38
C THR C 456 41.89 -1.13 39.83
N LEU C 457 41.08 -1.49 38.84
CA LEU C 457 39.96 -2.38 39.07
C LEU C 457 40.32 -3.72 38.50
N THR C 458 40.37 -4.72 39.36
CA THR C 458 40.52 -6.11 38.88
C THR C 458 40.24 -7.04 40.06
N GLY C 459 40.56 -8.32 39.95
CA GLY C 459 40.24 -9.30 41.00
C GLY C 459 40.92 -10.59 40.62
N PRO C 460 40.67 -11.68 41.38
CA PRO C 460 41.46 -12.92 41.20
C PRO C 460 41.28 -13.65 39.87
N ASP C 461 40.12 -13.53 39.23
CA ASP C 461 39.91 -14.21 37.96
C ASP C 461 38.77 -13.51 37.24
N VAL C 462 38.59 -13.84 35.97
CA VAL C 462 37.59 -13.16 35.14
C VAL C 462 36.14 -13.35 35.61
N ASN C 463 35.89 -14.36 36.43
CA ASN C 463 34.55 -14.56 36.95
C ASN C 463 34.34 -14.21 38.39
N ALA C 464 35.32 -13.56 39.00
CA ALA C 464 35.22 -13.04 40.37
C ALA C 464 34.01 -12.13 40.55
N ARG C 465 33.36 -12.21 41.69
CA ARG C 465 32.15 -11.44 42.00
C ARG C 465 32.25 -10.98 43.44
N ASN C 466 31.54 -9.91 43.78
CA ASN C 466 31.41 -9.53 45.17
C ASN C 466 30.12 -10.15 45.69
N THR C 467 30.14 -10.62 46.94
CA THR C 467 28.99 -11.21 47.60
C THR C 467 28.77 -10.48 48.90
N MET C 468 27.66 -10.78 49.55
CA MET C 468 27.36 -10.20 50.87
C MET C 468 28.43 -10.58 51.92
N GLU C 469 28.92 -11.82 51.87
CA GLU C 469 29.97 -12.29 52.77
C GLU C 469 31.38 -11.79 52.43
N ASN C 470 31.68 -11.69 51.13
CA ASN C 470 32.95 -11.08 50.66
C ASN C 470 32.66 -9.94 49.68
N PRO C 471 32.40 -8.76 50.23
CA PRO C 471 31.97 -7.57 49.47
C PRO C 471 33.07 -6.89 48.69
N ASN C 472 34.33 -7.26 48.93
CA ASN C 472 35.46 -6.56 48.34
C ASN C 472 36.41 -7.41 47.51
N VAL C 473 35.97 -8.61 47.08
CA VAL C 473 36.76 -9.44 46.15
C VAL C 473 37.16 -8.66 44.89
N VAL C 474 36.23 -7.87 44.34
CA VAL C 474 36.48 -7.08 43.14
C VAL C 474 36.32 -5.64 43.60
N ASP C 475 37.45 -4.95 43.67
CA ASP C 475 37.47 -3.58 44.19
C ASP C 475 38.57 -2.74 43.54
N ILE C 476 38.53 -1.46 43.81
CA ILE C 476 39.54 -0.58 43.26
C ILE C 476 40.69 -0.53 44.26
N THR C 477 41.89 -0.84 43.80
CA THR C 477 43.13 -0.64 44.59
C THR C 477 43.92 0.56 44.08
N SER C 478 44.69 1.21 44.95
CA SER C 478 45.56 2.30 44.53
C SER C 478 47.03 2.02 44.85
N GLU C 479 47.89 2.55 44.00
CA GLU C 479 49.33 2.52 44.25
C GLU C 479 49.98 3.78 43.73
N THR C 480 51.05 4.15 44.44
CA THR C 480 51.83 5.30 44.11
C THR C 480 52.93 4.87 43.15
N ILE C 481 53.06 5.59 42.05
CA ILE C 481 54.15 5.35 41.10
C ILE C 481 54.85 6.68 40.83
N THR C 482 56.02 6.60 40.21
CA THR C 482 56.74 7.77 39.79
C THR C 482 56.68 7.83 38.28
N VAL C 483 56.23 8.96 37.77
CA VAL C 483 56.12 9.13 36.33
C VAL C 483 57.14 10.12 35.80
N ASP C 484 57.27 10.19 34.48
CA ASP C 484 58.02 11.25 33.84
C ASP C 484 57.43 11.42 32.46
N THR C 485 58.15 12.16 31.63
CA THR C 485 57.75 12.39 30.27
C THR C 485 57.63 11.04 29.58
N GLU C 486 58.52 10.11 29.88
CA GLU C 486 58.30 8.72 29.47
C GLU C 486 58.48 7.87 30.69
N PHE C 487 57.69 6.80 30.80
CA PHE C 487 57.79 5.80 31.86
C PHE C 487 57.09 4.53 31.41
N GLU C 488 57.28 3.44 32.13
CA GLU C 488 56.57 2.21 31.85
C GLU C 488 55.61 1.86 32.99
N HIS C 489 54.52 1.19 32.67
CA HIS C 489 53.66 0.66 33.70
C HIS C 489 53.14 -0.73 33.29
N THR C 490 53.11 -1.64 34.25
CA THR C 490 52.60 -2.99 33.99
C THR C 490 51.10 -3.05 34.34
N PHE C 491 50.28 -3.22 33.32
CA PHE C 491 48.85 -3.34 33.56
C PHE C 491 48.48 -4.83 33.65
N LYS C 492 47.85 -5.19 34.75
CA LYS C 492 47.38 -6.54 35.02
C LYS C 492 46.38 -7.02 33.97
N PRO C 493 46.35 -8.34 33.75
CA PRO C 493 45.40 -8.84 32.76
C PRO C 493 43.96 -8.59 33.25
N PHE C 494 42.99 -8.57 32.34
CA PHE C 494 41.56 -8.28 32.70
C PHE C 494 41.43 -7.20 33.76
N SER C 495 42.00 -6.01 33.47
CA SER C 495 41.92 -4.89 34.38
C SER C 495 41.63 -3.56 33.71
N CYS C 496 41.09 -2.62 34.47
CA CYS C 496 41.06 -1.22 34.04
C CYS C 496 41.80 -0.39 35.08
N SER C 497 42.68 0.49 34.62
CA SER C 497 43.49 1.37 35.48
C SER C 497 43.26 2.82 35.08
N VAL C 498 43.26 3.72 36.04
CA VAL C 498 43.40 5.14 35.70
C VAL C 498 44.67 5.66 36.40
N ILE C 499 45.62 6.09 35.59
CA ILE C 499 46.77 6.87 36.10
C ILE C 499 46.32 8.30 36.28
N GLU C 500 46.33 8.78 37.52
CA GLU C 500 45.93 10.15 37.81
C GLU C 500 47.18 10.95 38.17
N VAL C 501 47.39 12.05 37.47
CA VAL C 501 48.64 12.80 37.66
C VAL C 501 48.41 14.29 37.56
N GLU C 502 49.07 15.06 38.40
CA GLU C 502 48.96 16.54 38.34
C GLU C 502 49.70 17.06 37.16
N LEU C 503 49.14 18.07 36.53
CA LEU C 503 49.81 18.78 35.47
C LEU C 503 50.19 20.17 35.94
N GLU C 504 51.14 20.76 35.22
CA GLU C 504 51.53 22.14 35.39
C GLU C 504 50.36 23.13 35.15
N SER D 22 -14.91 -55.09 11.92
CA SER D 22 -13.92 -53.95 11.82
C SER D 22 -13.36 -53.75 10.39
N TYR D 23 -13.41 -54.78 9.54
CA TYR D 23 -13.18 -54.62 8.10
C TYR D 23 -14.31 -55.16 7.28
N GLY D 24 -14.68 -54.43 6.23
CA GLY D 24 -15.65 -54.97 5.28
C GLY D 24 -15.92 -53.99 4.18
N ILE D 25 -16.45 -54.50 3.07
CA ILE D 25 -16.75 -53.69 1.91
C ILE D 25 -18.13 -54.04 1.40
N VAL D 26 -18.95 -53.02 1.13
CA VAL D 26 -20.28 -53.23 0.58
C VAL D 26 -20.43 -52.42 -0.68
N VAL D 27 -20.78 -53.08 -1.78
CA VAL D 27 -20.97 -52.45 -3.06
C VAL D 27 -22.39 -52.59 -3.60
N ASP D 28 -22.97 -51.48 -4.09
CA ASP D 28 -24.19 -51.57 -4.88
C ASP D 28 -24.02 -51.12 -6.35
N PRO D 29 -23.82 -52.09 -7.27
CA PRO D 29 -23.58 -51.82 -8.68
C PRO D 29 -24.69 -51.07 -9.38
N LYS D 30 -25.89 -51.08 -8.80
CA LYS D 30 -27.08 -50.47 -9.41
C LYS D 30 -27.21 -49.01 -8.95
N GLU D 31 -26.40 -48.63 -7.97
CA GLU D 31 -26.40 -47.27 -7.47
C GLU D 31 -25.15 -46.49 -7.97
N VAL D 32 -25.32 -45.80 -9.10
CA VAL D 32 -24.28 -44.94 -9.68
C VAL D 32 -24.20 -43.63 -8.90
N VAL D 33 -23.03 -43.37 -8.31
CA VAL D 33 -22.78 -42.17 -7.53
C VAL D 33 -22.44 -41.03 -8.49
N LYS D 34 -21.47 -41.24 -9.39
CA LYS D 34 -21.07 -40.18 -10.32
C LYS D 34 -20.07 -40.74 -11.32
N PRO D 35 -19.87 -40.01 -12.46
CA PRO D 35 -18.84 -40.38 -13.40
C PRO D 35 -17.47 -40.34 -12.75
N ILE D 36 -16.52 -41.05 -13.34
CA ILE D 36 -15.14 -40.90 -12.93
C ILE D 36 -14.51 -40.23 -14.11
N SER D 37 -13.90 -39.08 -13.87
CA SER D 37 -13.30 -38.35 -14.97
C SER D 37 -12.14 -39.17 -15.57
N ARG D 38 -12.08 -39.31 -16.89
CA ARG D 38 -10.98 -40.11 -17.49
C ARG D 38 -9.61 -39.44 -17.36
N HIS D 39 -9.61 -38.13 -17.08
CA HIS D 39 -8.37 -37.39 -16.99
C HIS D 39 -7.66 -37.46 -15.65
N ILE D 40 -8.21 -38.20 -14.70
CA ILE D 40 -7.45 -38.40 -13.48
C ILE D 40 -6.16 -39.17 -13.69
N TYR D 41 -6.01 -39.86 -14.84
CA TYR D 41 -4.85 -40.74 -15.03
C TYR D 41 -3.81 -40.09 -15.92
N GLY D 42 -3.78 -38.74 -15.96
CA GLY D 42 -2.81 -38.00 -16.81
C GLY D 42 -1.37 -38.15 -16.39
N HIS D 43 -0.47 -37.70 -17.27
CA HIS D 43 0.96 -37.75 -17.06
C HIS D 43 1.59 -36.45 -17.47
N PHE D 44 2.89 -36.37 -17.28
CA PHE D 44 3.59 -35.09 -17.41
C PHE D 44 5.01 -35.40 -17.84
N THR D 45 5.46 -34.73 -18.90
CA THR D 45 6.86 -34.83 -19.31
C THR D 45 7.47 -33.42 -19.41
N GLU D 46 8.43 -33.10 -18.55
CA GLU D 46 9.19 -31.81 -18.61
C GLU D 46 10.54 -32.03 -19.31
N HIS D 47 11.03 -30.97 -19.96
CA HIS D 47 12.45 -30.87 -20.38
C HIS D 47 13.37 -30.73 -19.17
N LEU D 48 13.56 -31.87 -18.49
CA LEU D 48 14.35 -31.92 -17.29
C LEU D 48 15.18 -33.19 -17.29
N GLY D 49 16.51 -33.03 -17.14
CA GLY D 49 17.40 -34.20 -17.11
C GLY D 49 17.15 -35.09 -18.32
N ARG D 50 16.81 -36.35 -18.07
CA ARG D 50 16.64 -37.32 -19.17
C ARG D 50 15.17 -37.69 -19.41
N CYS D 51 14.24 -36.82 -18.93
CA CYS D 51 12.84 -37.05 -19.21
C CYS D 51 12.55 -37.08 -20.71
N ILE D 52 12.92 -36.01 -21.42
CA ILE D 52 12.70 -35.91 -22.84
C ILE D 52 13.93 -36.54 -23.58
N TYR D 53 15.09 -35.91 -23.48
CA TYR D 53 16.30 -36.36 -24.18
C TYR D 53 16.96 -37.52 -23.39
N GLY D 54 16.86 -38.73 -23.94
CA GLY D 54 17.32 -39.95 -23.23
C GLY D 54 16.16 -40.72 -22.63
N GLY D 55 14.95 -40.19 -22.79
CA GLY D 55 13.79 -40.70 -22.09
C GLY D 55 12.77 -41.05 -23.13
N ILE D 56 11.80 -40.17 -23.39
CA ILE D 56 10.87 -40.50 -24.45
C ILE D 56 11.54 -40.38 -25.82
N TYR D 57 12.64 -39.62 -25.88
CA TYR D 57 13.16 -39.21 -27.19
C TYR D 57 14.66 -39.38 -27.23
N GLU D 58 15.22 -39.94 -28.30
CA GLU D 58 16.66 -40.21 -28.29
C GLU D 58 17.05 -40.52 -29.72
N GLU D 59 17.45 -39.49 -30.46
CA GLU D 59 17.81 -39.64 -31.87
C GLU D 59 18.91 -40.73 -32.03
N GLY D 60 18.82 -41.60 -32.96
CA GLY D 60 20.03 -42.49 -32.90
C GLY D 60 20.31 -43.39 -31.65
N SER D 61 19.36 -43.51 -30.73
CA SER D 61 19.30 -44.76 -29.98
C SER D 61 18.86 -45.89 -30.94
N PRO D 62 19.52 -47.07 -30.86
CA PRO D 62 19.00 -48.22 -31.66
C PRO D 62 17.57 -48.62 -31.24
N LEU D 63 17.16 -48.18 -30.05
CA LEU D 63 15.83 -48.48 -29.52
C LEU D 63 14.74 -47.46 -29.96
N SER D 64 15.13 -46.40 -30.67
CA SER D 64 14.19 -45.39 -31.17
C SER D 64 13.76 -45.60 -32.61
N ASP D 65 12.55 -45.15 -32.98
CA ASP D 65 12.15 -45.20 -34.36
C ASP D 65 12.82 -44.05 -35.09
N GLU D 66 12.40 -43.77 -36.30
CA GLU D 66 13.10 -42.73 -37.06
C GLU D 66 12.72 -41.27 -36.67
N ARG D 67 11.69 -41.10 -35.85
CA ARG D 67 11.37 -39.77 -35.28
C ARG D 67 12.21 -39.50 -34.02
N GLY D 68 12.89 -40.54 -33.54
CA GLY D 68 13.66 -40.42 -32.34
C GLY D 68 12.92 -40.91 -31.12
N PHE D 69 11.70 -41.45 -31.28
CA PHE D 69 10.94 -41.91 -30.12
C PHE D 69 11.41 -43.27 -29.67
N ARG D 70 11.81 -43.38 -28.40
CA ARG D 70 12.09 -44.69 -27.84
C ARG D 70 10.88 -45.60 -27.99
N LYS D 71 11.08 -46.68 -28.75
CA LYS D 71 10.00 -47.66 -29.03
C LYS D 71 9.67 -48.54 -27.83
N ASP D 72 10.64 -48.86 -27.01
CA ASP D 72 10.33 -49.60 -25.79
C ASP D 72 9.52 -48.71 -24.79
N VAL D 73 9.93 -47.46 -24.61
CA VAL D 73 9.11 -46.46 -23.85
C VAL D 73 7.70 -46.35 -24.43
N LEU D 74 7.61 -46.19 -25.74
CA LEU D 74 6.31 -46.09 -26.40
C LEU D 74 5.42 -47.24 -26.02
N GLU D 75 6.01 -48.44 -26.02
CA GLU D 75 5.17 -49.60 -25.76
C GLU D 75 4.69 -49.52 -24.32
N ALA D 76 5.55 -49.13 -23.41
CA ALA D 76 5.16 -49.07 -21.99
C ALA D 76 4.10 -47.94 -21.72
N VAL D 77 4.23 -46.81 -22.42
CA VAL D 77 3.29 -45.69 -22.25
C VAL D 77 1.94 -46.05 -22.85
N LYS D 78 1.96 -46.79 -23.96
CA LYS D 78 0.69 -47.18 -24.59
C LYS D 78 -0.15 -48.09 -23.72
N ARG D 79 0.55 -48.94 -22.98
CA ARG D 79 -0.06 -49.87 -22.07
C ARG D 79 -0.82 -49.20 -20.90
N ILE D 80 -0.49 -47.94 -20.57
CA ILE D 80 -1.24 -47.24 -19.50
C ILE D 80 -2.20 -46.19 -20.03
N LYS D 81 -2.52 -46.29 -21.30
CA LYS D 81 -3.62 -45.51 -21.88
C LYS D 81 -3.72 -44.05 -21.38
N VAL D 82 -2.67 -43.29 -21.61
CA VAL D 82 -2.56 -41.92 -21.11
C VAL D 82 -3.72 -41.09 -21.66
N PRO D 83 -4.57 -40.53 -20.78
CA PRO D 83 -5.64 -39.66 -21.32
C PRO D 83 -5.17 -38.28 -21.76
N ASN D 84 -4.20 -37.72 -21.02
CA ASN D 84 -3.64 -36.44 -21.42
C ASN D 84 -2.20 -36.37 -20.97
N LEU D 85 -1.40 -35.59 -21.67
CA LEU D 85 0.00 -35.48 -21.38
C LEU D 85 0.39 -34.02 -21.26
N ARG D 86 0.97 -33.65 -20.11
CA ARG D 86 1.38 -32.23 -19.84
C ARG D 86 2.84 -31.98 -20.28
N TRP D 87 3.12 -30.78 -20.82
CA TRP D 87 4.38 -30.48 -21.45
C TRP D 87 4.37 -28.94 -21.68
N PRO D 88 5.55 -28.26 -21.63
CA PRO D 88 6.89 -28.82 -21.41
C PRO D 88 7.42 -28.60 -20.04
N GLY D 89 6.57 -28.14 -19.09
CA GLY D 89 7.07 -27.86 -17.71
C GLY D 89 5.89 -27.51 -16.83
N GLY D 90 6.09 -27.30 -15.52
CA GLY D 90 7.39 -27.40 -14.88
C GLY D 90 8.19 -26.14 -14.98
N ASN D 91 9.23 -26.09 -14.16
CA ASN D 91 10.07 -24.96 -14.06
C ASN D 91 10.59 -24.54 -15.43
N PHE D 92 10.87 -25.54 -16.29
CA PHE D 92 11.43 -25.26 -17.63
C PHE D 92 10.59 -24.25 -18.44
N VAL D 93 9.24 -24.32 -18.38
CA VAL D 93 8.41 -23.59 -19.32
C VAL D 93 8.49 -22.08 -19.03
N SER D 94 8.87 -21.72 -17.79
CA SER D 94 8.94 -20.30 -17.39
C SER D 94 10.12 -19.53 -17.98
N ASN D 95 10.99 -20.25 -18.68
CA ASN D 95 12.01 -19.63 -19.54
C ASN D 95 12.09 -20.30 -20.92
N TYR D 96 10.97 -20.72 -21.45
CA TYR D 96 10.93 -21.42 -22.75
C TYR D 96 10.20 -20.59 -23.78
N HIS D 97 10.82 -20.38 -24.93
CA HIS D 97 10.13 -19.67 -26.01
C HIS D 97 9.79 -20.67 -27.11
N TRP D 98 8.48 -20.89 -27.32
CA TRP D 98 8.03 -22.10 -28.05
C TRP D 98 8.50 -22.06 -29.52
N GLU D 99 8.72 -20.86 -30.07
CA GLU D 99 9.11 -20.65 -31.46
C GLU D 99 10.53 -21.12 -31.70
N ASP D 100 11.34 -21.19 -30.65
CA ASP D 100 12.67 -21.79 -30.75
C ASP D 100 12.55 -23.29 -31.06
N GLY D 101 11.35 -23.85 -30.92
CA GLY D 101 11.16 -25.34 -31.02
C GLY D 101 10.41 -25.82 -32.27
N ILE D 102 10.22 -24.94 -33.26
CA ILE D 102 9.46 -25.30 -34.43
C ILE D 102 10.29 -25.07 -35.71
N GLY D 103 9.83 -25.65 -36.82
CA GLY D 103 10.55 -25.49 -38.11
C GLY D 103 11.63 -26.54 -38.29
N PRO D 104 12.41 -26.44 -39.40
CA PRO D 104 13.49 -27.40 -39.73
C PRO D 104 14.41 -27.58 -38.54
N LYS D 105 14.63 -28.83 -38.09
CA LYS D 105 15.34 -29.04 -36.84
C LYS D 105 16.70 -28.43 -36.79
N ASP D 106 17.44 -28.48 -37.92
CA ASP D 106 18.81 -28.00 -37.90
C ASP D 106 18.84 -26.49 -37.83
N GLN D 107 17.72 -25.84 -38.05
CA GLN D 107 17.72 -24.38 -37.86
C GLN D 107 17.20 -23.92 -36.46
N ARG D 108 16.95 -24.85 -35.54
CA ARG D 108 16.47 -24.43 -34.22
C ARG D 108 17.67 -24.04 -33.33
N PRO D 109 17.53 -22.88 -32.61
CA PRO D 109 18.65 -22.37 -31.81
C PRO D 109 18.87 -23.22 -30.57
N VAL D 110 20.13 -23.39 -30.16
CA VAL D 110 20.40 -24.04 -28.90
C VAL D 110 20.29 -22.94 -27.83
N ARG D 111 19.58 -23.25 -26.73
CA ARG D 111 19.31 -22.27 -25.66
C ARG D 111 19.86 -22.84 -24.39
N PHE D 112 20.18 -21.95 -23.44
CA PHE D 112 20.55 -22.38 -22.09
C PHE D 112 19.27 -22.37 -21.25
N ASP D 113 18.92 -23.54 -20.70
CA ASP D 113 17.75 -23.62 -19.84
C ASP D 113 18.17 -23.24 -18.41
N LEU D 114 17.63 -22.11 -17.94
CA LEU D 114 17.88 -21.62 -16.57
C LEU D 114 17.40 -22.57 -15.47
N ALA D 115 16.31 -23.26 -15.72
CA ALA D 115 15.69 -24.04 -14.69
C ALA D 115 16.54 -25.23 -14.26
N TRP D 116 17.09 -25.94 -15.26
CA TRP D 116 17.80 -27.17 -14.91
C TRP D 116 19.22 -27.15 -15.40
N GLN D 117 19.61 -26.03 -16.00
CA GLN D 117 21.00 -25.69 -16.29
C GLN D 117 21.63 -26.67 -17.30
N GLN D 118 20.98 -26.79 -18.45
CA GLN D 118 21.37 -27.69 -19.53
C GLN D 118 21.23 -26.86 -20.79
N GLU D 119 22.02 -27.24 -21.80
CA GLU D 119 21.80 -26.76 -23.14
C GLU D 119 20.60 -27.49 -23.64
N GLU D 120 19.73 -26.76 -24.31
CA GLU D 120 18.50 -27.33 -24.87
C GLU D 120 18.60 -27.13 -26.37
N THR D 121 18.50 -28.22 -27.12
CA THR D 121 18.70 -28.13 -28.57
C THR D 121 17.41 -27.84 -29.27
N ASN D 122 16.27 -27.97 -28.57
CA ASN D 122 14.95 -27.72 -29.19
C ASN D 122 14.59 -28.68 -30.32
N ARG D 123 15.28 -29.81 -30.36
CA ARG D 123 14.95 -30.84 -31.36
C ARG D 123 13.65 -31.54 -31.05
N PHE D 124 13.25 -31.51 -29.77
CA PHE D 124 11.88 -31.86 -29.39
C PHE D 124 11.15 -30.54 -29.06
N GLY D 125 10.12 -30.24 -29.83
CA GLY D 125 9.45 -28.93 -29.86
C GLY D 125 7.99 -29.28 -30.03
N THR D 126 7.17 -28.28 -30.32
CA THR D 126 5.71 -28.47 -30.32
C THR D 126 5.24 -29.56 -31.29
N ASP D 127 5.72 -29.56 -32.54
CA ASP D 127 5.18 -30.52 -33.53
C ASP D 127 5.55 -31.95 -33.13
N GLU D 128 6.69 -32.15 -32.50
CA GLU D 128 7.13 -33.51 -32.09
C GLU D 128 6.36 -33.96 -30.87
N PHE D 129 6.13 -33.01 -29.95
CA PHE D 129 5.29 -33.33 -28.80
C PHE D 129 3.88 -33.73 -29.21
N ILE D 130 3.26 -32.94 -30.07
CA ILE D 130 1.93 -33.30 -30.58
C ILE D 130 1.89 -34.70 -31.28
N GLU D 131 2.92 -35.00 -32.08
CA GLU D 131 3.11 -36.29 -32.77
C GLU D 131 3.24 -37.40 -31.72
N TYR D 132 3.89 -37.08 -30.62
CA TYR D 132 4.03 -38.06 -29.55
C TYR D 132 2.67 -38.36 -28.90
N CYS D 133 1.89 -37.29 -28.63
CA CYS D 133 0.56 -37.43 -28.10
C CYS D 133 -0.33 -38.28 -29.03
N ARG D 134 -0.32 -37.99 -30.34
CA ARG D 134 -1.16 -38.75 -31.28
C ARG D 134 -0.75 -40.22 -31.23
N GLU D 135 0.55 -40.46 -31.18
CA GLU D 135 1.10 -41.81 -31.19
C GLU D 135 0.53 -42.61 -30.03
N ILE D 136 0.52 -42.00 -28.83
CA ILE D 136 0.08 -42.68 -27.62
C ILE D 136 -1.44 -42.57 -27.33
N GLY D 137 -2.12 -41.73 -28.10
CA GLY D 137 -3.57 -41.49 -27.94
C GLY D 137 -3.94 -40.48 -26.84
N ALA D 138 -2.99 -39.63 -26.42
CA ALA D 138 -3.21 -38.70 -25.30
C ALA D 138 -3.65 -37.31 -25.84
N GLU D 139 -4.52 -36.64 -25.09
CA GLU D 139 -4.78 -35.20 -25.34
C GLU D 139 -3.55 -34.37 -24.86
N PRO D 140 -2.99 -33.52 -25.74
CA PRO D 140 -1.94 -32.64 -25.32
C PRO D 140 -2.45 -31.63 -24.25
N TYR D 141 -1.58 -31.32 -23.29
CA TYR D 141 -1.93 -30.33 -22.28
C TYR D 141 -0.72 -29.43 -22.23
N ILE D 142 -0.84 -28.22 -22.81
CA ILE D 142 0.35 -27.40 -22.90
C ILE D 142 0.38 -26.31 -21.84
N SER D 143 1.52 -26.16 -21.18
CA SER D 143 1.76 -25.10 -20.20
C SER D 143 2.43 -23.94 -20.90
N ILE D 144 1.98 -22.71 -20.62
CA ILE D 144 2.60 -21.53 -21.22
C ILE D 144 3.69 -20.90 -20.34
N ASN D 145 4.50 -20.05 -20.97
CA ASN D 145 5.59 -19.34 -20.31
C ASN D 145 5.05 -17.99 -19.81
N MET D 146 4.91 -17.86 -18.49
CA MET D 146 4.59 -16.55 -17.92
C MET D 146 5.77 -15.86 -17.25
N GLY D 147 6.94 -16.49 -17.25
CA GLY D 147 8.15 -15.87 -16.64
C GLY D 147 8.81 -14.89 -17.58
N THR D 148 9.37 -15.38 -18.69
CA THR D 148 9.89 -14.47 -19.70
C THR D 148 8.98 -14.39 -20.89
N GLY D 149 7.85 -15.10 -20.92
CA GLY D 149 6.97 -15.03 -22.07
C GLY D 149 6.08 -13.79 -22.05
N THR D 150 5.30 -13.60 -23.11
CA THR D 150 4.36 -12.47 -23.20
C THR D 150 2.99 -13.01 -23.57
N LEU D 151 2.00 -12.13 -23.54
CA LEU D 151 0.63 -12.44 -23.90
C LEU D 151 0.60 -12.78 -25.36
N ASP D 152 1.19 -11.92 -26.19
CA ASP D 152 1.25 -12.19 -27.63
C ASP D 152 1.90 -13.57 -27.91
N GLU D 153 2.97 -13.89 -27.23
CA GLU D 153 3.66 -15.15 -27.44
C GLU D 153 2.76 -16.33 -27.14
N ALA D 154 1.97 -16.25 -26.07
CA ALA D 154 1.04 -17.31 -25.74
C ALA D 154 -0.09 -17.42 -26.75
N LEU D 155 -0.60 -16.28 -27.19
CA LEU D 155 -1.70 -16.28 -28.16
C LEU D 155 -1.19 -16.85 -29.48
N HIS D 156 0.06 -16.53 -29.84
CA HIS D 156 0.67 -17.10 -31.03
C HIS D 156 0.81 -18.66 -30.90
N TRP D 157 1.17 -19.16 -29.74
CA TRP D 157 1.29 -20.61 -29.58
C TRP D 157 -0.08 -21.24 -29.76
N LEU D 158 -1.12 -20.60 -29.18
CA LEU D 158 -2.47 -21.08 -29.28
C LEU D 158 -2.96 -21.01 -30.72
N GLU D 159 -2.60 -19.92 -31.43
CA GLU D 159 -2.99 -19.76 -32.81
C GLU D 159 -2.31 -20.84 -33.67
N TYR D 160 -1.06 -21.11 -33.38
CA TYR D 160 -0.30 -22.10 -34.12
C TYR D 160 -0.96 -23.48 -33.95
N CYS D 161 -1.36 -23.82 -32.73
CA CYS D 161 -1.84 -25.16 -32.45
C CYS D 161 -3.30 -25.30 -32.88
N ASN D 162 -4.11 -24.27 -32.63
CA ASN D 162 -5.54 -24.40 -32.72
C ASN D 162 -6.20 -23.62 -33.85
N GLY D 163 -5.46 -22.72 -34.50
CA GLY D 163 -6.06 -21.82 -35.48
C GLY D 163 -6.52 -22.57 -36.71
N LYS D 164 -7.73 -22.27 -37.21
CA LYS D 164 -8.15 -22.90 -38.47
C LYS D 164 -8.44 -21.88 -39.59
N GLY D 165 -7.93 -20.66 -39.42
CA GLY D 165 -8.21 -19.59 -40.33
C GLY D 165 -6.95 -19.33 -41.10
N ASN D 166 -6.80 -18.10 -41.57
CA ASN D 166 -5.62 -17.66 -42.27
C ASN D 166 -4.59 -16.82 -41.53
N THR D 167 -4.65 -16.77 -40.21
CA THR D 167 -3.62 -16.07 -39.44
C THR D 167 -2.21 -16.62 -39.72
N TYR D 168 -1.22 -15.76 -39.59
CA TYR D 168 0.14 -16.17 -39.76
C TYR D 168 0.53 -17.50 -39.10
N TYR D 169 0.11 -17.74 -37.86
CA TYR D 169 0.68 -18.91 -37.16
C TYR D 169 -0.08 -20.14 -37.53
N ALA D 170 -1.33 -19.99 -37.94
CA ALA D 170 -2.10 -21.13 -38.42
C ALA D 170 -1.48 -21.55 -39.74
N GLN D 171 -1.28 -20.59 -40.64
CA GLN D 171 -0.53 -20.85 -41.86
C GLN D 171 0.81 -21.50 -41.51
N LEU D 172 1.50 -21.04 -40.47
CA LEU D 172 2.84 -21.56 -40.24
C LEU D 172 2.78 -23.06 -39.86
N ARG D 173 1.77 -23.46 -39.11
CA ARG D 173 1.61 -24.88 -38.76
C ARG D 173 1.44 -25.71 -40.06
N ARG D 174 0.70 -25.16 -41.03
CA ARG D 174 0.44 -25.87 -42.30
C ARG D 174 1.75 -25.97 -43.04
N LYS D 175 2.46 -24.85 -43.15
CA LYS D 175 3.71 -24.85 -43.83
C LYS D 175 4.68 -25.90 -43.30
N TYR D 176 4.60 -26.23 -42.01
CA TYR D 176 5.56 -27.16 -41.40
C TYR D 176 5.02 -28.58 -41.37
N GLY D 177 3.88 -28.78 -42.01
CA GLY D 177 3.45 -30.11 -42.39
C GLY D 177 2.19 -30.59 -41.73
N HIS D 178 1.46 -29.68 -41.05
CA HIS D 178 0.17 -30.08 -40.46
C HIS D 178 -0.99 -29.14 -40.73
N PRO D 179 -1.73 -29.42 -41.83
CA PRO D 179 -2.90 -28.64 -42.22
C PRO D 179 -3.99 -28.60 -41.16
N GLU D 180 -4.27 -29.71 -40.51
CA GLU D 180 -5.36 -29.73 -39.56
C GLU D 180 -4.89 -29.14 -38.21
N PRO D 181 -5.75 -28.36 -37.56
CA PRO D 181 -5.40 -27.79 -36.24
C PRO D 181 -5.18 -28.94 -35.30
N TYR D 182 -4.28 -28.79 -34.33
CA TYR D 182 -4.05 -29.80 -33.29
C TYR D 182 -5.18 -29.87 -32.25
N ASN D 183 -5.92 -28.77 -32.11
CA ASN D 183 -6.98 -28.67 -31.12
C ASN D 183 -6.49 -29.08 -29.70
N VAL D 184 -5.48 -28.35 -29.19
CA VAL D 184 -5.03 -28.50 -27.80
C VAL D 184 -6.11 -27.93 -26.90
N LYS D 185 -6.62 -28.77 -26.02
CA LYS D 185 -7.77 -28.46 -25.16
C LYS D 185 -7.42 -27.87 -23.78
N PHE D 186 -6.25 -28.22 -23.27
CA PHE D 186 -5.87 -27.91 -21.87
C PHE D 186 -4.69 -26.99 -21.97
N TRP D 187 -4.78 -25.84 -21.31
CA TRP D 187 -3.73 -24.86 -21.38
C TRP D 187 -3.42 -24.46 -19.94
N GLY D 188 -2.15 -24.59 -19.56
CA GLY D 188 -1.74 -24.21 -18.23
C GLY D 188 -1.22 -22.79 -18.22
N ILE D 189 -1.93 -21.94 -17.45
CA ILE D 189 -1.62 -20.51 -17.37
C ILE D 189 -0.48 -20.28 -16.36
N GLY D 190 0.75 -20.52 -16.80
CA GLY D 190 1.92 -20.34 -15.97
C GLY D 190 2.24 -21.65 -15.22
N ASN D 191 3.45 -21.74 -14.67
CA ASN D 191 3.79 -22.83 -13.76
C ASN D 191 4.40 -22.26 -12.48
N GLU D 192 3.89 -22.69 -11.31
CA GLU D 192 4.43 -22.38 -10.00
C GLU D 192 4.93 -20.94 -9.91
N MET D 193 4.13 -20.01 -10.41
CA MET D 193 4.56 -18.60 -10.51
C MET D 193 4.81 -17.94 -9.16
N TYR D 194 4.40 -18.61 -8.07
CA TYR D 194 4.59 -18.11 -6.70
C TYR D 194 5.99 -18.36 -6.17
N GLY D 195 6.70 -19.33 -6.76
CA GLY D 195 7.94 -19.80 -6.13
C GLY D 195 9.11 -18.95 -6.55
N GLU D 196 10.02 -18.71 -5.60
CA GLU D 196 11.16 -17.80 -5.81
C GLU D 196 12.08 -18.47 -6.79
N TRP D 197 11.96 -19.80 -6.91
CA TRP D 197 12.74 -20.58 -7.89
C TRP D 197 12.28 -20.39 -9.33
N GLN D 198 11.08 -19.85 -9.56
CA GLN D 198 10.58 -19.72 -10.89
C GLN D 198 11.15 -18.47 -11.53
N VAL D 199 11.63 -18.59 -12.77
CA VAL D 199 12.01 -17.38 -13.54
C VAL D 199 10.83 -16.41 -13.63
N GLY D 200 11.10 -15.11 -13.37
CA GLY D 200 10.01 -14.11 -13.39
C GLY D 200 8.85 -14.34 -12.41
N HIS D 201 9.12 -14.98 -11.26
CA HIS D 201 8.11 -15.22 -10.24
C HIS D 201 7.34 -13.92 -9.87
N MET D 202 6.08 -14.06 -9.40
CA MET D 202 5.12 -12.95 -9.25
C MET D 202 4.55 -13.00 -7.87
N THR D 203 4.06 -11.85 -7.40
CA THR D 203 3.23 -11.83 -6.18
C THR D 203 1.84 -12.36 -6.52
N ALA D 204 1.05 -12.73 -5.49
CA ALA D 204 -0.35 -13.14 -5.66
C ALA D 204 -1.14 -12.17 -6.54
N ASP D 205 -1.06 -10.89 -6.21
CA ASP D 205 -1.78 -9.87 -7.03
C ASP D 205 -1.32 -9.82 -8.46
N GLU D 206 -0.01 -9.84 -8.71
CA GLU D 206 0.50 -9.85 -10.09
C GLU D 206 0.03 -11.09 -10.84
N TYR D 207 0.22 -12.28 -10.23
CA TYR D 207 -0.13 -13.46 -10.96
C TYR D 207 -1.66 -13.51 -11.18
N ALA D 208 -2.45 -13.12 -10.18
CA ALA D 208 -3.88 -13.21 -10.34
C ALA D 208 -4.38 -12.34 -11.48
N ARG D 209 -3.85 -11.11 -11.56
CA ARG D 209 -4.24 -10.22 -12.68
C ARG D 209 -3.73 -10.81 -14.00
N ALA D 210 -2.48 -11.31 -13.99
CA ALA D 210 -1.91 -11.89 -15.21
C ALA D 210 -2.70 -13.13 -15.63
N ALA D 211 -3.13 -13.98 -14.71
CA ALA D 211 -3.87 -15.19 -15.11
C ALA D 211 -5.21 -14.82 -15.75
N LYS D 212 -5.84 -13.78 -15.21
CA LYS D 212 -7.11 -13.31 -15.77
C LYS D 212 -6.85 -12.79 -17.19
N GLU D 213 -5.79 -11.97 -17.35
CA GLU D 213 -5.48 -11.34 -18.65
C GLU D 213 -5.19 -12.43 -19.74
N TYR D 214 -4.31 -13.40 -19.45
CA TYR D 214 -3.92 -14.39 -20.44
C TYR D 214 -5.11 -15.24 -20.75
N THR D 215 -5.86 -15.67 -19.72
CA THR D 215 -7.00 -16.55 -19.94
C THR D 215 -8.07 -15.89 -20.76
N LYS D 216 -8.45 -14.69 -20.37
CA LYS D 216 -9.57 -14.10 -21.08
C LYS D 216 -9.26 -13.87 -22.58
N TRP D 217 -8.03 -13.47 -22.93
CA TRP D 217 -7.71 -13.19 -24.32
C TRP D 217 -7.48 -14.48 -25.09
N MET D 218 -6.87 -15.49 -24.48
CA MET D 218 -6.77 -16.78 -25.14
C MET D 218 -8.15 -17.32 -25.47
N LYS D 219 -9.12 -17.13 -24.58
CA LYS D 219 -10.50 -17.58 -24.79
C LYS D 219 -11.23 -16.73 -25.80
N VAL D 220 -10.78 -15.49 -26.01
CA VAL D 220 -11.38 -14.71 -27.07
C VAL D 220 -10.98 -15.37 -28.41
N PHE D 221 -9.72 -15.76 -28.56
CA PHE D 221 -9.33 -16.44 -29.76
C PHE D 221 -9.95 -17.84 -29.87
N ASP D 222 -9.91 -18.65 -28.82
CA ASP D 222 -10.56 -19.98 -28.93
C ASP D 222 -11.35 -20.23 -27.65
N PRO D 223 -12.69 -20.03 -27.71
CA PRO D 223 -13.52 -20.19 -26.50
C PRO D 223 -13.63 -21.62 -25.98
N THR D 224 -13.10 -22.60 -26.69
CA THR D 224 -13.34 -23.99 -26.30
C THR D 224 -12.27 -24.53 -25.37
N ILE D 225 -11.16 -23.81 -25.19
CA ILE D 225 -10.09 -24.31 -24.33
C ILE D 225 -10.46 -24.31 -22.83
N LYS D 226 -9.78 -25.17 -22.06
CA LYS D 226 -9.86 -25.17 -20.63
C LYS D 226 -8.51 -24.62 -20.13
N ALA D 227 -8.60 -23.65 -19.22
CA ALA D 227 -7.45 -22.92 -18.67
C ALA D 227 -7.23 -23.37 -17.23
N ILE D 228 -6.03 -23.85 -16.94
CA ILE D 228 -5.66 -24.22 -15.59
C ILE D 228 -4.80 -23.08 -14.96
N ALA D 229 -5.26 -22.47 -13.86
CA ALA D 229 -4.49 -21.38 -13.25
C ALA D 229 -3.65 -21.96 -12.10
N VAL D 230 -2.56 -21.31 -11.74
CA VAL D 230 -1.66 -21.79 -10.71
C VAL D 230 -2.23 -21.63 -9.30
N GLY D 231 -2.32 -22.75 -8.57
CA GLY D 231 -2.60 -22.76 -7.15
C GLY D 231 -1.41 -23.27 -6.36
N CYS D 232 -1.46 -23.13 -5.03
CA CYS D 232 -0.46 -23.68 -4.13
C CYS D 232 -1.03 -23.87 -2.71
N ASP D 233 -0.16 -23.87 -1.72
CA ASP D 233 -0.61 -23.96 -0.35
C ASP D 233 -0.79 -22.62 0.37
N ASP D 234 -0.53 -21.52 -0.32
CA ASP D 234 -0.76 -20.22 0.24
C ASP D 234 -2.22 -19.92 -0.05
N PRO D 235 -3.07 -19.95 0.99
CA PRO D 235 -4.50 -19.79 0.77
C PRO D 235 -4.79 -18.34 0.26
N ILE D 236 -3.99 -17.33 0.61
CA ILE D 236 -4.24 -15.95 0.06
C ILE D 236 -3.97 -15.92 -1.47
N TRP D 237 -2.84 -16.49 -1.89
CA TRP D 237 -2.60 -16.74 -3.29
C TRP D 237 -3.83 -17.37 -3.98
N ASN D 238 -4.26 -18.53 -3.49
CA ASN D 238 -5.38 -19.19 -4.13
C ASN D 238 -6.60 -18.28 -4.28
N LEU D 239 -6.95 -17.59 -3.19
CA LEU D 239 -8.14 -16.71 -3.18
C LEU D 239 -7.99 -15.51 -4.14
N ARG D 240 -6.82 -14.89 -4.22
CA ARG D 240 -6.64 -13.79 -5.19
C ARG D 240 -6.85 -14.29 -6.59
N VAL D 241 -6.28 -15.47 -6.88
CA VAL D 241 -6.46 -16.09 -8.21
C VAL D 241 -7.94 -16.36 -8.48
N LEU D 242 -8.63 -16.95 -7.52
CA LEU D 242 -10.04 -17.19 -7.74
C LEU D 242 -10.85 -15.90 -7.85
N GLN D 243 -10.55 -14.90 -7.01
CA GLN D 243 -11.32 -13.66 -7.02
C GLN D 243 -11.15 -12.90 -8.30
N GLU D 244 -9.95 -12.95 -8.83
CA GLU D 244 -9.63 -12.14 -9.97
C GLU D 244 -9.95 -12.87 -11.27
N ALA D 245 -9.72 -14.19 -11.30
CA ALA D 245 -9.82 -14.91 -12.58
C ALA D 245 -10.87 -16.01 -12.56
N GLY D 246 -11.67 -16.10 -11.48
CA GLY D 246 -12.59 -17.21 -11.32
C GLY D 246 -13.78 -17.18 -12.26
N ASP D 247 -13.96 -16.07 -12.98
CA ASP D 247 -14.98 -15.95 -14.01
C ASP D 247 -14.53 -16.54 -15.35
N VAL D 248 -13.24 -16.74 -15.56
CA VAL D 248 -12.77 -17.23 -16.84
C VAL D 248 -12.02 -18.57 -16.73
N ILE D 249 -11.36 -18.86 -15.61
CA ILE D 249 -10.56 -20.11 -15.52
C ILE D 249 -11.44 -21.32 -15.32
N ASP D 250 -10.90 -22.49 -15.61
CA ASP D 250 -11.64 -23.73 -15.41
C ASP D 250 -11.14 -24.60 -14.28
N PHE D 251 -9.85 -24.51 -13.99
CA PHE D 251 -9.25 -25.21 -12.85
C PHE D 251 -8.26 -24.32 -12.17
N ILE D 252 -8.03 -24.62 -10.90
CA ILE D 252 -6.90 -24.11 -10.22
C ILE D 252 -6.04 -25.32 -9.91
N SER D 253 -4.72 -25.19 -10.11
CA SER D 253 -3.86 -26.38 -10.00
C SER D 253 -3.30 -26.58 -8.60
N TYR D 254 -3.00 -27.83 -8.29
CA TYR D 254 -2.40 -28.13 -7.03
C TYR D 254 -1.28 -29.13 -7.32
N HIS D 255 -0.10 -28.95 -6.70
CA HIS D 255 1.03 -29.86 -6.85
C HIS D 255 1.25 -30.52 -5.51
N PHE D 256 1.46 -31.85 -5.50
CA PHE D 256 1.63 -32.51 -4.23
C PHE D 256 2.76 -33.52 -4.30
N TYR D 257 3.83 -33.29 -3.52
CA TYR D 257 4.94 -34.21 -3.47
C TYR D 257 5.18 -34.61 -2.05
N THR D 258 5.57 -35.86 -1.86
CA THR D 258 5.55 -36.51 -0.57
C THR D 258 6.60 -37.61 -0.39
N GLY D 259 6.60 -38.23 0.77
CA GLY D 259 7.38 -39.42 1.00
C GLY D 259 8.49 -39.29 2.02
N SER D 260 8.81 -40.42 2.64
CA SER D 260 9.94 -40.56 3.51
C SER D 260 10.35 -42.04 3.53
N ASP D 261 11.44 -42.35 4.24
CA ASP D 261 11.95 -43.70 4.32
C ASP D 261 10.99 -44.63 5.01
N ASP D 262 10.09 -44.08 5.83
CA ASP D 262 9.12 -44.90 6.53
C ASP D 262 7.91 -45.25 5.66
N TYR D 263 7.51 -46.52 5.77
CA TYR D 263 6.39 -47.04 4.99
C TYR D 263 5.05 -46.31 5.27
N TYR D 264 4.61 -46.30 6.54
CA TYR D 264 3.34 -45.71 6.89
C TYR D 264 3.37 -44.20 6.67
N GLU D 265 4.52 -43.56 6.94
CA GLU D 265 4.64 -42.13 6.71
C GLU D 265 4.47 -41.78 5.27
N THR D 266 4.89 -42.68 4.36
CA THR D 266 4.66 -42.47 2.95
C THR D 266 3.19 -42.70 2.55
N VAL D 267 2.67 -43.90 2.78
CA VAL D 267 1.35 -44.23 2.27
C VAL D 267 0.21 -43.45 2.95
N SER D 268 0.38 -43.04 4.20
CA SER D 268 -0.67 -42.29 4.90
C SER D 268 -0.92 -40.92 4.21
N THR D 269 0.04 -40.45 3.43
CA THR D 269 -0.10 -39.07 2.89
C THR D 269 -1.09 -39.02 1.73
N VAL D 270 -1.53 -40.18 1.25
CA VAL D 270 -2.76 -40.22 0.48
C VAL D 270 -3.86 -39.40 1.23
N TYR D 271 -3.93 -39.59 2.54
CA TYR D 271 -5.02 -38.96 3.28
C TYR D 271 -4.71 -37.51 3.69
N LEU D 272 -3.44 -37.13 3.62
CA LEU D 272 -3.05 -35.72 3.74
C LEU D 272 -3.46 -35.00 2.46
N LEU D 273 -3.11 -35.63 1.32
CA LEU D 273 -3.54 -35.13 0.04
C LEU D 273 -5.05 -34.94 0.03
N LYS D 274 -5.78 -35.91 0.56
CA LYS D 274 -7.23 -35.77 0.61
C LYS D 274 -7.65 -34.44 1.29
N GLU D 275 -7.11 -34.16 2.48
CA GLU D 275 -7.46 -32.95 3.22
C GLU D 275 -7.01 -31.66 2.50
N ARG D 276 -5.83 -31.67 1.86
CA ARG D 276 -5.35 -30.56 1.05
C ARG D 276 -6.33 -30.23 -0.05
N LEU D 277 -6.79 -31.27 -0.74
CA LEU D 277 -7.74 -31.10 -1.82
C LEU D 277 -9.07 -30.58 -1.36
N ILE D 278 -9.50 -31.08 -0.22
CA ILE D 278 -10.78 -30.60 0.29
C ILE D 278 -10.63 -29.09 0.64
N GLY D 279 -9.48 -28.69 1.16
CA GLY D 279 -9.21 -27.29 1.50
C GLY D 279 -9.32 -26.39 0.26
N VAL D 280 -8.66 -26.78 -0.83
CA VAL D 280 -8.69 -25.98 -2.05
C VAL D 280 -10.12 -25.87 -2.59
N LYS D 281 -10.82 -27.01 -2.54
CA LYS D 281 -12.20 -27.02 -2.91
C LYS D 281 -13.06 -26.02 -2.10
N LYS D 282 -12.86 -26.00 -0.79
CA LYS D 282 -13.55 -25.04 0.07
C LYS D 282 -13.19 -23.58 -0.27
N LEU D 283 -11.95 -23.32 -0.69
CA LEU D 283 -11.60 -21.97 -1.15
C LEU D 283 -12.44 -21.54 -2.34
N ILE D 284 -12.60 -22.44 -3.33
CA ILE D 284 -13.43 -22.24 -4.50
C ILE D 284 -14.85 -21.93 -4.05
N ASP D 285 -15.35 -22.72 -3.11
CA ASP D 285 -16.70 -22.52 -2.58
C ASP D 285 -16.84 -21.11 -1.98
N MET D 286 -15.75 -20.51 -1.52
CA MET D 286 -15.86 -19.24 -0.81
C MET D 286 -15.74 -18.03 -1.74
N VAL D 287 -15.69 -18.28 -3.07
CA VAL D 287 -15.60 -17.18 -4.06
C VAL D 287 -16.76 -17.42 -4.98
N ASP D 288 -17.80 -16.59 -4.88
CA ASP D 288 -19.08 -16.82 -5.59
C ASP D 288 -18.91 -17.09 -7.07
N THR D 289 -18.15 -16.27 -7.80
CA THR D 289 -18.10 -16.45 -9.25
C THR D 289 -17.48 -17.81 -9.59
N ALA D 290 -16.37 -18.15 -8.93
CA ALA D 290 -15.73 -19.45 -9.10
C ALA D 290 -16.66 -20.63 -8.71
N ARG D 291 -17.34 -20.54 -7.57
CA ARG D 291 -18.22 -21.59 -7.11
C ARG D 291 -19.32 -21.77 -8.14
N LYS D 292 -19.86 -20.66 -8.64
CA LYS D 292 -20.94 -20.67 -9.63
C LYS D 292 -20.55 -21.18 -11.04
N ARG D 293 -19.35 -20.87 -11.50
CA ARG D 293 -18.92 -21.39 -12.78
C ARG D 293 -18.51 -22.84 -12.60
N GLY D 294 -18.38 -23.32 -11.36
CA GLY D 294 -17.89 -24.70 -11.21
C GLY D 294 -16.41 -24.89 -11.54
N VAL D 295 -15.56 -23.93 -11.12
CA VAL D 295 -14.14 -24.10 -11.22
C VAL D 295 -13.76 -25.37 -10.41
N LYS D 296 -12.85 -26.19 -10.93
CA LYS D 296 -12.43 -27.44 -10.29
C LYS D 296 -10.91 -27.42 -10.02
N ILE D 297 -10.40 -28.52 -9.49
CA ILE D 297 -8.98 -28.66 -9.23
C ILE D 297 -8.31 -29.56 -10.26
N ALA D 298 -7.10 -29.14 -10.68
CA ALA D 298 -6.19 -29.98 -11.50
C ALA D 298 -5.00 -30.31 -10.62
N LEU D 299 -4.91 -31.56 -10.17
CA LEU D 299 -3.73 -32.02 -9.47
C LEU D 299 -2.65 -32.38 -10.49
N ASP D 300 -2.11 -31.34 -11.13
CA ASP D 300 -1.31 -31.54 -12.31
C ASP D 300 0.17 -31.81 -12.09
N GLU D 301 0.59 -31.97 -10.84
CA GLU D 301 1.85 -32.59 -10.53
C GLU D 301 1.66 -33.36 -9.25
N TRP D 302 1.97 -34.64 -9.25
CA TRP D 302 2.00 -35.34 -7.97
C TRP D 302 2.88 -36.56 -8.11
N ASN D 303 3.58 -36.87 -7.01
CA ASN D 303 4.34 -38.10 -6.90
C ASN D 303 4.97 -38.14 -5.55
N VAL D 304 5.57 -39.30 -5.22
CA VAL D 304 6.62 -39.35 -4.22
C VAL D 304 7.88 -38.62 -4.70
N TRP D 305 8.49 -37.84 -3.81
CA TRP D 305 9.77 -37.16 -4.13
C TRP D 305 10.45 -36.74 -2.82
N TYR D 306 11.49 -37.49 -2.40
CA TYR D 306 12.20 -37.14 -1.16
C TYR D 306 13.69 -37.52 -1.09
N ARG D 307 14.15 -38.45 -1.93
CA ARG D 307 15.55 -38.93 -1.89
C ARG D 307 16.53 -38.06 -2.67
N VAL D 308 16.12 -37.58 -3.82
CA VAL D 308 17.03 -36.99 -4.73
C VAL D 308 16.78 -35.50 -4.87
N SER D 309 17.86 -34.71 -4.92
CA SER D 309 17.75 -33.29 -5.08
C SER D 309 18.87 -32.69 -5.94
N ASP D 310 18.76 -32.79 -7.26
CA ASP D 310 19.83 -32.39 -8.20
C ASP D 310 19.06 -31.96 -9.40
N ASN D 311 19.69 -31.91 -10.57
CA ASN D 311 19.01 -31.53 -11.82
C ASN D 311 18.51 -32.70 -12.69
N LYS D 312 18.52 -33.93 -12.17
CA LYS D 312 18.02 -35.11 -12.92
C LYS D 312 16.78 -35.80 -12.28
N LEU D 313 16.76 -35.85 -10.95
CA LEU D 313 15.57 -36.25 -10.17
C LEU D 313 15.22 -37.69 -10.39
N GLU D 314 16.25 -38.48 -10.58
CA GLU D 314 16.02 -39.91 -10.88
C GLU D 314 15.72 -40.69 -9.59
N GLU D 315 14.55 -40.41 -9.02
CA GLU D 315 14.09 -40.99 -7.76
C GLU D 315 13.86 -42.52 -7.89
N PRO D 316 14.52 -43.33 -7.04
CA PRO D 316 14.37 -44.81 -7.17
C PRO D 316 13.16 -45.37 -6.43
N TYR D 317 12.01 -45.36 -7.08
CA TYR D 317 10.77 -45.72 -6.42
C TYR D 317 10.78 -47.19 -6.03
N ASP D 318 10.24 -47.47 -4.84
CA ASP D 318 10.05 -48.87 -4.39
C ASP D 318 8.56 -49.16 -4.26
N LEU D 319 8.25 -50.32 -3.69
CA LEU D 319 6.86 -50.76 -3.69
C LEU D 319 5.99 -49.84 -2.79
N LYS D 320 6.54 -49.46 -1.65
CA LYS D 320 5.98 -48.41 -0.74
C LYS D 320 5.42 -47.24 -1.57
N ASP D 321 6.24 -46.73 -2.49
CA ASP D 321 5.88 -45.58 -3.31
C ASP D 321 4.78 -45.96 -4.27
N GLY D 322 4.78 -47.22 -4.74
CA GLY D 322 3.76 -47.65 -5.66
C GLY D 322 2.42 -47.81 -4.96
N ILE D 323 2.46 -48.14 -3.67
CA ILE D 323 1.23 -48.31 -2.90
C ILE D 323 0.61 -46.91 -2.67
N PHE D 324 1.46 -45.95 -2.34
CA PHE D 324 1.01 -44.53 -2.27
C PHE D 324 0.30 -44.17 -3.60
N ALA D 325 0.94 -44.49 -4.73
CA ALA D 325 0.35 -44.17 -6.04
C ALA D 325 -0.98 -44.87 -6.26
N CYS D 326 -1.09 -46.17 -5.84
CA CYS D 326 -2.37 -46.84 -5.93
C CYS D 326 -3.39 -46.12 -5.07
N GLY D 327 -3.01 -45.76 -3.84
CA GLY D 327 -3.92 -45.04 -2.91
C GLY D 327 -4.44 -43.71 -3.54
N VAL D 328 -3.55 -42.94 -4.14
CA VAL D 328 -4.01 -41.70 -4.87
C VAL D 328 -5.01 -41.99 -6.00
N LEU D 329 -4.75 -43.03 -6.81
CA LEU D 329 -5.63 -43.27 -7.94
C LEU D 329 -6.98 -43.67 -7.45
N VAL D 330 -7.03 -44.44 -6.37
CA VAL D 330 -8.29 -44.85 -5.80
C VAL D 330 -9.05 -43.65 -5.22
N LEU D 331 -8.31 -42.80 -4.52
CA LEU D 331 -8.83 -41.55 -4.00
C LEU D 331 -9.43 -40.67 -5.12
N LEU D 332 -8.70 -40.54 -6.21
CA LEU D 332 -9.18 -39.70 -7.33
C LEU D 332 -10.43 -40.26 -7.98
N GLN D 333 -10.55 -41.60 -8.00
CA GLN D 333 -11.79 -42.19 -8.50
C GLN D 333 -12.96 -41.74 -7.65
N LYS D 334 -12.75 -41.60 -6.36
CA LYS D 334 -13.81 -41.16 -5.46
C LYS D 334 -14.01 -39.62 -5.48
N MET D 335 -12.98 -38.86 -5.87
CA MET D 335 -13.05 -37.38 -5.80
C MET D 335 -12.96 -36.64 -7.13
N SER D 336 -13.12 -37.37 -8.22
CA SER D 336 -12.88 -36.81 -9.52
C SER D 336 -13.89 -35.73 -9.97
N ASP D 337 -15.06 -35.66 -9.32
CA ASP D 337 -15.96 -34.56 -9.54
C ASP D 337 -15.36 -33.19 -9.10
N ILE D 338 -14.42 -33.24 -8.15
CA ILE D 338 -13.74 -32.08 -7.56
C ILE D 338 -12.35 -31.89 -8.20
N VAL D 339 -11.71 -33.02 -8.49
CA VAL D 339 -10.38 -33.08 -9.10
C VAL D 339 -10.49 -33.98 -10.37
N PRO D 340 -10.94 -33.42 -11.52
CA PRO D 340 -11.11 -34.23 -12.73
C PRO D 340 -9.86 -34.43 -13.56
N LEU D 341 -8.77 -33.74 -13.20
CA LEU D 341 -7.55 -33.74 -13.98
C LEU D 341 -6.42 -33.93 -12.98
N ALA D 342 -5.64 -34.98 -13.19
CA ALA D 342 -4.44 -35.21 -12.40
C ALA D 342 -3.32 -35.70 -13.34
N ASN D 343 -2.08 -35.36 -13.02
CA ASN D 343 -0.90 -35.67 -13.81
C ASN D 343 0.22 -36.06 -12.88
N LEU D 344 0.60 -37.34 -12.92
CA LEU D 344 1.76 -37.81 -12.17
C LEU D 344 2.95 -37.08 -12.72
N ALA D 345 3.81 -36.60 -11.82
CA ALA D 345 5.08 -36.03 -12.21
C ALA D 345 6.21 -37.04 -11.83
N GLN D 346 6.96 -37.61 -12.79
CA GLN D 346 6.77 -37.43 -14.23
C GLN D 346 6.89 -38.79 -14.93
N LEU D 347 6.76 -38.80 -16.25
CA LEU D 347 6.53 -40.08 -16.97
C LEU D 347 7.80 -40.95 -17.06
N VAL D 348 8.90 -40.29 -17.38
CA VAL D 348 10.13 -40.98 -17.68
C VAL D 348 11.31 -40.31 -17.01
N ASN D 349 12.06 -41.10 -16.24
CA ASN D 349 13.37 -40.69 -15.66
C ASN D 349 13.32 -39.62 -14.56
N ALA D 350 12.93 -38.38 -14.92
CA ALA D 350 12.74 -37.31 -13.89
C ALA D 350 11.55 -37.72 -13.01
N LEU D 351 11.76 -37.94 -11.70
CA LEU D 351 10.67 -38.46 -10.86
C LEU D 351 9.89 -39.54 -11.65
N GLY D 352 10.64 -40.39 -12.37
CA GLY D 352 10.07 -41.16 -13.50
C GLY D 352 9.27 -42.37 -13.11
N ALA D 353 8.03 -42.48 -13.58
CA ALA D 353 7.29 -43.75 -13.49
C ALA D 353 8.11 -44.89 -14.20
N ILE D 354 8.69 -44.54 -15.36
CA ILE D 354 9.55 -45.42 -16.17
C ILE D 354 10.99 -44.87 -16.05
N HIS D 355 11.96 -45.76 -15.84
CA HIS D 355 13.36 -45.40 -15.87
C HIS D 355 14.03 -46.03 -17.09
N THR D 356 14.75 -45.23 -17.90
CA THR D 356 15.46 -45.77 -19.08
C THR D 356 16.97 -45.75 -18.86
N GLU D 357 17.62 -46.69 -19.54
CA GLU D 357 19.06 -46.69 -19.69
C GLU D 357 19.25 -46.75 -21.21
N LYS D 358 20.49 -46.58 -21.67
CA LYS D 358 20.77 -46.65 -23.12
C LYS D 358 20.32 -47.99 -23.73
N ASP D 359 20.29 -49.06 -22.94
CA ASP D 359 20.01 -50.38 -23.49
C ASP D 359 18.74 -51.03 -22.97
N GLY D 360 17.85 -50.24 -22.36
CA GLY D 360 16.61 -50.80 -21.80
C GLY D 360 15.86 -49.86 -20.88
N LEU D 361 14.91 -50.42 -20.13
CA LEU D 361 14.07 -49.61 -19.24
C LEU D 361 13.64 -50.46 -18.11
N ILE D 362 13.33 -49.81 -17.00
CA ILE D 362 12.68 -50.42 -15.85
C ILE D 362 11.29 -49.78 -15.61
N LEU D 363 10.30 -50.63 -15.33
CA LEU D 363 8.95 -50.21 -14.91
C LEU D 363 8.91 -50.19 -13.39
N THR D 364 8.91 -48.99 -12.78
CA THR D 364 8.96 -48.88 -11.31
C THR D 364 7.61 -49.27 -10.76
N PRO D 365 7.51 -49.50 -9.45
CA PRO D 365 6.21 -49.74 -8.80
C PRO D 365 5.17 -48.60 -8.98
N VAL D 366 5.64 -47.38 -9.27
CA VAL D 366 4.72 -46.29 -9.59
C VAL D 366 4.07 -46.51 -10.90
N TYR D 367 4.87 -46.83 -11.92
CA TYR D 367 4.28 -47.31 -13.19
C TYR D 367 3.26 -48.44 -12.98
N LYS D 368 3.63 -49.45 -12.19
CA LYS D 368 2.76 -50.60 -11.99
C LYS D 368 1.40 -50.23 -11.42
N ALA D 369 1.39 -49.25 -10.51
CA ALA D 369 0.13 -48.71 -9.98
C ALA D 369 -0.79 -48.31 -11.15
N PHE D 370 -0.26 -47.59 -12.14
CA PHE D 370 -1.13 -47.18 -13.26
C PHE D 370 -1.50 -48.40 -14.12
N GLU D 371 -0.54 -49.31 -14.27
CA GLU D 371 -0.76 -50.46 -15.17
C GLU D 371 -1.91 -51.25 -14.61
N LEU D 372 -1.90 -51.47 -13.30
CA LEU D 372 -3.08 -52.02 -12.60
C LEU D 372 -4.38 -51.23 -12.76
N ILE D 373 -4.41 -50.01 -12.24
CA ILE D 373 -5.69 -49.32 -12.14
C ILE D 373 -6.23 -48.98 -13.49
N VAL D 374 -5.38 -48.52 -14.38
CA VAL D 374 -5.95 -48.00 -15.64
C VAL D 374 -6.54 -49.13 -16.53
N ASN D 375 -6.03 -50.34 -16.37
CA ASN D 375 -6.52 -51.50 -17.20
C ASN D 375 -7.65 -52.24 -16.52
N HIS D 376 -7.92 -51.91 -15.25
CA HIS D 376 -9.01 -52.51 -14.50
C HIS D 376 -9.88 -51.46 -13.72
N SER D 377 -10.67 -50.70 -14.47
CA SER D 377 -11.41 -49.61 -13.87
C SER D 377 -12.54 -49.18 -14.81
N GLY D 378 -13.68 -48.82 -14.23
CA GLY D 378 -14.84 -48.40 -15.03
C GLY D 378 -14.93 -46.88 -15.13
N GLU D 379 -15.94 -46.38 -15.83
CA GLU D 379 -16.11 -44.98 -16.17
C GLU D 379 -17.05 -44.30 -15.13
N LYS D 380 -17.67 -45.11 -14.28
CA LYS D 380 -18.70 -44.64 -13.36
C LYS D 380 -18.40 -45.26 -12.03
N LEU D 381 -18.56 -44.46 -10.99
CA LEU D 381 -18.29 -44.87 -9.62
C LEU D 381 -19.60 -45.37 -9.04
N VAL D 382 -19.60 -46.53 -8.37
CA VAL D 382 -20.87 -47.02 -7.79
C VAL D 382 -20.77 -46.99 -6.29
N LYS D 383 -21.91 -46.97 -5.61
CA LYS D 383 -21.89 -46.87 -4.16
C LYS D 383 -21.00 -47.93 -3.50
N THR D 384 -20.01 -47.44 -2.78
CA THR D 384 -19.08 -48.28 -2.05
C THR D 384 -19.04 -47.79 -0.63
N HIS D 385 -19.27 -48.70 0.30
CA HIS D 385 -19.18 -48.36 1.70
C HIS D 385 -18.10 -49.26 2.25
N VAL D 386 -17.09 -48.65 2.88
CA VAL D 386 -15.95 -49.39 3.40
C VAL D 386 -15.84 -49.32 4.94
N GLU D 387 -15.74 -50.46 5.62
CA GLU D 387 -15.47 -50.49 7.07
C GLU D 387 -13.98 -50.76 7.23
N SER D 388 -13.29 -49.92 8.01
CA SER D 388 -11.87 -50.14 8.21
C SER D 388 -11.42 -49.63 9.56
N GLU D 389 -10.49 -50.35 10.20
CA GLU D 389 -9.68 -49.73 11.28
C GLU D 389 -8.91 -48.54 10.71
N THR D 390 -8.66 -47.55 11.56
CA THR D 390 -7.90 -46.37 11.19
C THR D 390 -6.70 -46.15 12.13
N TYR D 391 -5.73 -45.36 11.68
CA TYR D 391 -4.57 -45.03 12.50
C TYR D 391 -4.28 -43.51 12.36
N ASN D 392 -3.57 -42.97 13.33
CA ASN D 392 -3.08 -41.58 13.38
C ASN D 392 -1.59 -41.68 13.26
N ILE D 393 -0.99 -40.70 12.61
CA ILE D 393 0.44 -40.73 12.39
C ILE D 393 1.03 -39.32 12.33
N GLU D 394 2.26 -39.16 12.79
CA GLU D 394 3.09 -37.99 12.57
C GLU D 394 4.35 -38.49 11.89
N GLY D 395 4.77 -37.78 10.84
CA GLY D 395 5.96 -38.14 10.11
C GLY D 395 6.59 -36.96 9.41
N VAL D 396 7.49 -37.24 8.46
CA VAL D 396 8.10 -36.20 7.61
C VAL D 396 7.82 -36.52 6.14
N MET D 397 7.90 -35.51 5.27
CA MET D 397 7.60 -35.70 3.88
C MET D 397 8.49 -34.82 3.01
N PHE D 398 8.73 -35.27 1.77
CA PHE D 398 9.43 -34.44 0.77
C PHE D 398 10.93 -34.31 1.05
N ILE D 399 11.64 -33.66 0.12
CA ILE D 399 13.09 -33.56 0.20
C ILE D 399 13.54 -32.79 1.46
N ASN D 400 12.69 -31.89 1.96
CA ASN D 400 13.12 -31.09 3.12
C ASN D 400 12.63 -31.68 4.44
N LYS D 401 12.05 -32.89 4.38
CA LYS D 401 11.57 -33.63 5.53
C LYS D 401 10.64 -32.77 6.43
N MET D 402 9.66 -32.09 5.83
CA MET D 402 8.68 -31.29 6.56
C MET D 402 7.79 -32.21 7.44
N PRO D 403 7.60 -31.89 8.74
CA PRO D 403 6.68 -32.75 9.53
C PRO D 403 5.23 -32.57 9.07
N PHE D 404 4.43 -33.61 9.23
CA PHE D 404 3.00 -33.54 8.91
C PHE D 404 2.32 -34.47 9.90
N SER D 405 1.01 -34.37 9.97
CA SER D 405 0.25 -35.43 10.64
C SER D 405 -1.03 -35.73 9.91
N VAL D 406 -1.50 -36.96 10.10
CA VAL D 406 -2.72 -37.38 9.50
C VAL D 406 -3.51 -38.02 10.62
N GLU D 407 -4.82 -37.81 10.62
CA GLU D 407 -5.67 -38.45 11.61
C GLU D 407 -6.60 -39.38 10.92
N ASN D 408 -6.78 -40.57 11.49
CA ASN D 408 -7.76 -41.53 10.99
C ASN D 408 -7.58 -41.97 9.56
N ALA D 409 -6.35 -42.20 9.16
CA ALA D 409 -6.06 -42.82 7.87
C ALA D 409 -6.48 -44.31 7.92
N PRO D 410 -7.25 -44.78 6.90
CA PRO D 410 -7.73 -46.17 6.93
C PRO D 410 -6.63 -47.15 6.55
N PHE D 411 -6.63 -48.33 7.18
CA PHE D 411 -5.74 -49.41 6.80
C PHE D 411 -6.27 -50.04 5.51
N LEU D 412 -7.56 -49.94 5.28
CA LEU D 412 -8.18 -50.53 4.11
C LEU D 412 -9.02 -49.48 3.36
N ASP D 413 -8.86 -49.39 2.05
CA ASP D 413 -9.68 -48.45 1.29
C ASP D 413 -10.06 -49.11 -0.05
N ALA D 414 -11.17 -48.70 -0.65
CA ALA D 414 -11.63 -49.32 -1.88
C ALA D 414 -12.45 -48.31 -2.65
N ALA D 415 -12.59 -48.55 -3.95
CA ALA D 415 -13.56 -47.84 -4.78
C ALA D 415 -14.09 -48.85 -5.79
N ALA D 416 -15.39 -48.91 -5.96
CA ALA D 416 -15.96 -49.79 -6.96
C ALA D 416 -16.47 -48.94 -8.09
N SER D 417 -16.16 -49.39 -9.30
CA SER D 417 -16.63 -48.73 -10.52
C SER D 417 -17.17 -49.77 -11.50
N ILE D 418 -17.97 -49.30 -12.45
CA ILE D 418 -18.47 -50.14 -13.53
C ILE D 418 -18.20 -49.52 -14.91
N SER D 419 -18.13 -50.40 -15.90
CA SER D 419 -17.85 -49.99 -17.26
C SER D 419 -19.03 -49.25 -17.84
N GLU D 420 -18.78 -48.44 -18.86
CA GLU D 420 -19.81 -47.65 -19.54
C GLU D 420 -21.05 -48.49 -19.88
N ASP D 421 -20.82 -49.64 -20.49
CA ASP D 421 -21.91 -50.49 -20.94
C ASP D 421 -22.65 -51.14 -19.77
N GLY D 422 -21.98 -51.24 -18.61
CA GLY D 422 -22.60 -51.81 -17.42
C GLY D 422 -22.30 -53.30 -17.26
N LYS D 423 -21.49 -53.88 -18.15
CA LYS D 423 -21.15 -55.32 -18.12
C LYS D 423 -20.11 -55.79 -17.11
N LYS D 424 -19.17 -54.91 -16.73
CA LYS D 424 -18.09 -55.23 -15.78
C LYS D 424 -18.12 -54.35 -14.52
N LEU D 425 -17.81 -54.97 -13.38
CA LEU D 425 -17.68 -54.28 -12.12
C LEU D 425 -16.21 -54.40 -11.74
N PHE D 426 -15.62 -53.33 -11.19
CA PHE D 426 -14.21 -53.35 -10.77
C PHE D 426 -14.14 -52.89 -9.32
N ILE D 427 -13.64 -53.72 -8.42
CA ILE D 427 -13.53 -53.32 -7.04
C ILE D 427 -12.07 -53.19 -6.76
N ALA D 428 -11.58 -51.96 -6.68
CA ALA D 428 -10.19 -51.73 -6.34
C ALA D 428 -10.06 -51.66 -4.83
N VAL D 429 -9.03 -52.30 -4.28
CA VAL D 429 -8.88 -52.43 -2.84
C VAL D 429 -7.43 -52.21 -2.51
N VAL D 430 -7.16 -51.28 -1.59
CA VAL D 430 -5.80 -51.08 -1.17
C VAL D 430 -5.74 -51.58 0.24
N ASN D 431 -4.85 -52.52 0.49
CA ASN D 431 -4.58 -52.92 1.85
C ASN D 431 -3.27 -52.29 2.24
N TYR D 432 -3.36 -51.26 3.09
CA TYR D 432 -2.19 -50.51 3.50
C TYR D 432 -1.41 -51.21 4.60
N ARG D 433 -2.05 -52.13 5.31
CA ARG D 433 -1.36 -52.85 6.40
C ARG D 433 -0.07 -53.47 5.92
N LYS D 434 0.99 -53.15 6.65
CA LYS D 434 2.33 -53.59 6.33
C LYS D 434 2.58 -54.99 6.89
N GLU D 435 1.95 -55.27 8.02
CA GLU D 435 2.38 -56.37 8.86
C GLU D 435 1.59 -57.62 8.57
N ASP D 436 0.36 -57.50 8.05
CA ASP D 436 -0.62 -58.61 8.03
C ASP D 436 -1.55 -58.61 6.84
N ALA D 437 -1.88 -59.81 6.33
CA ALA D 437 -2.94 -59.98 5.35
C ALA D 437 -4.29 -59.70 6.01
N LEU D 438 -5.30 -59.35 5.21
CA LEU D 438 -6.63 -59.05 5.75
C LEU D 438 -7.69 -59.80 5.03
N LYS D 439 -8.41 -60.61 5.78
CA LYS D 439 -9.51 -61.36 5.20
C LYS D 439 -10.74 -60.50 5.32
N VAL D 440 -11.38 -60.19 4.20
CA VAL D 440 -12.40 -59.13 4.20
C VAL D 440 -13.74 -59.65 3.70
N PRO D 441 -14.78 -59.53 4.54
CA PRO D 441 -16.08 -59.88 3.93
C PRO D 441 -16.47 -58.77 2.97
N ILE D 442 -16.99 -59.18 1.82
CA ILE D 442 -17.45 -58.29 0.80
C ILE D 442 -18.89 -58.67 0.43
N ARG D 443 -19.71 -57.65 0.24
CA ARG D 443 -21.05 -57.82 -0.24
C ARG D 443 -21.24 -57.00 -1.52
N VAL D 444 -21.89 -57.64 -2.51
CA VAL D 444 -22.26 -56.99 -3.76
C VAL D 444 -23.73 -57.29 -4.03
N GLU D 445 -24.55 -56.24 -3.96
CA GLU D 445 -26.01 -56.35 -4.09
C GLU D 445 -26.46 -56.91 -5.43
N GLY D 446 -27.31 -57.95 -5.33
CA GLY D 446 -27.92 -58.61 -6.51
C GLY D 446 -26.93 -59.35 -7.40
N LEU D 447 -25.70 -59.54 -6.94
CA LEU D 447 -24.70 -60.17 -7.79
C LEU D 447 -25.06 -61.66 -7.87
N GLY D 448 -25.09 -62.21 -9.08
CA GLY D 448 -25.22 -63.69 -9.19
C GLY D 448 -24.10 -64.36 -8.40
N GLN D 449 -23.92 -65.67 -8.59
CA GLN D 449 -22.74 -66.37 -8.12
C GLN D 449 -21.86 -66.67 -9.32
N LYS D 450 -20.67 -66.07 -9.36
CA LYS D 450 -19.84 -66.12 -10.60
C LYS D 450 -18.35 -66.30 -10.41
N LYS D 451 -17.69 -66.45 -11.54
CA LYS D 451 -16.23 -66.40 -11.62
C LYS D 451 -15.83 -64.91 -11.79
N ALA D 452 -14.67 -64.57 -11.22
CA ALA D 452 -14.12 -63.22 -11.38
C ALA D 452 -12.63 -63.37 -11.26
N THR D 453 -11.92 -62.42 -11.88
CA THR D 453 -10.45 -62.35 -11.78
C THR D 453 -10.00 -61.23 -10.84
N VAL D 454 -9.06 -61.57 -9.95
CA VAL D 454 -8.47 -60.60 -9.06
C VAL D 454 -7.08 -60.33 -9.61
N TYR D 455 -6.81 -59.08 -9.96
CA TYR D 455 -5.45 -58.64 -10.30
C TYR D 455 -4.82 -57.93 -9.09
N THR D 456 -3.61 -58.33 -8.70
CA THR D 456 -3.01 -57.92 -7.43
C THR D 456 -1.64 -57.38 -7.74
N LEU D 457 -1.40 -56.14 -7.32
CA LEU D 457 -0.05 -55.58 -7.31
C LEU D 457 0.55 -55.64 -5.90
N THR D 458 1.63 -56.38 -5.74
CA THR D 458 2.45 -56.35 -4.52
C THR D 458 3.84 -56.93 -4.80
N GLY D 459 4.61 -57.25 -3.77
CA GLY D 459 5.98 -57.64 -3.97
C GLY D 459 6.46 -58.32 -2.71
N PRO D 460 7.76 -58.67 -2.65
CA PRO D 460 8.21 -59.51 -1.51
C PRO D 460 8.34 -58.73 -0.23
N ASP D 461 8.58 -57.40 -0.35
CA ASP D 461 8.70 -56.50 0.79
C ASP D 461 8.46 -55.03 0.38
N VAL D 462 8.29 -54.15 1.37
CA VAL D 462 7.85 -52.76 1.10
C VAL D 462 8.89 -51.95 0.39
N ASN D 463 10.17 -52.31 0.51
CA ASN D 463 11.21 -51.72 -0.35
C ASN D 463 11.59 -52.48 -1.62
N ALA D 464 10.75 -53.40 -2.11
CA ALA D 464 11.08 -54.11 -3.36
C ALA D 464 11.07 -53.14 -4.58
N ARG D 465 11.93 -53.41 -5.56
CA ARG D 465 12.15 -52.63 -6.76
C ARG D 465 12.27 -53.57 -7.96
N ASN D 466 11.94 -53.07 -9.16
CA ASN D 466 12.31 -53.74 -10.40
C ASN D 466 13.64 -53.18 -10.91
N THR D 467 14.46 -54.04 -11.52
CA THR D 467 15.77 -53.66 -12.06
C THR D 467 15.83 -54.16 -13.52
N MET D 468 16.88 -53.80 -14.25
CA MET D 468 17.12 -54.39 -15.58
C MET D 468 17.32 -55.91 -15.45
N GLU D 469 18.22 -56.32 -14.55
CA GLU D 469 18.44 -57.74 -14.25
C GLU D 469 17.13 -58.50 -13.88
N ASN D 470 16.31 -57.91 -13.00
CA ASN D 470 15.09 -58.53 -12.50
C ASN D 470 13.93 -57.57 -12.70
N PRO D 471 13.28 -57.64 -13.87
CA PRO D 471 12.30 -56.62 -14.22
C PRO D 471 10.89 -56.85 -13.65
N ASN D 472 10.66 -57.99 -12.99
CA ASN D 472 9.33 -58.33 -12.46
C ASN D 472 9.27 -58.69 -11.00
N VAL D 473 10.18 -58.20 -10.18
CA VAL D 473 10.03 -58.40 -8.74
C VAL D 473 8.71 -57.80 -8.24
N VAL D 474 8.33 -56.66 -8.83
CA VAL D 474 7.06 -56.03 -8.51
C VAL D 474 6.20 -56.05 -9.75
N ASP D 475 5.17 -56.88 -9.73
CA ASP D 475 4.37 -57.03 -10.91
C ASP D 475 2.96 -57.42 -10.55
N ILE D 476 2.05 -57.38 -11.51
CA ILE D 476 0.65 -57.73 -11.31
C ILE D 476 0.43 -59.23 -11.58
N THR D 477 -0.12 -59.94 -10.60
CA THR D 477 -0.40 -61.36 -10.71
C THR D 477 -1.90 -61.45 -10.76
N SER D 478 -2.44 -62.52 -11.37
CA SER D 478 -3.89 -62.76 -11.44
C SER D 478 -4.27 -64.14 -10.91
N GLU D 479 -5.46 -64.25 -10.33
CA GLU D 479 -6.03 -65.54 -9.95
C GLU D 479 -7.55 -65.47 -10.19
N THR D 480 -8.14 -66.58 -10.59
CA THR D 480 -9.59 -66.69 -10.74
C THR D 480 -10.14 -67.04 -9.37
N ILE D 481 -11.29 -66.45 -9.06
CA ILE D 481 -11.93 -66.76 -7.82
C ILE D 481 -13.41 -66.84 -8.07
N THR D 482 -14.08 -67.37 -7.07
CA THR D 482 -15.52 -67.56 -7.17
C THR D 482 -16.19 -66.57 -6.22
N VAL D 483 -17.14 -65.85 -6.81
CA VAL D 483 -17.72 -64.66 -6.20
C VAL D 483 -19.24 -64.83 -6.09
N ASP D 484 -19.87 -64.16 -5.11
CA ASP D 484 -21.33 -64.22 -4.90
C ASP D 484 -21.83 -62.87 -4.31
N THR D 485 -23.12 -62.77 -3.98
CA THR D 485 -23.62 -61.62 -3.25
C THR D 485 -22.83 -61.33 -1.97
N GLU D 486 -22.43 -62.39 -1.27
CA GLU D 486 -21.48 -62.24 -0.19
C GLU D 486 -20.34 -63.20 -0.45
N PHE D 487 -19.11 -62.76 -0.16
CA PHE D 487 -17.93 -63.63 -0.24
C PHE D 487 -16.82 -63.00 0.58
N GLU D 488 -15.75 -63.73 0.83
CA GLU D 488 -14.59 -63.18 1.53
C GLU D 488 -13.44 -63.23 0.56
N HIS D 489 -12.42 -62.40 0.79
CA HIS D 489 -11.20 -62.47 0.03
C HIS D 489 -10.08 -62.01 0.91
N THR D 490 -8.93 -62.65 0.79
CA THR D 490 -7.78 -62.30 1.63
C THR D 490 -6.87 -61.44 0.77
N PHE D 491 -6.61 -60.21 1.25
CA PHE D 491 -5.79 -59.22 0.53
C PHE D 491 -4.45 -59.21 1.18
N LYS D 492 -3.38 -59.38 0.42
CA LYS D 492 -2.05 -59.40 1.00
C LYS D 492 -1.73 -58.05 1.62
N PRO D 493 -0.78 -58.04 2.57
CA PRO D 493 -0.31 -56.76 3.08
C PRO D 493 0.35 -55.92 1.98
N PHE D 494 0.34 -54.61 2.20
CA PHE D 494 0.91 -53.64 1.23
C PHE D 494 0.61 -54.01 -0.20
N SER D 495 -0.67 -54.12 -0.52
CA SER D 495 -1.00 -54.46 -1.88
C SER D 495 -2.22 -53.70 -2.36
N CYS D 496 -2.39 -53.68 -3.66
CA CYS D 496 -3.61 -53.14 -4.26
C CYS D 496 -4.12 -54.20 -5.21
N SER D 497 -5.43 -54.47 -5.18
CA SER D 497 -6.01 -55.49 -6.04
C SER D 497 -7.23 -54.93 -6.67
N VAL D 498 -7.48 -55.30 -7.92
CA VAL D 498 -8.80 -55.12 -8.51
C VAL D 498 -9.50 -56.45 -8.72
N ILE D 499 -10.68 -56.59 -8.13
CA ILE D 499 -11.57 -57.67 -8.40
C ILE D 499 -12.45 -57.27 -9.56
N GLU D 500 -12.21 -57.95 -10.68
CA GLU D 500 -12.90 -57.68 -11.93
C GLU D 500 -13.97 -58.78 -12.13
N VAL D 501 -15.23 -58.34 -12.16
CA VAL D 501 -16.38 -59.21 -12.04
C VAL D 501 -17.24 -59.09 -13.26
N GLU D 502 -17.69 -60.28 -13.71
CA GLU D 502 -18.76 -60.48 -14.70
C GLU D 502 -18.39 -60.01 -16.10
N SER E 22 -39.85 34.89 -23.74
CA SER E 22 -39.31 33.64 -23.12
C SER E 22 -38.44 32.76 -24.07
N TYR E 23 -38.37 33.14 -25.35
CA TYR E 23 -37.31 32.71 -26.29
C TYR E 23 -36.81 33.93 -26.99
N GLY E 24 -35.54 33.90 -27.33
CA GLY E 24 -34.89 35.06 -27.93
C GLY E 24 -33.45 34.76 -28.20
N ILE E 25 -32.90 35.45 -29.21
CA ILE E 25 -31.47 35.35 -29.52
C ILE E 25 -31.00 36.73 -29.82
N VAL E 26 -29.94 37.17 -29.14
CA VAL E 26 -29.28 38.42 -29.45
C VAL E 26 -27.84 38.09 -29.84
N VAL E 27 -27.42 38.62 -31.00
CA VAL E 27 -26.09 38.42 -31.56
C VAL E 27 -25.43 39.78 -31.78
N ASP E 28 -24.15 39.88 -31.41
CA ASP E 28 -23.35 41.03 -31.77
C ASP E 28 -22.12 40.63 -32.59
N PRO E 29 -22.25 40.64 -33.93
CA PRO E 29 -21.21 40.28 -34.89
C PRO E 29 -19.92 41.02 -34.69
N LYS E 30 -19.96 42.17 -34.02
CA LYS E 30 -18.78 43.05 -33.83
C LYS E 30 -17.97 42.65 -32.61
N GLU E 31 -18.57 41.85 -31.74
CA GLU E 31 -17.85 41.39 -30.57
C GLU E 31 -17.43 39.91 -30.74
N VAL E 32 -16.16 39.72 -31.09
CA VAL E 32 -15.62 38.36 -31.26
C VAL E 32 -15.30 37.83 -29.86
N VAL E 33 -15.95 36.76 -29.44
CA VAL E 33 -15.68 36.15 -28.12
C VAL E 33 -14.33 35.40 -28.13
N LYS E 34 -14.09 34.54 -29.10
CA LYS E 34 -12.85 33.77 -29.13
C LYS E 34 -12.89 33.03 -30.45
N PRO E 35 -11.75 32.43 -30.87
CA PRO E 35 -11.64 31.52 -32.02
C PRO E 35 -12.48 30.27 -31.85
N ILE E 36 -12.81 29.61 -32.95
CA ILE E 36 -13.43 28.31 -32.85
C ILE E 36 -12.38 27.38 -33.44
N SER E 37 -11.83 26.48 -32.61
CA SER E 37 -10.79 25.55 -33.07
C SER E 37 -11.34 24.79 -34.25
N ARG E 38 -10.61 24.77 -35.36
CA ARG E 38 -11.05 24.01 -36.53
C ARG E 38 -11.10 22.49 -36.24
N HIS E 39 -10.47 22.05 -35.16
CA HIS E 39 -10.38 20.59 -34.91
C HIS E 39 -11.55 20.01 -34.10
N ILE E 40 -12.55 20.83 -33.75
CA ILE E 40 -13.80 20.27 -33.19
C ILE E 40 -14.60 19.40 -34.18
N TYR E 41 -14.26 19.49 -35.45
CA TYR E 41 -15.04 18.74 -36.44
C TYR E 41 -14.34 17.46 -36.85
N GLY E 42 -13.44 16.97 -36.00
CA GLY E 42 -12.66 15.76 -36.30
C GLY E 42 -13.47 14.48 -36.45
N HIS E 43 -12.79 13.46 -36.99
CA HIS E 43 -13.41 12.14 -37.24
C HIS E 43 -12.50 11.01 -36.85
N PHE E 44 -12.99 9.78 -36.93
CA PHE E 44 -12.23 8.64 -36.37
C PHE E 44 -12.59 7.41 -37.18
N THR E 45 -11.58 6.69 -37.71
CA THR E 45 -11.82 5.39 -38.37
C THR E 45 -11.00 4.30 -37.66
N GLU E 46 -11.68 3.38 -36.99
CA GLU E 46 -11.04 2.25 -36.33
C GLU E 46 -11.08 1.03 -37.22
N HIS E 47 -10.12 0.13 -37.07
CA HIS E 47 -10.22 -1.21 -37.66
C HIS E 47 -11.23 -2.05 -36.92
N LEU E 48 -12.50 -1.76 -37.23
CA LEU E 48 -13.63 -2.39 -36.55
C LEU E 48 -14.66 -2.75 -37.63
N GLY E 49 -15.00 -4.04 -37.76
CA GLY E 49 -16.10 -4.44 -38.63
C GLY E 49 -15.79 -4.05 -40.05
N ARG E 50 -16.67 -3.27 -40.67
CA ARG E 50 -16.50 -2.83 -42.04
C ARG E 50 -16.20 -1.33 -42.11
N CYS E 51 -15.69 -0.75 -41.03
CA CYS E 51 -15.27 0.65 -41.07
C CYS E 51 -14.19 0.85 -42.10
N ILE E 52 -13.17 -0.02 -42.06
CA ILE E 52 -12.03 0.10 -42.96
C ILE E 52 -12.32 -0.73 -44.21
N TYR E 53 -12.32 -2.05 -44.04
CA TYR E 53 -12.54 -3.05 -45.12
C TYR E 53 -14.02 -3.13 -45.50
N GLY E 54 -14.37 -2.57 -46.66
CA GLY E 54 -15.78 -2.52 -47.04
C GLY E 54 -16.32 -1.13 -46.81
N GLY E 55 -15.51 -0.27 -46.20
CA GLY E 55 -15.98 1.05 -45.82
C GLY E 55 -15.23 2.07 -46.63
N ILE E 56 -14.15 2.60 -46.05
CA ILE E 56 -13.29 3.52 -46.77
C ILE E 56 -12.42 2.83 -47.81
N TYR E 57 -12.20 1.52 -47.62
CA TYR E 57 -11.21 0.80 -48.41
C TYR E 57 -11.78 -0.51 -48.88
N GLU E 58 -11.70 -0.74 -50.17
CA GLU E 58 -12.30 -1.96 -50.71
C GLU E 58 -11.63 -2.31 -52.03
N GLU E 59 -10.62 -3.18 -51.93
CA GLU E 59 -9.73 -3.50 -53.03
C GLU E 59 -10.54 -4.22 -54.11
N GLY E 60 -10.44 -3.73 -55.35
CA GLY E 60 -11.15 -4.38 -56.47
C GLY E 60 -12.66 -4.19 -56.57
N SER E 61 -13.18 -3.17 -55.89
CA SER E 61 -14.58 -2.80 -56.06
C SER E 61 -14.68 -1.97 -57.34
N PRO E 62 -15.79 -2.15 -58.09
CA PRO E 62 -16.01 -1.23 -59.22
C PRO E 62 -16.07 0.22 -58.72
N LEU E 63 -16.41 0.38 -57.43
CA LEU E 63 -16.59 1.71 -56.83
C LEU E 63 -15.32 2.32 -56.23
N SER E 64 -14.20 1.58 -56.31
CA SER E 64 -12.91 2.01 -55.71
C SER E 64 -11.89 2.46 -56.76
N ASP E 65 -11.04 3.43 -56.38
CA ASP E 65 -9.97 3.88 -57.24
C ASP E 65 -8.78 2.89 -57.20
N GLU E 66 -7.67 3.25 -57.83
CA GLU E 66 -6.64 2.25 -57.96
C GLU E 66 -5.85 2.02 -56.63
N ARG E 67 -5.93 2.94 -55.66
CA ARG E 67 -5.38 2.71 -54.30
C ARG E 67 -6.31 1.77 -53.49
N GLY E 68 -7.53 1.54 -53.98
CA GLY E 68 -8.52 0.75 -53.24
C GLY E 68 -9.50 1.59 -52.43
N PHE E 69 -9.40 2.92 -52.53
CA PHE E 69 -10.29 3.81 -51.79
C PHE E 69 -11.62 3.86 -52.48
N ARG E 70 -12.71 3.70 -51.73
CA ARG E 70 -14.05 3.77 -52.26
C ARG E 70 -14.33 5.22 -52.61
N LYS E 71 -14.65 5.46 -53.87
CA LYS E 71 -14.74 6.83 -54.42
C LYS E 71 -16.00 7.56 -54.01
N ASP E 72 -17.09 6.82 -53.85
CA ASP E 72 -18.33 7.40 -53.43
C ASP E 72 -18.19 7.87 -51.95
N VAL E 73 -17.58 7.00 -51.12
CA VAL E 73 -17.19 7.35 -49.75
C VAL E 73 -16.27 8.59 -49.70
N LEU E 74 -15.21 8.53 -50.51
CA LEU E 74 -14.27 9.62 -50.61
C LEU E 74 -14.99 10.95 -50.90
N GLU E 75 -15.97 10.91 -51.80
CA GLU E 75 -16.69 12.14 -52.11
C GLU E 75 -17.51 12.63 -50.92
N ALA E 76 -18.14 11.68 -50.23
CA ALA E 76 -18.96 12.03 -49.05
C ALA E 76 -18.08 12.64 -47.94
N VAL E 77 -16.85 12.15 -47.82
CA VAL E 77 -15.91 12.60 -46.81
C VAL E 77 -15.31 13.96 -47.17
N LYS E 78 -14.96 14.19 -48.44
CA LYS E 78 -14.44 15.52 -48.84
C LYS E 78 -15.47 16.59 -48.59
N ARG E 79 -16.74 16.22 -48.68
CA ARG E 79 -17.82 17.16 -48.52
C ARG E 79 -17.90 17.66 -47.09
N ILE E 80 -17.44 16.86 -46.12
CA ILE E 80 -17.47 17.38 -44.73
C ILE E 80 -16.15 17.90 -44.24
N LYS E 81 -15.23 18.14 -45.17
CA LYS E 81 -13.98 18.89 -44.83
C LYS E 81 -13.30 18.47 -43.50
N VAL E 82 -12.93 17.19 -43.41
CA VAL E 82 -12.37 16.61 -42.20
C VAL E 82 -11.08 17.33 -41.80
N PRO E 83 -11.04 17.93 -40.61
CA PRO E 83 -9.80 18.61 -40.25
C PRO E 83 -8.69 17.67 -39.75
N ASN E 84 -9.10 16.55 -39.13
CA ASN E 84 -8.11 15.58 -38.64
C ASN E 84 -8.84 14.27 -38.49
N LEU E 85 -8.11 13.17 -38.62
CA LEU E 85 -8.72 11.86 -38.64
C LEU E 85 -7.92 10.91 -37.73
N ARG E 86 -8.63 10.27 -36.80
CA ARG E 86 -8.00 9.45 -35.76
C ARG E 86 -8.02 8.03 -36.26
N TRP E 87 -6.94 7.29 -36.00
CA TRP E 87 -6.79 5.92 -36.49
C TRP E 87 -5.61 5.32 -35.69
N PRO E 88 -5.58 4.00 -35.49
CA PRO E 88 -6.54 3.00 -35.95
C PRO E 88 -7.46 2.50 -34.87
N GLY E 89 -7.57 3.23 -33.77
CA GLY E 89 -8.38 2.73 -32.63
C GLY E 89 -8.31 3.75 -31.51
N GLY E 90 -9.17 3.61 -30.50
CA GLY E 90 -10.15 2.51 -30.42
C GLY E 90 -9.55 1.25 -29.78
N ASN E 91 -10.40 0.39 -29.29
CA ASN E 91 -9.95 -0.91 -28.70
C ASN E 91 -8.95 -1.65 -29.53
N PHE E 92 -9.13 -1.62 -30.86
CA PHE E 92 -8.20 -2.27 -31.80
C PHE E 92 -6.73 -1.97 -31.58
N VAL E 93 -6.40 -0.70 -31.29
CA VAL E 93 -5.01 -0.31 -31.33
C VAL E 93 -4.22 -0.89 -30.17
N SER E 94 -4.90 -1.19 -29.07
CA SER E 94 -4.26 -1.76 -27.90
C SER E 94 -3.81 -3.25 -28.08
N ASN E 95 -4.06 -3.83 -29.24
CA ASN E 95 -3.40 -5.09 -29.67
C ASN E 95 -2.89 -5.01 -31.15
N TYR E 96 -2.56 -3.80 -31.60
CA TYR E 96 -2.10 -3.61 -32.99
C TYR E 96 -0.62 -3.38 -33.03
N HIS E 97 0.12 -4.13 -33.85
CA HIS E 97 1.58 -3.89 -34.03
C HIS E 97 1.79 -3.23 -35.37
N TRP E 98 2.04 -1.91 -35.38
CA TRP E 98 2.03 -1.16 -36.65
C TRP E 98 2.93 -1.73 -37.77
N GLU E 99 4.04 -2.38 -37.39
CA GLU E 99 4.99 -2.87 -38.39
C GLU E 99 4.41 -4.03 -39.20
N ASP E 100 3.36 -4.66 -38.67
CA ASP E 100 2.58 -5.62 -39.42
C ASP E 100 1.85 -4.98 -40.62
N GLY E 101 1.69 -3.64 -40.65
CA GLY E 101 0.94 -2.99 -41.73
C GLY E 101 1.76 -2.10 -42.67
N ILE E 102 3.05 -2.38 -42.80
CA ILE E 102 3.87 -1.64 -43.73
C ILE E 102 4.60 -2.57 -44.67
N GLY E 103 5.09 -2.03 -45.78
CA GLY E 103 5.80 -2.85 -46.75
C GLY E 103 4.89 -3.37 -47.85
N PRO E 104 5.45 -4.18 -48.80
CA PRO E 104 4.63 -4.86 -49.83
C PRO E 104 3.43 -5.56 -49.19
N LYS E 105 2.23 -5.25 -49.68
CA LYS E 105 0.98 -5.76 -49.10
C LYS E 105 0.95 -7.26 -49.05
N ASP E 106 1.58 -7.92 -50.01
CA ASP E 106 1.41 -9.37 -50.10
C ASP E 106 2.28 -10.01 -49.06
N GLN E 107 3.24 -9.27 -48.50
CA GLN E 107 4.09 -9.80 -47.45
C GLN E 107 3.65 -9.46 -45.99
N ARG E 108 2.53 -8.73 -45.83
CA ARG E 108 2.04 -8.32 -44.51
C ARG E 108 1.31 -9.49 -43.88
N PRO E 109 1.59 -9.76 -42.58
CA PRO E 109 1.02 -10.96 -41.91
C PRO E 109 -0.46 -10.76 -41.57
N VAL E 110 -1.21 -11.84 -41.65
CA VAL E 110 -2.59 -11.85 -41.22
C VAL E 110 -2.61 -12.08 -39.69
N ARG E 111 -3.37 -11.23 -38.99
CA ARG E 111 -3.43 -11.27 -37.51
C ARG E 111 -4.85 -11.46 -37.05
N PHE E 112 -5.03 -12.07 -35.88
CA PHE E 112 -6.34 -12.10 -35.25
C PHE E 112 -6.48 -10.89 -34.34
N ASP E 113 -7.50 -10.06 -34.60
CA ASP E 113 -7.67 -8.88 -33.79
C ASP E 113 -8.52 -9.23 -32.58
N LEU E 114 -7.98 -9.04 -31.37
CA LEU E 114 -8.72 -9.41 -30.14
C LEU E 114 -9.91 -8.48 -29.85
N ALA E 115 -9.79 -7.18 -30.22
CA ALA E 115 -10.86 -6.23 -29.88
C ALA E 115 -12.19 -6.65 -30.48
N TRP E 116 -12.18 -6.99 -31.77
CA TRP E 116 -13.41 -7.16 -32.50
C TRP E 116 -13.43 -8.52 -33.17
N GLN E 117 -12.46 -9.38 -32.82
CA GLN E 117 -12.49 -10.79 -33.16
C GLN E 117 -12.62 -11.10 -34.63
N GLN E 118 -11.71 -10.57 -35.43
CA GLN E 118 -11.70 -10.91 -36.84
C GLN E 118 -10.26 -10.94 -37.32
N GLU E 119 -10.09 -11.58 -38.48
CA GLU E 119 -8.80 -11.61 -39.15
C GLU E 119 -8.60 -10.24 -39.74
N GLU E 120 -7.38 -9.76 -39.57
CA GLU E 120 -6.97 -8.46 -40.02
C GLU E 120 -5.80 -8.78 -40.96
N THR E 121 -5.95 -8.42 -42.22
CA THR E 121 -4.96 -8.72 -43.26
C THR E 121 -3.87 -7.64 -43.26
N ASN E 122 -4.13 -6.52 -42.58
CA ASN E 122 -3.18 -5.42 -42.59
C ASN E 122 -2.90 -4.84 -43.97
N ARG E 123 -3.80 -5.04 -44.90
CA ARG E 123 -3.57 -4.43 -46.22
C ARG E 123 -3.90 -2.95 -46.18
N PHE E 124 -4.62 -2.51 -45.15
CA PHE E 124 -4.68 -1.08 -44.86
C PHE E 124 -3.80 -0.83 -43.63
N GLY E 125 -2.70 -0.10 -43.81
CA GLY E 125 -1.74 0.16 -42.75
C GLY E 125 -1.31 1.60 -42.77
N THR E 126 -0.17 1.89 -42.12
CA THR E 126 0.26 3.27 -41.94
C THR E 126 0.30 4.06 -43.26
N ASP E 127 0.91 3.51 -44.30
CA ASP E 127 1.14 4.31 -45.53
C ASP E 127 -0.20 4.61 -46.25
N GLU E 128 -1.09 3.64 -46.27
CA GLU E 128 -2.44 3.85 -46.80
C GLU E 128 -3.28 4.84 -46.01
N PHE E 129 -3.14 4.77 -44.67
CA PHE E 129 -3.84 5.74 -43.84
C PHE E 129 -3.37 7.14 -44.18
N ILE E 130 -2.05 7.33 -44.28
CA ILE E 130 -1.54 8.70 -44.51
C ILE E 130 -1.98 9.17 -45.90
N GLU E 131 -1.91 8.26 -46.86
CA GLU E 131 -2.36 8.58 -48.21
C GLU E 131 -3.87 8.95 -48.18
N TYR E 132 -4.66 8.22 -47.41
CA TYR E 132 -6.06 8.62 -47.23
C TYR E 132 -6.20 10.04 -46.64
N CYS E 133 -5.44 10.34 -45.59
CA CYS E 133 -5.53 11.64 -44.97
C CYS E 133 -5.16 12.73 -45.99
N ARG E 134 -4.05 12.54 -46.73
CA ARG E 134 -3.58 13.47 -47.79
C ARG E 134 -4.68 13.71 -48.82
N GLU E 135 -5.28 12.62 -49.29
CA GLU E 135 -6.38 12.67 -50.23
C GLU E 135 -7.54 13.51 -49.73
N ILE E 136 -7.94 13.34 -48.46
CA ILE E 136 -9.07 14.15 -47.94
C ILE E 136 -8.70 15.51 -47.33
N GLY E 137 -7.41 15.82 -47.24
CA GLY E 137 -6.98 17.08 -46.66
C GLY E 137 -7.01 17.10 -45.13
N ALA E 138 -7.02 15.92 -44.47
CA ALA E 138 -7.08 15.88 -42.98
C ALA E 138 -5.68 15.63 -42.38
N GLU E 139 -5.43 16.22 -41.19
CA GLU E 139 -4.23 15.92 -40.37
C GLU E 139 -4.36 14.51 -39.78
N PRO E 140 -3.36 13.66 -39.97
CA PRO E 140 -3.49 12.33 -39.32
C PRO E 140 -3.36 12.43 -37.79
N TYR E 141 -4.09 11.57 -37.08
CA TYR E 141 -4.03 11.58 -35.61
C TYR E 141 -3.97 10.10 -35.27
N ILE E 142 -2.79 9.66 -34.85
CA ILE E 142 -2.52 8.21 -34.66
C ILE E 142 -2.49 7.89 -33.17
N SER E 143 -3.26 6.91 -32.78
CA SER E 143 -3.19 6.38 -31.42
C SER E 143 -2.14 5.32 -31.39
N ILE E 144 -1.39 5.19 -30.29
CA ILE E 144 -0.41 4.13 -30.16
C ILE E 144 -0.90 2.90 -29.33
N ASN E 145 -0.16 1.79 -29.42
CA ASN E 145 -0.55 0.59 -28.67
C ASN E 145 0.17 0.56 -27.34
N MET E 146 -0.53 0.86 -26.24
CA MET E 146 0.06 0.70 -24.91
C MET E 146 -0.36 -0.60 -24.24
N GLY E 147 -1.10 -1.44 -24.97
CA GLY E 147 -1.63 -2.68 -24.44
C GLY E 147 -0.62 -3.79 -24.53
N THR E 148 -0.29 -4.23 -25.75
CA THR E 148 0.71 -5.22 -26.03
C THR E 148 1.93 -4.52 -26.59
N GLY E 149 1.85 -3.18 -26.77
CA GLY E 149 2.97 -2.39 -27.32
C GLY E 149 4.04 -1.96 -26.33
N THR E 150 5.19 -1.48 -26.80
CA THR E 150 6.26 -1.04 -25.92
C THR E 150 6.60 0.40 -26.30
N LEU E 151 7.39 1.05 -25.44
CA LEU E 151 7.96 2.34 -25.70
C LEU E 151 8.74 2.27 -27.01
N ASP E 152 9.60 1.26 -27.16
CA ASP E 152 10.41 1.18 -28.38
C ASP E 152 9.57 1.19 -29.63
N GLU E 153 8.51 0.37 -29.61
CA GLU E 153 7.59 0.24 -30.74
C GLU E 153 6.92 1.56 -31.07
N ALA E 154 6.53 2.31 -30.04
CA ALA E 154 5.89 3.60 -30.26
C ALA E 154 6.88 4.60 -30.83
N LEU E 155 8.10 4.62 -30.29
CA LEU E 155 9.14 5.50 -30.82
C LEU E 155 9.46 5.14 -32.25
N HIS E 156 9.55 3.85 -32.57
CA HIS E 156 9.73 3.46 -33.97
C HIS E 156 8.64 3.99 -34.93
N TRP E 157 7.38 3.98 -34.50
CA TRP E 157 6.29 4.46 -35.34
C TRP E 157 6.48 5.96 -35.55
N LEU E 158 6.89 6.67 -34.50
CA LEU E 158 7.05 8.13 -34.60
C LEU E 158 8.25 8.41 -35.54
N GLU E 159 9.26 7.55 -35.42
CA GLU E 159 10.46 7.74 -36.20
C GLU E 159 10.13 7.52 -37.67
N TYR E 160 9.41 6.42 -37.94
CA TYR E 160 8.94 6.12 -39.30
C TYR E 160 8.11 7.26 -39.91
N CYS E 161 7.23 7.84 -39.11
CA CYS E 161 6.29 8.80 -39.61
C CYS E 161 6.97 10.17 -39.77
N ASN E 162 7.77 10.55 -38.78
CA ASN E 162 8.27 11.91 -38.64
C ASN E 162 9.77 12.09 -38.78
N GLY E 163 10.54 11.02 -38.83
CA GLY E 163 12.01 11.23 -38.85
C GLY E 163 12.56 11.91 -40.11
N LYS E 164 13.45 12.87 -39.93
CA LYS E 164 14.14 13.58 -41.04
C LYS E 164 15.57 13.01 -41.32
N GLY E 165 16.08 12.15 -40.45
CA GLY E 165 17.47 11.80 -40.51
C GLY E 165 17.70 10.44 -41.13
N ASN E 166 18.77 9.79 -40.67
CA ASN E 166 19.18 8.53 -41.27
C ASN E 166 18.95 7.34 -40.38
N THR E 167 18.02 7.48 -39.44
CA THR E 167 17.66 6.36 -38.60
C THR E 167 17.01 5.30 -39.42
N TYR E 168 17.10 4.06 -38.94
CA TYR E 168 16.55 2.94 -39.62
C TYR E 168 15.09 3.12 -40.05
N TYR E 169 14.24 3.64 -39.16
CA TYR E 169 12.85 3.75 -39.51
C TYR E 169 12.56 4.95 -40.43
N ALA E 170 13.31 6.03 -40.32
CA ALA E 170 13.09 7.11 -41.29
C ALA E 170 13.45 6.58 -42.68
N GLN E 171 14.54 5.81 -42.77
CA GLN E 171 15.01 5.22 -44.06
C GLN E 171 14.00 4.23 -44.59
N LEU E 172 13.37 3.47 -43.69
CA LEU E 172 12.36 2.53 -44.09
C LEU E 172 11.14 3.26 -44.71
N ARG E 173 10.72 4.39 -44.14
CA ARG E 173 9.68 5.19 -44.76
C ARG E 173 10.03 5.49 -46.22
N ARG E 174 11.24 6.02 -46.44
CA ARG E 174 11.78 6.41 -47.79
C ARG E 174 11.80 5.19 -48.70
N LYS E 175 12.29 4.08 -48.18
CA LYS E 175 12.36 2.84 -48.93
C LYS E 175 11.00 2.40 -49.50
N TYR E 176 9.95 2.49 -48.70
CA TYR E 176 8.62 2.09 -49.13
C TYR E 176 7.91 3.15 -49.98
N GLY E 177 8.57 4.27 -50.24
CA GLY E 177 8.13 5.19 -51.28
C GLY E 177 7.85 6.62 -50.87
N HIS E 178 8.20 7.02 -49.64
CA HIS E 178 7.84 8.37 -49.17
C HIS E 178 9.02 9.06 -48.55
N PRO E 179 9.84 9.70 -49.40
CA PRO E 179 10.99 10.37 -48.84
C PRO E 179 10.68 11.44 -47.81
N GLU E 180 9.63 12.21 -48.00
CA GLU E 180 9.33 13.33 -47.07
C GLU E 180 8.70 12.72 -45.82
N PRO E 181 9.04 13.26 -44.64
CA PRO E 181 8.37 12.83 -43.41
C PRO E 181 6.86 13.09 -43.47
N TYR E 182 6.04 12.27 -42.84
CA TYR E 182 4.60 12.58 -42.77
C TYR E 182 4.22 13.74 -41.86
N ASN E 183 5.05 13.97 -40.85
CA ASN E 183 4.75 15.03 -39.90
C ASN E 183 3.38 14.86 -39.18
N VAL E 184 3.17 13.67 -38.61
CA VAL E 184 2.00 13.45 -37.77
C VAL E 184 2.11 14.29 -36.51
N LYS E 185 1.11 15.16 -36.28
CA LYS E 185 1.14 16.14 -35.19
C LYS E 185 0.41 15.68 -33.92
N PHE E 186 -0.62 14.85 -34.09
CA PHE E 186 -1.45 14.40 -32.99
C PHE E 186 -1.14 12.93 -32.72
N TRP E 187 -0.71 12.64 -31.48
CA TRP E 187 -0.46 11.24 -31.07
C TRP E 187 -1.27 10.95 -29.79
N GLY E 188 -2.09 9.91 -29.84
CA GLY E 188 -2.85 9.44 -28.71
C GLY E 188 -2.02 8.43 -27.94
N ILE E 189 -1.81 8.73 -26.67
CA ILE E 189 -0.95 7.96 -25.80
C ILE E 189 -1.83 6.84 -25.18
N GLY E 190 -2.11 5.81 -25.96
CA GLY E 190 -3.02 4.76 -25.53
C GLY E 190 -4.48 5.10 -25.75
N ASN E 191 -5.31 4.06 -25.64
CA ASN E 191 -6.73 4.16 -25.75
C ASN E 191 -7.43 3.49 -24.60
N GLU E 192 -8.34 4.22 -23.93
CA GLU E 192 -9.20 3.62 -22.88
C GLU E 192 -8.47 2.60 -22.00
N MET E 193 -7.29 2.98 -21.53
CA MET E 193 -6.43 2.05 -20.76
C MET E 193 -7.01 1.66 -19.39
N TYR E 194 -8.00 2.44 -18.93
CA TYR E 194 -8.68 2.12 -17.68
C TYR E 194 -9.68 0.99 -17.80
N GLY E 195 -10.20 0.73 -19.00
CA GLY E 195 -11.28 -0.23 -19.12
C GLY E 195 -10.81 -1.67 -19.16
N GLU E 196 -11.54 -2.53 -18.47
CA GLU E 196 -11.13 -3.92 -18.39
C GLU E 196 -11.41 -4.65 -19.68
N TRP E 197 -12.06 -4.00 -20.63
CA TRP E 197 -12.22 -4.53 -21.98
C TRP E 197 -10.98 -4.28 -22.82
N GLN E 198 -10.06 -3.45 -22.34
CA GLN E 198 -8.90 -3.08 -23.17
C GLN E 198 -7.82 -4.07 -22.91
N VAL E 199 -7.13 -4.49 -23.98
CA VAL E 199 -6.02 -5.44 -23.86
C VAL E 199 -4.93 -4.73 -23.06
N GLY E 200 -4.37 -5.38 -22.03
CA GLY E 200 -3.31 -4.72 -21.21
C GLY E 200 -3.79 -3.54 -20.36
N HIS E 201 -5.03 -3.56 -19.91
CA HIS E 201 -5.57 -2.43 -19.20
C HIS E 201 -4.77 -2.18 -17.91
N MET E 202 -4.72 -0.93 -17.50
CA MET E 202 -3.81 -0.49 -16.44
C MET E 202 -4.60 0.15 -15.28
N THR E 203 -3.98 0.20 -14.08
CA THR E 203 -4.57 0.95 -12.99
C THR E 203 -4.21 2.46 -13.27
N ALA E 204 -4.80 3.35 -12.51
CA ALA E 204 -4.55 4.78 -12.72
C ALA E 204 -3.07 5.11 -12.54
N ASP E 205 -2.45 4.49 -11.51
CA ASP E 205 -1.06 4.75 -11.21
C ASP E 205 -0.19 4.21 -12.31
N GLU E 206 -0.46 2.99 -12.78
CA GLU E 206 0.27 2.44 -13.93
C GLU E 206 0.17 3.35 -15.15
N TYR E 207 -1.04 3.70 -15.52
CA TYR E 207 -1.25 4.45 -16.76
C TYR E 207 -0.63 5.83 -16.63
N ALA E 208 -0.84 6.50 -15.50
CA ALA E 208 -0.29 7.88 -15.37
C ALA E 208 1.24 7.86 -15.55
N ARG E 209 1.90 6.87 -14.94
CA ARG E 209 3.37 6.74 -15.08
C ARG E 209 3.75 6.39 -16.55
N ALA E 210 3.03 5.46 -17.18
CA ALA E 210 3.29 5.09 -18.57
C ALA E 210 3.01 6.32 -19.51
N ALA E 211 2.00 7.12 -19.25
CA ALA E 211 1.71 8.27 -20.18
C ALA E 211 2.86 9.28 -20.14
N LYS E 212 3.32 9.62 -18.92
CA LYS E 212 4.51 10.46 -18.71
C LYS E 212 5.73 9.92 -19.45
N GLU E 213 6.05 8.65 -19.19
CA GLU E 213 7.12 7.94 -19.83
C GLU E 213 7.06 7.95 -21.37
N TYR E 214 5.97 7.47 -22.00
CA TYR E 214 5.90 7.46 -23.45
C TYR E 214 5.94 8.92 -24.00
N THR E 215 5.21 9.83 -23.37
CA THR E 215 5.12 11.19 -23.90
C THR E 215 6.45 11.86 -23.83
N LYS E 216 7.15 11.77 -22.68
CA LYS E 216 8.45 12.46 -22.63
C LYS E 216 9.48 11.97 -23.62
N TRP E 217 9.61 10.65 -23.82
CA TRP E 217 10.62 10.18 -24.76
C TRP E 217 10.20 10.47 -26.20
N MET E 218 8.90 10.37 -26.47
CA MET E 218 8.44 10.71 -27.83
C MET E 218 8.77 12.20 -28.11
N LYS E 219 8.57 13.05 -27.10
CA LYS E 219 8.85 14.46 -27.32
C LYS E 219 10.34 14.76 -27.40
N VAL E 220 11.17 13.82 -26.91
CA VAL E 220 12.60 14.00 -27.02
C VAL E 220 13.00 13.77 -28.48
N PHE E 221 12.42 12.74 -29.10
CA PHE E 221 12.67 12.50 -30.50
C PHE E 221 12.05 13.58 -31.39
N ASP E 222 10.81 14.00 -31.12
CA ASP E 222 10.14 15.10 -31.88
C ASP E 222 9.33 16.01 -30.96
N PRO E 223 9.95 17.14 -30.52
CA PRO E 223 9.29 18.07 -29.58
C PRO E 223 8.05 18.73 -30.14
N THR E 224 7.76 18.54 -31.44
CA THR E 224 6.66 19.33 -32.02
C THR E 224 5.33 18.62 -31.87
N ILE E 225 5.33 17.35 -31.46
CA ILE E 225 4.07 16.58 -31.46
C ILE E 225 3.11 17.06 -30.34
N LYS E 226 1.80 16.85 -30.53
CA LYS E 226 0.85 17.07 -29.44
C LYS E 226 0.44 15.68 -28.95
N ALA E 227 0.43 15.52 -27.62
CA ALA E 227 0.17 14.22 -26.97
C ALA E 227 -1.17 14.26 -26.25
N ILE E 228 -2.06 13.34 -26.61
CA ILE E 228 -3.37 13.21 -25.97
C ILE E 228 -3.29 12.01 -24.99
N ALA E 229 -3.43 12.29 -23.68
CA ALA E 229 -3.47 11.20 -22.69
C ALA E 229 -4.91 10.81 -22.43
N VAL E 230 -5.08 9.56 -21.99
CA VAL E 230 -6.38 8.99 -21.68
C VAL E 230 -7.04 9.57 -20.43
N GLY E 231 -8.27 10.04 -20.55
CA GLY E 231 -9.11 10.45 -19.44
C GLY E 231 -10.38 9.61 -19.40
N CYS E 232 -11.19 9.75 -18.35
CA CYS E 232 -12.46 9.06 -18.29
C CYS E 232 -13.36 9.75 -17.27
N ASP E 233 -14.39 9.07 -16.80
CA ASP E 233 -15.25 9.60 -15.74
C ASP E 233 -14.82 9.40 -14.28
N ASP E 234 -13.71 8.70 -14.08
CA ASP E 234 -13.15 8.53 -12.75
C ASP E 234 -12.24 9.73 -12.47
N PRO E 235 -12.63 10.57 -11.53
CA PRO E 235 -11.86 11.79 -11.28
C PRO E 235 -10.48 11.44 -10.71
N ILE E 236 -10.35 10.31 -10.00
CA ILE E 236 -9.04 9.97 -9.42
C ILE E 236 -8.06 9.64 -10.57
N TRP E 237 -8.52 8.77 -11.49
CA TRP E 237 -7.79 8.47 -12.73
C TRP E 237 -7.36 9.78 -13.43
N ASN E 238 -8.29 10.65 -13.71
CA ASN E 238 -7.90 11.91 -14.42
C ASN E 238 -6.87 12.65 -13.64
N LEU E 239 -7.04 12.74 -12.32
CA LEU E 239 -6.11 13.49 -11.52
C LEU E 239 -4.72 12.85 -11.47
N ARG E 240 -4.62 11.50 -11.39
CA ARG E 240 -3.30 10.86 -11.45
C ARG E 240 -2.61 11.17 -12.76
N VAL E 241 -3.34 11.15 -13.85
CA VAL E 241 -2.74 11.41 -15.13
C VAL E 241 -2.28 12.86 -15.14
N LEU E 242 -3.11 13.78 -14.67
CA LEU E 242 -2.72 15.19 -14.76
C LEU E 242 -1.51 15.44 -13.87
N GLN E 243 -1.56 14.90 -12.66
CA GLN E 243 -0.47 15.02 -11.68
C GLN E 243 0.86 14.51 -12.20
N GLU E 244 0.84 13.30 -12.78
CA GLU E 244 2.06 12.63 -13.20
C GLU E 244 2.58 13.16 -14.53
N ALA E 245 1.65 13.48 -15.45
CA ALA E 245 2.04 13.75 -16.84
C ALA E 245 1.63 15.14 -17.30
N GLY E 246 1.10 15.96 -16.39
CA GLY E 246 0.57 17.26 -16.77
C GLY E 246 1.63 18.22 -17.25
N ASP E 247 2.90 17.86 -17.07
CA ASP E 247 4.01 18.73 -17.49
C ASP E 247 4.39 18.43 -18.93
N VAL E 248 3.89 17.33 -19.51
CA VAL E 248 4.29 16.95 -20.86
C VAL E 248 3.11 16.70 -21.81
N ILE E 249 1.90 16.42 -21.33
CA ILE E 249 0.83 16.08 -22.27
C ILE E 249 0.18 17.39 -22.75
N ASP E 250 -0.60 17.30 -23.84
CA ASP E 250 -1.26 18.53 -24.32
C ASP E 250 -2.75 18.50 -24.15
N PHE E 251 -3.30 17.28 -24.06
CA PHE E 251 -4.72 17.06 -23.93
C PHE E 251 -4.90 15.90 -23.03
N ILE E 252 -6.01 15.91 -22.32
CA ILE E 252 -6.54 14.73 -21.75
C ILE E 252 -7.86 14.41 -22.47
N SER E 253 -8.05 13.13 -22.83
CA SER E 253 -9.19 12.75 -23.67
C SER E 253 -10.43 12.40 -22.87
N TYR E 254 -11.55 12.49 -23.54
CA TYR E 254 -12.82 12.18 -22.97
C TYR E 254 -13.65 11.54 -24.08
N HIS E 255 -14.26 10.38 -23.78
CA HIS E 255 -15.19 9.66 -24.68
C HIS E 255 -16.61 9.78 -24.16
N PHE E 256 -17.57 10.02 -25.07
CA PHE E 256 -18.95 10.20 -24.62
C PHE E 256 -19.91 9.52 -25.58
N TYR E 257 -20.55 8.47 -25.10
CA TYR E 257 -21.54 7.75 -25.90
C TYR E 257 -22.89 7.81 -25.18
N THR E 258 -23.99 7.95 -25.93
CA THR E 258 -25.26 8.29 -25.29
C THR E 258 -26.41 7.72 -26.07
N GLY E 259 -27.62 7.93 -25.56
CA GLY E 259 -28.82 7.63 -26.32
C GLY E 259 -29.77 6.66 -25.68
N SER E 260 -31.06 6.87 -25.99
CA SER E 260 -32.11 5.86 -25.74
C SER E 260 -33.21 6.01 -26.79
N ASP E 261 -34.27 5.20 -26.65
CA ASP E 261 -35.38 5.28 -27.60
C ASP E 261 -36.21 6.51 -27.41
N ASP E 262 -36.11 7.12 -26.24
CA ASP E 262 -36.82 8.34 -26.00
C ASP E 262 -36.11 9.51 -26.68
N TYR E 263 -36.87 10.29 -27.45
CA TYR E 263 -36.32 11.51 -28.08
C TYR E 263 -35.61 12.44 -27.08
N TYR E 264 -36.30 12.83 -26.00
CA TYR E 264 -35.72 13.86 -25.14
C TYR E 264 -34.56 13.31 -24.28
N GLU E 265 -34.60 12.01 -23.98
CA GLU E 265 -33.53 11.41 -23.19
C GLU E 265 -32.28 11.44 -24.04
N THR E 266 -32.46 11.30 -25.36
CA THR E 266 -31.32 11.39 -26.27
C THR E 266 -30.75 12.82 -26.39
N VAL E 267 -31.56 13.77 -26.88
CA VAL E 267 -31.04 15.12 -27.11
C VAL E 267 -30.63 15.90 -25.88
N SER E 268 -31.32 15.72 -24.75
CA SER E 268 -30.99 16.35 -23.48
C SER E 268 -29.54 16.07 -23.07
N THR E 269 -28.96 14.94 -23.50
CA THR E 269 -27.59 14.61 -23.08
C THR E 269 -26.49 15.51 -23.66
N VAL E 270 -26.83 16.34 -24.66
CA VAL E 270 -25.89 17.38 -25.04
C VAL E 270 -25.50 18.08 -23.76
N TYR E 271 -26.49 18.33 -22.89
CA TYR E 271 -26.21 19.12 -21.69
C TYR E 271 -25.63 18.29 -20.51
N LEU E 272 -25.72 16.95 -20.60
CA LEU E 272 -25.01 16.07 -19.70
C LEU E 272 -23.53 16.22 -20.11
N LEU E 273 -23.27 16.10 -21.43
CA LEU E 273 -21.92 16.24 -21.93
C LEU E 273 -21.30 17.56 -21.51
N LYS E 274 -22.04 18.66 -21.66
CA LYS E 274 -21.54 19.96 -21.27
C LYS E 274 -21.00 19.95 -19.83
N GLU E 275 -21.81 19.45 -18.89
CA GLU E 275 -21.36 19.40 -17.47
C GLU E 275 -20.16 18.45 -17.24
N ARG E 276 -20.17 17.27 -17.87
CA ARG E 276 -18.98 16.42 -17.88
C ARG E 276 -17.70 17.16 -18.28
N LEU E 277 -17.76 17.93 -19.37
CA LEU E 277 -16.57 18.59 -19.86
C LEU E 277 -16.16 19.72 -18.93
N ILE E 278 -17.13 20.45 -18.36
CA ILE E 278 -16.75 21.52 -17.38
C ILE E 278 -16.03 20.85 -16.18
N GLY E 279 -16.51 19.64 -15.84
CA GLY E 279 -15.86 18.86 -14.74
C GLY E 279 -14.39 18.61 -14.98
N VAL E 280 -14.08 17.99 -16.12
CA VAL E 280 -12.72 17.70 -16.51
C VAL E 280 -11.92 18.99 -16.64
N LYS E 281 -12.47 20.03 -17.28
CA LYS E 281 -11.77 21.33 -17.27
C LYS E 281 -11.45 21.76 -15.82
N LYS E 282 -12.39 21.61 -14.88
CA LYS E 282 -12.06 21.95 -13.47
C LYS E 282 -10.97 21.08 -12.82
N LEU E 283 -10.94 19.77 -13.10
CA LEU E 283 -9.82 18.97 -12.63
C LEU E 283 -8.52 19.51 -13.19
N ILE E 284 -8.51 19.93 -14.45
CA ILE E 284 -7.26 20.47 -14.99
C ILE E 284 -6.86 21.72 -14.22
N ASP E 285 -7.84 22.56 -13.91
CA ASP E 285 -7.52 23.76 -13.14
C ASP E 285 -6.96 23.41 -11.76
N MET E 286 -7.27 22.20 -11.25
CA MET E 286 -6.83 21.87 -9.89
C MET E 286 -5.42 21.31 -9.84
N VAL E 287 -4.75 21.16 -10.98
CA VAL E 287 -3.39 20.62 -10.97
C VAL E 287 -2.49 21.68 -11.57
N ASP E 288 -1.66 22.28 -10.71
CA ASP E 288 -0.91 23.48 -11.13
C ASP E 288 -0.16 23.35 -12.44
N THR E 289 0.57 22.28 -12.65
CA THR E 289 1.42 22.22 -13.85
C THR E 289 0.56 22.10 -15.09
N ALA E 290 -0.53 21.33 -14.97
CA ALA E 290 -1.45 21.15 -16.09
C ALA E 290 -2.16 22.51 -16.39
N ARG E 291 -2.62 23.21 -15.36
CA ARG E 291 -3.29 24.51 -15.59
C ARG E 291 -2.32 25.49 -16.28
N LYS E 292 -1.12 25.63 -15.72
CA LYS E 292 -0.13 26.60 -16.19
C LYS E 292 0.34 26.32 -17.60
N ARG E 293 0.48 25.03 -17.96
CA ARG E 293 0.79 24.66 -19.37
C ARG E 293 -0.40 24.78 -20.33
N GLY E 294 -1.60 24.95 -19.80
CA GLY E 294 -2.82 25.01 -20.62
C GLY E 294 -3.14 23.67 -21.29
N VAL E 295 -3.06 22.56 -20.53
CA VAL E 295 -3.59 21.28 -21.00
C VAL E 295 -5.10 21.42 -21.33
N LYS E 296 -5.55 20.87 -22.46
CA LYS E 296 -6.97 21.00 -22.82
C LYS E 296 -7.58 19.64 -22.96
N ILE E 297 -8.83 19.61 -23.37
CA ILE E 297 -9.58 18.37 -23.51
C ILE E 297 -9.70 17.97 -24.96
N ALA E 298 -9.56 16.66 -25.23
CA ALA E 298 -9.84 16.11 -26.51
C ALA E 298 -11.04 15.14 -26.40
N LEU E 299 -12.17 15.49 -27.01
CA LEU E 299 -13.37 14.67 -27.01
C LEU E 299 -13.20 13.78 -28.23
N ASP E 300 -12.27 12.84 -28.14
CA ASP E 300 -11.80 12.21 -29.35
C ASP E 300 -12.57 10.93 -29.62
N GLU E 301 -13.67 10.70 -28.88
CA GLU E 301 -14.73 9.81 -29.35
C GLU E 301 -16.05 10.30 -28.81
N TRP E 302 -17.02 10.43 -29.70
CA TRP E 302 -18.36 10.77 -29.25
C TRP E 302 -19.39 10.39 -30.30
N ASN E 303 -20.62 10.06 -29.84
CA ASN E 303 -21.73 9.71 -30.71
C ASN E 303 -22.91 9.17 -29.91
N VAL E 304 -24.03 8.90 -30.58
CA VAL E 304 -25.12 8.12 -29.99
C VAL E 304 -24.65 6.68 -30.19
N TRP E 305 -24.88 5.83 -29.20
CA TRP E 305 -24.58 4.42 -29.29
C TRP E 305 -25.37 3.66 -28.18
N TYR E 306 -26.45 2.97 -28.57
CA TYR E 306 -27.29 2.27 -27.56
C TYR E 306 -28.06 1.08 -28.08
N ARG E 307 -28.16 0.89 -29.39
CA ARG E 307 -29.06 -0.15 -29.94
C ARG E 307 -28.29 -1.44 -30.16
N VAL E 308 -27.08 -1.32 -30.68
CA VAL E 308 -26.40 -2.43 -31.27
C VAL E 308 -25.20 -2.72 -30.38
N SER E 309 -25.04 -4.01 -30.07
CA SER E 309 -23.92 -4.42 -29.26
C SER E 309 -23.29 -5.70 -29.80
N ASP E 310 -22.49 -5.60 -30.86
CA ASP E 310 -21.90 -6.78 -31.49
C ASP E 310 -20.48 -6.45 -31.91
N ASN E 311 -19.97 -7.12 -32.93
CA ASN E 311 -18.62 -6.82 -33.43
C ASN E 311 -18.54 -5.91 -34.67
N LYS E 312 -19.67 -5.30 -35.05
CA LYS E 312 -19.71 -4.49 -36.28
C LYS E 312 -20.27 -3.09 -36.00
N LEU E 313 -21.13 -3.01 -34.99
CA LEU E 313 -21.67 -1.76 -34.46
C LEU E 313 -22.36 -0.87 -35.52
N GLU E 314 -23.21 -1.47 -36.36
CA GLU E 314 -23.85 -0.75 -37.46
C GLU E 314 -25.15 -0.11 -37.01
N GLU E 315 -24.97 0.89 -36.15
CA GLU E 315 -26.01 1.57 -35.40
C GLU E 315 -26.87 2.35 -36.39
N PRO E 316 -28.17 2.06 -36.47
CA PRO E 316 -28.97 2.71 -37.50
C PRO E 316 -29.44 4.10 -37.04
N TYR E 317 -28.60 5.11 -37.22
CA TYR E 317 -28.93 6.45 -36.74
C TYR E 317 -30.18 7.02 -37.40
N ASP E 318 -30.97 7.75 -36.61
CA ASP E 318 -32.15 8.42 -37.08
C ASP E 318 -32.03 9.91 -36.79
N LEU E 319 -33.10 10.67 -37.03
CA LEU E 319 -33.00 12.11 -37.02
C LEU E 319 -32.71 12.62 -35.59
N LYS E 320 -33.40 12.01 -34.61
CA LYS E 320 -33.17 12.25 -33.16
C LYS E 320 -31.64 12.27 -32.89
N ASP E 321 -30.92 11.30 -33.45
CA ASP E 321 -29.50 11.16 -33.22
C ASP E 321 -28.79 12.31 -33.94
N GLY E 322 -29.32 12.67 -35.12
CA GLY E 322 -28.76 13.78 -35.82
C GLY E 322 -28.91 15.12 -35.10
N ILE E 323 -30.02 15.30 -34.40
CA ILE E 323 -30.21 16.54 -33.63
C ILE E 323 -29.19 16.59 -32.48
N PHE E 324 -28.93 15.41 -31.88
CA PHE E 324 -27.98 15.29 -30.80
C PHE E 324 -26.67 15.75 -31.36
N ALA E 325 -26.27 15.18 -32.51
CA ALA E 325 -24.99 15.59 -33.13
C ALA E 325 -24.95 17.13 -33.42
N CYS E 326 -26.05 17.71 -33.90
CA CYS E 326 -26.02 19.18 -34.12
C CYS E 326 -25.80 19.91 -32.83
N GLY E 327 -26.48 19.46 -31.78
CA GLY E 327 -26.40 20.08 -30.47
C GLY E 327 -24.98 20.05 -29.93
N VAL E 328 -24.27 18.93 -30.13
CA VAL E 328 -22.89 18.87 -29.74
C VAL E 328 -21.97 19.81 -30.51
N LEU E 329 -22.15 19.90 -31.83
CA LEU E 329 -21.31 20.82 -32.62
C LEU E 329 -21.51 22.28 -32.19
N VAL E 330 -22.76 22.63 -31.87
CA VAL E 330 -23.08 23.97 -31.39
C VAL E 330 -22.39 24.18 -30.03
N LEU E 331 -22.48 23.18 -29.17
CA LEU E 331 -21.78 23.21 -27.87
C LEU E 331 -20.28 23.41 -28.08
N LEU E 332 -19.70 22.59 -28.95
CA LEU E 332 -18.25 22.68 -29.15
C LEU E 332 -17.86 24.05 -29.72
N GLN E 333 -18.72 24.64 -30.58
CA GLN E 333 -18.38 26.02 -31.09
C GLN E 333 -18.21 26.98 -29.92
N LYS E 334 -19.10 26.86 -28.93
CA LYS E 334 -19.07 27.73 -27.75
C LYS E 334 -17.99 27.37 -26.73
N MET E 335 -17.41 26.16 -26.81
CA MET E 335 -16.51 25.67 -25.78
C MET E 335 -15.16 25.18 -26.32
N SER E 336 -14.78 25.58 -27.55
CA SER E 336 -13.61 25.01 -28.19
C SER E 336 -12.31 25.50 -27.58
N ASP E 337 -12.33 26.60 -26.84
CA ASP E 337 -11.10 26.99 -26.12
C ASP E 337 -10.76 25.94 -25.03
N ILE E 338 -11.78 25.32 -24.47
CA ILE E 338 -11.60 24.24 -23.49
C ILE E 338 -11.46 22.84 -24.13
N VAL E 339 -12.20 22.61 -25.22
CA VAL E 339 -12.20 21.35 -25.96
C VAL E 339 -11.91 21.70 -27.45
N PRO E 340 -10.62 21.88 -27.81
CA PRO E 340 -10.25 22.28 -29.17
C PRO E 340 -10.22 21.14 -30.17
N LEU E 341 -10.30 19.90 -29.66
CA LEU E 341 -10.21 18.73 -30.51
C LEU E 341 -11.38 17.78 -30.22
N ALA E 342 -12.15 17.41 -31.23
CA ALA E 342 -13.15 16.40 -31.04
C ALA E 342 -13.21 15.45 -32.22
N ASN E 343 -13.62 14.21 -31.96
CA ASN E 343 -13.72 13.27 -33.02
C ASN E 343 -14.98 12.47 -32.92
N LEU E 344 -15.84 12.58 -33.94
CA LEU E 344 -17.02 11.74 -33.97
C LEU E 344 -16.55 10.27 -34.07
N ALA E 345 -17.17 9.35 -33.33
CA ALA E 345 -16.93 7.92 -33.52
C ALA E 345 -18.19 7.23 -34.10
N GLN E 346 -18.18 6.73 -35.32
CA GLN E 346 -17.05 6.80 -36.26
C GLN E 346 -17.53 7.20 -37.67
N LEU E 347 -16.58 7.35 -38.59
CA LEU E 347 -16.85 7.91 -39.92
C LEU E 347 -17.69 6.99 -40.80
N VAL E 348 -17.38 5.68 -40.80
CA VAL E 348 -17.99 4.77 -41.79
C VAL E 348 -18.31 3.46 -41.14
N ASN E 349 -19.58 3.04 -41.27
CA ASN E 349 -20.11 1.73 -40.77
C ASN E 349 -20.12 1.43 -39.26
N ALA E 350 -18.94 1.28 -38.65
CA ALA E 350 -18.86 1.19 -37.19
C ALA E 350 -19.43 2.48 -36.65
N LEU E 351 -20.54 2.39 -35.90
CA LEU E 351 -21.12 3.58 -35.32
C LEU E 351 -21.15 4.67 -36.44
N GLY E 352 -21.44 4.25 -37.68
CA GLY E 352 -21.04 5.01 -38.88
C GLY E 352 -21.90 6.21 -39.25
N ALA E 353 -21.26 7.38 -39.36
CA ALA E 353 -21.92 8.54 -39.97
C ALA E 353 -22.42 8.22 -41.38
N ILE E 354 -21.57 7.54 -42.13
CA ILE E 354 -21.84 7.04 -43.49
C ILE E 354 -21.97 5.52 -43.39
N HIS E 355 -22.98 4.96 -44.08
CA HIS E 355 -23.16 3.50 -44.13
C HIS E 355 -22.99 2.99 -45.57
N THR E 356 -22.08 2.04 -45.79
CA THR E 356 -21.86 1.52 -47.14
C THR E 356 -22.44 0.13 -47.29
N GLU E 357 -22.81 -0.18 -48.54
CA GLU E 357 -23.02 -1.56 -49.01
C GLU E 357 -22.10 -1.76 -50.21
N LYS E 358 -21.98 -3.00 -50.69
CA LYS E 358 -21.12 -3.27 -51.84
C LYS E 358 -21.46 -2.40 -53.04
N ASP E 359 -22.67 -1.88 -53.12
CA ASP E 359 -23.09 -1.18 -54.34
C ASP E 359 -23.60 0.25 -54.11
N GLY E 360 -23.23 0.85 -52.98
CA GLY E 360 -23.72 2.18 -52.63
C GLY E 360 -23.47 2.54 -51.17
N LEU E 361 -24.01 3.67 -50.76
CA LEU E 361 -23.83 4.16 -49.40
C LEU E 361 -25.05 4.98 -48.98
N ILE E 362 -25.22 5.18 -47.68
CA ILE E 362 -26.33 5.91 -47.11
C ILE E 362 -25.66 7.00 -46.28
N LEU E 363 -26.18 8.23 -46.35
CA LEU E 363 -25.72 9.28 -45.46
C LEU E 363 -26.70 9.35 -44.27
N THR E 364 -26.25 9.07 -43.04
CA THR E 364 -27.17 9.09 -41.92
C THR E 364 -27.41 10.54 -41.49
N PRO E 365 -28.41 10.75 -40.63
CA PRO E 365 -28.66 12.07 -40.08
C PRO E 365 -27.51 12.63 -39.29
N VAL E 366 -26.65 11.74 -38.79
CA VAL E 366 -25.46 12.18 -38.05
C VAL E 366 -24.40 12.75 -39.02
N TYR E 367 -24.23 12.14 -40.21
CA TYR E 367 -23.43 12.73 -41.26
C TYR E 367 -24.01 14.12 -41.63
N LYS E 368 -25.33 14.20 -41.75
CA LYS E 368 -26.00 15.43 -42.15
C LYS E 368 -25.75 16.55 -41.15
N ALA E 369 -25.65 16.19 -39.87
CA ALA E 369 -25.29 17.21 -38.86
C ALA E 369 -23.98 17.90 -39.22
N PHE E 370 -22.99 17.08 -39.58
CA PHE E 370 -21.71 17.63 -40.03
C PHE E 370 -21.82 18.40 -41.37
N GLU E 371 -22.60 17.85 -42.31
CA GLU E 371 -22.67 18.43 -43.62
C GLU E 371 -23.22 19.85 -43.46
N LEU E 372 -24.19 19.99 -42.57
CA LEU E 372 -24.77 21.28 -42.23
C LEU E 372 -23.79 22.23 -41.54
N ILE E 373 -23.30 21.84 -40.36
CA ILE E 373 -22.53 22.78 -39.52
C ILE E 373 -21.20 23.11 -40.17
N VAL E 374 -20.53 22.09 -40.69
CA VAL E 374 -19.19 22.31 -41.22
C VAL E 374 -19.17 23.33 -42.42
N ASN E 375 -20.26 23.36 -43.19
CA ASN E 375 -20.32 24.06 -44.46
C ASN E 375 -20.92 25.43 -44.26
N HIS E 376 -21.51 25.62 -43.08
CA HIS E 376 -22.20 26.84 -42.78
C HIS E 376 -21.79 27.26 -41.34
N SER E 377 -20.51 27.54 -41.14
CA SER E 377 -20.07 28.01 -39.85
C SER E 377 -18.86 28.90 -40.06
N GLY E 378 -18.61 29.81 -39.13
CA GLY E 378 -17.45 30.67 -39.15
C GLY E 378 -16.33 30.21 -38.25
N GLU E 379 -15.23 30.97 -38.24
CA GLU E 379 -13.98 30.59 -37.62
C GLU E 379 -13.84 31.31 -36.30
N LYS E 380 -14.73 32.26 -36.02
CA LYS E 380 -14.70 33.00 -34.76
C LYS E 380 -16.07 33.04 -34.16
N LEU E 381 -16.15 32.81 -32.84
CA LEU E 381 -17.45 32.83 -32.18
C LEU E 381 -17.76 34.30 -31.85
N VAL E 382 -18.99 34.74 -32.10
CA VAL E 382 -19.35 36.11 -31.66
C VAL E 382 -20.37 36.07 -30.51
N LYS E 383 -20.54 37.21 -29.83
CA LYS E 383 -21.39 37.25 -28.64
C LYS E 383 -22.80 36.84 -29.03
N THR E 384 -23.30 35.84 -28.32
CA THR E 384 -24.58 35.23 -28.61
C THR E 384 -25.31 35.00 -27.30
N HIS E 385 -26.36 35.76 -27.05
CA HIS E 385 -27.12 35.56 -25.83
C HIS E 385 -28.44 34.88 -26.19
N VAL E 386 -28.73 33.72 -25.58
CA VAL E 386 -29.96 32.95 -25.83
C VAL E 386 -30.87 32.99 -24.59
N GLU E 387 -32.17 33.22 -24.81
CA GLU E 387 -33.22 33.08 -23.81
C GLU E 387 -34.02 31.85 -24.21
N SER E 388 -34.29 30.97 -23.26
CA SER E 388 -34.99 29.74 -23.56
C SER E 388 -35.73 29.23 -22.30
N GLU E 389 -36.93 28.68 -22.50
CA GLU E 389 -37.53 27.73 -21.56
C GLU E 389 -36.57 26.52 -21.46
N THR E 390 -36.65 25.81 -20.33
CA THR E 390 -35.75 24.72 -20.04
C THR E 390 -36.57 23.58 -19.47
N TYR E 391 -36.00 22.39 -19.43
CA TYR E 391 -36.71 21.25 -18.88
C TYR E 391 -35.73 20.38 -18.12
N ASN E 392 -36.25 19.64 -17.14
CA ASN E 392 -35.48 18.65 -16.36
C ASN E 392 -35.86 17.30 -16.88
N ILE E 393 -34.90 16.38 -16.86
CA ILE E 393 -35.14 15.03 -17.32
C ILE E 393 -34.34 13.98 -16.53
N GLU E 394 -34.90 12.79 -16.42
CA GLU E 394 -34.21 11.61 -15.91
C GLU E 394 -34.47 10.51 -16.91
N GLY E 395 -33.42 9.93 -17.48
CA GLY E 395 -33.61 8.88 -18.46
C GLY E 395 -32.50 7.87 -18.37
N VAL E 396 -32.33 7.10 -19.44
CA VAL E 396 -31.21 6.18 -19.57
C VAL E 396 -30.38 6.49 -20.82
N MET E 397 -29.14 5.99 -20.86
CA MET E 397 -28.24 6.26 -21.95
C MET E 397 -27.38 5.04 -22.20
N PHE E 398 -26.89 4.93 -23.43
CA PHE E 398 -25.88 3.90 -23.76
C PHE E 398 -26.41 2.47 -23.79
N ILE E 399 -25.60 1.55 -24.28
CA ILE E 399 -26.05 0.19 -24.48
C ILE E 399 -26.41 -0.50 -23.16
N ASN E 400 -25.87 -0.03 -22.04
CA ASN E 400 -26.26 -0.61 -20.73
C ASN E 400 -27.42 0.12 -20.01
N LYS E 401 -28.00 1.14 -20.65
CA LYS E 401 -29.18 1.80 -20.11
C LYS E 401 -28.94 2.38 -18.71
N MET E 402 -27.83 3.10 -18.55
CA MET E 402 -27.46 3.71 -17.31
C MET E 402 -28.35 4.93 -17.07
N PRO E 403 -28.92 5.03 -15.83
CA PRO E 403 -29.70 6.18 -15.45
C PRO E 403 -28.85 7.43 -15.51
N PHE E 404 -29.45 8.53 -15.95
CA PHE E 404 -28.80 9.85 -15.82
C PHE E 404 -29.82 10.89 -15.51
N SER E 405 -29.35 12.06 -15.13
CA SER E 405 -30.25 13.17 -15.06
C SER E 405 -29.65 14.52 -15.51
N VAL E 406 -30.50 15.35 -16.08
CA VAL E 406 -30.03 16.66 -16.55
C VAL E 406 -31.01 17.67 -16.04
N GLU E 407 -30.51 18.82 -15.59
CA GLU E 407 -31.36 19.86 -15.05
C GLU E 407 -31.26 21.14 -15.89
N ASN E 408 -32.43 21.72 -16.19
CA ASN E 408 -32.48 22.98 -16.94
C ASN E 408 -31.84 22.85 -18.35
N ALA E 409 -32.07 21.71 -19.01
CA ALA E 409 -31.73 21.56 -20.42
C ALA E 409 -32.59 22.59 -21.25
N PRO E 410 -31.97 23.36 -22.14
CA PRO E 410 -32.78 24.31 -22.92
C PRO E 410 -33.57 23.67 -24.05
N PHE E 411 -34.74 24.23 -24.37
CA PHE E 411 -35.45 23.79 -25.58
C PHE E 411 -34.81 24.42 -26.83
N LEU E 412 -34.13 25.53 -26.64
CA LEU E 412 -33.54 26.30 -27.74
C LEU E 412 -32.12 26.63 -27.40
N ASP E 413 -31.20 26.27 -28.29
CA ASP E 413 -29.82 26.72 -28.13
C ASP E 413 -29.31 27.39 -29.43
N ALA E 414 -28.20 28.11 -29.38
CA ALA E 414 -27.72 28.73 -30.59
C ALA E 414 -26.27 29.18 -30.46
N ALA E 415 -25.57 29.30 -31.58
CA ALA E 415 -24.18 29.82 -31.58
C ALA E 415 -24.01 30.67 -32.82
N ALA E 416 -23.64 31.93 -32.66
CA ALA E 416 -23.35 32.75 -33.84
C ALA E 416 -21.84 32.84 -34.06
N SER E 417 -21.40 32.60 -35.30
CA SER E 417 -19.98 32.72 -35.65
C SER E 417 -19.80 33.58 -36.92
N ILE E 418 -18.61 34.11 -37.15
CA ILE E 418 -18.31 34.81 -38.40
C ILE E 418 -17.13 34.18 -39.07
N SER E 419 -17.13 34.23 -40.40
CA SER E 419 -15.97 33.84 -41.21
C SER E 419 -14.73 34.66 -40.85
N GLU E 420 -13.57 34.07 -41.11
CA GLU E 420 -12.27 34.69 -40.92
C GLU E 420 -12.18 36.12 -41.51
N ASP E 421 -12.66 36.31 -42.73
CA ASP E 421 -12.58 37.62 -43.38
C ASP E 421 -13.66 38.61 -42.88
N GLY E 422 -14.47 38.20 -41.91
CA GLY E 422 -15.57 39.03 -41.38
C GLY E 422 -16.77 39.31 -42.32
N LYS E 423 -16.85 38.63 -43.46
CA LYS E 423 -17.87 38.92 -44.47
C LYS E 423 -19.17 38.12 -44.33
N LYS E 424 -19.17 37.10 -43.44
CA LYS E 424 -20.32 36.25 -43.30
C LYS E 424 -20.61 35.91 -41.84
N LEU E 425 -21.89 36.01 -41.47
CA LEU E 425 -22.38 35.64 -40.19
C LEU E 425 -23.17 34.33 -40.32
N PHE E 426 -22.94 33.41 -39.37
CA PHE E 426 -23.64 32.12 -39.32
C PHE E 426 -24.29 32.05 -37.96
N ILE E 427 -25.62 32.03 -37.91
CA ILE E 427 -26.31 31.85 -36.64
C ILE E 427 -26.85 30.45 -36.64
N ALA E 428 -26.19 29.54 -35.91
CA ALA E 428 -26.66 28.13 -35.80
C ALA E 428 -27.66 28.06 -34.67
N VAL E 429 -28.79 27.40 -34.94
CA VAL E 429 -29.91 27.37 -34.03
C VAL E 429 -30.44 25.94 -33.94
N VAL E 430 -30.53 25.42 -32.72
CA VAL E 430 -31.17 24.10 -32.55
C VAL E 430 -32.51 24.27 -31.82
N ASN E 431 -33.58 23.81 -32.45
CA ASN E 431 -34.85 23.73 -31.73
C ASN E 431 -35.05 22.29 -31.23
N TYR E 432 -34.92 22.08 -29.94
CA TYR E 432 -35.02 20.68 -29.44
C TYR E 432 -36.48 20.23 -29.23
N ARG E 433 -37.43 21.18 -29.20
CA ARG E 433 -38.83 20.84 -28.96
C ARG E 433 -39.28 19.72 -29.88
N LYS E 434 -39.91 18.73 -29.29
CA LYS E 434 -40.32 17.55 -30.03
C LYS E 434 -41.56 17.81 -30.91
N GLU E 435 -42.44 18.70 -30.50
CA GLU E 435 -43.73 18.83 -31.19
C GLU E 435 -44.08 20.20 -31.71
N ASP E 436 -43.55 21.26 -31.10
CA ASP E 436 -43.91 22.62 -31.47
C ASP E 436 -42.78 23.40 -32.13
N ALA E 437 -43.09 24.06 -33.24
CA ALA E 437 -42.19 24.99 -33.92
C ALA E 437 -41.98 26.20 -33.02
N LEU E 438 -40.80 26.80 -33.03
CA LEU E 438 -40.65 27.97 -32.16
C LEU E 438 -40.51 29.24 -32.96
N LYS E 439 -41.37 30.21 -32.68
CA LYS E 439 -41.27 31.53 -33.30
C LYS E 439 -40.26 32.33 -32.48
N VAL E 440 -39.07 32.59 -33.02
CA VAL E 440 -37.99 33.19 -32.20
C VAL E 440 -37.61 34.60 -32.62
N PRO E 441 -37.75 35.59 -31.73
CA PRO E 441 -37.25 36.95 -32.04
C PRO E 441 -35.73 37.00 -31.96
N ILE E 442 -35.12 37.63 -32.95
CA ILE E 442 -33.68 37.59 -33.10
C ILE E 442 -33.22 39.01 -33.30
N ARG E 443 -32.21 39.40 -32.55
CA ARG E 443 -31.63 40.70 -32.77
C ARG E 443 -30.17 40.50 -33.18
N VAL E 444 -29.76 41.17 -34.25
CA VAL E 444 -28.39 41.18 -34.68
C VAL E 444 -27.98 42.64 -34.74
N GLU E 445 -27.00 43.02 -33.91
CA GLU E 445 -26.51 44.38 -33.81
C GLU E 445 -25.91 44.88 -35.11
N GLY E 446 -26.38 46.04 -35.56
CA GLY E 446 -25.77 46.75 -36.70
C GLY E 446 -26.05 46.15 -38.07
N LEU E 447 -26.91 45.12 -38.12
CA LEU E 447 -27.25 44.46 -39.37
C LEU E 447 -28.31 45.28 -40.12
N GLY E 448 -28.13 45.47 -41.42
CA GLY E 448 -29.22 46.14 -42.18
C GLY E 448 -30.31 45.13 -42.55
N GLN E 449 -31.33 45.58 -43.28
CA GLN E 449 -32.22 44.61 -43.90
C GLN E 449 -31.45 43.87 -45.00
N LYS E 450 -31.49 42.54 -45.02
CA LYS E 450 -30.91 41.73 -46.11
C LYS E 450 -31.74 40.50 -46.41
N LYS E 451 -31.61 40.03 -47.64
CA LYS E 451 -31.94 38.65 -47.96
C LYS E 451 -30.87 37.77 -47.30
N ALA E 452 -31.26 36.63 -46.78
CA ALA E 452 -30.31 35.65 -46.16
C ALA E 452 -30.84 34.27 -46.47
N THR E 453 -30.02 33.23 -46.31
CA THR E 453 -30.49 31.86 -46.51
C THR E 453 -30.42 31.06 -45.20
N VAL E 454 -31.49 30.29 -44.96
CA VAL E 454 -31.55 29.45 -43.79
C VAL E 454 -31.45 28.01 -44.29
N TYR E 455 -30.40 27.32 -43.85
CA TYR E 455 -30.18 25.89 -44.15
C TYR E 455 -30.65 25.10 -42.95
N THR E 456 -31.56 24.16 -43.19
CA THR E 456 -32.21 23.39 -42.13
C THR E 456 -32.07 21.92 -42.32
N LEU E 457 -31.60 21.26 -41.27
CA LEU E 457 -31.62 19.80 -41.19
C LEU E 457 -32.88 19.44 -40.40
N THR E 458 -33.79 18.74 -41.06
CA THR E 458 -34.92 18.05 -40.36
C THR E 458 -35.52 16.91 -41.25
N GLY E 459 -36.70 16.42 -40.91
CA GLY E 459 -37.29 15.32 -41.65
C GLY E 459 -38.67 15.13 -41.10
N PRO E 460 -39.43 14.14 -41.61
CA PRO E 460 -40.86 14.00 -41.27
C PRO E 460 -41.15 13.60 -39.82
N ASP E 461 -40.20 12.94 -39.15
CA ASP E 461 -40.37 12.60 -37.75
C ASP E 461 -39.03 12.29 -37.01
N VAL E 462 -39.07 12.29 -35.67
CA VAL E 462 -37.86 12.09 -34.88
C VAL E 462 -37.16 10.76 -35.17
N ASN E 463 -37.87 9.78 -35.74
CA ASN E 463 -37.22 8.55 -36.05
C ASN E 463 -36.93 8.32 -37.52
N ALA E 464 -37.06 9.36 -38.33
CA ALA E 464 -36.77 9.25 -39.76
C ALA E 464 -35.31 8.87 -39.95
N ARG E 465 -35.04 8.01 -40.94
CA ARG E 465 -33.69 7.61 -41.34
C ARG E 465 -33.60 7.69 -42.86
N ASN E 466 -32.39 7.77 -43.39
CA ASN E 466 -32.17 7.55 -44.82
C ASN E 466 -31.87 6.08 -45.07
N THR E 467 -32.24 5.62 -46.26
CA THR E 467 -31.96 4.23 -46.65
C THR E 467 -31.48 4.26 -48.09
N MET E 468 -31.09 3.09 -48.57
CA MET E 468 -30.66 2.93 -49.94
C MET E 468 -31.83 3.15 -50.86
N GLU E 469 -32.94 2.48 -50.50
CA GLU E 469 -34.32 2.78 -50.95
C GLU E 469 -34.60 4.29 -51.17
N ASN E 470 -34.55 5.05 -50.06
CA ASN E 470 -34.88 6.47 -49.96
C ASN E 470 -33.73 7.22 -49.28
N PRO E 471 -32.74 7.64 -50.06
CA PRO E 471 -31.51 8.25 -49.54
C PRO E 471 -31.68 9.67 -48.99
N ASN E 472 -32.88 10.25 -49.11
CA ASN E 472 -33.03 11.68 -48.90
C ASN E 472 -34.17 12.12 -48.06
N VAL E 473 -34.73 11.18 -47.32
CA VAL E 473 -35.78 11.44 -46.33
C VAL E 473 -35.30 12.49 -45.31
N VAL E 474 -34.05 12.38 -44.89
CA VAL E 474 -33.47 13.36 -43.94
C VAL E 474 -32.37 14.11 -44.66
N ASP E 475 -32.57 15.42 -44.89
CA ASP E 475 -31.58 16.17 -45.68
C ASP E 475 -31.59 17.61 -45.31
N ILE E 476 -30.60 18.34 -45.80
CA ILE E 476 -30.53 19.77 -45.62
C ILE E 476 -31.34 20.44 -46.72
N THR E 477 -32.34 21.22 -46.30
CA THR E 477 -33.09 22.05 -47.25
C THR E 477 -32.84 23.52 -46.92
N SER E 478 -33.14 24.38 -47.87
CA SER E 478 -32.98 25.79 -47.61
C SER E 478 -34.18 26.58 -48.01
N GLU E 479 -34.27 27.76 -47.43
CA GLU E 479 -35.20 28.79 -47.88
C GLU E 479 -34.53 30.14 -47.71
N THR E 480 -34.94 31.12 -48.52
CA THR E 480 -34.46 32.49 -48.35
C THR E 480 -35.45 33.27 -47.50
N ILE E 481 -34.93 34.15 -46.67
CA ILE E 481 -35.75 34.96 -45.81
C ILE E 481 -35.18 36.37 -45.84
N THR E 482 -35.90 37.29 -45.20
CA THR E 482 -35.40 38.62 -44.98
C THR E 482 -35.05 38.76 -43.51
N VAL E 483 -33.85 39.26 -43.23
CA VAL E 483 -33.41 39.48 -41.86
C VAL E 483 -33.22 41.00 -41.68
N ASP E 484 -33.18 41.46 -40.42
CA ASP E 484 -32.87 42.87 -40.12
C ASP E 484 -32.18 42.93 -38.75
N THR E 485 -31.97 44.13 -38.26
CA THR E 485 -31.50 44.36 -36.92
C THR E 485 -32.39 43.60 -35.94
N GLU E 486 -33.69 43.61 -36.18
CA GLU E 486 -34.58 42.74 -35.43
C GLU E 486 -35.51 42.07 -36.38
N PHE E 487 -35.68 40.77 -36.20
CA PHE E 487 -36.64 39.98 -36.97
C PHE E 487 -37.06 38.74 -36.17
N GLU E 488 -38.07 38.02 -36.65
CA GLU E 488 -38.49 36.71 -36.10
C GLU E 488 -38.36 35.63 -37.12
N HIS E 489 -37.95 34.46 -36.66
CA HIS E 489 -37.99 33.31 -37.51
C HIS E 489 -38.66 32.17 -36.77
N THR E 490 -39.39 31.35 -37.52
CA THR E 490 -39.96 30.14 -36.97
C THR E 490 -39.09 28.90 -37.24
N PHE E 491 -38.62 28.29 -36.16
CA PHE E 491 -37.79 27.07 -36.32
C PHE E 491 -38.64 25.86 -36.11
N LYS E 492 -38.62 24.94 -37.07
CA LYS E 492 -39.35 23.68 -36.94
C LYS E 492 -38.96 22.88 -35.67
N PRO E 493 -39.87 22.05 -35.14
CA PRO E 493 -39.52 21.18 -34.02
C PRO E 493 -38.44 20.16 -34.45
N PHE E 494 -37.71 19.59 -33.50
CA PHE E 494 -36.55 18.72 -33.79
C PHE E 494 -35.73 19.13 -35.05
N SER E 495 -35.21 20.36 -35.09
CA SER E 495 -34.46 20.78 -36.29
C SER E 495 -33.22 21.56 -35.88
N CYS E 496 -32.21 21.55 -36.74
CA CYS E 496 -31.13 22.50 -36.62
C CYS E 496 -31.09 23.40 -37.86
N SER E 497 -30.98 24.69 -37.68
CA SER E 497 -30.91 25.64 -38.82
C SER E 497 -29.72 26.50 -38.69
N VAL E 498 -29.08 26.82 -39.82
CA VAL E 498 -28.10 27.89 -39.80
C VAL E 498 -28.58 29.10 -40.67
N ILE E 499 -28.65 30.27 -40.07
CA ILE E 499 -28.99 31.47 -40.81
C ILE E 499 -27.70 32.06 -41.29
N GLU E 500 -27.54 32.14 -42.61
CA GLU E 500 -26.31 32.66 -43.19
C GLU E 500 -26.57 34.03 -43.83
N VAL E 501 -25.75 35.01 -43.43
CA VAL E 501 -25.96 36.41 -43.76
C VAL E 501 -24.66 37.05 -44.20
N GLU E 502 -24.66 37.70 -45.37
CA GLU E 502 -23.50 38.57 -45.73
C GLU E 502 -23.50 39.78 -44.82
N LEU E 503 -22.36 40.12 -44.25
CA LEU E 503 -22.20 41.36 -43.47
C LEU E 503 -21.77 42.61 -44.28
N SER F 22 51.03 22.56 12.81
CA SER F 22 51.58 21.18 12.72
C SER F 22 51.19 20.43 11.42
N TYR F 23 52.22 20.09 10.64
CA TYR F 23 52.13 19.20 9.52
C TYR F 23 53.20 18.13 9.75
N GLY F 24 52.92 16.88 9.37
CA GLY F 24 53.90 15.80 9.47
C GLY F 24 53.36 14.51 8.88
N ILE F 25 54.28 13.69 8.34
CA ILE F 25 53.92 12.40 7.79
C ILE F 25 54.87 11.38 8.41
N VAL F 26 54.31 10.32 8.95
CA VAL F 26 55.09 9.21 9.47
C VAL F 26 54.67 7.97 8.71
N VAL F 27 55.63 7.26 8.13
CA VAL F 27 55.42 6.07 7.33
C VAL F 27 56.20 4.92 7.94
N ASP F 28 55.59 3.75 8.03
CA ASP F 28 56.35 2.55 8.38
C ASP F 28 56.27 1.54 7.26
N PRO F 29 57.35 1.45 6.44
CA PRO F 29 57.30 0.62 5.26
C PRO F 29 57.39 -0.86 5.60
N LYS F 30 57.58 -1.22 6.87
CA LYS F 30 57.58 -2.65 7.26
C LYS F 30 56.18 -3.10 7.68
N GLU F 31 55.28 -2.14 7.89
CA GLU F 31 53.91 -2.49 8.28
C GLU F 31 52.90 -2.34 7.14
N VAL F 32 52.61 -3.48 6.50
CA VAL F 32 51.61 -3.54 5.44
C VAL F 32 50.20 -3.49 6.07
N VAL F 33 49.45 -2.46 5.74
CA VAL F 33 48.10 -2.32 6.27
C VAL F 33 47.14 -3.24 5.52
N LYS F 34 47.13 -3.19 4.19
CA LYS F 34 46.19 -3.95 3.37
C LYS F 34 46.64 -3.80 1.93
N PRO F 35 46.16 -4.69 1.02
CA PRO F 35 46.46 -4.47 -0.40
C PRO F 35 45.74 -3.24 -0.96
N ILE F 36 46.20 -2.78 -2.10
CA ILE F 36 45.48 -1.73 -2.80
C ILE F 36 44.92 -2.39 -4.01
N SER F 37 43.59 -2.40 -4.13
CA SER F 37 42.96 -3.01 -5.30
C SER F 37 43.40 -2.31 -6.57
N ARG F 38 43.78 -3.11 -7.55
CA ARG F 38 44.25 -2.55 -8.82
C ARG F 38 43.16 -1.81 -9.61
N HIS F 39 41.89 -2.15 -9.30
CA HIS F 39 40.74 -1.60 -10.00
C HIS F 39 40.29 -0.24 -9.51
N ILE F 40 40.95 0.33 -8.52
CA ILE F 40 40.62 1.73 -8.23
C ILE F 40 40.97 2.75 -9.33
N TYR F 41 41.82 2.36 -10.29
CA TYR F 41 42.23 3.30 -11.36
C TYR F 41 41.46 3.04 -12.67
N GLY F 42 40.22 2.58 -12.57
CA GLY F 42 39.46 2.16 -13.77
C GLY F 42 38.94 3.37 -14.55
N HIS F 43 38.44 3.13 -15.76
CA HIS F 43 37.95 4.20 -16.61
C HIS F 43 36.59 3.85 -17.23
N PHE F 44 36.02 4.85 -17.93
CA PHE F 44 34.66 4.73 -18.43
C PHE F 44 34.55 5.46 -19.77
N THR F 45 34.05 4.76 -20.81
CA THR F 45 33.69 5.39 -22.09
C THR F 45 32.23 5.12 -22.44
N GLU F 46 31.41 6.17 -22.43
CA GLU F 46 29.99 6.06 -22.80
C GLU F 46 29.89 6.50 -24.22
N HIS F 47 28.88 6.00 -24.94
CA HIS F 47 28.46 6.60 -26.19
C HIS F 47 27.77 7.95 -25.98
N LEU F 48 28.58 8.98 -25.80
CA LEU F 48 28.08 10.30 -25.44
C LEU F 48 28.94 11.30 -26.20
N GLY F 49 28.30 12.13 -27.04
CA GLY F 49 29.03 13.21 -27.75
C GLY F 49 30.17 12.68 -28.60
N ARG F 50 31.38 13.17 -28.37
CA ARG F 50 32.56 12.64 -29.10
C ARG F 50 33.46 11.67 -28.31
N CYS F 51 32.94 11.06 -27.23
CA CYS F 51 33.72 10.09 -26.46
C CYS F 51 34.17 8.92 -27.30
N ILE F 52 33.21 8.28 -27.97
CA ILE F 52 33.55 7.16 -28.86
C ILE F 52 33.92 7.70 -30.26
N TYR F 53 32.93 8.23 -30.99
CA TYR F 53 33.12 8.63 -32.39
C TYR F 53 33.80 9.97 -32.45
N GLY F 54 35.06 10.03 -32.91
CA GLY F 54 35.85 11.28 -32.82
C GLY F 54 36.80 11.27 -31.63
N GLY F 55 36.69 10.22 -30.81
CA GLY F 55 37.42 10.13 -29.54
C GLY F 55 38.31 8.90 -29.59
N ILE F 56 37.88 7.79 -29.01
CA ILE F 56 38.74 6.63 -29.08
C ILE F 56 38.72 6.05 -30.48
N TYR F 57 37.65 6.27 -31.23
CA TYR F 57 37.40 5.56 -32.50
C TYR F 57 37.06 6.54 -33.62
N GLU F 58 37.80 6.51 -34.72
CA GLU F 58 37.51 7.48 -35.82
C GLU F 58 37.89 6.84 -37.13
N GLU F 59 36.94 6.15 -37.76
CA GLU F 59 37.21 5.44 -39.02
C GLU F 59 37.73 6.39 -40.10
N GLY F 60 38.79 5.96 -40.81
CA GLY F 60 39.36 6.75 -41.89
C GLY F 60 40.12 8.01 -41.47
N SER F 61 40.42 8.17 -40.18
CA SER F 61 41.28 9.29 -39.78
C SER F 61 42.73 8.94 -40.11
N PRO F 62 43.48 9.94 -40.64
CA PRO F 62 44.95 9.79 -40.78
C PRO F 62 45.58 9.37 -39.43
N LEU F 63 44.97 9.80 -38.30
CA LEU F 63 45.45 9.45 -36.96
C LEU F 63 44.99 8.06 -36.47
N SER F 64 44.19 7.34 -37.27
CA SER F 64 43.70 6.03 -36.80
C SER F 64 44.35 4.85 -37.44
N ASP F 65 44.32 3.73 -36.75
CA ASP F 65 44.86 2.52 -37.31
C ASP F 65 43.81 1.79 -38.17
N GLU F 66 44.13 0.55 -38.49
CA GLU F 66 43.30 -0.35 -39.30
C GLU F 66 41.89 -0.65 -38.72
N ARG F 67 41.77 -0.65 -37.38
CA ARG F 67 40.50 -0.92 -36.72
C ARG F 67 39.70 0.39 -36.50
N GLY F 68 40.30 1.51 -36.88
CA GLY F 68 39.71 2.83 -36.66
C GLY F 68 39.99 3.44 -35.30
N PHE F 69 40.87 2.82 -34.52
CA PHE F 69 41.23 3.36 -33.20
C PHE F 69 42.20 4.50 -33.40
N ARG F 70 41.92 5.66 -32.81
CA ARG F 70 42.86 6.76 -32.82
C ARG F 70 44.15 6.32 -32.11
N LYS F 71 45.28 6.44 -32.82
CA LYS F 71 46.58 5.91 -32.34
C LYS F 71 47.22 6.83 -31.35
N ASP F 72 47.01 8.15 -31.52
CA ASP F 72 47.47 9.08 -30.50
C ASP F 72 46.72 8.84 -29.18
N VAL F 73 45.40 8.65 -29.27
CA VAL F 73 44.60 8.35 -28.06
C VAL F 73 45.07 7.03 -27.44
N LEU F 74 45.32 6.02 -28.27
CA LEU F 74 45.77 4.71 -27.75
C LEU F 74 47.06 4.83 -26.88
N GLU F 75 47.98 5.67 -27.36
CA GLU F 75 49.27 5.83 -26.73
C GLU F 75 49.04 6.46 -25.36
N ALA F 76 48.24 7.52 -25.32
CA ALA F 76 47.90 8.20 -24.07
C ALA F 76 47.20 7.27 -23.07
N VAL F 77 46.33 6.41 -23.59
CA VAL F 77 45.57 5.50 -22.77
C VAL F 77 46.46 4.39 -22.22
N LYS F 78 47.39 3.90 -23.03
CA LYS F 78 48.25 2.79 -22.56
C LYS F 78 49.21 3.30 -21.47
N ARG F 79 49.55 4.57 -21.58
CA ARG F 79 50.42 5.20 -20.61
C ARG F 79 49.79 5.23 -19.18
N ILE F 80 48.44 5.12 -19.07
CA ILE F 80 47.83 5.08 -17.74
C ILE F 80 47.34 3.69 -17.37
N LYS F 81 47.82 2.67 -18.06
CA LYS F 81 47.69 1.29 -17.58
C LYS F 81 46.28 0.97 -17.02
N VAL F 82 45.27 1.15 -17.87
CA VAL F 82 43.84 1.09 -17.45
C VAL F 82 43.54 -0.33 -16.98
N PRO F 83 43.08 -0.49 -15.70
CA PRO F 83 42.88 -1.87 -15.22
C PRO F 83 41.53 -2.42 -15.72
N ASN F 84 40.57 -1.53 -15.91
CA ASN F 84 39.25 -1.93 -16.35
C ASN F 84 38.57 -0.75 -16.98
N LEU F 85 37.71 -1.07 -17.94
CA LEU F 85 37.06 -0.06 -18.73
C LEU F 85 35.55 -0.35 -18.82
N ARG F 86 34.76 0.62 -18.37
CA ARG F 86 33.32 0.49 -18.33
C ARG F 86 32.73 1.04 -19.61
N TRP F 87 31.67 0.37 -20.07
CA TRP F 87 31.05 0.66 -21.36
C TRP F 87 29.68 -0.09 -21.42
N PRO F 88 28.68 0.47 -22.11
CA PRO F 88 28.66 1.70 -22.93
C PRO F 88 27.98 2.88 -22.30
N GLY F 89 27.63 2.76 -21.01
CA GLY F 89 26.92 3.85 -20.33
C GLY F 89 26.78 3.47 -18.87
N GLY F 90 26.31 4.39 -18.01
CA GLY F 90 25.81 5.70 -18.43
C GLY F 90 24.38 5.67 -18.96
N ASN F 91 23.77 6.85 -19.02
CA ASN F 91 22.41 7.03 -19.55
C ASN F 91 22.17 6.34 -20.85
N PHE F 92 23.16 6.34 -21.74
CA PHE F 92 23.01 5.74 -23.04
C PHE F 92 22.56 4.27 -22.94
N VAL F 93 23.15 3.50 -22.01
CA VAL F 93 22.87 2.07 -22.04
C VAL F 93 21.41 1.73 -21.73
N SER F 94 20.68 2.60 -21.05
CA SER F 94 19.31 2.26 -20.68
C SER F 94 18.35 2.36 -21.86
N ASN F 95 18.86 2.73 -23.04
CA ASN F 95 18.10 2.57 -24.28
C ASN F 95 18.92 1.98 -25.39
N TYR F 96 19.84 1.09 -25.04
CA TYR F 96 20.74 0.45 -25.98
C TYR F 96 20.44 -1.01 -26.11
N HIS F 97 20.24 -1.44 -27.34
CA HIS F 97 20.04 -2.85 -27.63
C HIS F 97 21.32 -3.36 -28.26
N TRP F 98 22.06 -4.18 -27.52
CA TRP F 98 23.43 -4.53 -27.92
C TRP F 98 23.46 -5.31 -29.25
N GLU F 99 22.37 -6.00 -29.59
CA GLU F 99 22.41 -6.71 -30.84
C GLU F 99 22.43 -5.76 -32.01
N ASP F 100 22.05 -4.50 -31.81
CA ASP F 100 22.19 -3.53 -32.91
C ASP F 100 23.68 -3.27 -33.22
N GLY F 101 24.57 -3.80 -32.39
CA GLY F 101 25.97 -3.37 -32.50
C GLY F 101 26.94 -4.47 -32.84
N ILE F 102 26.44 -5.58 -33.36
CA ILE F 102 27.27 -6.71 -33.72
C ILE F 102 27.06 -7.17 -35.19
N GLY F 103 27.95 -8.03 -35.69
CA GLY F 103 27.90 -8.46 -37.11
C GLY F 103 28.48 -7.38 -38.02
N PRO F 104 28.48 -7.63 -39.34
CA PRO F 104 29.10 -6.76 -40.37
C PRO F 104 28.67 -5.31 -40.20
N LYS F 105 29.61 -4.37 -40.15
CA LYS F 105 29.25 -3.04 -39.76
C LYS F 105 28.22 -2.37 -40.68
N ASP F 106 28.25 -2.72 -41.97
CA ASP F 106 27.41 -2.05 -42.96
C ASP F 106 25.94 -2.41 -42.79
N GLN F 107 25.69 -3.51 -42.07
CA GLN F 107 24.32 -3.93 -41.83
C GLN F 107 23.71 -3.57 -40.44
N ARG F 108 24.44 -2.80 -39.63
CA ARG F 108 23.96 -2.42 -38.31
C ARG F 108 23.08 -1.21 -38.47
N PRO F 109 21.95 -1.22 -37.76
CA PRO F 109 20.96 -0.15 -37.94
C PRO F 109 21.40 1.15 -37.28
N VAL F 110 21.00 2.28 -37.86
CA VAL F 110 21.21 3.58 -37.23
C VAL F 110 20.05 3.82 -36.22
N ARG F 111 20.36 4.24 -34.98
CA ARG F 111 19.33 4.34 -33.92
C ARG F 111 19.30 5.75 -33.40
N PHE F 112 18.19 6.18 -32.82
CA PHE F 112 18.17 7.47 -32.15
C PHE F 112 18.38 7.23 -30.68
N ASP F 113 19.45 7.79 -30.12
CA ASP F 113 19.76 7.55 -28.71
C ASP F 113 19.05 8.65 -27.97
N LEU F 114 18.11 8.22 -27.13
CA LEU F 114 17.32 9.12 -26.34
C LEU F 114 18.14 9.92 -25.32
N ALA F 115 19.18 9.31 -24.76
CA ALA F 115 19.96 9.92 -23.69
C ALA F 115 20.66 11.20 -24.12
N TRP F 116 21.35 11.13 -25.24
CA TRP F 116 22.14 12.27 -25.62
C TRP F 116 21.66 12.84 -26.96
N GLN F 117 20.53 12.31 -27.46
CA GLN F 117 19.84 12.83 -28.65
C GLN F 117 20.73 12.92 -29.89
N GLN F 118 21.28 11.79 -30.28
CA GLN F 118 22.18 11.71 -31.40
C GLN F 118 21.84 10.48 -32.17
N GLU F 119 22.13 10.51 -33.46
CA GLU F 119 22.09 9.32 -34.27
C GLU F 119 23.29 8.49 -33.89
N GLU F 120 23.07 7.19 -33.74
CA GLU F 120 24.09 6.26 -33.31
C GLU F 120 24.14 5.22 -34.40
N THR F 121 25.29 5.13 -35.05
CA THR F 121 25.45 4.27 -36.19
C THR F 121 25.74 2.84 -35.76
N ASN F 122 26.08 2.64 -34.48
CA ASN F 122 26.44 1.30 -33.96
C ASN F 122 27.66 0.67 -34.58
N ARG F 123 28.46 1.51 -35.26
CA ARG F 123 29.66 1.00 -35.92
C ARG F 123 30.72 0.68 -34.88
N PHE F 124 30.64 1.28 -33.67
CA PHE F 124 31.39 0.79 -32.51
C PHE F 124 30.44 -0.03 -31.62
N GLY F 125 30.66 -1.35 -31.50
CA GLY F 125 29.77 -2.19 -30.71
C GLY F 125 30.56 -3.20 -29.91
N THR F 126 29.91 -4.26 -29.43
CA THR F 126 30.54 -5.18 -28.48
C THR F 126 31.94 -5.63 -28.90
N ASP F 127 32.07 -6.18 -30.11
CA ASP F 127 33.35 -6.71 -30.57
C ASP F 127 34.47 -5.67 -30.65
N GLU F 128 34.16 -4.48 -31.16
CA GLU F 128 35.14 -3.41 -31.22
C GLU F 128 35.57 -3.01 -29.81
N PHE F 129 34.59 -2.95 -28.90
CA PHE F 129 34.88 -2.58 -27.53
C PHE F 129 35.86 -3.57 -26.86
N ILE F 130 35.62 -4.85 -27.03
CA ILE F 130 36.44 -5.85 -26.40
C ILE F 130 37.86 -5.77 -27.03
N GLU F 131 37.92 -5.51 -28.34
CA GLU F 131 39.18 -5.38 -29.08
C GLU F 131 39.93 -4.21 -28.50
N TYR F 132 39.22 -3.11 -28.25
CA TYR F 132 39.85 -1.97 -27.66
C TYR F 132 40.39 -2.32 -26.27
N CYS F 133 39.62 -3.12 -25.51
CA CYS F 133 40.07 -3.49 -24.17
C CYS F 133 41.34 -4.28 -24.26
N ARG F 134 41.34 -5.24 -25.18
CA ARG F 134 42.48 -6.14 -25.39
C ARG F 134 43.75 -5.37 -25.77
N GLU F 135 43.60 -4.38 -26.63
CA GLU F 135 44.66 -3.52 -27.07
C GLU F 135 45.29 -2.79 -25.91
N ILE F 136 44.47 -2.27 -24.99
CA ILE F 136 45.01 -1.43 -23.92
C ILE F 136 45.33 -2.17 -22.67
N GLY F 137 45.02 -3.46 -22.64
CA GLY F 137 45.29 -4.30 -21.49
C GLY F 137 44.25 -4.26 -20.36
N ALA F 138 43.03 -3.76 -20.62
CA ALA F 138 42.01 -3.48 -19.59
C ALA F 138 41.00 -4.63 -19.51
N GLU F 139 40.50 -4.91 -18.32
CA GLU F 139 39.34 -5.80 -18.22
C GLU F 139 38.07 -5.07 -18.65
N PRO F 140 37.28 -5.71 -19.52
CA PRO F 140 36.00 -5.10 -19.90
C PRO F 140 35.01 -5.09 -18.73
N TYR F 141 34.30 -3.98 -18.63
CA TYR F 141 33.22 -3.87 -17.64
C TYR F 141 31.96 -3.37 -18.36
N ILE F 142 31.01 -4.26 -18.53
CA ILE F 142 29.84 -3.96 -19.36
C ILE F 142 28.59 -3.69 -18.48
N SER F 143 27.96 -2.55 -18.71
CA SER F 143 26.69 -2.22 -18.14
C SER F 143 25.59 -2.78 -19.00
N ILE F 144 24.54 -3.30 -18.38
CA ILE F 144 23.40 -3.77 -19.17
C ILE F 144 22.25 -2.76 -19.20
N ASN F 145 21.32 -3.02 -20.12
CA ASN F 145 20.14 -2.15 -20.32
C ASN F 145 18.95 -2.66 -19.50
N MET F 146 18.60 -1.98 -18.43
CA MET F 146 17.38 -2.34 -17.73
C MET F 146 16.28 -1.35 -17.98
N GLY F 147 16.53 -0.34 -18.81
CA GLY F 147 15.48 0.64 -19.18
C GLY F 147 14.54 0.05 -20.23
N THR F 148 14.99 -0.11 -21.46
CA THR F 148 14.18 -0.74 -22.50
C THR F 148 14.56 -2.17 -22.70
N GLY F 149 15.50 -2.68 -21.92
CA GLY F 149 15.95 -4.06 -22.13
C GLY F 149 15.18 -5.07 -21.34
N THR F 150 15.55 -6.33 -21.51
CA THR F 150 14.89 -7.41 -20.81
C THR F 150 15.90 -8.41 -20.17
N LEU F 151 15.42 -9.27 -19.31
CA LEU F 151 16.23 -10.34 -18.77
C LEU F 151 16.88 -11.15 -19.86
N ASP F 152 16.07 -11.64 -20.81
CA ASP F 152 16.57 -12.49 -21.90
C ASP F 152 17.72 -11.81 -22.64
N GLU F 153 17.52 -10.52 -22.95
CA GLU F 153 18.44 -9.77 -23.76
C GLU F 153 19.75 -9.60 -23.02
N ALA F 154 19.71 -9.40 -21.70
CA ALA F 154 20.93 -9.38 -20.91
C ALA F 154 21.60 -10.78 -20.81
N LEU F 155 20.81 -11.81 -20.66
CA LEU F 155 21.38 -13.18 -20.67
C LEU F 155 22.04 -13.49 -22.03
N HIS F 156 21.46 -12.99 -23.10
CA HIS F 156 22.01 -13.23 -24.41
C HIS F 156 23.34 -12.48 -24.59
N TRP F 157 23.46 -11.27 -24.04
CA TRP F 157 24.73 -10.52 -24.10
C TRP F 157 25.82 -11.27 -23.34
N LEU F 158 25.45 -11.75 -22.16
CA LEU F 158 26.37 -12.51 -21.36
C LEU F 158 26.77 -13.79 -22.05
N GLU F 159 25.82 -14.45 -22.70
CA GLU F 159 26.09 -15.72 -23.40
C GLU F 159 27.04 -15.45 -24.59
N TYR F 160 26.78 -14.34 -25.30
CA TYR F 160 27.57 -13.92 -26.41
C TYR F 160 29.03 -13.70 -25.98
N CYS F 161 29.22 -12.94 -24.89
CA CYS F 161 30.54 -12.64 -24.35
C CYS F 161 31.25 -13.85 -23.65
N ASN F 162 30.54 -14.66 -22.87
CA ASN F 162 31.22 -15.57 -21.97
C ASN F 162 30.93 -17.04 -22.25
N GLY F 163 29.95 -17.29 -23.10
CA GLY F 163 29.55 -18.66 -23.41
C GLY F 163 30.70 -19.50 -23.99
N LYS F 164 30.95 -20.65 -23.38
CA LYS F 164 31.94 -21.64 -23.82
C LYS F 164 31.28 -22.78 -24.61
N GLY F 165 29.95 -22.90 -24.60
CA GLY F 165 29.33 -24.09 -25.24
C GLY F 165 28.74 -23.86 -26.63
N ASN F 166 27.65 -24.58 -26.89
CA ASN F 166 26.97 -24.48 -28.18
C ASN F 166 25.75 -23.57 -28.27
N THR F 167 25.52 -22.68 -27.30
CA THR F 167 24.29 -21.89 -27.35
C THR F 167 24.33 -21.00 -28.58
N TYR F 168 23.18 -20.60 -29.05
CA TYR F 168 23.11 -19.74 -30.20
C TYR F 168 24.03 -18.54 -30.09
N TYR F 169 24.07 -17.88 -28.93
CA TYR F 169 24.88 -16.65 -28.82
C TYR F 169 26.39 -16.90 -28.72
N ALA F 170 26.81 -18.01 -28.10
CA ALA F 170 28.22 -18.34 -28.09
C ALA F 170 28.66 -18.58 -29.54
N GLN F 171 27.87 -19.35 -30.28
CA GLN F 171 28.15 -19.56 -31.69
C GLN F 171 28.18 -18.25 -32.49
N LEU F 172 27.28 -17.33 -32.19
CA LEU F 172 27.27 -16.10 -32.95
C LEU F 172 28.59 -15.36 -32.76
N ARG F 173 29.13 -15.39 -31.54
CA ARG F 173 30.40 -14.75 -31.28
C ARG F 173 31.53 -15.37 -32.16
N ARG F 174 31.51 -16.71 -32.27
CA ARG F 174 32.50 -17.46 -33.09
C ARG F 174 32.30 -17.12 -34.54
N LYS F 175 31.04 -17.11 -34.96
CA LYS F 175 30.69 -16.74 -36.33
C LYS F 175 31.31 -15.39 -36.71
N TYR F 176 31.27 -14.42 -35.80
CA TYR F 176 31.73 -13.08 -36.15
C TYR F 176 33.23 -12.84 -35.94
N GLY F 177 33.97 -13.88 -35.56
CA GLY F 177 35.44 -13.85 -35.55
C GLY F 177 36.16 -14.23 -34.25
N HIS F 178 35.45 -14.53 -33.17
CA HIS F 178 36.14 -14.80 -31.91
C HIS F 178 35.72 -16.11 -31.24
N PRO F 179 36.44 -17.20 -31.55
CA PRO F 179 36.12 -18.52 -31.00
C PRO F 179 36.17 -18.56 -29.47
N GLU F 180 37.15 -17.87 -28.90
CA GLU F 180 37.34 -17.90 -27.46
C GLU F 180 36.38 -16.93 -26.74
N PRO F 181 35.84 -17.37 -25.59
CA PRO F 181 34.99 -16.51 -24.77
C PRO F 181 35.77 -15.24 -24.40
N TYR F 182 35.09 -14.09 -24.40
CA TYR F 182 35.72 -12.89 -23.94
C TYR F 182 35.97 -12.86 -22.42
N ASN F 183 35.18 -13.63 -21.69
CA ASN F 183 35.26 -13.66 -20.23
C ASN F 183 35.19 -12.28 -19.57
N VAL F 184 34.10 -11.57 -19.85
CA VAL F 184 33.78 -10.31 -19.18
C VAL F 184 33.41 -10.60 -17.72
N LYS F 185 34.20 -10.06 -16.77
CA LYS F 185 34.09 -10.34 -15.34
C LYS F 185 33.20 -9.36 -14.58
N PHE F 186 33.04 -8.14 -15.11
CA PHE F 186 32.24 -7.15 -14.39
C PHE F 186 31.01 -6.78 -15.21
N TRP F 187 29.85 -6.92 -14.56
CA TRP F 187 28.60 -6.60 -15.19
C TRP F 187 27.81 -5.64 -14.33
N GLY F 188 27.44 -4.49 -14.91
CA GLY F 188 26.70 -3.44 -14.20
C GLY F 188 25.22 -3.68 -14.40
N ILE F 189 24.50 -3.96 -13.31
CA ILE F 189 23.10 -4.34 -13.41
C ILE F 189 22.25 -3.05 -13.45
N GLY F 190 22.18 -2.45 -14.63
CA GLY F 190 21.44 -1.21 -14.83
C GLY F 190 22.34 -0.03 -14.60
N ASN F 191 21.92 1.12 -15.10
CA ASN F 191 22.57 2.39 -14.79
C ASN F 191 21.58 3.44 -14.22
N GLU F 192 21.93 4.03 -13.07
CA GLU F 192 21.17 5.11 -12.43
C GLU F 192 19.65 4.91 -12.54
N MET F 193 19.18 3.70 -12.22
CA MET F 193 17.78 3.37 -12.45
C MET F 193 16.83 4.19 -11.60
N TYR F 194 17.34 4.86 -10.57
CA TYR F 194 16.52 5.65 -9.70
C TYR F 194 16.15 7.02 -10.37
N GLY F 195 16.89 7.45 -11.38
CA GLY F 195 16.81 8.84 -11.85
C GLY F 195 15.69 9.05 -12.84
N GLU F 196 14.90 10.10 -12.66
CA GLU F 196 13.84 10.44 -13.64
C GLU F 196 14.35 10.68 -15.05
N TRP F 197 15.66 10.98 -15.19
CA TRP F 197 16.25 11.14 -16.49
C TRP F 197 16.54 9.80 -17.18
N GLN F 198 16.48 8.69 -16.44
CA GLN F 198 16.84 7.42 -17.05
C GLN F 198 15.66 6.85 -17.83
N VAL F 199 15.87 6.39 -19.05
CA VAL F 199 14.79 5.70 -19.73
C VAL F 199 14.38 4.48 -18.90
N GLY F 200 13.07 4.29 -18.71
CA GLY F 200 12.50 3.18 -17.97
C GLY F 200 12.89 3.22 -16.49
N HIS F 201 13.07 4.41 -15.90
CA HIS F 201 13.48 4.47 -14.51
C HIS F 201 12.48 3.81 -13.55
N MET F 202 12.96 3.38 -12.40
CA MET F 202 12.20 2.49 -11.51
C MET F 202 12.19 3.07 -10.09
N THR F 203 11.20 2.67 -9.29
CA THR F 203 11.16 2.94 -7.86
C THR F 203 12.17 1.97 -7.22
N ALA F 204 12.50 2.22 -5.96
CA ALA F 204 13.44 1.38 -5.21
C ALA F 204 13.03 -0.09 -5.12
N ASP F 205 11.77 -0.33 -4.78
CA ASP F 205 11.22 -1.68 -4.77
C ASP F 205 11.27 -2.41 -6.15
N GLU F 206 10.95 -1.68 -7.23
CA GLU F 206 11.04 -2.25 -8.57
C GLU F 206 12.49 -2.60 -8.93
N TYR F 207 13.41 -1.65 -8.72
CA TYR F 207 14.82 -1.87 -9.05
C TYR F 207 15.43 -2.97 -8.16
N ALA F 208 15.16 -2.96 -6.86
CA ALA F 208 15.68 -3.99 -5.99
C ALA F 208 15.28 -5.37 -6.43
N ARG F 209 13.98 -5.56 -6.73
CA ARG F 209 13.46 -6.85 -7.23
C ARG F 209 14.12 -7.21 -8.57
N ALA F 210 14.19 -6.26 -9.50
CA ALA F 210 14.77 -6.52 -10.80
C ALA F 210 16.27 -6.82 -10.69
N ALA F 211 16.98 -6.10 -9.79
CA ALA F 211 18.42 -6.35 -9.64
C ALA F 211 18.66 -7.80 -9.15
N LYS F 212 17.80 -8.29 -8.28
CA LYS F 212 17.95 -9.62 -7.73
C LYS F 212 17.67 -10.64 -8.85
N GLU F 213 16.64 -10.37 -9.65
CA GLU F 213 16.20 -11.24 -10.71
C GLU F 213 17.31 -11.34 -11.79
N TYR F 214 17.78 -10.20 -12.29
CA TYR F 214 18.78 -10.25 -13.38
C TYR F 214 20.04 -10.88 -12.86
N THR F 215 20.47 -10.46 -11.67
CA THR F 215 21.72 -10.97 -11.16
C THR F 215 21.64 -12.49 -10.89
N LYS F 216 20.57 -12.98 -10.30
CA LYS F 216 20.62 -14.42 -9.98
C LYS F 216 20.56 -15.29 -11.23
N TRP F 217 19.81 -14.88 -12.26
CA TRP F 217 19.77 -15.71 -13.48
C TRP F 217 21.08 -15.60 -14.29
N MET F 218 21.67 -14.40 -14.33
CA MET F 218 22.96 -14.23 -14.98
C MET F 218 23.97 -15.14 -14.30
N LYS F 219 23.90 -15.28 -12.98
CA LYS F 219 24.91 -16.06 -12.26
C LYS F 219 24.59 -17.51 -12.40
N VAL F 220 23.36 -17.85 -12.77
CA VAL F 220 23.05 -19.26 -13.04
C VAL F 220 23.82 -19.64 -14.32
N PHE F 221 23.85 -18.74 -15.31
CA PHE F 221 24.54 -19.01 -16.56
C PHE F 221 26.06 -18.95 -16.32
N ASP F 222 26.53 -17.89 -15.65
CA ASP F 222 27.95 -17.78 -15.38
C ASP F 222 28.26 -17.39 -13.93
N PRO F 223 28.58 -18.40 -13.08
CA PRO F 223 28.75 -18.08 -11.67
C PRO F 223 29.96 -17.23 -11.33
N THR F 224 30.83 -16.99 -12.30
CA THR F 224 32.09 -16.35 -12.01
C THR F 224 32.03 -14.82 -12.15
N ILE F 225 30.91 -14.27 -12.61
CA ILE F 225 30.88 -12.85 -12.82
C ILE F 225 30.70 -12.08 -11.50
N LYS F 226 31.00 -10.79 -11.56
CA LYS F 226 30.82 -9.91 -10.42
C LYS F 226 29.72 -8.95 -10.80
N ALA F 227 28.69 -8.83 -9.96
CA ALA F 227 27.58 -7.97 -10.40
C ALA F 227 27.60 -6.67 -9.62
N ILE F 228 27.46 -5.54 -10.32
CA ILE F 228 27.43 -4.21 -9.66
C ILE F 228 25.98 -3.71 -9.73
N ALA F 229 25.29 -3.62 -8.58
CA ALA F 229 23.94 -3.07 -8.52
C ALA F 229 23.96 -1.53 -8.36
N VAL F 230 22.90 -0.84 -8.83
CA VAL F 230 22.82 0.63 -8.73
C VAL F 230 22.58 1.12 -7.26
N GLY F 231 23.45 1.97 -6.71
CA GLY F 231 23.19 2.62 -5.43
C GLY F 231 23.09 4.12 -5.75
N CYS F 232 22.79 4.93 -4.74
CA CYS F 232 22.86 6.37 -4.92
C CYS F 232 22.82 6.98 -3.55
N ASP F 233 22.35 8.22 -3.49
CA ASP F 233 22.35 8.98 -2.23
C ASP F 233 21.10 8.82 -1.41
N ASP F 234 20.07 8.19 -1.93
CA ASP F 234 18.91 7.89 -1.14
C ASP F 234 19.16 6.56 -0.36
N PRO F 235 19.27 6.64 0.99
CA PRO F 235 19.59 5.45 1.78
C PRO F 235 18.53 4.37 1.74
N ILE F 236 17.27 4.77 1.57
CA ILE F 236 16.19 3.78 1.48
C ILE F 236 16.38 2.96 0.18
N TRP F 237 16.61 3.65 -0.95
CA TRP F 237 17.01 2.96 -2.16
C TRP F 237 18.11 1.90 -1.93
N ASN F 238 19.23 2.31 -1.35
CA ASN F 238 20.38 1.44 -1.18
C ASN F 238 20.01 0.24 -0.31
N LEU F 239 19.27 0.50 0.76
CA LEU F 239 18.91 -0.55 1.69
C LEU F 239 17.97 -1.58 1.03
N ARG F 240 17.02 -1.09 0.22
CA ARG F 240 16.13 -2.03 -0.52
C ARG F 240 16.94 -2.90 -1.46
N VAL F 241 17.83 -2.28 -2.23
CA VAL F 241 18.70 -3.03 -3.11
C VAL F 241 19.48 -4.08 -2.32
N LEU F 242 20.12 -3.67 -1.23
CA LEU F 242 20.88 -4.62 -0.39
C LEU F 242 20.03 -5.68 0.29
N GLN F 243 18.88 -5.32 0.84
CA GLN F 243 18.00 -6.31 1.46
C GLN F 243 17.50 -7.36 0.45
N GLU F 244 17.14 -6.90 -0.75
CA GLU F 244 16.57 -7.79 -1.76
C GLU F 244 17.67 -8.60 -2.49
N ALA F 245 18.79 -7.97 -2.83
CA ALA F 245 19.74 -8.59 -3.76
C ALA F 245 21.09 -8.84 -3.13
N GLY F 246 21.18 -8.57 -1.82
CA GLY F 246 22.44 -8.65 -1.10
C GLY F 246 23.00 -10.06 -0.99
N ASP F 247 22.17 -11.08 -1.19
CA ASP F 247 22.69 -12.48 -1.27
C ASP F 247 23.42 -12.80 -2.60
N VAL F 248 23.29 -11.96 -3.64
CA VAL F 248 23.84 -12.32 -4.95
C VAL F 248 24.72 -11.23 -5.62
N ILE F 249 24.53 -9.95 -5.28
CA ILE F 249 25.40 -8.91 -5.91
C ILE F 249 26.77 -8.88 -5.25
N ASP F 250 27.75 -8.28 -5.90
CA ASP F 250 29.09 -8.15 -5.30
C ASP F 250 29.44 -6.69 -4.96
N PHE F 251 28.80 -5.74 -5.62
CA PHE F 251 29.03 -4.35 -5.33
C PHE F 251 27.75 -3.58 -5.43
N ILE F 252 27.69 -2.45 -4.72
CA ILE F 252 26.67 -1.50 -4.94
C ILE F 252 27.39 -0.26 -5.43
N SER F 253 26.83 0.40 -6.43
CA SER F 253 27.62 1.36 -7.13
C SER F 253 27.36 2.77 -6.56
N TYR F 254 28.29 3.69 -6.74
CA TYR F 254 28.08 5.04 -6.28
C TYR F 254 28.68 5.97 -7.30
N HIS F 255 28.00 7.07 -7.62
CA HIS F 255 28.48 8.02 -8.60
C HIS F 255 28.67 9.31 -7.87
N PHE F 256 29.74 10.03 -8.18
CA PHE F 256 30.05 11.27 -7.46
C PHE F 256 30.66 12.30 -8.43
N TYR F 257 29.94 13.41 -8.62
CA TYR F 257 30.37 14.48 -9.47
C TYR F 257 30.36 15.77 -8.71
N THR F 258 31.32 16.63 -8.98
CA THR F 258 31.53 17.69 -8.04
C THR F 258 32.05 18.95 -8.71
N GLY F 259 32.32 19.98 -7.92
CA GLY F 259 33.04 21.11 -8.48
C GLY F 259 32.33 22.45 -8.41
N SER F 260 33.15 23.47 -8.36
CA SER F 260 32.72 24.83 -8.59
C SER F 260 33.89 25.72 -8.97
N ASP F 261 33.61 26.98 -9.30
CA ASP F 261 34.67 27.87 -9.71
C ASP F 261 35.62 28.19 -8.54
N ASP F 262 35.19 27.96 -7.31
CA ASP F 262 36.10 28.16 -6.20
C ASP F 262 37.04 26.96 -5.98
N TYR F 263 38.33 27.27 -5.80
CA TYR F 263 39.35 26.26 -5.62
C TYR F 263 39.10 25.35 -4.40
N TYR F 264 38.99 25.92 -3.21
CA TYR F 264 38.75 25.09 -2.05
C TYR F 264 37.41 24.35 -2.11
N GLU F 265 36.39 24.97 -2.70
CA GLU F 265 35.09 24.28 -2.78
C GLU F 265 35.19 23.05 -3.64
N THR F 266 36.06 23.09 -4.66
CA THR F 266 36.26 21.93 -5.49
C THR F 266 37.07 20.86 -4.71
N VAL F 267 38.26 21.22 -4.22
CA VAL F 267 39.13 20.18 -3.70
C VAL F 267 38.70 19.62 -2.35
N SER F 268 38.06 20.45 -1.51
CA SER F 268 37.57 19.95 -0.25
C SER F 268 36.60 18.79 -0.46
N THR F 269 36.04 18.61 -1.67
CA THR F 269 34.95 17.60 -1.80
C THR F 269 35.49 16.18 -1.89
N VAL F 270 36.82 16.04 -1.91
CA VAL F 270 37.41 14.74 -1.73
C VAL F 270 36.92 14.20 -0.37
N TYR F 271 36.80 15.09 0.61
CA TYR F 271 36.46 14.69 1.96
C TYR F 271 34.95 14.55 2.19
N LEU F 272 34.16 15.22 1.36
CA LEU F 272 32.74 14.92 1.22
C LEU F 272 32.54 13.51 0.65
N LEU F 273 33.22 13.22 -0.47
CA LEU F 273 33.22 11.90 -1.05
C LEU F 273 33.56 10.87 0.02
N LYS F 274 34.62 11.08 0.79
CA LYS F 274 35.04 10.13 1.81
C LYS F 274 33.89 9.73 2.75
N GLU F 275 33.21 10.74 3.28
CA GLU F 275 32.08 10.55 4.23
C GLU F 275 30.88 9.90 3.55
N ARG F 276 30.61 10.21 2.27
CA ARG F 276 29.55 9.53 1.55
C ARG F 276 29.84 8.04 1.45
N LEU F 277 31.07 7.67 1.12
CA LEU F 277 31.46 6.26 0.97
C LEU F 277 31.40 5.52 2.28
N ILE F 278 31.82 6.16 3.36
CA ILE F 278 31.72 5.54 4.67
C ILE F 278 30.22 5.28 5.01
N GLY F 279 29.35 6.23 4.64
CA GLY F 279 27.91 6.01 4.84
C GLY F 279 27.40 4.77 4.14
N VAL F 280 27.69 4.68 2.86
CA VAL F 280 27.27 3.50 2.08
C VAL F 280 27.85 2.20 2.68
N LYS F 281 29.09 2.24 3.10
CA LYS F 281 29.68 1.07 3.72
C LYS F 281 28.90 0.68 4.98
N LYS F 282 28.45 1.67 5.76
CA LYS F 282 27.70 1.35 6.96
C LYS F 282 26.34 0.76 6.60
N LEU F 283 25.70 1.26 5.53
CA LEU F 283 24.44 0.65 5.08
C LEU F 283 24.65 -0.86 4.83
N ILE F 284 25.73 -1.21 4.11
CA ILE F 284 26.04 -2.62 3.86
C ILE F 284 26.15 -3.41 5.17
N ASP F 285 26.86 -2.83 6.16
CA ASP F 285 27.03 -3.43 7.47
C ASP F 285 25.68 -3.66 8.17
N MET F 286 24.68 -2.85 7.84
CA MET F 286 23.39 -3.02 8.49
C MET F 286 22.46 -4.04 7.82
N VAL F 287 22.87 -4.69 6.73
CA VAL F 287 22.06 -5.73 6.09
C VAL F 287 22.85 -7.04 6.20
N ASP F 288 22.37 -7.98 7.03
CA ASP F 288 23.21 -9.16 7.39
C ASP F 288 23.78 -9.93 6.19
N THR F 289 22.94 -10.25 5.21
CA THR F 289 23.45 -11.04 4.09
C THR F 289 24.54 -10.29 3.31
N ALA F 290 24.29 -9.01 3.00
CA ALA F 290 25.26 -8.20 2.27
C ALA F 290 26.56 -8.11 3.10
N ARG F 291 26.45 -7.86 4.41
CA ARG F 291 27.64 -7.76 5.26
C ARG F 291 28.41 -9.07 5.26
N LYS F 292 27.72 -10.18 5.51
CA LYS F 292 28.42 -11.48 5.58
C LYS F 292 29.02 -11.87 4.26
N ARG F 293 28.35 -11.58 3.14
CA ARG F 293 28.96 -11.88 1.85
C ARG F 293 30.14 -10.98 1.47
N GLY F 294 30.33 -9.84 2.13
CA GLY F 294 31.42 -8.94 1.72
C GLY F 294 31.07 -8.11 0.49
N VAL F 295 29.81 -7.73 0.36
CA VAL F 295 29.43 -6.77 -0.66
C VAL F 295 30.25 -5.47 -0.48
N LYS F 296 30.77 -4.91 -1.58
CA LYS F 296 31.57 -3.71 -1.50
C LYS F 296 31.05 -2.58 -2.38
N ILE F 297 31.80 -1.49 -2.50
CA ILE F 297 31.32 -0.32 -3.24
C ILE F 297 32.09 -0.22 -4.54
N ALA F 298 31.37 0.06 -5.63
CA ALA F 298 32.04 0.41 -6.88
C ALA F 298 31.82 1.89 -7.12
N LEU F 299 32.87 2.70 -7.11
CA LEU F 299 32.64 4.16 -7.36
C LEU F 299 32.75 4.29 -8.89
N ASP F 300 31.75 3.77 -9.59
CA ASP F 300 31.92 3.58 -11.01
C ASP F 300 31.58 4.80 -11.89
N GLU F 301 31.37 5.98 -11.29
CA GLU F 301 31.47 7.23 -12.04
C GLU F 301 31.89 8.32 -11.12
N TRP F 302 33.02 8.94 -11.43
CA TRP F 302 33.40 10.12 -10.64
C TRP F 302 34.18 11.12 -11.44
N ASN F 303 34.01 12.40 -11.09
CA ASN F 303 34.81 13.45 -11.74
C ASN F 303 34.31 14.81 -11.26
N VAL F 304 35.07 15.84 -11.61
CA VAL F 304 34.55 17.21 -11.56
C VAL F 304 33.59 17.32 -12.75
N TRP F 305 32.42 17.89 -12.50
CA TRP F 305 31.45 18.17 -13.55
C TRP F 305 30.55 19.24 -13.03
N TYR F 306 30.74 20.48 -13.51
CA TYR F 306 29.93 21.60 -13.07
C TYR F 306 29.73 22.73 -14.11
N ARG F 307 30.55 22.80 -15.15
CA ARG F 307 30.54 23.95 -16.06
C ARG F 307 29.65 23.76 -17.27
N VAL F 308 29.65 22.58 -17.88
CA VAL F 308 28.93 22.41 -19.12
C VAL F 308 27.73 21.51 -18.91
N SER F 309 26.65 21.91 -19.56
CA SER F 309 25.42 21.20 -19.43
C SER F 309 24.70 20.90 -20.74
N ASP F 310 25.30 20.18 -21.64
CA ASP F 310 24.70 19.98 -22.94
C ASP F 310 24.78 18.48 -23.26
N ASN F 311 24.81 18.13 -24.54
CA ASN F 311 24.87 16.74 -24.97
C ASN F 311 26.28 16.29 -25.35
N LYS F 312 27.28 17.08 -24.96
CA LYS F 312 28.66 16.73 -25.35
C LYS F 312 29.61 16.68 -24.14
N LEU F 313 29.36 17.58 -23.20
CA LEU F 313 29.99 17.58 -21.87
C LEU F 313 31.54 17.74 -21.94
N GLU F 314 32.00 18.60 -22.84
CA GLU F 314 33.42 18.76 -22.99
C GLU F 314 33.95 19.77 -21.96
N GLU F 315 33.97 19.27 -20.72
CA GLU F 315 34.24 20.06 -19.54
C GLU F 315 35.74 20.43 -19.58
N PRO F 316 36.05 21.75 -19.57
CA PRO F 316 37.45 22.21 -19.69
C PRO F 316 38.20 22.16 -18.36
N TYR F 317 38.68 20.95 -18.00
CA TYR F 317 39.35 20.73 -16.72
C TYR F 317 40.60 21.56 -16.57
N ASP F 318 40.80 22.07 -15.38
CA ASP F 318 42.04 22.78 -15.08
C ASP F 318 42.75 22.10 -13.88
N LEU F 319 43.77 22.76 -13.36
CA LEU F 319 44.63 22.17 -12.38
C LEU F 319 43.92 21.88 -11.05
N LYS F 320 43.12 22.85 -10.59
CA LYS F 320 42.13 22.68 -9.51
C LYS F 320 41.41 21.31 -9.62
N ASP F 321 40.91 20.98 -10.81
CA ASP F 321 40.22 19.71 -11.03
C ASP F 321 41.17 18.51 -10.99
N GLY F 322 42.39 18.68 -11.48
CA GLY F 322 43.39 17.64 -11.40
C GLY F 322 43.84 17.38 -9.99
N ILE F 323 43.93 18.42 -9.16
CA ILE F 323 44.23 18.21 -7.73
C ILE F 323 43.08 17.44 -7.02
N PHE F 324 41.85 17.80 -7.32
CA PHE F 324 40.74 16.98 -6.86
C PHE F 324 40.99 15.53 -7.27
N ALA F 325 41.35 15.31 -8.54
CA ALA F 325 41.50 13.91 -9.00
C ALA F 325 42.60 13.17 -8.22
N CYS F 326 43.71 13.87 -7.97
CA CYS F 326 44.80 13.33 -7.19
C CYS F 326 44.33 12.96 -5.79
N GLY F 327 43.59 13.86 -5.18
CA GLY F 327 43.08 13.66 -3.84
C GLY F 327 42.19 12.41 -3.81
N VAL F 328 41.30 12.26 -4.80
CA VAL F 328 40.47 11.03 -4.84
C VAL F 328 41.33 9.78 -4.95
N LEU F 329 42.36 9.79 -5.81
CA LEU F 329 43.18 8.58 -5.98
C LEU F 329 43.93 8.20 -4.69
N VAL F 330 44.37 9.22 -3.97
CA VAL F 330 45.03 8.99 -2.69
C VAL F 330 44.02 8.43 -1.67
N LEU F 331 42.85 9.02 -1.64
CA LEU F 331 41.73 8.51 -0.83
C LEU F 331 41.44 7.03 -1.14
N LEU F 332 41.40 6.72 -2.44
CA LEU F 332 41.04 5.36 -2.84
C LEU F 332 42.13 4.35 -2.48
N GLN F 333 43.40 4.77 -2.53
CA GLN F 333 44.50 3.94 -2.06
C GLN F 333 44.26 3.52 -0.61
N LYS F 334 43.77 4.46 0.22
CA LYS F 334 43.53 4.17 1.64
C LYS F 334 42.23 3.43 1.93
N MET F 335 41.28 3.48 0.99
CA MET F 335 39.95 2.90 1.25
C MET F 335 39.56 1.75 0.31
N SER F 336 40.52 1.19 -0.40
CA SER F 336 40.20 0.25 -1.49
C SER F 336 39.69 -1.09 -1.02
N ASP F 337 39.86 -1.39 0.26
CA ASP F 337 39.27 -2.63 0.79
C ASP F 337 37.73 -2.48 0.79
N ILE F 338 37.28 -1.25 0.95
CA ILE F 338 35.85 -0.96 0.92
C ILE F 338 35.35 -0.51 -0.48
N VAL F 339 36.21 0.18 -1.23
CA VAL F 339 35.88 0.61 -2.57
C VAL F 339 36.93 0.01 -3.52
N PRO F 340 36.77 -1.28 -3.93
CA PRO F 340 37.84 -1.89 -4.76
C PRO F 340 37.78 -1.51 -6.20
N LEU F 341 36.66 -0.91 -6.63
CA LEU F 341 36.46 -0.60 -8.03
C LEU F 341 36.08 0.86 -8.14
N ALA F 342 36.75 1.59 -9.03
CA ALA F 342 36.40 2.97 -9.30
C ALA F 342 36.66 3.29 -10.76
N ASN F 343 35.81 4.13 -11.36
CA ASN F 343 35.91 4.52 -12.75
C ASN F 343 35.74 6.03 -12.97
N LEU F 344 36.81 6.66 -13.44
CA LEU F 344 36.72 8.06 -13.73
C LEU F 344 35.68 8.17 -14.86
N ALA F 345 34.79 9.15 -14.77
CA ALA F 345 33.90 9.41 -15.88
C ALA F 345 34.33 10.73 -16.49
N GLN F 346 34.87 10.78 -17.71
CA GLN F 346 35.05 9.67 -18.62
C GLN F 346 36.41 9.87 -19.30
N LEU F 347 36.80 8.94 -20.17
CA LEU F 347 38.17 8.84 -20.63
C LEU F 347 38.51 9.87 -21.72
N VAL F 348 37.59 10.07 -22.65
CA VAL F 348 37.83 10.93 -23.80
C VAL F 348 36.65 11.84 -24.07
N ASN F 349 36.91 13.15 -24.12
CA ASN F 349 35.96 14.20 -24.55
C ASN F 349 34.77 14.49 -23.63
N ALA F 350 33.83 13.54 -23.54
CA ALA F 350 32.73 13.60 -22.58
C ALA F 350 33.31 13.54 -21.18
N LEU F 351 33.17 14.64 -20.44
CA LEU F 351 33.79 14.80 -19.13
C LEU F 351 35.26 14.32 -19.23
N GLY F 352 35.94 14.71 -20.30
CA GLY F 352 37.06 13.89 -20.76
C GLY F 352 38.40 14.12 -20.10
N ALA F 353 39.02 13.03 -19.63
CA ALA F 353 40.42 13.11 -19.19
C ALA F 353 41.31 13.58 -20.37
N ILE F 354 41.08 12.99 -21.54
CA ILE F 354 41.74 13.33 -22.81
C ILE F 354 40.71 14.09 -23.68
N HIS F 355 41.12 15.18 -24.32
CA HIS F 355 40.24 15.90 -25.27
C HIS F 355 40.84 15.76 -26.64
N THR F 356 40.06 15.28 -27.61
CA THR F 356 40.55 15.19 -28.99
C THR F 356 40.01 16.30 -29.88
N GLU F 357 40.78 16.56 -30.92
CA GLU F 357 40.32 17.25 -32.13
C GLU F 357 40.69 16.37 -33.33
N LYS F 358 40.29 16.78 -34.54
CA LYS F 358 40.57 15.94 -35.71
C LYS F 358 42.05 15.78 -35.95
N ASP F 359 42.85 16.72 -35.46
CA ASP F 359 44.30 16.75 -35.72
C ASP F 359 45.24 16.62 -34.52
N GLY F 360 44.72 16.22 -33.36
CA GLY F 360 45.58 15.98 -32.19
C GLY F 360 44.76 15.75 -30.94
N LEU F 361 45.39 15.96 -29.78
CA LEU F 361 44.72 15.81 -28.48
C LEU F 361 45.40 16.66 -27.39
N ILE F 362 44.65 16.88 -26.33
CA ILE F 362 45.11 17.58 -25.14
C ILE F 362 45.01 16.58 -23.97
N LEU F 363 46.04 16.55 -23.12
CA LEU F 363 45.98 15.77 -21.91
C LEU F 363 45.62 16.75 -20.78
N THR F 364 44.43 16.61 -20.20
CA THR F 364 44.05 17.60 -19.21
C THR F 364 44.74 17.29 -17.87
N PRO F 365 44.61 18.23 -16.93
CA PRO F 365 45.20 17.90 -15.64
C PRO F 365 44.56 16.68 -14.94
N VAL F 366 43.34 16.30 -15.32
CA VAL F 366 42.72 15.17 -14.69
C VAL F 366 43.40 13.93 -15.25
N TYR F 367 43.75 13.94 -16.53
CA TYR F 367 44.57 12.87 -17.07
C TYR F 367 45.94 12.80 -16.36
N LYS F 368 46.52 13.99 -16.14
CA LYS F 368 47.83 14.08 -15.50
C LYS F 368 47.79 13.45 -14.09
N ALA F 369 46.66 13.62 -13.39
CA ALA F 369 46.51 12.98 -12.09
C ALA F 369 46.71 11.47 -12.19
N PHE F 370 46.13 10.84 -13.19
CA PHE F 370 46.33 9.41 -13.41
C PHE F 370 47.77 9.08 -13.81
N GLU F 371 48.31 9.90 -14.71
CA GLU F 371 49.65 9.67 -15.22
C GLU F 371 50.63 9.61 -14.04
N LEU F 372 50.52 10.57 -13.13
CA LEU F 372 51.34 10.55 -11.93
C LEU F 372 51.12 9.30 -11.07
N ILE F 373 49.90 9.09 -10.56
CA ILE F 373 49.69 8.07 -9.51
C ILE F 373 49.80 6.64 -10.01
N VAL F 374 49.28 6.40 -11.19
CA VAL F 374 49.28 5.05 -11.74
C VAL F 374 50.70 4.57 -12.00
N ASN F 375 51.59 5.48 -12.40
CA ASN F 375 52.98 5.10 -12.73
C ASN F 375 53.93 5.17 -11.54
N HIS F 376 53.43 5.64 -10.37
CA HIS F 376 54.26 5.76 -9.19
C HIS F 376 53.45 5.37 -7.95
N SER F 377 53.05 4.10 -7.88
CA SER F 377 52.24 3.66 -6.78
C SER F 377 52.52 2.18 -6.59
N GLY F 378 52.32 1.70 -5.37
CA GLY F 378 52.58 0.27 -5.04
C GLY F 378 51.28 -0.54 -4.93
N GLU F 379 51.42 -1.84 -4.82
CA GLU F 379 50.29 -2.75 -4.71
C GLU F 379 49.84 -2.95 -3.26
N LYS F 380 50.60 -2.42 -2.29
CA LYS F 380 50.24 -2.58 -0.88
C LYS F 380 50.35 -1.27 -0.16
N LEU F 381 49.35 -0.97 0.64
CA LEU F 381 49.33 0.20 1.50
C LEU F 381 50.14 -0.10 2.76
N VAL F 382 51.04 0.83 3.13
CA VAL F 382 51.75 0.69 4.38
C VAL F 382 51.29 1.76 5.35
N LYS F 383 51.59 1.54 6.62
CA LYS F 383 51.16 2.42 7.69
C LYS F 383 51.55 3.89 7.41
N THR F 384 50.58 4.78 7.41
CA THR F 384 50.80 6.17 7.06
C THR F 384 49.99 7.02 8.04
N HIS F 385 50.66 7.81 8.85
CA HIS F 385 49.96 8.71 9.72
C HIS F 385 50.27 10.11 9.26
N VAL F 386 49.24 10.93 9.07
CA VAL F 386 49.44 12.28 8.63
C VAL F 386 48.93 13.25 9.69
N GLU F 387 49.75 14.28 9.99
CA GLU F 387 49.35 15.39 10.84
C GLU F 387 49.09 16.62 9.97
N SER F 388 47.97 17.31 10.16
CA SER F 388 47.63 18.39 9.23
C SER F 388 46.71 19.41 9.86
N GLU F 389 46.91 20.68 9.53
CA GLU F 389 45.89 21.68 9.86
C GLU F 389 44.69 21.33 9.02
N THR F 390 43.51 21.68 9.52
CA THR F 390 42.26 21.41 8.82
C THR F 390 41.48 22.69 8.57
N TYR F 391 40.52 22.63 7.65
CA TYR F 391 39.62 23.76 7.46
C TYR F 391 38.20 23.24 7.32
N ASN F 392 37.23 24.11 7.61
CA ASN F 392 35.83 23.85 7.33
C ASN F 392 35.41 24.68 6.14
N ILE F 393 34.44 24.17 5.38
CA ILE F 393 33.94 24.88 4.19
C ILE F 393 32.45 24.60 3.94
N GLU F 394 31.74 25.63 3.52
CA GLU F 394 30.41 25.53 2.95
C GLU F 394 30.57 26.10 1.56
N GLY F 395 30.17 25.35 0.55
CA GLY F 395 30.26 25.82 -0.83
C GLY F 395 29.14 25.29 -1.67
N VAL F 396 29.34 25.29 -2.99
CA VAL F 396 28.36 24.66 -3.88
C VAL F 396 29.04 23.65 -4.78
N MET F 397 28.28 22.72 -5.31
CA MET F 397 28.89 21.68 -6.14
C MET F 397 28.03 21.28 -7.33
N PHE F 398 28.67 20.79 -8.39
CA PHE F 398 27.95 20.17 -9.51
C PHE F 398 27.18 21.22 -10.32
N ILE F 399 26.62 20.78 -11.44
CA ILE F 399 25.97 21.71 -12.41
C ILE F 399 24.80 22.47 -11.83
N ASN F 400 24.14 21.92 -10.83
CA ASN F 400 23.03 22.64 -10.21
C ASN F 400 23.43 23.41 -8.98
N LYS F 401 24.73 23.50 -8.74
CA LYS F 401 25.27 24.26 -7.64
C LYS F 401 24.57 23.98 -6.30
N MET F 402 24.56 22.71 -5.89
CA MET F 402 23.98 22.31 -4.64
C MET F 402 24.89 22.72 -3.48
N PRO F 403 24.34 23.31 -2.39
CA PRO F 403 25.21 23.61 -1.28
C PRO F 403 25.69 22.33 -0.63
N PHE F 404 26.89 22.37 -0.09
CA PHE F 404 27.37 21.23 0.71
C PHE F 404 28.20 21.81 1.82
N SER F 405 28.61 20.95 2.74
CA SER F 405 29.59 21.39 3.67
C SER F 405 30.50 20.29 4.13
N VAL F 406 31.75 20.69 4.35
CA VAL F 406 32.78 19.78 4.79
C VAL F 406 33.37 20.37 6.06
N GLU F 407 33.57 19.51 7.05
CA GLU F 407 34.26 19.90 8.25
C GLU F 407 35.62 19.19 8.34
N ASN F 408 36.59 19.95 8.83
CA ASN F 408 37.95 19.45 9.06
C ASN F 408 38.57 18.74 7.87
N ALA F 409 38.39 19.33 6.70
CA ALA F 409 39.17 18.92 5.52
C ALA F 409 40.70 19.19 5.74
N PRO F 410 41.56 18.22 5.47
CA PRO F 410 43.02 18.47 5.65
C PRO F 410 43.62 19.37 4.57
N PHE F 411 44.58 20.22 4.94
CA PHE F 411 45.39 20.90 3.94
C PHE F 411 46.39 19.94 3.33
N LEU F 412 46.69 18.87 4.04
CA LEU F 412 47.73 18.01 3.59
C LEU F 412 47.25 16.58 3.73
N ASP F 413 47.47 15.77 2.71
CA ASP F 413 47.11 14.36 2.84
C ASP F 413 48.14 13.52 2.15
N ALA F 414 48.18 12.22 2.47
CA ALA F 414 49.21 11.38 1.92
C ALA F 414 48.86 9.91 2.01
N ALA F 415 49.46 9.09 1.16
CA ALA F 415 49.32 7.65 1.29
C ALA F 415 50.62 7.00 0.86
N ALA F 416 51.12 6.08 1.65
CA ALA F 416 52.33 5.41 1.25
C ALA F 416 52.03 3.99 0.88
N SER F 417 52.59 3.58 -0.24
CA SER F 417 52.48 2.21 -0.67
C SER F 417 53.85 1.63 -1.04
N ILE F 418 53.93 0.31 -1.13
CA ILE F 418 55.15 -0.37 -1.58
C ILE F 418 54.80 -1.32 -2.72
N SER F 419 55.80 -1.52 -3.60
CA SER F 419 55.69 -2.41 -4.75
C SER F 419 55.59 -3.83 -4.26
N GLU F 420 55.04 -4.70 -5.11
CA GLU F 420 54.77 -6.09 -4.79
C GLU F 420 56.05 -6.77 -4.30
N ASP F 421 57.16 -6.53 -5.01
CA ASP F 421 58.48 -7.12 -4.71
C ASP F 421 59.21 -6.48 -3.52
N GLY F 422 58.62 -5.43 -2.94
CA GLY F 422 59.18 -4.79 -1.75
C GLY F 422 60.36 -3.88 -1.99
N LYS F 423 60.68 -3.53 -3.23
CA LYS F 423 61.86 -2.69 -3.49
C LYS F 423 61.64 -1.18 -3.70
N LYS F 424 60.38 -0.74 -3.83
CA LYS F 424 60.10 0.69 -3.99
C LYS F 424 59.02 1.08 -2.98
N LEU F 425 59.20 2.25 -2.39
CA LEU F 425 58.22 2.85 -1.53
C LEU F 425 57.79 4.09 -2.26
N PHE F 426 56.46 4.32 -2.29
CA PHE F 426 55.89 5.49 -2.95
C PHE F 426 55.17 6.27 -1.89
N ILE F 427 55.56 7.53 -1.68
CA ILE F 427 54.81 8.33 -0.74
C ILE F 427 54.11 9.43 -1.55
N ALA F 428 52.78 9.32 -1.67
CA ALA F 428 52.00 10.28 -2.42
C ALA F 428 51.53 11.34 -1.47
N VAL F 429 51.65 12.60 -1.89
CA VAL F 429 51.36 13.68 -0.98
C VAL F 429 50.60 14.72 -1.78
N VAL F 430 49.47 15.14 -1.25
CA VAL F 430 48.74 16.21 -1.85
C VAL F 430 48.83 17.39 -0.90
N ASN F 431 49.40 18.47 -1.38
CA ASN F 431 49.29 19.76 -0.71
C ASN F 431 48.15 20.56 -1.32
N TYR F 432 47.08 20.68 -0.56
CA TYR F 432 45.89 21.36 -1.00
C TYR F 432 45.96 22.86 -0.81
N ARG F 433 46.90 23.35 0.01
CA ARG F 433 47.00 24.81 0.24
C ARG F 433 47.03 25.57 -1.08
N LYS F 434 46.24 26.63 -1.19
CA LYS F 434 46.13 27.38 -2.43
C LYS F 434 47.36 28.27 -2.63
N GLU F 435 47.97 28.72 -1.54
CA GLU F 435 48.95 29.82 -1.63
C GLU F 435 50.36 29.54 -1.11
N ASP F 436 50.47 28.74 -0.06
CA ASP F 436 51.77 28.57 0.56
C ASP F 436 52.31 27.21 0.29
N ALA F 437 53.59 27.16 -0.05
CA ALA F 437 54.34 25.93 -0.09
C ALA F 437 54.36 25.36 1.33
N LEU F 438 54.40 24.04 1.50
CA LEU F 438 54.51 23.52 2.85
C LEU F 438 55.77 22.72 3.02
N LYS F 439 56.59 23.15 3.98
CA LYS F 439 57.75 22.40 4.42
C LYS F 439 57.32 21.30 5.41
N VAL F 440 57.37 20.04 5.02
CA VAL F 440 56.82 18.97 5.85
C VAL F 440 57.86 18.01 6.35
N PRO F 441 57.94 17.82 7.68
CA PRO F 441 58.82 16.77 8.16
C PRO F 441 58.19 15.41 7.94
N ILE F 442 58.94 14.52 7.34
CA ILE F 442 58.50 13.18 7.02
C ILE F 442 59.39 12.21 7.74
N ARG F 443 58.81 11.22 8.34
CA ARG F 443 59.58 10.17 8.96
C ARG F 443 59.30 8.84 8.25
N VAL F 444 60.33 8.10 7.91
CA VAL F 444 60.15 6.78 7.37
C VAL F 444 60.91 5.79 8.27
N GLU F 445 60.19 5.06 9.11
CA GLU F 445 60.80 4.08 10.05
C GLU F 445 61.88 3.19 9.45
N GLY F 446 63.05 3.21 10.09
CA GLY F 446 64.17 2.29 9.74
C GLY F 446 64.87 2.54 8.41
N LEU F 447 64.57 3.68 7.79
CA LEU F 447 65.01 3.87 6.40
C LEU F 447 66.51 4.03 6.28
N GLY F 448 67.10 4.93 7.08
CA GLY F 448 68.48 5.33 6.83
C GLY F 448 68.61 6.11 5.52
N GLN F 449 69.83 6.48 5.15
CA GLN F 449 70.07 7.30 3.98
C GLN F 449 69.79 6.52 2.71
N LYS F 450 68.95 7.13 1.87
CA LYS F 450 68.58 6.56 0.57
C LYS F 450 68.42 7.68 -0.43
N LYS F 451 68.51 7.27 -1.67
CA LYS F 451 68.25 8.09 -2.83
C LYS F 451 66.74 7.95 -3.15
N ALA F 452 66.16 9.02 -3.69
CA ALA F 452 64.76 9.00 -4.09
C ALA F 452 64.58 9.93 -5.25
N THR F 453 63.48 9.75 -5.97
CA THR F 453 63.05 10.73 -6.97
C THR F 453 61.64 11.12 -6.63
N VAL F 454 61.42 12.42 -6.67
CA VAL F 454 60.12 13.01 -6.45
C VAL F 454 59.54 13.35 -7.82
N TYR F 455 58.30 12.92 -8.05
CA TYR F 455 57.52 13.34 -9.21
C TYR F 455 56.41 14.28 -8.74
N THR F 456 56.32 15.44 -9.37
CA THR F 456 55.46 16.50 -8.89
C THR F 456 54.52 16.96 -10.01
N LEU F 457 53.22 16.99 -9.74
CA LEU F 457 52.29 17.54 -10.66
C LEU F 457 51.77 18.87 -10.13
N THR F 458 51.96 19.92 -10.91
CA THR F 458 51.44 21.27 -10.54
C THR F 458 51.59 22.20 -11.76
N GLY F 459 51.41 23.50 -11.57
CA GLY F 459 51.47 24.40 -12.71
C GLY F 459 51.48 25.81 -12.19
N PRO F 460 51.39 26.79 -13.11
CA PRO F 460 51.60 28.20 -12.66
C PRO F 460 50.49 28.72 -11.76
N ASP F 461 49.27 28.21 -11.89
CA ASP F 461 48.17 28.70 -11.06
C ASP F 461 47.05 27.64 -11.03
N VAL F 462 46.07 27.81 -10.14
CA VAL F 462 45.01 26.81 -9.94
C VAL F 462 44.11 26.64 -11.16
N ASN F 463 44.07 27.64 -12.04
CA ASN F 463 43.29 27.52 -13.25
C ASN F 463 44.09 27.22 -14.51
N ALA F 464 45.36 26.82 -14.37
CA ALA F 464 46.16 26.40 -15.53
C ALA F 464 45.53 25.19 -16.27
N ARG F 465 45.78 25.11 -17.59
CA ARG F 465 45.25 24.08 -18.50
C ARG F 465 46.29 23.79 -19.56
N ASN F 466 46.24 22.59 -20.11
CA ASN F 466 46.97 22.30 -21.33
C ASN F 466 46.10 22.63 -22.57
N THR F 467 46.73 23.10 -23.64
CA THR F 467 46.01 23.42 -24.87
C THR F 467 46.81 22.76 -25.96
N MET F 468 46.30 22.80 -27.19
CA MET F 468 47.02 22.10 -28.24
C MET F 468 48.32 22.82 -28.61
N GLU F 469 48.26 24.14 -28.58
CA GLU F 469 49.41 25.02 -28.76
C GLU F 469 50.44 24.87 -27.61
N ASN F 470 49.95 24.74 -26.37
CA ASN F 470 50.78 24.61 -25.17
C ASN F 470 50.47 23.34 -24.35
N PRO F 471 50.87 22.16 -24.85
CA PRO F 471 50.45 20.89 -24.29
C PRO F 471 51.03 20.56 -22.92
N ASN F 472 52.00 21.33 -22.45
CA ASN F 472 52.75 20.97 -21.24
C ASN F 472 52.79 22.01 -20.19
N VAL F 473 51.78 22.86 -20.12
CA VAL F 473 51.67 23.83 -19.04
C VAL F 473 51.48 23.13 -17.67
N VAL F 474 50.75 22.02 -17.67
CA VAL F 474 50.49 21.26 -16.46
C VAL F 474 51.08 19.92 -16.76
N ASP F 475 52.20 19.60 -16.13
CA ASP F 475 52.85 18.35 -16.46
C ASP F 475 53.63 17.87 -15.26
N ILE F 476 54.11 16.64 -15.33
CA ILE F 476 54.84 16.06 -14.24
C ILE F 476 56.36 16.37 -14.40
N THR F 477 56.94 17.01 -13.40
CA THR F 477 58.40 17.24 -13.38
C THR F 477 59.01 16.32 -12.33
N SER F 478 60.30 16.03 -12.43
CA SER F 478 60.95 15.22 -11.41
C SER F 478 62.30 15.75 -10.94
N GLU F 479 62.64 15.47 -9.67
CA GLU F 479 63.97 15.72 -9.17
C GLU F 479 64.51 14.54 -8.37
N THR F 480 65.82 14.33 -8.45
CA THR F 480 66.49 13.32 -7.67
C THR F 480 66.98 13.96 -6.39
N ILE F 481 66.73 13.30 -5.28
CA ILE F 481 67.09 13.83 -4.00
C ILE F 481 67.66 12.70 -3.16
N THR F 482 68.14 13.10 -1.98
CA THR F 482 68.56 12.21 -0.90
C THR F 482 67.53 12.31 0.22
N VAL F 483 67.14 11.16 0.78
CA VAL F 483 66.21 11.16 1.91
C VAL F 483 66.84 10.34 3.03
N ASP F 484 66.11 10.21 4.15
CA ASP F 484 66.62 9.50 5.31
C ASP F 484 65.42 9.17 6.19
N THR F 485 65.69 8.45 7.27
CA THR F 485 64.73 8.16 8.31
C THR F 485 63.88 9.37 8.73
N GLU F 486 64.47 10.58 8.79
CA GLU F 486 63.68 11.79 8.80
C GLU F 486 64.26 12.79 7.79
N PHE F 487 63.38 13.53 7.15
CA PHE F 487 63.77 14.56 6.23
C PHE F 487 62.63 15.52 6.08
N GLU F 488 62.93 16.70 5.58
CA GLU F 488 61.91 17.67 5.31
C GLU F 488 61.80 17.81 3.82
N HIS F 489 60.60 17.99 3.33
CA HIS F 489 60.43 18.25 1.91
C HIS F 489 59.47 19.40 1.74
N THR F 490 59.75 20.26 0.76
CA THR F 490 58.84 21.38 0.51
C THR F 490 57.90 21.04 -0.65
N PHE F 491 56.60 21.04 -0.35
CA PHE F 491 55.57 20.71 -1.32
C PHE F 491 54.95 22.02 -1.83
N LYS F 492 55.00 22.22 -3.14
CA LYS F 492 54.41 23.40 -3.74
C LYS F 492 52.90 23.49 -3.42
N PRO F 493 52.35 24.74 -3.36
CA PRO F 493 50.92 24.87 -3.17
C PRO F 493 50.18 24.16 -4.31
N PHE F 494 48.91 23.84 -4.11
CA PHE F 494 48.10 23.11 -5.15
C PHE F 494 48.89 22.15 -5.99
N SER F 495 49.49 21.15 -5.34
CA SER F 495 50.32 20.21 -6.07
C SER F 495 50.11 18.81 -5.52
N CYS F 496 50.53 17.82 -6.29
CA CYS F 496 50.59 16.45 -5.80
C CYS F 496 51.95 15.86 -6.18
N SER F 497 52.60 15.20 -5.22
CA SER F 497 53.90 14.59 -5.48
C SER F 497 53.96 13.15 -5.03
N VAL F 498 54.79 12.37 -5.70
CA VAL F 498 55.12 11.07 -5.20
C VAL F 498 56.61 11.00 -5.00
N ILE F 499 57.01 10.69 -3.77
CA ILE F 499 58.38 10.44 -3.46
C ILE F 499 58.61 8.95 -3.61
N GLU F 500 59.34 8.59 -4.65
CA GLU F 500 59.64 7.23 -4.96
C GLU F 500 61.07 6.88 -4.42
N VAL F 501 61.12 5.88 -3.55
CA VAL F 501 62.33 5.64 -2.80
C VAL F 501 62.72 4.22 -3.06
N GLU F 502 63.96 4.04 -3.46
CA GLU F 502 64.56 2.73 -3.64
C GLU F 502 64.89 2.10 -2.29
N LEU F 503 64.18 1.03 -1.94
CA LEU F 503 64.52 0.25 -0.75
C LEU F 503 65.58 -0.81 -1.09
#